data_6VBU
#
_entry.id   6VBU
#
_cell.length_a   1.00
_cell.length_b   1.00
_cell.length_c   1.00
_cell.angle_alpha   90.00
_cell.angle_beta   90.00
_cell.angle_gamma   90.00
#
_symmetry.space_group_name_H-M   'P 1'
#
loop_
_entity.id
_entity.type
_entity.pdbx_description
1 polymer 'Bardet-Biedl syndrome 18 protein'
2 polymer 'BBS1 domain-containing protein'
3 polymer 'Bardet-Biedl syndrome 2 protein homolog'
4 polymer 'Bardet-Biedl syndrome 4 protein homolog'
5 polymer 'Bardet-Biedl syndrome 5 protein homolog'
6 polymer 'Bardet-Biedl syndrome 7 protein homolog'
7 polymer 'Bardet-Biedl syndrome 8 protein'
8 polymer 'Bardet-Biedl syndrome 9'
9 non-polymer 'CALCIUM ION'
#
loop_
_entity_poly.entity_id
_entity_poly.type
_entity_poly.pdbx_seq_one_letter_code
_entity_poly.pdbx_strand_id
1 'polypeptide(L)' MAETKSMFREVLPKQGQLYVEDITTMVLCKPKLLPLKSLTLEKLEKMQQAAQDTIHQQEMTEKEQKITH 0
2 'polypeptide(L)'
;MAATSSSDSDGGKGESEANSKWLDSLSDSMANIHTFSACLALADFHGDGEYKLAMGDLGPDGRQPRLKVLKGHTLVSQKP
LPDLPAAAVTFLMASHEPRTPALAIASGPCVYVYKNLKPYFKFSLPSLPTNPLEQDLWNQAKEDQIDPLTLKEMLEGIRE
KAEVPLSVQSLRFLPLELSEMEAFVNQHKSKSIRRQTVITTMTTLKKNLADEDAVSCLVLGTENKELLVLDPEAFTILAK
MSLPSVPAFLEASGQFDVEFRLAAACRNGSIYILRRDSKRPKYCIELGAQPVGLVGVHKVLVVGSNQDSLHGFTYKGKRL
WTVQMPAAILAMNLLEQHSRGLQAVMAALANEEVRIYHDKVLLNVIRTPEAVTSLCFGRYGREDNTLIMTTLGGGLIIKI
LKRTAVFAEGGGEAGPPPSQAIKLNVPRKTRLYVDQTLREREAGTAMHRTFQADLYLLRLRAARAYVQALESSLSPVSLT
AREPLKLHAVVQGLGPTFKLTLHLQNTSTARPILGLVVCFLYNEVLYALPRAFFKVPLLVPGLNYPLETFVKSLSDKGIS
DIIKVLVLREGQSTPLLSAHINMPMSEGLAAD
;
1
3 'polypeptide(L)'
;MLQPVFTLKLRHKISPRMVAVGRYDGTHPCLAAATQAGKVFIHNPHSRSQHLGAPRVLQSPLESDVSLLNINQTVSCLTA
GVLNPELGYDALLVGTQTNLLAYDVYNNSDLFYREVADGASAIVLGTLGDITSPLAIIGGNCALQGFNHEGNDLFWTVTG
DNVHSLALCDFDGDGKKELLVGSEDFDIRVFKEDEIVAEMSETEIITSLCPMYGSRFGYALSNGTVGVYDKTARYWRIKS
KNQAMSIHAFDLNSDGVCELITGWSNGKVDARSDRTGEVIFKDNFSSAIAGVVEGDYRMEGCQQLICCSVDGEIRGYLPG
TAEMRGNLMDISVEQDLIRELSQKKQNLLLELRNYEENAKAELSSPLNEADGHRGVIPANTKHHTALSVSLGSEAQAAHA
ELCISTSNDTIIRAVLIFAEGVFAGESHVVHPSVHHLSSSVRIPITPPKDIPVDLHLKTFVGYRSSTQFHVFELTRQLPR
FSMYALTSPDPASEPLSYVNFIIAERAQRVVMWLNQNFLLPEDTNIQNAPFQVCFTSLRNGGQLYIKIKLSGEITVNTDD
IDLAGDIIQSMASFFAIEDLQVEADFPVYFEELRKVLVKVDEYHSVHQKLSADMADNSNLIRSLLVQAEDARLMRDMKTM
KNRYKELYDLNKDLLNGYKIRCNNHTELLGSLKAVNQAIQRAGHLRVGKPKNQVITACRDAIRSNNINMLFRIMRVGTAS
S
;
2
4 'polypeptide(L)'
;MAEEKLSARTQLPVSAESQKPVLKKAPEFPILEKQNWLIHLYYIQKDYEACKAVIKEQLQETHGLCEYAIYVQALIFRLE
GNIQESLRLFQMCAFLSPQCADNLKQVARSLFLLGKHKAAIEVYNEAAKLNQKDWEICHNLGVCYIYLKQFDKAQDQLHN
ALHLNRHDLTYIMLGKIFLLKGDLDKAIEIYKKAVEFSPENTELLTTLGLLYLQLGIYQKAFEHLGNTLTYDPTNYKAIL
AAGSMMQTHGDFDVALTKYKVVACAVIESPPLWNNIGMCFFGKKKYVAAISCLKRANYLAPLDWKILYNLGLVHLTMQQY
ASAFHFLSAAINFQPKMGELYMLLAVALTNLEDSENAKRAYEEAVRLDKCNPLVNLNYAVLLYNQGEKRDALAQYQEMEK
KVNLLKYSSSLEFDPEMVEVAQKLGAALQVGEALVWTKPVKDPKSKHQTASTSKAAGFQQPLGSNQALGQAMSSAATCRK
LSSGAGGTSQLTKPPSLPLEPEPTVEAQPTEASAQTREK
;
4
5 'polypeptide(L)'
;MSVLDALWEDRDVRFDVSSQQMKTRPGEVLIDCLDSVEDTKGNNGDRGRLLVTNLRIVWHSLALPRVNLSIGYNCILNIT
TRTANSKLRGQTEALYVLTKCNSTRFEFIFTNLVPGSPRLYTSLIAVHRAYETSKMYRDFKLRSALIQNKQLRLLPQENV
YNKINGVWNLSSDQGNLGTFFITNVRIVWHANMNDSFNVSIPYLQIRSVKIRDSKFGLALVIESSQQSGGYVLGFKIDPV
EKLQESVKEINSLHKVYSANPIFGVDYEMEEKPQPLEALTVKQIQDDVEIDSDDHTDAFVAYFADGNKQQDREPVFSEEL
GLAIEKLKDGFTLQGLWEVMN
;
5
6 'polypeptide(L)'
;MDLNLNRADYLQVGVTSQKTMKLLPASKHRATQKVVVGDHDGIVMCFGMKKGEAVTVFKTLPGQKIARLELGGALNTPQE
KIFIAAGSEIRGFTKRGKQFLSFETNLTESIKAMHISGSDLFLSASYIYNHYCDCKDQHYYLSGDKINDVICLPVERLLR
EVPVLACQDRVLRVLQGSDVTYEIEVPGPPTVLALHNGNGGDSGEDLLFGTSDGKLGLIQITTSKPIHKWEIRNEKKRGG
ILCVDSFDIVGDGVKDLLVGRDDGMVEVYGFDNANEPVLRFDHTLSESVTSIQGGCVGKDGYDEIVVSTYSGWITGLTTE
PVHKESGPGEELKFNQEMQNKISSLRSELEQLQYKVLQEREKYQQSSQSSKAKSAVPSFSVNDKFTLNKDDASYSLILEV
QTAIDNVLIQSDVPIDLLDVDKNSAVVSFSSCDSESNDNFLLATYRCQANTTRLELKIRSIEGQYGTLQAYVTPRIQPKT
CQVRQYHIKPLSLHQRTHFIDHDRPMNTLTLTGQFSFSELHSWVVFCMPEVPEKPPAGECVTFYFQNTFLDTQLESTYRK
GEGVFKSDNISTISILKDVLSKEATKRKINLNISYEINEVSVKHTLKLIHPKLEYQLLLAKKVQLIDALKELQVHEGNTN
FLIPEYRCILEEADHLQEEYKKQPAHLERLYGMITDLFIDKFKFKGTNVKTKVPLLLEILDSYDQNALIAFFDAA
;
7
7 'polypeptide(L)'
;MEPLLLAWSYFRRRRFQLCADLCTQMLEKSPCDQAAWILKARALTEMVYVDEIDVDEEGIAEMILDENAIAQVPRPGTSL
KLPGTNQTGGPSPAVRPVTQAGRPITGFLRPSTQSGRPGTIEQAIKTPRTAYTARPIASSSGRFVRLGTASMLTSPDGPF
INLSRLNLAKYAQKPKLAKALFEYIFHHENDVKTALDLAALSTEHSQYKDWWWKVQIGKCYYRLGLYREAEKQFKSALKQ
QEMVDTFLYLAKVYISLDQPLTALNLFKQGLDKFPGEVTLLCGIARIYEEMNNISSATEYYKEVLKQDNTHVEAIACIGS
NHFYTDQPEVALRFYRRLLQMGVYNCQLFNNLGLCCFYAQQYDMTLTSFERALSLAENEEEVADVWYNLGHVAVGTGDTN
LAHQCFRLALVSNNQHAEAYNNLAVLEMRRGHVEQAKALLQTASSLAPHMYEPHFNFATISDKIGDLQRSYAAAKKSEAA
FPDHVDTQHLIKQLEQHFAML
;
8
8 'polypeptide(L)'
;MSLFKARDWWSTVLGDKEEFDQGCLCLADVDNTGNGQDKIIVGSFMGYLRIFNPHPVKTGDGAQAEDLLLEVHLRDPILQ
VEVGKFVSGTEMLHLAVLHSRKLCVYSVSGTLGNVEHGNQYQIKLMYEHNLQRTACNMTYGSFGGVKGRDLICIQSVDGM
LMVFEQESYAFGRFLPGSLLPGPLAYSSRTDSFITVSSCHQVESYKYQVLAFATDADKRQETEQQKHGSGKRLVVDWTLN
IGEQAIDICIVSFIQSASSVFVLGERNFFCLKDNGQIQFMKKLDYSPSCFLPYCSVSEGTINTLIGNHNNMLHIYQDVTL
KWATQLPHVPVAVRVGCLHDLKGVIVTLSDDGHLQCSYLGTDPSLFQAPKVESRELNYDELDMELKELQKVIKNVNKSQD
VWPLTEREDDLKVSAMVSPNFDSVSQATDVEVGADLVPSVTVKVTLKNRVALQKIKLSIYVQPPLVLTGDQFTFEFMAPE
MTRTVGFSVYLKGSYSPPELEGNAVVSYSRPTERNPDGIPRVSQCKFRLPLKLVCLPGQPSKTASHKLTIDTNKSPVSLL
SLFPGFAKQSEDDQVNVMGFRFLGGSQVTLLASKTSQRYRIQSEQFEDLWLITNELIIRLQEYFEKQGIKDFTCSFSGSV
PLEEYFELIDHHFELRINGEKLEELLSERAVQFRAIQRRLLTRFKDKTPAPLQHLDTLLDGTYKQVIALADAVEENQDNL
FQSFTRLKSATHLVILLIGLWQKLSADQIAILEAAFLPLQQDTQELGWEETVDAALSHLLKTCLSKSSKEQALNLNSQLG
IPKDTSQLKKHITLFCDRLAKGGRLCLSTDAAAPQTMVMPGGCATIPESDLEGRSIDQDSSELFTNHKHLMVETPVPEVS
PLQGVTE
;
9
#
loop_
_chem_comp.id
_chem_comp.type
_chem_comp.name
_chem_comp.formula
CA non-polymer 'CALCIUM ION' 'Ca 2'
#
# COMPACT_ATOMS: atom_id res chain seq x y z
N MET A 7 -54.11 49.67 25.64
CA MET A 7 -54.55 48.75 24.56
C MET A 7 -54.28 47.30 25.00
N PHE A 8 -54.46 46.34 24.09
CA PHE A 8 -54.24 44.91 24.42
C PHE A 8 -53.11 44.32 23.58
N ARG A 9 -52.13 43.68 24.23
CA ARG A 9 -51.07 42.98 23.46
C ARG A 9 -51.63 41.65 22.98
N GLU A 10 -51.01 41.04 21.97
CA GLU A 10 -51.59 39.78 21.41
C GLU A 10 -51.13 38.61 22.28
N VAL A 11 -52.09 37.88 22.86
CA VAL A 11 -51.73 36.67 23.67
C VAL A 11 -51.25 35.58 22.72
N LEU A 12 -50.30 34.75 23.15
CA LEU A 12 -49.72 33.73 22.25
C LEU A 12 -49.83 32.37 22.90
N PRO A 13 -49.80 31.25 22.14
CA PRO A 13 -49.80 29.93 22.74
C PRO A 13 -48.47 29.78 23.47
N LYS A 14 -48.41 28.96 24.52
CA LYS A 14 -47.12 28.75 25.23
C LYS A 14 -46.68 27.27 25.20
N GLN A 15 -47.59 26.34 24.91
CA GLN A 15 -47.22 24.90 24.98
C GLN A 15 -46.22 24.49 23.90
N GLY A 16 -46.42 24.88 22.64
CA GLY A 16 -45.52 24.42 21.57
C GLY A 16 -45.88 23.05 21.00
N GLN A 17 -45.09 22.54 20.05
CA GLN A 17 -45.39 21.23 19.38
C GLN A 17 -44.29 20.21 19.69
N LEU A 18 -44.66 19.00 20.13
CA LEU A 18 -43.67 17.97 20.55
C LEU A 18 -43.88 16.68 19.74
N TYR A 19 -42.79 16.05 19.28
CA TYR A 19 -42.82 14.73 18.67
C TYR A 19 -43.08 13.69 19.74
N VAL A 20 -43.96 12.73 19.43
CA VAL A 20 -44.19 11.57 20.27
C VAL A 20 -43.58 10.30 19.70
N GLU A 21 -43.15 10.32 18.44
CA GLU A 21 -42.49 9.17 17.84
C GLU A 21 -41.52 9.67 16.79
N ASP A 22 -40.45 8.90 16.57
CA ASP A 22 -39.44 9.24 15.58
C ASP A 22 -39.73 8.42 14.32
N ILE A 23 -40.72 8.88 13.56
CA ILE A 23 -41.04 8.25 12.29
C ILE A 23 -39.94 8.57 11.30
N THR A 24 -39.52 7.56 10.53
CA THR A 24 -38.42 7.75 9.60
C THR A 24 -38.81 8.73 8.50
N THR A 25 -37.84 9.49 8.04
CA THR A 25 -38.05 10.50 7.03
C THR A 25 -36.95 10.37 5.98
N MET A 26 -36.96 11.29 5.02
CA MET A 26 -35.97 11.29 3.95
C MET A 26 -34.96 12.40 4.20
N VAL A 27 -33.68 12.06 4.05
CA VAL A 27 -32.60 12.96 4.39
C VAL A 27 -32.24 13.81 3.18
N LEU A 28 -32.08 15.11 3.39
CA LEU A 28 -31.53 15.99 2.37
C LEU A 28 -30.04 16.17 2.59
N CYS A 29 -29.31 16.35 1.51
CA CYS A 29 -27.90 16.71 1.66
C CYS A 29 -27.81 18.08 2.32
N LYS A 30 -26.61 18.42 2.75
CA LYS A 30 -26.54 19.61 3.57
C LYS A 30 -25.90 20.76 2.79
N PRO A 31 -26.19 22.01 3.16
CA PRO A 31 -25.62 23.15 2.44
C PRO A 31 -24.11 23.09 2.42
N LYS A 32 -23.53 23.53 1.31
CA LYS A 32 -22.11 23.36 1.03
C LYS A 32 -21.41 24.70 1.08
N LEU A 33 -20.40 24.82 1.94
CA LEU A 33 -19.52 25.97 1.96
C LEU A 33 -18.40 25.73 0.97
N LEU A 34 -18.35 26.53 -0.08
CA LEU A 34 -17.33 26.31 -1.10
C LEU A 34 -15.95 26.65 -0.54
N PRO A 35 -14.95 25.81 -0.74
CA PRO A 35 -13.62 26.12 -0.24
C PRO A 35 -12.96 27.24 -1.04
N LEU A 36 -12.12 28.00 -0.37
CA LEU A 36 -11.44 29.12 -1.01
C LEU A 36 -10.11 28.67 -1.59
N LYS A 37 -9.88 29.00 -2.86
CA LYS A 37 -8.69 28.56 -3.55
C LYS A 37 -7.48 29.39 -3.13
N SER A 38 -6.33 28.73 -3.04
CA SER A 38 -5.11 29.42 -2.68
C SER A 38 -4.62 30.28 -3.84
N LEU A 39 -3.58 31.07 -3.58
CA LEU A 39 -3.02 31.93 -4.62
C LEU A 39 -2.29 31.10 -5.67
N THR A 40 -1.54 30.09 -5.23
CA THR A 40 -0.81 29.25 -6.17
C THR A 40 -1.77 28.45 -7.05
N LEU A 41 -2.83 27.91 -6.45
CA LEU A 41 -3.84 27.19 -7.23
C LEU A 41 -4.51 28.13 -8.24
N GLU A 42 -4.86 29.33 -7.79
CA GLU A 42 -5.44 30.32 -8.70
C GLU A 42 -4.50 30.63 -9.85
N LYS A 43 -3.20 30.75 -9.58
CA LYS A 43 -2.25 31.10 -10.63
C LYS A 43 -2.06 29.94 -11.60
N LEU A 44 -2.06 28.71 -11.11
CA LEU A 44 -1.96 27.57 -12.00
C LEU A 44 -3.18 27.48 -12.91
N GLU A 45 -4.37 27.66 -12.35
CA GLU A 45 -5.58 27.68 -13.17
C GLU A 45 -5.54 28.81 -14.19
N LYS A 46 -5.08 29.99 -13.76
CA LYS A 46 -4.96 31.13 -14.67
C LYS A 46 -4.02 30.81 -15.83
N MET A 47 -2.88 30.18 -15.53
CA MET A 47 -1.90 29.88 -16.58
C MET A 47 -2.44 28.86 -17.56
N GLN A 48 -3.10 27.81 -17.06
CA GLN A 48 -3.62 26.80 -17.99
C GLN A 48 -4.77 27.35 -18.83
N GLN A 49 -5.64 28.17 -18.22
CA GLN A 49 -6.72 28.79 -18.98
C GLN A 49 -6.16 29.75 -20.02
N ALA A 50 -5.08 30.47 -19.69
CA ALA A 50 -4.48 31.38 -20.65
C ALA A 50 -3.84 30.63 -21.81
N ALA A 51 -3.23 29.47 -21.52
CA ALA A 51 -2.69 28.65 -22.59
C ALA A 51 -3.80 28.16 -23.51
N GLN A 52 -4.89 27.66 -22.93
CA GLN A 52 -6.03 27.22 -23.75
C GLN A 52 -6.55 28.38 -24.60
N ASP A 53 -6.65 29.58 -24.03
CA ASP A 53 -7.14 30.73 -24.76
C ASP A 53 -6.21 31.08 -25.93
N THR A 54 -4.92 31.28 -25.64
CA THR A 54 -3.99 31.65 -26.70
C THR A 54 -3.85 30.55 -27.74
N ILE A 55 -4.30 29.34 -27.44
CA ILE A 55 -4.44 28.34 -28.50
C ILE A 55 -5.70 28.59 -29.32
N HIS A 56 -6.82 28.88 -28.64
CA HIS A 56 -8.10 28.99 -29.33
C HIS A 56 -8.13 30.07 -30.40
N GLN A 57 -7.29 31.10 -30.28
CA GLN A 57 -7.39 32.24 -31.18
C GLN A 57 -6.86 31.96 -32.58
N GLN A 58 -6.44 30.75 -32.92
CA GLN A 58 -5.88 30.47 -34.25
C GLN A 58 -6.84 29.63 -35.07
N SER B 20 -4.54 -10.62 32.16
CA SER B 20 -3.69 -11.79 31.91
C SER B 20 -3.96 -12.88 32.94
N LYS B 21 -4.53 -14.00 32.49
CA LYS B 21 -4.84 -15.11 33.37
C LYS B 21 -4.50 -16.46 32.76
N TRP B 22 -3.79 -16.50 31.63
CA TRP B 22 -3.46 -17.73 30.94
C TRP B 22 -1.99 -17.71 30.56
N LEU B 23 -1.36 -18.88 30.57
CA LEU B 23 0.03 -19.03 30.15
C LEU B 23 0.03 -19.71 28.79
N ASP B 24 0.38 -18.95 27.74
CA ASP B 24 0.39 -19.48 26.39
C ASP B 24 1.54 -20.49 26.24
N SER B 25 1.20 -21.77 26.12
CA SER B 25 2.22 -22.79 25.91
C SER B 25 2.66 -22.84 24.46
N LEU B 26 1.71 -22.87 23.54
CA LEU B 26 2.00 -22.85 22.11
C LEU B 26 0.89 -22.09 21.39
N SER B 27 1.27 -21.06 20.65
CA SER B 27 0.34 -20.33 19.77
C SER B 27 0.92 -20.42 18.37
N ASP B 28 0.62 -21.50 17.67
CA ASP B 28 1.11 -21.71 16.31
C ASP B 28 0.18 -21.04 15.31
N SER B 29 0.78 -20.59 14.21
CA SER B 29 0.13 -19.64 13.26
C SER B 29 0.05 -20.23 11.85
N MET B 30 0.98 -21.10 11.47
CA MET B 30 1.05 -21.59 10.09
C MET B 30 1.18 -23.11 10.00
N ALA B 31 0.45 -23.85 10.84
CA ALA B 31 0.20 -25.27 10.62
C ALA B 31 -1.28 -25.47 10.32
N ASN B 32 -1.59 -26.41 9.43
CA ASN B 32 -2.95 -26.62 8.96
C ASN B 32 -3.64 -27.63 9.88
N ILE B 33 -4.66 -27.15 10.59
CA ILE B 33 -5.50 -27.97 11.46
C ILE B 33 -6.92 -27.44 11.36
N HIS B 34 -7.80 -28.21 10.73
CA HIS B 34 -9.20 -27.80 10.55
C HIS B 34 -10.11 -28.86 11.15
N THR B 35 -10.37 -28.75 12.46
CA THR B 35 -11.25 -29.65 13.16
C THR B 35 -12.24 -28.84 13.99
N PHE B 36 -13.32 -29.50 14.41
CA PHE B 36 -14.33 -28.90 15.26
C PHE B 36 -14.27 -29.53 16.65
N SER B 37 -14.87 -28.82 17.62
CA SER B 37 -14.80 -29.24 19.01
C SER B 37 -15.48 -30.59 19.26
N ALA B 38 -16.24 -31.10 18.29
CA ALA B 38 -16.83 -32.42 18.45
C ALA B 38 -15.86 -33.52 18.05
N CYS B 39 -15.03 -33.26 17.03
CA CYS B 39 -14.02 -34.21 16.56
C CYS B 39 -12.64 -33.90 17.10
N LEU B 40 -12.56 -33.44 18.35
CA LEU B 40 -11.31 -33.01 18.98
C LEU B 40 -11.34 -33.54 20.42
N ALA B 41 -10.77 -34.73 20.63
CA ALA B 41 -10.90 -35.42 21.90
C ALA B 41 -9.51 -35.74 22.44
N LEU B 42 -9.39 -35.81 23.75
CA LEU B 42 -8.08 -35.97 24.37
C LEU B 42 -8.11 -37.16 25.33
N ALA B 43 -7.10 -38.03 25.22
CA ALA B 43 -7.02 -39.21 26.07
C ALA B 43 -5.63 -39.81 25.94
N ASP B 44 -5.34 -40.77 26.84
CA ASP B 44 -4.10 -41.55 26.74
C ASP B 44 -4.46 -42.87 26.06
N PHE B 45 -4.64 -42.78 24.75
CA PHE B 45 -5.08 -43.95 23.99
C PHE B 45 -4.03 -45.06 23.99
N HIS B 46 -2.89 -44.87 24.65
CA HIS B 46 -1.83 -45.88 24.70
C HIS B 46 -1.52 -46.37 26.10
N GLY B 47 -1.74 -45.57 27.15
CA GLY B 47 -1.49 -45.98 28.51
C GLY B 47 -0.48 -45.10 29.20
N ASP B 48 0.20 -45.67 30.20
CA ASP B 48 1.27 -45.05 30.98
C ASP B 48 0.99 -43.61 31.39
N GLY B 49 -0.27 -43.31 31.70
CA GLY B 49 -0.67 -42.05 32.29
C GLY B 49 -0.04 -40.78 31.74
N GLU B 50 -0.13 -40.57 30.43
CA GLU B 50 0.32 -39.34 29.82
C GLU B 50 -0.58 -39.04 28.63
N TYR B 51 -1.27 -37.90 28.68
CA TYR B 51 -2.41 -37.63 27.80
C TYR B 51 -1.98 -37.06 26.45
N LYS B 52 -2.51 -37.66 25.39
CA LYS B 52 -2.31 -37.20 24.03
C LYS B 52 -3.61 -36.60 23.50
N LEU B 53 -3.52 -35.83 22.41
CA LEU B 53 -4.68 -35.16 21.85
C LEU B 53 -4.96 -35.73 20.46
N ALA B 54 -6.09 -36.42 20.31
CA ALA B 54 -6.53 -36.88 19.00
C ALA B 54 -7.47 -35.83 18.39
N MET B 55 -7.28 -35.57 17.10
CA MET B 55 -8.15 -34.66 16.37
C MET B 55 -8.43 -35.26 15.00
N GLY B 56 -9.68 -35.66 14.78
CA GLY B 56 -10.07 -36.14 13.48
C GLY B 56 -10.54 -35.00 12.60
N ASP B 57 -9.67 -34.52 11.71
CA ASP B 57 -9.98 -33.36 10.90
C ASP B 57 -10.02 -33.74 9.43
N LEU B 58 -10.74 -32.92 8.67
CA LEU B 58 -10.90 -33.11 7.24
C LEU B 58 -9.75 -32.51 6.43
N GLY B 59 -8.78 -31.87 7.08
CA GLY B 59 -7.75 -31.16 6.37
C GLY B 59 -8.24 -29.81 5.89
N PRO B 60 -7.70 -29.32 4.76
CA PRO B 60 -8.10 -28.00 4.27
C PRO B 60 -9.58 -27.95 3.92
N ASP B 61 -10.01 -28.88 3.08
CA ASP B 61 -11.42 -29.09 2.77
C ASP B 61 -11.63 -30.60 2.70
N GLY B 62 -12.72 -31.03 2.08
CA GLY B 62 -13.11 -32.42 2.16
C GLY B 62 -12.24 -33.42 1.42
N ARG B 63 -10.96 -33.07 1.20
CA ARG B 63 -10.06 -33.92 0.44
C ARG B 63 -9.38 -34.99 1.29
N GLN B 64 -8.63 -34.59 2.30
CA GLN B 64 -7.72 -35.50 3.02
C GLN B 64 -8.01 -35.49 4.52
N PRO B 65 -9.05 -36.21 4.94
CA PRO B 65 -9.31 -36.33 6.39
C PRO B 65 -8.30 -37.24 7.06
N ARG B 66 -7.52 -36.71 8.01
CA ARG B 66 -6.44 -37.47 8.62
C ARG B 66 -6.43 -37.24 10.12
N LEU B 67 -6.67 -38.31 10.88
CA LEU B 67 -6.60 -38.26 12.34
C LEU B 67 -5.20 -37.87 12.78
N LYS B 68 -5.05 -36.67 13.34
CA LYS B 68 -3.76 -36.19 13.82
C LYS B 68 -3.66 -36.39 15.32
N VAL B 69 -2.52 -36.90 15.78
CA VAL B 69 -2.26 -37.07 17.20
C VAL B 69 -1.17 -36.09 17.60
N LEU B 70 -1.42 -35.34 18.66
CA LEU B 70 -0.51 -34.32 19.16
C LEU B 70 -0.02 -34.71 20.55
N LYS B 71 1.29 -34.62 20.75
CA LYS B 71 1.95 -34.97 22.00
C LYS B 71 2.87 -33.81 22.36
N GLY B 72 2.40 -32.93 23.24
CA GLY B 72 3.24 -31.82 23.65
C GLY B 72 3.14 -30.60 22.76
N HIS B 73 4.09 -30.45 21.84
CA HIS B 73 4.19 -29.24 21.01
C HIS B 73 4.13 -29.51 19.51
N THR B 74 4.37 -30.73 19.05
CA THR B 74 4.52 -31.01 17.63
C THR B 74 3.76 -32.27 17.26
N LEU B 75 3.32 -32.33 16.01
CA LEU B 75 2.64 -33.51 15.50
C LEU B 75 3.60 -34.70 15.44
N VAL B 76 3.04 -35.89 15.59
CA VAL B 76 3.82 -37.12 15.42
C VAL B 76 3.20 -38.11 14.46
N SER B 77 1.89 -38.07 14.20
CA SER B 77 1.27 -39.07 13.35
C SER B 77 -0.07 -38.57 12.84
N GLN B 78 -0.33 -38.86 11.56
CA GLN B 78 -1.60 -38.56 10.90
C GLN B 78 -2.08 -39.80 10.16
N LYS B 79 -3.07 -40.48 10.72
CA LYS B 79 -3.65 -41.66 10.09
C LYS B 79 -4.67 -41.25 9.04
N PRO B 80 -4.56 -41.74 7.80
CA PRO B 80 -5.53 -41.34 6.78
C PRO B 80 -6.88 -42.00 7.01
N LEU B 81 -7.94 -41.25 6.71
CA LEU B 81 -9.31 -41.69 6.92
C LEU B 81 -10.01 -41.84 5.57
N PRO B 82 -11.03 -42.71 5.48
CA PRO B 82 -11.69 -42.92 4.18
C PRO B 82 -12.57 -41.74 3.78
N ASP B 83 -13.27 -41.16 4.74
CA ASP B 83 -14.14 -40.01 4.49
C ASP B 83 -13.97 -39.04 5.65
N LEU B 84 -14.81 -38.02 5.68
CA LEU B 84 -14.66 -36.93 6.63
C LEU B 84 -15.21 -37.33 8.00
N PRO B 85 -14.46 -37.15 9.07
CA PRO B 85 -14.95 -37.55 10.40
C PRO B 85 -15.96 -36.56 10.98
N ALA B 86 -17.21 -37.01 11.12
CA ALA B 86 -18.23 -36.16 11.73
C ALA B 86 -17.96 -35.95 13.21
N ALA B 87 -17.29 -36.90 13.86
CA ALA B 87 -16.94 -36.77 15.26
C ALA B 87 -15.78 -37.72 15.56
N ALA B 88 -15.22 -37.57 16.76
CA ALA B 88 -14.22 -38.50 17.27
C ALA B 88 -14.28 -38.40 18.78
N VAL B 89 -14.95 -39.36 19.41
CA VAL B 89 -15.24 -39.33 20.83
C VAL B 89 -14.39 -40.36 21.55
N THR B 90 -13.93 -40.02 22.75
CA THR B 90 -13.20 -40.94 23.62
C THR B 90 -14.09 -41.30 24.80
N PHE B 91 -14.23 -42.59 25.05
CA PHE B 91 -14.98 -43.11 26.19
C PHE B 91 -14.12 -44.14 26.91
N LEU B 92 -14.73 -44.85 27.85
CA LEU B 92 -14.06 -45.91 28.59
C LEU B 92 -14.67 -47.26 28.19
N MET B 93 -13.89 -48.33 28.34
CA MET B 93 -14.37 -49.64 27.90
C MET B 93 -14.04 -50.76 28.88
N ALA B 94 -13.83 -50.46 30.16
CA ALA B 94 -13.60 -51.50 31.16
C ALA B 94 -14.00 -50.92 32.52
N SER B 95 -15.16 -51.33 33.02
CA SER B 95 -15.59 -50.86 34.34
C SER B 95 -14.74 -51.48 35.43
N HIS B 96 -14.49 -52.78 35.35
CA HIS B 96 -13.57 -53.44 36.26
C HIS B 96 -12.15 -53.29 35.73
N GLU B 97 -11.32 -52.54 36.45
CA GLU B 97 -9.92 -52.32 36.08
C GLU B 97 -9.85 -51.69 34.68
N PRO B 98 -10.20 -50.40 34.55
CA PRO B 98 -10.16 -49.75 33.23
C PRO B 98 -8.84 -49.92 32.51
N ARG B 99 -8.91 -50.28 31.23
CA ARG B 99 -7.73 -50.47 30.39
C ARG B 99 -7.43 -49.16 29.66
N THR B 100 -6.55 -49.21 28.68
CA THR B 100 -6.26 -48.05 27.85
C THR B 100 -7.46 -47.73 26.96
N PRO B 101 -8.11 -46.59 27.12
CA PRO B 101 -9.33 -46.31 26.35
C PRO B 101 -9.04 -46.10 24.88
N ALA B 102 -10.01 -46.46 24.05
CA ALA B 102 -9.92 -46.35 22.60
C ALA B 102 -10.73 -45.14 22.12
N LEU B 103 -10.54 -44.80 20.85
CA LEU B 103 -11.18 -43.64 20.25
C LEU B 103 -12.16 -44.10 19.17
N ALA B 104 -13.42 -43.68 19.28
CA ALA B 104 -14.42 -44.00 18.29
C ALA B 104 -14.64 -42.80 17.38
N ILE B 105 -14.22 -42.91 16.13
CA ILE B 105 -14.46 -41.89 15.13
C ILE B 105 -15.61 -42.35 14.25
N ALA B 106 -16.22 -41.39 13.56
CA ALA B 106 -17.36 -41.65 12.68
C ALA B 106 -17.06 -41.16 11.28
N SER B 107 -17.53 -41.91 10.29
CA SER B 107 -17.38 -41.53 8.88
C SER B 107 -18.46 -42.26 8.10
N GLY B 108 -19.44 -41.51 7.61
CA GLY B 108 -20.57 -42.10 6.92
C GLY B 108 -21.31 -43.09 7.80
N PRO B 109 -21.65 -44.25 7.23
CA PRO B 109 -22.26 -45.32 8.03
C PRO B 109 -21.27 -46.07 8.90
N CYS B 110 -19.98 -45.77 8.79
CA CYS B 110 -18.94 -46.51 9.49
C CYS B 110 -18.57 -45.81 10.79
N VAL B 111 -18.40 -46.60 11.84
CA VAL B 111 -17.77 -46.14 13.08
C VAL B 111 -16.50 -46.97 13.28
N TYR B 112 -15.38 -46.27 13.49
CA TYR B 112 -14.07 -46.89 13.62
C TYR B 112 -13.64 -46.80 15.08
N VAL B 113 -13.42 -47.94 15.71
CA VAL B 113 -12.85 -48.01 17.06
C VAL B 113 -11.36 -48.20 16.91
N TYR B 114 -10.59 -47.30 17.51
CA TYR B 114 -9.13 -47.28 17.41
C TYR B 114 -8.56 -47.51 18.80
N LYS B 115 -8.10 -48.73 19.05
CA LYS B 115 -7.36 -49.04 20.27
C LYS B 115 -5.88 -48.79 20.01
N ASN B 116 -5.21 -48.16 20.98
CA ASN B 116 -3.81 -47.78 20.88
C ASN B 116 -3.56 -46.81 19.72
N LEU B 117 -4.60 -46.07 19.33
CA LEU B 117 -4.55 -45.18 18.16
C LEU B 117 -4.18 -45.94 16.89
N LYS B 118 -4.42 -47.24 16.87
CA LYS B 118 -4.22 -48.09 15.71
C LYS B 118 -5.56 -48.55 15.17
N PRO B 119 -5.70 -48.70 13.85
CA PRO B 119 -6.95 -49.22 13.29
C PRO B 119 -7.29 -50.58 13.85
N TYR B 120 -8.38 -50.65 14.62
CA TYR B 120 -8.70 -51.84 15.40
C TYR B 120 -10.00 -52.50 14.99
N PHE B 121 -11.09 -51.76 14.90
CA PHE B 121 -12.39 -52.38 14.62
C PHE B 121 -13.27 -51.42 13.86
N LYS B 122 -14.21 -51.98 13.10
CA LYS B 122 -15.15 -51.19 12.30
C LYS B 122 -16.55 -51.77 12.43
N PHE B 123 -17.51 -50.90 12.67
CA PHE B 123 -18.92 -51.28 12.75
C PHE B 123 -19.72 -50.39 11.79
N SER B 124 -20.85 -50.91 11.33
CA SER B 124 -21.66 -50.19 10.36
C SER B 124 -23.12 -50.15 10.81
N LEU B 125 -23.84 -49.14 10.31
CA LEU B 125 -25.23 -48.96 10.68
C LEU B 125 -26.10 -50.00 9.97
N PRO B 126 -27.18 -50.45 10.62
CA PRO B 126 -28.08 -51.42 9.96
C PRO B 126 -28.83 -50.79 8.80
N SER B 127 -28.53 -51.25 7.58
CA SER B 127 -29.17 -50.72 6.38
C SER B 127 -30.63 -51.15 6.36
N LEU B 128 -31.53 -50.21 6.60
CA LEU B 128 -32.97 -50.46 6.60
C LEU B 128 -33.61 -49.71 5.45
N PRO B 129 -34.11 -50.39 4.41
CA PRO B 129 -34.76 -49.74 3.26
C PRO B 129 -36.02 -48.96 3.66
N ARG B 194 -28.51 -49.01 -3.49
CA ARG B 194 -28.43 -49.02 -2.04
C ARG B 194 -28.85 -47.68 -1.46
N ARG B 195 -29.23 -47.69 -0.18
CA ARG B 195 -29.59 -46.49 0.56
C ARG B 195 -28.49 -46.21 1.57
N GLN B 196 -27.80 -45.08 1.41
CA GLN B 196 -26.61 -44.77 2.18
C GLN B 196 -26.94 -43.82 3.31
N THR B 197 -26.67 -44.24 4.54
CA THR B 197 -26.89 -43.44 5.73
C THR B 197 -25.59 -42.77 6.18
N VAL B 198 -25.72 -41.86 7.14
CA VAL B 198 -24.59 -41.09 7.65
C VAL B 198 -24.82 -40.81 9.14
N ILE B 199 -23.73 -40.88 9.92
CA ILE B 199 -23.74 -40.46 11.31
C ILE B 199 -23.22 -39.03 11.39
N THR B 200 -23.90 -38.19 12.18
CA THR B 200 -23.58 -36.77 12.21
C THR B 200 -23.15 -36.25 13.58
N THR B 201 -23.29 -37.02 14.66
CA THR B 201 -22.86 -36.56 15.97
C THR B 201 -22.80 -37.75 16.92
N MET B 202 -21.82 -37.73 17.82
CA MET B 202 -21.63 -38.78 18.82
C MET B 202 -21.41 -38.15 20.18
N THR B 203 -21.87 -38.86 21.22
CA THR B 203 -21.72 -38.41 22.61
C THR B 203 -21.98 -39.61 23.51
N THR B 204 -21.28 -39.64 24.65
CA THR B 204 -21.32 -40.78 25.56
C THR B 204 -22.02 -40.42 26.86
N LEU B 205 -22.53 -41.46 27.54
CA LEU B 205 -23.27 -41.29 28.78
C LEU B 205 -22.94 -42.45 29.71
N LYS B 206 -22.86 -42.13 31.01
CA LYS B 206 -22.40 -43.05 32.06
C LYS B 206 -23.29 -44.27 32.24
N LYS B 207 -22.90 -45.17 33.13
CA LYS B 207 -23.65 -46.40 33.36
C LYS B 207 -24.27 -46.48 34.75
N ASN B 208 -23.48 -46.41 35.82
CA ASN B 208 -24.10 -46.61 37.12
C ASN B 208 -23.72 -45.59 38.18
N LEU B 209 -22.46 -45.16 38.24
CA LEU B 209 -21.99 -44.39 39.38
C LEU B 209 -21.67 -42.94 39.08
N ALA B 210 -21.73 -42.51 37.82
CA ALA B 210 -21.53 -41.12 37.43
C ALA B 210 -20.13 -40.62 37.76
N ASP B 211 -19.12 -41.44 37.51
CA ASP B 211 -17.72 -41.06 37.68
C ASP B 211 -16.95 -41.41 36.43
N GLU B 212 -15.66 -41.00 36.40
CA GLU B 212 -14.83 -41.25 35.23
C GLU B 212 -14.27 -42.67 35.20
N ASP B 213 -14.26 -43.36 36.33
CA ASP B 213 -13.77 -44.73 36.40
C ASP B 213 -14.79 -45.75 35.91
N ALA B 214 -16.02 -45.33 35.66
CA ALA B 214 -17.05 -46.23 35.15
C ALA B 214 -17.11 -46.15 33.63
N VAL B 215 -17.97 -46.96 33.04
CA VAL B 215 -18.07 -47.06 31.59
C VAL B 215 -19.15 -46.09 31.10
N SER B 216 -19.12 -45.77 29.81
CA SER B 216 -19.98 -44.75 29.24
C SER B 216 -20.65 -45.25 27.96
N CYS B 217 -21.98 -45.21 27.94
CA CYS B 217 -22.77 -45.70 26.82
C CYS B 217 -22.83 -44.66 25.71
N LEU B 218 -22.78 -45.14 24.46
CA LEU B 218 -22.68 -44.21 23.33
C LEU B 218 -24.06 -43.69 22.93
N VAL B 219 -24.05 -42.50 22.33
CA VAL B 219 -25.23 -41.93 21.68
C VAL B 219 -24.81 -41.39 20.32
N LEU B 220 -25.68 -41.56 19.33
CA LEU B 220 -25.39 -41.15 17.96
C LEU B 220 -26.64 -40.55 17.34
N GLY B 221 -26.45 -39.73 16.33
CA GLY B 221 -27.56 -39.22 15.54
C GLY B 221 -27.28 -39.41 14.07
N THR B 222 -28.34 -39.68 13.30
CA THR B 222 -28.18 -39.99 11.89
C THR B 222 -28.94 -39.00 11.03
N GLU B 223 -28.55 -38.91 9.76
CA GLU B 223 -29.26 -38.05 8.82
C GLU B 223 -30.64 -38.60 8.53
N ASN B 224 -30.74 -39.89 8.25
CA ASN B 224 -32.00 -40.59 8.45
C ASN B 224 -32.44 -40.36 9.89
N LYS B 225 -33.70 -39.97 10.06
CA LYS B 225 -34.12 -39.37 11.33
C LYS B 225 -34.17 -40.45 12.42
N GLU B 226 -32.99 -40.75 12.97
CA GLU B 226 -32.87 -41.66 14.09
C GLU B 226 -31.79 -41.19 15.05
N LEU B 227 -31.94 -41.62 16.30
CA LEU B 227 -30.95 -41.40 17.35
C LEU B 227 -30.70 -42.74 18.02
N LEU B 228 -29.45 -43.18 18.05
CA LEU B 228 -29.08 -44.52 18.49
C LEU B 228 -28.28 -44.46 19.78
N VAL B 229 -28.86 -44.96 20.86
CA VAL B 229 -28.14 -45.14 22.12
C VAL B 229 -27.64 -46.59 22.14
N LEU B 230 -26.32 -46.74 22.19
CA LEU B 230 -25.69 -48.05 22.06
C LEU B 230 -24.89 -48.41 23.31
N ASP B 231 -24.71 -49.72 23.49
CA ASP B 231 -23.88 -50.27 24.55
C ASP B 231 -22.52 -49.58 24.54
N PRO B 232 -21.89 -49.40 25.72
CA PRO B 232 -20.64 -48.61 25.78
C PRO B 232 -19.50 -49.12 24.93
N GLU B 233 -19.68 -50.29 24.30
CA GLU B 233 -18.64 -50.87 23.47
C GLU B 233 -19.09 -51.09 22.03
N ALA B 234 -20.33 -50.73 21.69
CA ALA B 234 -20.82 -50.66 20.31
C ALA B 234 -20.77 -52.04 19.64
N PHE B 235 -21.48 -52.98 20.27
CA PHE B 235 -21.74 -54.27 19.64
C PHE B 235 -23.20 -54.70 19.71
N THR B 236 -24.08 -53.89 20.27
CA THR B 236 -25.51 -54.17 20.25
C THR B 236 -26.29 -52.87 20.33
N ILE B 237 -27.34 -52.77 19.50
CA ILE B 237 -28.23 -51.63 19.52
C ILE B 237 -29.12 -51.73 20.76
N LEU B 238 -29.08 -50.70 21.61
CA LEU B 238 -29.82 -50.76 22.86
C LEU B 238 -31.08 -49.90 22.86
N ALA B 239 -31.06 -48.75 22.19
CA ALA B 239 -32.21 -47.86 22.22
C ALA B 239 -32.26 -47.07 20.91
N LYS B 240 -33.18 -47.45 20.03
CA LYS B 240 -33.48 -46.62 18.87
C LYS B 240 -34.48 -45.55 19.27
N MET B 241 -34.35 -44.37 18.69
CA MET B 241 -35.26 -43.27 18.98
C MET B 241 -35.55 -42.49 17.71
N SER B 242 -36.79 -42.02 17.60
CA SER B 242 -37.23 -41.23 16.44
C SER B 242 -37.08 -39.75 16.74
N LEU B 243 -36.68 -39.00 15.71
CA LEU B 243 -36.51 -37.57 15.84
C LEU B 243 -37.39 -36.84 14.84
N PRO B 244 -38.11 -35.80 15.27
CA PRO B 244 -38.96 -35.05 14.33
C PRO B 244 -38.18 -34.32 13.24
N SER B 245 -36.86 -34.24 13.34
CA SER B 245 -36.05 -33.57 12.34
C SER B 245 -34.62 -34.08 12.43
N VAL B 246 -33.84 -33.76 11.41
CA VAL B 246 -32.44 -34.22 11.37
C VAL B 246 -31.65 -33.55 12.49
N PRO B 247 -30.86 -34.28 13.27
CA PRO B 247 -30.11 -33.66 14.36
C PRO B 247 -28.85 -32.96 13.86
N ALA B 248 -28.37 -32.04 14.69
CA ALA B 248 -27.15 -31.30 14.40
C ALA B 248 -26.14 -31.35 15.54
N PHE B 249 -26.61 -31.44 16.79
CA PHE B 249 -25.73 -31.52 17.94
C PHE B 249 -26.39 -32.39 19.00
N LEU B 250 -25.57 -33.10 19.76
CA LEU B 250 -26.07 -33.99 20.80
C LEU B 250 -25.42 -33.65 22.14
N GLU B 251 -26.14 -33.99 23.21
CA GLU B 251 -25.61 -33.93 24.56
C GLU B 251 -26.47 -34.85 25.42
N ALA B 252 -25.91 -35.32 26.53
CA ALA B 252 -26.60 -36.30 27.34
C ALA B 252 -26.24 -36.12 28.81
N SER B 253 -27.21 -36.40 29.67
CA SER B 253 -26.99 -36.31 31.11
C SER B 253 -27.72 -37.47 31.80
N GLY B 254 -27.31 -37.75 33.03
CA GLY B 254 -27.95 -38.78 33.81
C GLY B 254 -27.38 -40.17 33.59
N GLN B 255 -27.99 -41.13 34.27
CA GLN B 255 -27.53 -42.52 34.27
C GLN B 255 -28.49 -43.37 33.45
N PHE B 256 -27.94 -44.39 32.78
CA PHE B 256 -28.72 -45.16 31.81
C PHE B 256 -29.97 -45.77 32.44
N ASP B 257 -29.80 -46.56 33.50
CA ASP B 257 -30.94 -47.27 34.06
C ASP B 257 -31.88 -46.33 34.81
N VAL B 258 -31.33 -45.44 35.62
CA VAL B 258 -32.16 -44.53 36.41
C VAL B 258 -32.95 -43.59 35.49
N GLU B 259 -32.24 -42.72 34.77
CA GLU B 259 -32.85 -41.85 33.77
C GLU B 259 -31.75 -41.20 32.95
N PHE B 260 -31.93 -41.17 31.64
CA PHE B 260 -31.03 -40.44 30.76
C PHE B 260 -31.80 -39.35 30.02
N ARG B 261 -31.21 -38.17 29.93
CA ARG B 261 -31.78 -37.02 29.26
C ARG B 261 -30.91 -36.74 28.03
N LEU B 262 -31.50 -36.92 26.84
CA LEU B 262 -30.78 -36.81 25.57
C LEU B 262 -31.21 -35.52 24.88
N ALA B 263 -30.41 -34.47 25.01
CA ALA B 263 -30.70 -33.20 24.38
C ALA B 263 -30.14 -33.23 22.97
N ALA B 264 -31.03 -33.32 21.98
CA ALA B 264 -30.66 -33.30 20.56
C ALA B 264 -31.08 -31.95 19.99
N ALA B 265 -30.10 -31.09 19.73
CA ALA B 265 -30.36 -29.81 19.06
C ALA B 265 -30.39 -30.07 17.56
N CYS B 266 -31.56 -29.91 16.95
CA CYS B 266 -31.73 -30.28 15.56
C CYS B 266 -31.48 -29.08 14.65
N ARG B 267 -31.50 -29.33 13.34
CA ARG B 267 -31.31 -28.27 12.35
C ARG B 267 -32.57 -27.47 12.09
N ASN B 268 -33.75 -27.99 12.46
CA ASN B 268 -35.02 -27.34 12.17
C ASN B 268 -35.31 -26.15 13.09
N GLY B 269 -34.32 -25.68 13.85
CA GLY B 269 -34.50 -24.56 14.72
C GLY B 269 -35.22 -24.90 16.01
N SER B 270 -34.73 -25.92 16.71
CA SER B 270 -35.34 -26.37 17.95
C SER B 270 -34.44 -27.44 18.58
N ILE B 271 -34.74 -27.76 19.84
CA ILE B 271 -34.08 -28.86 20.53
C ILE B 271 -35.16 -29.83 20.99
N TYR B 272 -34.74 -31.07 21.26
CA TYR B 272 -35.64 -32.09 21.76
C TYR B 272 -34.94 -32.87 22.86
N ILE B 273 -35.55 -32.91 24.04
CA ILE B 273 -35.03 -33.69 25.16
C ILE B 273 -35.75 -35.02 25.16
N LEU B 274 -35.04 -36.08 24.80
CA LEU B 274 -35.60 -37.42 24.77
C LEU B 274 -35.33 -38.10 26.11
N ARG B 275 -36.36 -38.72 26.68
CA ARG B 275 -36.26 -39.41 27.96
C ARG B 275 -36.67 -40.87 27.79
N ARG B 276 -36.79 -41.57 28.92
CA ARG B 276 -37.04 -43.01 28.91
C ARG B 276 -38.44 -43.33 28.42
N ASP B 277 -38.54 -44.40 27.62
CA ASP B 277 -39.81 -44.99 27.18
C ASP B 277 -40.63 -44.02 26.32
N SER B 278 -39.99 -43.38 25.34
CA SER B 278 -40.64 -42.40 24.49
C SER B 278 -40.92 -43.00 23.12
N LYS B 279 -42.20 -43.28 22.84
CA LYS B 279 -42.61 -43.63 21.49
C LYS B 279 -42.60 -42.41 20.58
N ARG B 280 -42.78 -41.24 21.16
CA ARG B 280 -42.49 -39.96 20.55
C ARG B 280 -41.63 -39.18 21.52
N PRO B 281 -40.64 -38.41 21.03
CA PRO B 281 -39.75 -37.69 21.96
C PRO B 281 -40.51 -36.84 22.97
N LYS B 282 -41.66 -36.28 22.57
CA LYS B 282 -42.68 -35.74 23.47
C LYS B 282 -42.22 -34.43 24.12
N TYR B 283 -40.96 -34.04 23.93
CA TYR B 283 -40.41 -32.83 24.53
C TYR B 283 -39.71 -32.05 23.42
N CYS B 284 -40.30 -30.94 23.02
CA CYS B 284 -39.67 -30.02 22.08
C CYS B 284 -39.54 -28.65 22.73
N ILE B 285 -38.49 -27.92 22.33
CA ILE B 285 -38.28 -26.55 22.79
C ILE B 285 -37.85 -25.71 21.60
N GLU B 286 -38.46 -24.53 21.45
CA GLU B 286 -38.11 -23.60 20.40
C GLU B 286 -37.03 -22.64 20.86
N LEU B 287 -36.24 -22.16 19.89
CA LEU B 287 -35.27 -21.11 20.14
C LEU B 287 -35.49 -19.99 19.14
N GLY B 288 -35.91 -20.35 17.93
CA GLY B 288 -36.13 -19.38 16.87
C GLY B 288 -35.14 -19.46 15.74
N ALA B 289 -34.10 -20.28 15.85
CA ALA B 289 -33.13 -20.44 14.77
C ALA B 289 -32.33 -21.73 15.03
N GLN B 290 -31.38 -21.98 14.15
CA GLN B 290 -30.52 -23.16 14.24
C GLN B 290 -29.40 -22.90 15.24
N PRO B 291 -29.13 -23.82 16.16
CA PRO B 291 -28.13 -23.55 17.20
C PRO B 291 -26.73 -23.91 16.75
N VAL B 292 -25.76 -23.08 17.14
CA VAL B 292 -24.37 -23.31 16.78
C VAL B 292 -23.65 -24.21 17.78
N GLY B 293 -24.33 -24.63 18.84
CA GLY B 293 -23.73 -25.51 19.82
C GLY B 293 -24.60 -25.59 21.05
N LEU B 294 -24.10 -26.28 22.07
CA LEU B 294 -24.84 -26.44 23.32
C LEU B 294 -23.88 -26.91 24.39
N VAL B 295 -24.23 -26.61 25.65
CA VAL B 295 -23.39 -26.91 26.81
C VAL B 295 -24.30 -27.29 27.97
N GLY B 296 -24.01 -28.42 28.60
CA GLY B 296 -24.81 -28.87 29.72
C GLY B 296 -24.13 -28.72 31.06
N VAL B 297 -24.52 -27.69 31.81
CA VAL B 297 -24.06 -27.47 33.18
C VAL B 297 -24.92 -28.37 34.07
N HIS B 298 -24.54 -28.51 35.34
CA HIS B 298 -25.20 -29.41 36.28
C HIS B 298 -26.73 -29.41 36.17
N LYS B 299 -27.36 -28.26 36.36
CA LYS B 299 -28.81 -28.17 36.36
C LYS B 299 -29.38 -27.54 35.09
N VAL B 300 -28.90 -26.36 34.71
CA VAL B 300 -29.44 -25.64 33.56
C VAL B 300 -28.69 -26.08 32.31
N LEU B 301 -29.35 -25.90 31.16
CA LEU B 301 -28.74 -26.19 29.86
C LEU B 301 -28.53 -24.87 29.12
N VAL B 302 -27.50 -24.84 28.28
CA VAL B 302 -27.14 -23.64 27.53
C VAL B 302 -27.23 -23.94 26.05
N VAL B 303 -27.69 -22.97 25.26
CA VAL B 303 -27.73 -23.09 23.81
C VAL B 303 -27.24 -21.78 23.20
N GLY B 304 -26.36 -21.89 22.21
CA GLY B 304 -25.88 -20.74 21.49
C GLY B 304 -26.64 -20.57 20.20
N SER B 305 -27.26 -19.42 20.04
CA SER B 305 -28.08 -19.16 18.86
C SER B 305 -27.23 -18.67 17.70
N ASN B 306 -27.63 -19.05 16.49
CA ASN B 306 -26.97 -18.56 15.29
C ASN B 306 -27.04 -17.04 15.17
N GLN B 307 -27.97 -16.41 15.87
CA GLN B 307 -28.09 -14.96 15.90
C GLN B 307 -27.22 -14.32 16.99
N ASP B 308 -26.13 -14.99 17.38
CA ASP B 308 -25.08 -14.40 18.22
C ASP B 308 -25.57 -14.09 19.63
N SER B 309 -26.11 -15.11 20.29
CA SER B 309 -26.53 -14.96 21.68
C SER B 309 -26.39 -16.29 22.40
N LEU B 310 -26.46 -16.23 23.72
CA LEU B 310 -26.47 -17.42 24.58
C LEU B 310 -27.74 -17.42 25.40
N HIS B 311 -28.45 -18.54 25.40
CA HIS B 311 -29.73 -18.68 26.07
C HIS B 311 -29.68 -19.87 27.02
N GLY B 312 -29.87 -19.61 28.31
CA GLY B 312 -29.91 -20.65 29.31
C GLY B 312 -31.32 -21.06 29.64
N PHE B 313 -31.64 -22.31 29.31
CA PHE B 313 -32.91 -22.96 29.57
C PHE B 313 -32.78 -23.90 30.77
N THR B 314 -33.90 -24.49 31.16
CA THR B 314 -33.91 -25.63 32.05
C THR B 314 -34.40 -26.84 31.27
N TYR B 315 -34.08 -28.04 31.77
CA TYR B 315 -34.48 -29.27 31.09
C TYR B 315 -36.00 -29.38 30.95
N LYS B 316 -36.75 -28.62 31.75
CA LYS B 316 -38.21 -28.71 31.71
C LYS B 316 -38.76 -28.19 30.39
N GLY B 317 -38.27 -27.04 29.93
CA GLY B 317 -38.78 -26.45 28.71
C GLY B 317 -39.06 -24.96 28.83
N LYS B 318 -38.61 -24.34 29.92
CA LYS B 318 -38.85 -22.93 30.18
C LYS B 318 -37.54 -22.17 30.05
N ARG B 319 -37.56 -21.11 29.24
CA ARG B 319 -36.40 -20.24 29.11
C ARG B 319 -36.15 -19.50 30.42
N LEU B 320 -34.90 -19.53 30.89
CA LEU B 320 -34.52 -18.83 32.10
C LEU B 320 -33.85 -17.49 31.83
N TRP B 321 -32.74 -17.48 31.09
CA TRP B 321 -32.05 -16.21 30.91
C TRP B 321 -31.42 -16.13 29.52
N THR B 322 -31.18 -14.90 29.07
CA THR B 322 -30.62 -14.62 27.76
C THR B 322 -29.50 -13.60 27.88
N VAL B 323 -28.53 -13.68 26.97
CA VAL B 323 -27.42 -12.73 26.94
C VAL B 323 -26.92 -12.62 25.51
N GLN B 324 -26.46 -11.43 25.13
CA GLN B 324 -26.00 -11.17 23.79
C GLN B 324 -24.48 -11.17 23.73
N MET B 325 -23.94 -11.61 22.58
CA MET B 325 -22.51 -11.66 22.34
C MET B 325 -22.10 -10.59 21.35
N PRO B 326 -20.98 -9.91 21.58
CA PRO B 326 -20.54 -8.84 20.66
C PRO B 326 -19.97 -9.36 19.34
N ALA B 327 -20.04 -10.66 19.07
CA ALA B 327 -19.56 -11.21 17.81
C ALA B 327 -20.29 -12.52 17.53
N ALA B 328 -19.99 -13.12 16.38
CA ALA B 328 -20.63 -14.35 15.96
C ALA B 328 -20.03 -15.54 16.71
N ILE B 329 -20.89 -16.38 17.27
CA ILE B 329 -20.43 -17.56 18.00
C ILE B 329 -20.00 -18.62 16.99
N LEU B 330 -18.73 -19.00 17.05
CA LEU B 330 -18.19 -20.02 16.16
C LEU B 330 -18.38 -21.42 16.74
N ALA B 331 -17.96 -21.62 17.98
CA ALA B 331 -18.12 -22.93 18.62
C ALA B 331 -17.99 -22.78 20.13
N MET B 332 -18.54 -23.74 20.85
CA MET B 332 -18.57 -23.74 22.30
C MET B 332 -18.23 -25.13 22.82
N ASN B 333 -17.99 -25.21 24.13
CA ASN B 333 -17.64 -26.48 24.76
C ASN B 333 -17.86 -26.32 26.27
N LEU B 334 -17.60 -27.40 27.01
CA LEU B 334 -17.89 -27.51 28.44
C LEU B 334 -16.60 -27.38 29.22
N LEU B 335 -16.28 -26.15 29.64
CA LEU B 335 -15.14 -25.93 30.53
C LEU B 335 -15.38 -26.62 31.87
N GLU B 336 -14.31 -26.95 32.56
CA GLU B 336 -14.42 -27.58 33.87
C GLU B 336 -13.14 -27.36 34.66
N GLN B 337 -13.30 -27.26 35.98
CA GLN B 337 -12.17 -27.13 36.90
C GLN B 337 -12.62 -27.68 38.25
N HIS B 338 -12.20 -28.90 38.57
CA HIS B 338 -12.74 -29.57 39.75
C HIS B 338 -12.12 -29.04 41.04
N SER B 339 -10.95 -28.43 40.96
CA SER B 339 -10.34 -27.83 42.15
C SER B 339 -10.97 -26.50 42.53
N ARG B 340 -11.82 -25.94 41.67
CA ARG B 340 -12.49 -24.67 41.91
C ARG B 340 -14.00 -24.81 42.02
N GLY B 341 -14.61 -25.62 41.17
CA GLY B 341 -16.05 -25.69 41.09
C GLY B 341 -16.68 -24.77 40.07
N LEU B 342 -15.89 -23.93 39.41
CA LEU B 342 -16.38 -23.07 38.35
C LEU B 342 -16.55 -23.90 37.09
N GLN B 343 -17.79 -23.96 36.58
CA GLN B 343 -18.12 -24.72 35.37
C GLN B 343 -18.92 -23.80 34.46
N ALA B 344 -18.22 -23.13 33.55
CA ALA B 344 -18.81 -22.12 32.68
C ALA B 344 -18.67 -22.56 31.22
N VAL B 345 -19.01 -21.66 30.31
CA VAL B 345 -19.05 -21.96 28.88
C VAL B 345 -17.90 -21.22 28.20
N MET B 346 -17.17 -21.94 27.34
CA MET B 346 -16.14 -21.36 26.49
C MET B 346 -16.74 -21.06 25.13
N ALA B 347 -17.14 -19.81 24.91
CA ALA B 347 -17.77 -19.39 23.68
C ALA B 347 -16.73 -18.73 22.77
N ALA B 348 -16.44 -19.35 21.64
CA ALA B 348 -15.56 -18.74 20.65
C ALA B 348 -16.32 -17.71 19.86
N LEU B 349 -15.73 -16.54 19.67
CA LEU B 349 -16.38 -15.45 18.96
C LEU B 349 -15.59 -15.10 17.70
N ALA B 350 -16.24 -14.35 16.81
CA ALA B 350 -15.62 -13.94 15.56
C ALA B 350 -14.78 -12.69 15.72
N ASN B 351 -14.88 -11.99 16.84
CA ASN B 351 -14.05 -10.82 17.12
C ASN B 351 -12.73 -11.20 17.79
N GLU B 352 -12.31 -12.47 17.66
CA GLU B 352 -11.09 -12.97 18.27
C GLU B 352 -11.15 -12.82 19.80
N GLU B 353 -12.12 -13.52 20.40
CA GLU B 353 -12.35 -13.39 21.83
C GLU B 353 -13.23 -14.53 22.30
N VAL B 354 -13.06 -14.89 23.57
CA VAL B 354 -13.99 -15.73 24.32
C VAL B 354 -14.50 -14.89 25.47
N ARG B 355 -15.84 -14.81 25.62
CA ARG B 355 -16.49 -13.86 26.51
C ARG B 355 -17.85 -14.39 26.95
N ILE B 356 -18.15 -14.24 28.25
CA ILE B 356 -19.46 -14.59 28.81
C ILE B 356 -19.58 -13.89 30.16
N TYR B 357 -20.81 -13.73 30.63
CA TYR B 357 -21.09 -13.29 31.99
C TYR B 357 -21.73 -14.44 32.76
N HIS B 358 -21.01 -14.94 33.76
CA HIS B 358 -21.49 -16.04 34.59
C HIS B 358 -22.45 -15.48 35.64
N ASP B 359 -22.80 -16.27 36.65
CA ASP B 359 -23.76 -15.83 37.65
C ASP B 359 -23.21 -14.66 38.47
N LYS B 360 -22.01 -14.80 39.01
CA LYS B 360 -21.47 -13.76 39.87
C LYS B 360 -20.11 -13.25 39.44
N VAL B 361 -19.25 -14.10 38.89
CA VAL B 361 -17.86 -13.75 38.60
C VAL B 361 -17.70 -13.55 37.10
N LEU B 362 -16.74 -12.71 36.73
CA LEU B 362 -16.50 -12.31 35.34
C LEU B 362 -15.33 -13.12 34.82
N LEU B 363 -15.62 -14.28 34.22
CA LEU B 363 -14.57 -15.14 33.68
C LEU B 363 -14.80 -15.42 32.20
N ASN B 364 -14.00 -16.32 31.64
CA ASN B 364 -13.98 -16.59 30.20
C ASN B 364 -13.84 -15.29 29.41
N VAL B 365 -12.70 -14.63 29.60
CA VAL B 365 -12.37 -13.40 28.87
C VAL B 365 -10.95 -13.55 28.33
N ILE B 366 -10.83 -13.97 27.07
CA ILE B 366 -9.51 -14.24 26.50
C ILE B 366 -9.47 -13.85 25.02
N ARG B 367 -8.42 -13.13 24.64
CA ARG B 367 -8.22 -12.70 23.26
C ARG B 367 -7.31 -13.69 22.52
N THR B 368 -7.18 -13.46 21.20
CA THR B 368 -6.52 -14.40 20.31
C THR B 368 -6.20 -13.66 19.03
N PRO B 369 -5.08 -13.96 18.35
CA PRO B 369 -4.80 -13.27 17.08
C PRO B 369 -5.85 -13.53 16.00
N GLU B 370 -6.17 -14.79 15.74
CA GLU B 370 -7.12 -15.14 14.69
C GLU B 370 -8.30 -15.90 15.29
N ALA B 371 -9.48 -15.72 14.68
CA ALA B 371 -10.70 -16.26 15.23
C ALA B 371 -10.60 -17.77 15.44
N VAL B 372 -10.96 -18.22 16.64
CA VAL B 372 -10.85 -19.62 17.04
C VAL B 372 -12.14 -20.35 16.68
N THR B 373 -12.00 -21.53 16.08
CA THR B 373 -13.13 -22.29 15.57
C THR B 373 -13.43 -23.57 16.34
N SER B 374 -12.48 -24.10 17.10
CA SER B 374 -12.74 -25.28 17.90
C SER B 374 -11.98 -25.18 19.22
N LEU B 375 -12.59 -25.69 20.29
CA LEU B 375 -12.05 -25.59 21.63
C LEU B 375 -12.13 -26.95 22.32
N CYS B 376 -11.18 -27.20 23.22
CA CYS B 376 -11.19 -28.41 24.03
C CYS B 376 -10.39 -28.13 25.30
N PHE B 377 -11.08 -27.99 26.43
CA PHE B 377 -10.44 -27.82 27.72
C PHE B 377 -10.30 -29.18 28.39
N GLY B 378 -9.07 -29.57 28.67
CA GLY B 378 -8.84 -30.87 29.28
C GLY B 378 -7.42 -30.98 29.80
N ARG B 379 -7.11 -32.17 30.32
CA ARG B 379 -5.80 -32.47 30.90
C ARG B 379 -4.88 -32.94 29.78
N TYR B 380 -3.96 -32.09 29.36
CA TYR B 380 -3.07 -32.40 28.24
C TYR B 380 -1.64 -32.55 28.76
N GLY B 381 -0.95 -33.56 28.25
CA GLY B 381 0.33 -33.92 28.82
C GLY B 381 0.15 -34.41 30.25
N ARG B 382 0.57 -33.60 31.21
CA ARG B 382 0.44 -33.95 32.62
C ARG B 382 -0.42 -32.99 33.42
N GLU B 383 -0.60 -31.76 32.97
CA GLU B 383 -1.34 -30.74 33.71
C GLU B 383 -2.82 -30.84 33.44
N ASP B 384 -3.62 -30.52 34.46
CA ASP B 384 -5.06 -30.79 34.48
C ASP B 384 -5.90 -29.67 33.87
N ASN B 385 -5.30 -28.56 33.47
CA ASN B 385 -6.04 -27.37 33.05
C ASN B 385 -5.48 -26.81 31.75
N THR B 386 -5.30 -27.67 30.77
CA THR B 386 -4.90 -27.24 29.43
C THR B 386 -6.13 -26.86 28.61
N LEU B 387 -5.92 -25.99 27.63
CA LEU B 387 -6.97 -25.57 26.73
C LEU B 387 -6.40 -25.54 25.31
N ILE B 388 -6.88 -26.44 24.46
CA ILE B 388 -6.44 -26.52 23.06
C ILE B 388 -7.48 -25.84 22.20
N MET B 389 -7.02 -25.12 21.18
CA MET B 389 -7.89 -24.38 20.29
C MET B 389 -7.34 -24.47 18.87
N THR B 390 -8.26 -24.60 17.91
CA THR B 390 -7.92 -24.57 16.49
C THR B 390 -8.66 -23.41 15.85
N THR B 391 -7.91 -22.50 15.23
CA THR B 391 -8.43 -21.25 14.73
C THR B 391 -8.90 -21.39 13.28
N LEU B 392 -9.18 -20.27 12.64
CA LEU B 392 -9.78 -20.30 11.30
C LEU B 392 -8.76 -20.72 10.25
N GLY B 393 -7.69 -19.95 10.09
CA GLY B 393 -6.69 -20.25 9.08
C GLY B 393 -5.68 -21.27 9.54
N GLY B 394 -6.14 -22.47 9.91
CA GLY B 394 -5.26 -23.49 10.42
C GLY B 394 -4.80 -23.19 11.83
N GLY B 395 -3.48 -23.15 12.02
CA GLY B 395 -2.91 -22.76 13.29
C GLY B 395 -3.25 -23.70 14.44
N LEU B 396 -2.76 -23.36 15.64
CA LEU B 396 -2.98 -24.16 16.84
C LEU B 396 -2.62 -23.32 18.05
N ILE B 397 -3.50 -23.31 19.04
CA ILE B 397 -3.33 -22.50 20.24
C ILE B 397 -3.42 -23.43 21.46
N ILE B 398 -2.51 -23.23 22.41
CA ILE B 398 -2.53 -23.97 23.67
C ILE B 398 -2.36 -22.97 24.80
N LYS B 399 -3.33 -22.92 25.70
CA LYS B 399 -3.30 -22.03 26.86
C LYS B 399 -3.43 -22.87 28.12
N ILE B 400 -2.48 -22.72 29.04
CA ILE B 400 -2.53 -23.41 30.32
C ILE B 400 -3.17 -22.48 31.34
N LEU B 401 -4.14 -22.99 32.08
CA LEU B 401 -4.78 -22.21 33.12
C LEU B 401 -4.02 -22.36 34.44
N LYS B 402 -3.64 -21.23 35.03
CA LYS B 402 -2.86 -21.26 36.25
C LYS B 402 -3.75 -21.62 37.43
N ARG B 403 -3.22 -22.47 38.32
CA ARG B 403 -3.96 -22.90 39.50
C ARG B 403 -4.36 -21.73 40.40
N THR B 404 -3.70 -20.58 40.27
CA THR B 404 -4.02 -19.40 41.06
C THR B 404 -5.24 -18.66 40.54
N ALA B 405 -6.07 -19.31 39.72
CA ALA B 405 -7.30 -18.71 39.19
C ALA B 405 -8.17 -18.11 40.29
N LYS B 423 -25.75 18.32 31.19
CA LYS B 423 -24.81 17.42 30.54
C LYS B 423 -24.89 17.57 29.02
N LEU B 424 -26.00 18.16 28.55
CA LEU B 424 -26.27 18.24 27.13
C LEU B 424 -25.27 19.16 26.44
N ASN B 425 -25.10 18.93 25.14
CA ASN B 425 -24.21 19.75 24.31
C ASN B 425 -25.00 20.87 23.64
N VAL B 426 -25.72 21.64 24.45
CA VAL B 426 -26.39 22.83 23.96
C VAL B 426 -25.34 23.91 23.70
N PRO B 427 -25.29 24.50 22.51
CA PRO B 427 -24.16 25.36 22.15
C PRO B 427 -24.12 26.63 22.98
N ARG B 428 -23.00 27.35 22.84
CA ARG B 428 -22.76 28.59 23.55
C ARG B 428 -23.00 29.76 22.60
N LYS B 429 -23.76 30.74 23.06
CA LYS B 429 -24.13 31.90 22.25
C LYS B 429 -23.32 33.10 22.72
N THR B 430 -22.45 33.60 21.86
CA THR B 430 -21.53 34.67 22.19
C THR B 430 -22.23 36.02 22.10
N ARG B 431 -21.45 37.11 22.14
CA ARG B 431 -22.02 38.45 22.08
C ARG B 431 -22.56 38.79 20.70
N LEU B 432 -22.05 38.15 19.65
CA LEU B 432 -22.58 38.40 18.31
C LEU B 432 -24.06 38.06 18.24
N TYR B 433 -24.45 36.93 18.83
CA TYR B 433 -25.84 36.52 18.78
C TYR B 433 -26.74 37.54 19.46
N VAL B 434 -26.35 38.04 20.63
CA VAL B 434 -27.22 38.97 21.34
C VAL B 434 -27.27 40.32 20.63
N ASP B 435 -26.13 40.78 20.10
CA ASP B 435 -26.16 42.03 19.35
C ASP B 435 -27.05 41.93 18.11
N GLN B 436 -27.02 40.78 17.42
CA GLN B 436 -27.83 40.68 16.22
C GLN B 436 -29.30 40.44 16.53
N THR B 437 -29.63 39.70 17.60
CA THR B 437 -31.04 39.62 17.96
C THR B 437 -31.55 40.96 18.47
N LEU B 438 -30.65 41.80 18.98
CA LEU B 438 -31.05 43.16 19.36
C LEU B 438 -31.35 44.00 18.13
N ARG B 439 -30.45 43.96 17.13
CA ARG B 439 -30.70 44.72 15.91
C ARG B 439 -31.95 44.22 15.19
N GLU B 440 -32.30 42.95 15.37
CA GLU B 440 -33.54 42.45 14.79
C GLU B 440 -34.75 42.86 15.62
N ARG B 441 -34.60 42.94 16.94
CA ARG B 441 -35.70 43.39 17.79
C ARG B 441 -36.04 44.85 17.52
N GLU B 442 -35.03 45.68 17.26
CA GLU B 442 -35.30 47.09 16.98
C GLU B 442 -35.84 47.31 15.56
N ALA B 443 -35.24 46.65 14.58
CA ALA B 443 -35.46 46.96 13.16
C ALA B 443 -35.86 45.69 12.39
N GLY B 444 -36.84 44.97 12.91
CA GLY B 444 -37.26 43.74 12.24
C GLY B 444 -38.07 43.98 10.98
N THR B 445 -38.76 45.12 10.90
CA THR B 445 -39.64 45.37 9.75
C THR B 445 -38.84 45.62 8.49
N ALA B 446 -37.73 46.34 8.59
CA ALA B 446 -36.88 46.56 7.42
C ALA B 446 -36.33 45.24 6.90
N MET B 447 -35.84 44.38 7.81
CA MET B 447 -35.34 43.08 7.41
C MET B 447 -36.43 42.26 6.74
N HIS B 448 -37.64 42.27 7.30
CA HIS B 448 -38.72 41.49 6.73
C HIS B 448 -39.07 41.97 5.32
N ARG B 449 -39.21 43.29 5.16
CA ARG B 449 -39.57 43.82 3.85
C ARG B 449 -38.49 43.55 2.82
N THR B 450 -37.21 43.75 3.19
CA THR B 450 -36.15 43.54 2.22
C THR B 450 -35.98 42.06 1.87
N PHE B 451 -36.26 41.16 2.82
CA PHE B 451 -36.21 39.75 2.50
C PHE B 451 -37.35 39.36 1.57
N GLN B 452 -38.55 39.91 1.78
CA GLN B 452 -39.64 39.59 0.87
C GLN B 452 -39.38 40.14 -0.53
N ALA B 453 -38.78 41.32 -0.62
CA ALA B 453 -38.43 41.87 -1.94
C ALA B 453 -37.39 41.00 -2.63
N ASP B 454 -36.33 40.63 -1.89
CA ASP B 454 -35.30 39.80 -2.48
C ASP B 454 -35.82 38.43 -2.86
N LEU B 455 -36.80 37.90 -2.14
CA LEU B 455 -37.37 36.61 -2.48
C LEU B 455 -38.25 36.70 -3.71
N TYR B 456 -38.99 37.79 -3.87
CA TYR B 456 -39.72 38.00 -5.11
C TYR B 456 -38.76 38.07 -6.30
N LEU B 457 -37.66 38.81 -6.14
CA LEU B 457 -36.66 38.87 -7.21
C LEU B 457 -36.05 37.50 -7.48
N LEU B 458 -35.86 36.69 -6.43
CA LEU B 458 -35.28 35.37 -6.60
C LEU B 458 -36.22 34.45 -7.35
N ARG B 459 -37.51 34.45 -6.99
CA ARG B 459 -38.48 33.68 -7.74
C ARG B 459 -38.51 34.10 -9.20
N LEU B 460 -38.40 35.42 -9.45
CA LEU B 460 -38.38 35.91 -10.83
C LEU B 460 -37.18 35.35 -11.59
N ARG B 461 -35.98 35.46 -11.01
CA ARG B 461 -34.78 35.00 -11.70
C ARG B 461 -34.76 33.48 -11.87
N ALA B 462 -35.29 32.74 -10.90
CA ALA B 462 -35.32 31.29 -11.03
C ALA B 462 -36.31 30.86 -12.10
N ALA B 463 -37.49 31.49 -12.15
CA ALA B 463 -38.42 31.20 -13.23
C ALA B 463 -37.82 31.57 -14.58
N ARG B 464 -37.04 32.65 -14.62
CA ARG B 464 -36.38 33.07 -15.85
C ARG B 464 -35.40 32.01 -16.34
N ALA B 465 -34.49 31.57 -15.46
CA ALA B 465 -33.49 30.60 -15.85
C ALA B 465 -34.12 29.25 -16.17
N TYR B 466 -35.18 28.88 -15.45
CA TYR B 466 -35.86 27.63 -15.71
C TYR B 466 -36.56 27.65 -17.06
N VAL B 467 -37.19 28.77 -17.41
CA VAL B 467 -37.82 28.89 -18.72
C VAL B 467 -36.76 28.84 -19.81
N GLN B 468 -35.60 29.45 -19.58
CA GLN B 468 -34.53 29.38 -20.57
C GLN B 468 -34.05 27.95 -20.77
N ALA B 469 -33.88 27.21 -19.66
CA ALA B 469 -33.42 25.82 -19.78
C ALA B 469 -34.47 24.96 -20.48
N LEU B 470 -35.75 25.16 -20.18
CA LEU B 470 -36.81 24.50 -20.94
C LEU B 470 -36.71 24.83 -22.42
N GLU B 471 -36.48 26.12 -22.71
CA GLU B 471 -36.41 26.59 -24.09
C GLU B 471 -35.29 25.91 -24.86
N SER B 472 -34.08 25.87 -24.28
CA SER B 472 -32.93 25.27 -24.92
C SER B 472 -32.79 23.77 -24.66
N SER B 473 -33.74 23.17 -23.94
CA SER B 473 -33.74 21.73 -23.65
C SER B 473 -32.49 21.29 -22.90
N LEU B 474 -31.95 22.15 -22.04
CA LEU B 474 -30.69 21.89 -21.37
C LEU B 474 -30.81 20.98 -20.16
N SER B 475 -32.01 20.56 -19.80
CA SER B 475 -32.18 19.79 -18.57
C SER B 475 -32.07 18.30 -18.85
N PRO B 476 -31.20 17.58 -18.14
CA PRO B 476 -31.07 16.13 -18.36
C PRO B 476 -32.08 15.27 -17.61
N VAL B 477 -33.14 15.85 -17.05
CA VAL B 477 -34.10 15.09 -16.28
C VAL B 477 -35.53 15.20 -16.80
N SER B 478 -35.88 16.29 -17.49
CA SER B 478 -37.25 16.48 -17.93
C SER B 478 -37.56 15.59 -19.14
N ARG B 482 -45.38 13.20 -19.07
CA ARG B 482 -45.18 12.45 -20.30
C ARG B 482 -43.73 12.55 -20.76
N GLU B 483 -43.33 11.62 -21.62
CA GLU B 483 -41.94 11.43 -22.01
C GLU B 483 -41.01 11.40 -20.79
N PRO B 484 -41.16 10.41 -19.91
CA PRO B 484 -40.36 10.35 -18.69
C PRO B 484 -39.00 9.72 -18.97
N LEU B 485 -37.95 10.52 -18.84
CA LEU B 485 -36.62 10.07 -19.18
C LEU B 485 -35.61 10.71 -18.25
N LYS B 486 -34.41 10.16 -18.25
CA LYS B 486 -33.31 10.72 -17.49
C LYS B 486 -32.01 10.27 -18.16
N LEU B 487 -31.03 11.15 -18.20
CA LEU B 487 -29.78 10.86 -18.86
C LEU B 487 -28.66 11.58 -18.15
N HIS B 488 -27.60 10.85 -17.82
CA HIS B 488 -26.34 11.50 -17.47
C HIS B 488 -25.22 10.78 -18.20
N ALA B 489 -24.07 11.42 -18.28
CA ALA B 489 -22.94 10.89 -19.02
C ALA B 489 -21.72 10.83 -18.14
N VAL B 490 -20.88 9.82 -18.39
CA VAL B 490 -19.65 9.61 -17.65
C VAL B 490 -18.51 9.47 -18.66
N VAL B 491 -17.37 10.07 -18.36
CA VAL B 491 -16.16 9.91 -19.13
C VAL B 491 -15.17 9.11 -18.30
N GLN B 492 -14.65 8.03 -18.87
CA GLN B 492 -13.68 7.19 -18.18
C GLN B 492 -12.45 7.11 -19.08
N GLY B 493 -11.28 7.32 -18.51
CA GLY B 493 -10.05 7.24 -19.26
C GLY B 493 -9.29 8.56 -19.16
N LEU B 494 -7.97 8.45 -19.23
CA LEU B 494 -7.10 9.62 -19.14
C LEU B 494 -6.25 9.82 -20.39
N GLY B 495 -6.35 8.94 -21.38
CA GLY B 495 -5.51 9.04 -22.54
C GLY B 495 -6.20 9.75 -23.68
N PRO B 496 -5.65 9.65 -24.88
CA PRO B 496 -6.26 10.30 -26.03
C PRO B 496 -7.55 9.61 -26.47
N THR B 497 -8.00 8.61 -25.71
CA THR B 497 -9.25 7.91 -25.98
C THR B 497 -10.02 7.75 -24.68
N PHE B 498 -11.29 8.12 -24.71
CA PHE B 498 -12.16 8.09 -23.55
C PHE B 498 -13.39 7.24 -23.85
N LYS B 499 -13.81 6.46 -22.87
CA LYS B 499 -15.08 5.75 -22.94
C LYS B 499 -16.14 6.70 -22.37
N LEU B 500 -16.97 7.23 -23.25
CA LEU B 500 -18.08 8.07 -22.86
C LEU B 500 -19.33 7.20 -22.78
N THR B 501 -19.76 6.89 -21.57
CA THR B 501 -20.90 6.02 -21.33
C THR B 501 -22.09 6.86 -20.90
N LEU B 502 -23.19 6.73 -21.62
CA LEU B 502 -24.43 7.43 -21.36
C LEU B 502 -25.34 6.51 -20.56
N HIS B 503 -25.68 6.90 -19.34
CA HIS B 503 -26.68 6.18 -18.59
C HIS B 503 -28.02 6.82 -18.88
N LEU B 504 -28.89 6.08 -19.57
CA LEU B 504 -30.20 6.54 -19.98
C LEU B 504 -31.25 5.65 -19.32
N GLN B 505 -32.26 6.27 -18.72
CA GLN B 505 -33.24 5.50 -17.96
C GLN B 505 -34.63 6.06 -18.22
N ASN B 506 -35.56 5.16 -18.49
CA ASN B 506 -36.98 5.50 -18.58
C ASN B 506 -37.59 5.35 -17.20
N THR B 507 -38.09 6.45 -16.65
CA THR B 507 -38.58 6.50 -15.28
C THR B 507 -40.10 6.65 -15.32
N SER B 508 -40.79 5.52 -15.42
CA SER B 508 -42.24 5.52 -15.48
C SER B 508 -42.77 4.23 -14.88
N THR B 509 -44.07 4.23 -14.58
CA THR B 509 -44.70 3.08 -13.95
C THR B 509 -44.62 1.86 -14.87
N ALA B 510 -45.30 1.92 -16.02
CA ALA B 510 -45.17 0.84 -17.01
C ALA B 510 -45.54 1.41 -18.38
N ARG B 511 -44.53 1.80 -19.14
CA ARG B 511 -44.66 2.01 -20.58
C ARG B 511 -43.27 2.17 -21.19
N PRO B 512 -42.95 1.40 -22.23
CA PRO B 512 -41.65 1.57 -22.88
C PRO B 512 -41.62 2.83 -23.73
N ILE B 513 -40.42 3.17 -24.17
CA ILE B 513 -40.20 4.33 -25.04
C ILE B 513 -39.54 3.80 -26.31
N LEU B 514 -40.29 3.73 -27.40
CA LEU B 514 -39.81 3.05 -28.60
C LEU B 514 -38.87 3.95 -29.42
N GLY B 515 -39.40 5.06 -29.92
CA GLY B 515 -38.66 5.85 -30.88
C GLY B 515 -37.78 6.89 -30.24
N LEU B 516 -36.50 6.57 -30.05
CA LEU B 516 -35.52 7.51 -29.54
C LEU B 516 -34.24 7.39 -30.34
N VAL B 517 -33.48 8.48 -30.39
CA VAL B 517 -32.15 8.51 -30.97
C VAL B 517 -31.29 9.45 -30.13
N VAL B 518 -29.98 9.21 -30.21
CA VAL B 518 -28.99 10.02 -29.50
C VAL B 518 -28.07 10.63 -30.54
N CYS B 519 -27.90 11.94 -30.48
CA CYS B 519 -26.94 12.64 -31.32
C CYS B 519 -25.89 13.29 -30.44
N PHE B 520 -24.68 13.38 -30.98
CA PHE B 520 -23.57 14.03 -30.30
C PHE B 520 -23.21 15.29 -31.08
N LEU B 521 -23.17 16.41 -30.38
CA LEU B 521 -22.70 17.67 -30.94
C LEU B 521 -21.32 17.94 -30.34
N TYR B 522 -20.30 17.91 -31.18
CA TYR B 522 -18.93 18.03 -30.72
C TYR B 522 -18.14 18.85 -31.71
N ASN B 523 -16.90 19.17 -31.34
CA ASN B 523 -15.99 19.85 -32.25
C ASN B 523 -15.34 18.81 -33.15
N GLU B 524 -15.68 18.82 -34.43
CA GLU B 524 -15.20 17.81 -35.36
C GLU B 524 -13.71 17.90 -35.63
N VAL B 525 -13.03 18.89 -35.05
CA VAL B 525 -11.58 18.99 -35.15
C VAL B 525 -10.89 18.36 -33.96
N LEU B 526 -11.41 18.58 -32.76
CA LEU B 526 -10.75 18.10 -31.56
C LEU B 526 -11.09 16.64 -31.24
N TYR B 527 -12.28 16.18 -31.60
CA TYR B 527 -12.77 14.88 -31.17
C TYR B 527 -13.24 14.07 -32.35
N ALA B 528 -13.01 12.77 -32.28
CA ALA B 528 -13.38 11.83 -33.33
C ALA B 528 -14.31 10.78 -32.73
N LEU B 529 -15.59 10.93 -32.97
CA LEU B 529 -16.56 9.93 -32.54
C LEU B 529 -16.95 9.06 -33.71
N PRO B 530 -16.81 7.74 -33.62
CA PRO B 530 -17.21 6.87 -34.73
C PRO B 530 -18.69 6.95 -35.05
N ARG B 531 -19.54 6.70 -34.07
CA ARG B 531 -20.98 6.79 -34.23
C ARG B 531 -21.48 7.96 -33.38
N ALA B 532 -21.74 9.09 -34.05
CA ALA B 532 -22.40 10.20 -33.36
C ALA B 532 -23.89 9.92 -33.19
N PHE B 533 -24.57 9.60 -34.28
CA PHE B 533 -25.99 9.30 -34.24
C PHE B 533 -26.20 7.79 -34.12
N PHE B 534 -27.03 7.39 -33.16
CA PHE B 534 -27.41 5.98 -33.06
C PHE B 534 -28.76 5.88 -32.35
N LYS B 535 -29.51 4.84 -32.69
CA LYS B 535 -30.81 4.64 -32.08
C LYS B 535 -30.66 4.09 -30.66
N VAL B 536 -31.77 4.10 -29.93
CA VAL B 536 -31.80 3.70 -28.53
C VAL B 536 -32.78 2.54 -28.38
N PRO B 537 -32.42 1.46 -27.67
CA PRO B 537 -33.31 0.30 -27.56
C PRO B 537 -34.60 0.63 -26.84
N LEU B 538 -35.50 -0.34 -26.83
CA LEU B 538 -36.76 -0.20 -26.12
C LEU B 538 -36.46 -0.08 -24.64
N LEU B 539 -36.63 1.12 -24.09
CA LEU B 539 -36.26 1.38 -22.71
C LEU B 539 -37.31 0.76 -21.80
N VAL B 540 -37.00 -0.40 -21.23
CA VAL B 540 -37.91 -1.03 -20.26
C VAL B 540 -38.00 -0.15 -19.03
N PRO B 541 -39.19 0.15 -18.51
CA PRO B 541 -39.31 1.07 -17.37
C PRO B 541 -38.66 0.50 -16.12
N GLY B 542 -37.78 1.31 -15.51
CA GLY B 542 -37.10 0.92 -14.29
C GLY B 542 -35.68 0.42 -14.48
N LEU B 543 -35.19 0.35 -15.71
CA LEU B 543 -33.88 -0.20 -16.00
C LEU B 543 -32.95 0.87 -16.54
N ASN B 544 -31.69 0.82 -16.13
CA ASN B 544 -30.67 1.74 -16.60
C ASN B 544 -29.97 1.12 -17.79
N TYR B 545 -29.94 1.84 -18.92
CA TYR B 545 -29.24 1.37 -20.10
C TYR B 545 -27.93 2.16 -20.24
N PRO B 546 -26.79 1.51 -20.06
CA PRO B 546 -25.51 2.18 -20.37
C PRO B 546 -25.10 2.00 -21.83
N LEU B 547 -24.99 3.11 -22.55
CA LEU B 547 -24.65 3.11 -23.97
C LEU B 547 -23.27 3.72 -24.13
N GLU B 548 -22.30 2.92 -24.55
CA GLU B 548 -20.92 3.35 -24.64
C GLU B 548 -20.62 4.01 -25.98
N THR B 549 -19.60 4.85 -25.97
CA THR B 549 -19.02 5.42 -27.17
C THR B 549 -17.54 5.66 -26.89
N PHE B 550 -16.74 5.76 -27.95
CA PHE B 550 -15.31 5.99 -27.81
C PHE B 550 -14.95 7.33 -28.42
N VAL B 551 -14.73 8.31 -27.59
CA VAL B 551 -14.25 9.61 -28.04
C VAL B 551 -12.74 9.53 -28.14
N LYS B 552 -12.16 10.26 -29.09
CA LYS B 552 -10.71 10.28 -29.25
C LYS B 552 -10.25 11.71 -29.43
N SER B 553 -9.38 12.16 -28.52
CA SER B 553 -8.83 13.50 -28.61
C SER B 553 -7.89 13.59 -29.81
N LEU B 554 -8.22 14.45 -30.77
CA LEU B 554 -7.39 14.63 -31.96
C LEU B 554 -6.42 15.79 -31.85
N SER B 555 -6.57 16.65 -30.84
CA SER B 555 -5.71 17.81 -30.71
C SER B 555 -4.30 17.38 -30.29
N ASP B 556 -3.31 17.78 -31.09
CA ASP B 556 -1.93 17.40 -30.80
C ASP B 556 -1.41 18.06 -29.52
N LYS B 557 -2.01 19.16 -29.11
CA LYS B 557 -1.73 19.78 -27.82
C LYS B 557 -2.76 19.30 -26.80
N GLY B 558 -2.76 19.92 -25.63
CA GLY B 558 -3.82 19.67 -24.68
C GLY B 558 -4.92 20.70 -24.83
N ILE B 559 -5.99 20.34 -25.52
CA ILE B 559 -7.12 21.23 -25.75
C ILE B 559 -8.40 20.46 -25.50
N SER B 560 -9.16 20.90 -24.50
CA SER B 560 -10.45 20.31 -24.19
C SER B 560 -11.58 21.12 -24.80
N ASP B 561 -12.77 20.54 -24.79
CA ASP B 561 -13.95 21.21 -25.31
C ASP B 561 -15.17 20.45 -24.81
N ILE B 562 -16.32 21.06 -24.95
CA ILE B 562 -17.56 20.46 -24.46
C ILE B 562 -18.07 19.48 -25.51
N ILE B 563 -18.92 18.55 -25.07
CA ILE B 563 -19.62 17.64 -25.96
C ILE B 563 -21.06 17.55 -25.48
N LYS B 564 -22.01 17.89 -26.35
CA LYS B 564 -23.42 17.84 -26.01
C LYS B 564 -24.03 16.56 -26.54
N VAL B 565 -25.02 16.05 -25.83
CA VAL B 565 -25.71 14.82 -26.19
C VAL B 565 -27.20 15.11 -26.18
N LEU B 566 -27.83 14.97 -27.34
CA LEU B 566 -29.26 15.24 -27.49
C LEU B 566 -29.99 13.91 -27.61
N VAL B 567 -30.92 13.65 -26.70
CA VAL B 567 -31.84 12.53 -26.82
C VAL B 567 -33.15 13.06 -27.36
N LEU B 568 -33.60 12.51 -28.48
CA LEU B 568 -34.79 13.03 -29.13
C LEU B 568 -35.50 11.94 -29.93
N ARG B 569 -36.81 12.10 -30.09
CA ARG B 569 -37.58 11.18 -30.90
C ARG B 569 -37.14 11.24 -32.36
N GLU B 570 -37.44 10.16 -33.09
CA GLU B 570 -37.08 10.12 -34.51
C GLU B 570 -37.91 11.12 -35.31
N GLY B 571 -39.22 11.03 -35.22
CA GLY B 571 -40.12 11.89 -35.96
C GLY B 571 -39.92 13.37 -35.67
N GLN B 572 -40.03 13.75 -34.40
CA GLN B 572 -39.87 15.14 -34.00
C GLN B 572 -38.44 15.60 -34.26
N SER B 573 -38.19 16.89 -34.02
CA SER B 573 -36.87 17.46 -34.23
C SER B 573 -36.40 18.32 -33.05
N THR B 574 -37.14 18.32 -31.95
CA THR B 574 -36.76 19.07 -30.76
C THR B 574 -36.22 18.12 -29.72
N PRO B 575 -34.98 18.30 -29.26
CA PRO B 575 -34.38 17.37 -28.29
C PRO B 575 -35.24 17.13 -27.06
N LEU B 576 -35.61 15.86 -26.82
CA LEU B 576 -36.31 15.54 -25.59
C LEU B 576 -35.51 15.95 -24.37
N LEU B 577 -34.19 15.79 -24.43
CA LEU B 577 -33.34 16.28 -23.36
C LEU B 577 -31.90 16.36 -23.86
N SER B 578 -31.06 16.98 -23.05
CA SER B 578 -29.67 17.18 -23.41
C SER B 578 -28.78 16.97 -22.20
N ALA B 579 -27.56 16.55 -22.45
CA ALA B 579 -26.52 16.44 -21.45
C ALA B 579 -25.26 17.10 -21.99
N HIS B 580 -24.42 17.58 -21.08
CA HIS B 580 -23.17 18.23 -21.45
C HIS B 580 -22.03 17.51 -20.75
N ILE B 581 -20.89 17.39 -21.45
CA ILE B 581 -19.73 16.70 -20.90
C ILE B 581 -18.52 17.59 -21.18
N ASN B 582 -17.87 18.06 -20.12
CA ASN B 582 -16.59 18.75 -20.26
C ASN B 582 -15.51 17.69 -20.41
N MET B 583 -15.09 17.45 -21.63
CA MET B 583 -14.08 16.43 -21.88
C MET B 583 -12.78 16.83 -21.22
N PRO B 584 -12.15 15.94 -20.44
CA PRO B 584 -10.92 16.31 -19.75
C PRO B 584 -9.75 16.48 -20.72
N MET B 585 -8.64 16.95 -20.16
CA MET B 585 -7.45 17.19 -20.96
C MET B 585 -6.94 15.89 -21.56
N SER B 586 -6.20 16.01 -22.66
CA SER B 586 -5.81 14.83 -23.43
C SER B 586 -4.93 13.90 -22.61
N GLU B 587 -3.75 14.38 -22.22
CA GLU B 587 -2.76 13.57 -21.50
C GLU B 587 -2.39 12.34 -22.34
N GLY B 588 -1.97 12.59 -23.57
CA GLY B 588 -1.91 11.56 -24.59
C GLY B 588 -0.60 11.52 -25.33
N LEU B 589 -0.69 11.70 -26.66
CA LEU B 589 0.39 11.41 -27.60
C LEU B 589 0.66 9.90 -27.64
N LEU C 2 15.21 -29.57 30.36
CA LEU C 2 14.37 -28.39 30.15
C LEU C 2 13.35 -28.63 29.04
N GLN C 3 12.63 -27.57 28.69
CA GLN C 3 11.57 -27.65 27.69
C GLN C 3 11.19 -26.24 27.27
N PRO C 4 10.90 -26.01 25.98
CA PRO C 4 10.48 -24.68 25.54
C PRO C 4 9.25 -24.20 26.30
N VAL C 5 9.37 -23.06 26.96
CA VAL C 5 8.24 -22.52 27.71
C VAL C 5 7.17 -22.01 26.76
N PHE C 6 7.56 -21.54 25.57
CA PHE C 6 6.57 -21.26 24.54
C PHE C 6 7.17 -21.57 23.18
N THR C 7 6.30 -21.70 22.18
CA THR C 7 6.75 -22.00 20.82
C THR C 7 5.74 -21.43 19.83
N LEU C 8 6.17 -20.48 19.00
CA LEU C 8 5.31 -19.85 18.01
C LEU C 8 5.96 -19.99 16.64
N LYS C 9 5.17 -20.40 15.64
CA LYS C 9 5.65 -20.49 14.27
C LYS C 9 5.28 -19.22 13.53
N LEU C 10 6.27 -18.56 12.95
CA LEU C 10 6.06 -17.31 12.24
C LEU C 10 6.01 -17.55 10.74
N ARG C 11 5.18 -16.77 10.06
CA ARG C 11 4.86 -16.98 8.65
C ARG C 11 5.92 -16.46 7.70
N HIS C 12 7.11 -16.11 8.19
CA HIS C 12 8.14 -15.54 7.34
C HIS C 12 9.47 -16.24 7.59
N LYS C 13 10.39 -16.04 6.64
CA LYS C 13 11.72 -16.66 6.70
C LYS C 13 12.69 -15.62 7.25
N ILE C 14 13.29 -15.93 8.38
CA ILE C 14 14.15 -14.99 9.09
C ILE C 14 15.53 -14.97 8.45
N SER C 15 16.14 -13.78 8.38
CA SER C 15 17.51 -13.66 7.93
C SER C 15 18.46 -14.10 9.03
N PRO C 16 19.66 -14.58 8.67
CA PRO C 16 20.49 -15.30 9.66
C PRO C 16 20.85 -14.52 10.91
N ARG C 17 21.55 -13.40 10.80
CA ARG C 17 22.01 -12.69 11.99
C ARG C 17 21.14 -11.49 12.35
N MET C 18 20.10 -11.23 11.57
CA MET C 18 19.31 -10.02 11.74
C MET C 18 18.05 -10.32 12.56
N VAL C 19 18.26 -10.45 13.87
CA VAL C 19 17.19 -10.65 14.83
C VAL C 19 17.51 -9.87 16.09
N ALA C 20 16.55 -9.10 16.58
CA ALA C 20 16.69 -8.42 17.86
C ALA C 20 15.36 -8.43 18.57
N VAL C 21 15.40 -8.19 19.87
CA VAL C 21 14.21 -8.13 20.70
C VAL C 21 14.33 -6.91 21.60
N GLY C 22 13.21 -6.27 21.91
CA GLY C 22 13.24 -5.10 22.75
C GLY C 22 11.85 -4.53 22.93
N ARG C 23 11.72 -3.71 23.96
CA ARG C 23 10.44 -3.08 24.26
C ARG C 23 10.27 -1.85 23.36
N TYR C 24 9.30 -1.91 22.45
CA TYR C 24 9.08 -0.81 21.52
C TYR C 24 7.98 0.13 21.97
N ASP C 25 7.02 -0.36 22.74
CA ASP C 25 6.02 0.49 23.37
C ASP C 25 6.45 0.97 24.75
N GLY C 26 7.63 0.59 25.18
CA GLY C 26 8.08 0.85 26.55
C GLY C 26 7.69 -0.25 27.51
N THR C 27 6.41 -0.62 27.55
CA THR C 27 5.92 -1.63 28.48
C THR C 27 5.37 -2.83 27.72
N HIS C 28 5.97 -3.14 26.57
CA HIS C 28 5.57 -4.30 25.77
C HIS C 28 6.75 -4.73 24.92
N PRO C 29 7.49 -5.75 25.34
CA PRO C 29 8.57 -6.27 24.49
C PRO C 29 8.04 -6.90 23.22
N CYS C 30 8.79 -6.74 22.14
CA CYS C 30 8.44 -7.28 20.84
C CYS C 30 9.70 -7.75 20.14
N LEU C 31 9.52 -8.62 19.15
CA LEU C 31 10.61 -9.26 18.44
C LEU C 31 10.69 -8.71 17.03
N ALA C 32 11.80 -8.05 16.71
CA ALA C 32 12.05 -7.54 15.36
C ALA C 32 12.98 -8.48 14.63
N ALA C 33 12.69 -8.72 13.36
CA ALA C 33 13.53 -9.65 12.60
C ALA C 33 13.42 -9.35 11.13
N ALA C 34 14.56 -9.41 10.43
CA ALA C 34 14.58 -9.15 9.01
C ALA C 34 13.96 -10.32 8.24
N THR C 35 13.73 -10.08 6.95
CA THR C 35 13.14 -11.09 6.09
C THR C 35 13.64 -10.82 4.68
N GLN C 36 13.60 -11.85 3.84
CA GLN C 36 13.91 -11.66 2.44
C GLN C 36 12.96 -10.63 1.82
N ALA C 37 13.35 -10.12 0.66
CA ALA C 37 12.64 -9.04 -0.04
C ALA C 37 12.70 -7.73 0.71
N GLY C 38 13.77 -7.52 1.49
CA GLY C 38 14.01 -6.27 2.18
C GLY C 38 12.87 -5.82 3.09
N LYS C 39 12.36 -6.71 3.92
CA LYS C 39 11.31 -6.38 4.86
C LYS C 39 11.77 -6.68 6.27
N VAL C 40 11.04 -6.15 7.24
CA VAL C 40 11.30 -6.44 8.65
C VAL C 40 9.97 -6.64 9.35
N PHE C 41 9.82 -7.74 10.06
CA PHE C 41 8.58 -7.96 10.78
C PHE C 41 8.78 -7.78 12.28
N ILE C 42 7.68 -7.42 12.94
CA ILE C 42 7.63 -7.20 14.37
C ILE C 42 6.54 -8.12 14.91
N HIS C 43 6.92 -9.06 15.78
CA HIS C 43 5.94 -9.81 16.55
C HIS C 43 5.69 -9.06 17.84
N ASN C 44 4.45 -8.59 18.02
CA ASN C 44 4.06 -7.72 19.12
C ASN C 44 3.87 -8.50 20.42
N PRO C 45 3.06 -9.58 20.45
CA PRO C 45 2.96 -10.28 21.74
C PRO C 45 4.19 -11.13 22.04
N ASP C 65 -0.71 -9.44 16.27
CA ASP C 65 0.03 -10.39 15.45
C ASP C 65 1.32 -9.78 14.90
N VAL C 66 1.59 -9.97 13.62
CA VAL C 66 2.85 -9.56 13.00
C VAL C 66 2.62 -8.29 12.20
N SER C 67 3.51 -7.32 12.38
CA SER C 67 3.47 -6.05 11.66
C SER C 67 4.69 -5.94 10.76
N LEU C 68 4.47 -5.62 9.49
CA LEU C 68 5.57 -5.55 8.55
C LEU C 68 6.06 -4.11 8.38
N LEU C 69 7.33 -3.98 7.97
CA LEU C 69 7.96 -2.70 7.69
C LEU C 69 8.78 -2.82 6.43
N ASN C 70 8.66 -1.83 5.55
CA ASN C 70 9.27 -1.84 4.22
C ASN C 70 10.60 -1.13 4.28
N ILE C 71 11.69 -1.89 4.27
CA ILE C 71 13.01 -1.29 4.13
C ILE C 71 13.39 -1.15 2.65
N ASN C 72 12.83 -2.00 1.79
CA ASN C 72 13.14 -2.03 0.36
C ASN C 72 14.64 -2.07 0.10
N GLN C 73 15.37 -2.74 0.98
CA GLN C 73 16.83 -2.77 0.92
C GLN C 73 17.32 -3.95 1.74
N THR C 74 18.35 -4.63 1.23
CA THR C 74 18.85 -5.84 1.89
C THR C 74 19.49 -5.45 3.22
N VAL C 75 18.81 -5.76 4.32
CA VAL C 75 19.36 -5.50 5.64
C VAL C 75 20.65 -6.28 5.81
N SER C 76 21.57 -5.76 6.62
CA SER C 76 22.79 -6.45 6.95
C SER C 76 23.11 -6.43 8.43
N CYS C 77 22.39 -5.65 9.23
CA CYS C 77 22.56 -5.63 10.68
C CYS C 77 21.33 -4.99 11.30
N LEU C 78 20.72 -5.69 12.24
CA LEU C 78 19.55 -5.21 12.95
C LEU C 78 19.81 -5.28 14.45
N THR C 79 19.21 -4.36 15.20
CA THR C 79 19.49 -4.23 16.62
C THR C 79 18.43 -3.33 17.25
N ALA C 80 18.11 -3.62 18.51
CA ALA C 80 17.24 -2.76 19.30
C ALA C 80 17.97 -2.35 20.56
N GLY C 81 17.69 -1.14 21.03
CA GLY C 81 18.32 -0.65 22.25
C GLY C 81 17.82 0.74 22.58
N VAL C 82 18.29 1.25 23.70
CA VAL C 82 17.96 2.60 24.14
C VAL C 82 18.95 3.57 23.50
N LEU C 83 18.45 4.39 22.58
CA LEU C 83 19.30 5.34 21.87
C LEU C 83 19.39 6.68 22.60
N ASN C 84 18.33 7.07 23.28
CA ASN C 84 18.32 8.26 24.13
C ASN C 84 17.68 7.89 25.46
N PRO C 85 18.41 7.90 26.56
CA PRO C 85 17.86 7.40 27.83
C PRO C 85 16.87 8.36 28.47
N GLU C 86 16.56 9.47 27.80
CA GLU C 86 15.55 10.38 28.30
C GLU C 86 14.21 9.67 28.42
N LEU C 87 13.77 9.04 27.33
CA LEU C 87 12.60 8.17 27.36
C LEU C 87 13.06 6.73 27.57
N GLY C 88 12.16 5.77 27.41
CA GLY C 88 12.50 4.39 27.66
C GLY C 88 12.41 3.48 26.45
N TYR C 89 11.64 3.88 25.44
CA TYR C 89 11.41 3.02 24.29
C TYR C 89 12.72 2.66 23.60
N ASP C 90 12.69 1.55 22.87
CA ASP C 90 13.87 1.02 22.19
C ASP C 90 13.82 1.41 20.72
N ALA C 91 14.88 2.06 20.24
CA ALA C 91 14.98 2.33 18.81
C ALA C 91 15.35 1.05 18.07
N LEU C 92 14.91 0.98 16.81
CA LEU C 92 15.13 -0.19 15.97
C LEU C 92 16.07 0.22 14.84
N LEU C 93 17.31 -0.25 14.91
CA LEU C 93 18.35 0.19 14.00
C LEU C 93 18.50 -0.83 12.89
N VAL C 94 18.04 -0.47 11.69
CA VAL C 94 18.09 -1.36 10.54
C VAL C 94 19.19 -0.91 9.60
N GLY C 95 20.38 -1.47 9.77
CA GLY C 95 21.50 -1.09 8.93
C GLY C 95 21.49 -1.77 7.58
N THR C 96 21.22 -1.01 6.53
CA THR C 96 21.41 -1.51 5.18
C THR C 96 22.88 -1.37 4.79
N GLN C 97 23.29 -2.13 3.79
CA GLN C 97 24.66 -2.04 3.29
C GLN C 97 25.06 -0.62 2.89
N THR C 98 24.09 0.28 2.69
CA THR C 98 24.40 1.65 2.31
C THR C 98 23.54 2.67 3.05
N ASN C 99 23.11 2.38 4.26
CA ASN C 99 22.21 3.27 4.99
C ASN C 99 22.33 2.99 6.48
N LEU C 100 21.49 3.67 7.26
CA LEU C 100 21.28 3.37 8.67
C LEU C 100 20.01 4.05 9.14
N LEU C 101 19.08 3.30 9.72
CA LEU C 101 17.74 3.81 10.02
C LEU C 101 17.36 3.46 11.45
N ALA C 102 17.61 4.38 12.38
CA ALA C 102 16.91 4.31 13.65
C ALA C 102 15.44 4.63 13.41
N TYR C 103 14.57 3.95 14.14
CA TYR C 103 13.14 4.03 13.81
C TYR C 103 12.32 3.74 15.06
N ASP C 104 11.80 4.80 15.67
CA ASP C 104 10.74 4.64 16.65
C ASP C 104 9.57 3.89 16.00
N VAL C 105 8.94 3.00 16.75
CA VAL C 105 7.87 2.17 16.24
C VAL C 105 6.52 2.55 16.83
N TYR C 106 6.49 2.86 18.13
CA TYR C 106 5.26 3.33 18.76
C TYR C 106 4.73 4.58 18.09
N ASN C 107 5.61 5.38 17.49
CA ASN C 107 5.24 6.46 16.59
C ASN C 107 5.92 6.21 15.25
N ASN C 108 5.18 6.39 14.16
CA ASN C 108 5.76 6.11 12.86
C ASN C 108 6.73 7.23 12.50
N SER C 109 7.75 7.39 13.34
CA SER C 109 8.78 8.40 13.15
C SER C 109 10.13 7.74 13.34
N ASP C 110 11.17 8.38 12.82
CA ASP C 110 12.52 7.87 12.92
C ASP C 110 13.38 8.81 13.73
N LEU C 111 14.33 8.23 14.47
CA LEU C 111 15.23 9.03 15.29
C LEU C 111 16.28 9.72 14.46
N PHE C 112 16.66 9.13 13.34
CA PHE C 112 17.49 9.77 12.32
C PHE C 112 17.47 8.88 11.08
N TYR C 113 18.20 9.31 10.06
CA TYR C 113 18.42 8.48 8.87
C TYR C 113 19.72 8.98 8.24
N ARG C 114 20.79 8.23 8.45
CA ARG C 114 22.10 8.59 7.94
C ARG C 114 22.48 7.68 6.78
N GLU C 115 23.39 8.16 5.95
CA GLU C 115 24.01 7.37 4.89
C GLU C 115 25.49 7.26 5.21
N VAL C 116 25.96 6.03 5.47
CA VAL C 116 27.35 5.86 5.86
C VAL C 116 28.26 5.74 4.65
N ALA C 117 27.72 5.27 3.52
CA ALA C 117 28.42 5.22 2.24
C ALA C 117 29.59 4.24 2.23
N ASP C 118 29.88 3.63 3.37
CA ASP C 118 30.86 2.57 3.46
C ASP C 118 30.21 1.20 3.67
N GLY C 119 29.31 1.11 4.63
CA GLY C 119 28.57 -0.12 4.83
C GLY C 119 28.10 -0.24 6.26
N ALA C 120 27.17 -1.18 6.46
CA ALA C 120 26.70 -1.58 7.79
C ALA C 120 26.77 -3.10 7.85
N SER C 121 27.95 -3.62 8.18
CA SER C 121 28.15 -5.05 8.24
C SER C 121 27.91 -5.64 9.62
N ALA C 122 28.04 -4.82 10.67
CA ALA C 122 27.79 -5.27 12.03
C ALA C 122 27.59 -4.04 12.90
N ILE C 123 26.54 -4.02 13.71
CA ILE C 123 26.21 -2.87 14.53
C ILE C 123 25.99 -3.33 15.96
N VAL C 124 26.34 -2.47 16.91
CA VAL C 124 26.12 -2.73 18.33
C VAL C 124 25.75 -1.42 19.00
N LEU C 125 24.80 -1.48 19.93
CA LEU C 125 24.25 -0.29 20.56
C LEU C 125 24.59 -0.31 22.04
N GLY C 126 25.16 0.77 22.53
CA GLY C 126 25.47 0.87 23.94
C GLY C 126 26.46 1.98 24.19
N THR C 127 26.64 2.29 25.47
CA THR C 127 27.54 3.35 25.90
C THR C 127 28.99 2.89 25.78
N LEU C 128 29.79 3.63 25.02
CA LEU C 128 31.21 3.34 24.92
C LEU C 128 31.91 3.83 26.18
N GLY C 129 33.24 3.80 26.18
CA GLY C 129 33.99 4.24 27.34
C GLY C 129 34.16 5.75 27.35
N ASP C 130 33.87 6.37 28.49
CA ASP C 130 34.07 7.81 28.71
C ASP C 130 33.30 8.66 27.71
N ILE C 131 32.21 8.11 27.16
CA ILE C 131 31.25 8.88 26.36
C ILE C 131 29.92 8.84 27.10
N THR C 132 29.24 9.99 27.13
CA THR C 132 28.11 10.19 28.02
C THR C 132 26.76 9.77 27.42
N SER C 133 26.72 9.44 26.13
CA SER C 133 25.44 9.11 25.52
C SER C 133 25.50 7.73 24.87
N PRO C 134 24.40 6.97 24.93
CA PRO C 134 24.41 5.64 24.29
C PRO C 134 24.55 5.73 22.79
N LEU C 135 25.67 5.23 22.26
CA LEU C 135 25.98 5.37 20.86
C LEU C 135 25.28 4.28 20.05
N ALA C 136 25.50 4.34 18.74
CA ALA C 136 24.98 3.37 17.77
C ALA C 136 26.10 2.89 16.88
N ILE C 137 27.21 2.50 17.50
CA ILE C 137 28.46 2.31 16.79
C ILE C 137 28.32 1.20 15.77
N ILE C 138 28.85 1.43 14.57
CA ILE C 138 28.60 0.60 13.40
C ILE C 138 29.94 0.29 12.75
N GLY C 139 29.92 -0.60 11.76
CA GLY C 139 31.14 -0.94 11.08
C GLY C 139 30.96 -1.57 9.71
N GLY C 140 31.68 -1.05 8.72
CA GLY C 140 31.63 -1.58 7.38
C GLY C 140 33.00 -1.95 6.85
N ASN C 141 33.28 -1.59 5.60
CA ASN C 141 34.56 -1.90 4.99
C ASN C 141 35.62 -0.93 5.51
N CYS C 142 36.45 -1.41 6.43
CA CYS C 142 37.54 -0.61 6.99
C CYS C 142 37.03 0.72 7.55
N ALA C 143 35.98 0.66 8.36
CA ALA C 143 35.38 1.85 8.91
C ALA C 143 34.65 1.52 10.19
N LEU C 144 34.56 2.51 11.07
CA LEU C 144 33.86 2.36 12.34
C LEU C 144 33.32 3.72 12.74
N GLN C 145 31.99 3.84 12.79
CA GLN C 145 31.34 5.10 13.13
C GLN C 145 30.31 4.85 14.22
N GLY C 146 30.20 5.81 15.14
CA GLY C 146 29.26 5.74 16.24
C GLY C 146 28.51 7.03 16.42
N PHE C 147 27.17 6.94 16.47
CA PHE C 147 26.26 8.06 16.42
C PHE C 147 25.44 8.16 17.71
N ASN C 148 24.84 9.32 17.93
CA ASN C 148 23.91 9.54 19.03
C ASN C 148 22.47 9.38 18.55
N HIS C 149 21.52 9.72 19.41
CA HIS C 149 20.12 9.68 19.04
C HIS C 149 19.80 10.66 17.93
N GLU C 150 20.55 11.76 17.84
CA GLU C 150 20.30 12.75 16.81
C GLU C 150 20.92 12.37 15.47
N GLY C 151 21.89 11.48 15.46
CA GLY C 151 22.59 11.09 14.25
C GLY C 151 23.94 11.75 14.06
N ASN C 152 24.57 12.22 15.13
CA ASN C 152 25.85 12.92 15.05
C ASN C 152 27.00 11.93 15.12
N ASP C 153 27.96 12.08 14.21
CA ASP C 153 29.13 11.22 14.14
C ASP C 153 30.05 11.58 15.30
N LEU C 154 29.98 10.81 16.38
CA LEU C 154 30.86 11.07 17.52
C LEU C 154 32.09 10.17 17.50
N PHE C 155 31.93 8.88 17.25
CA PHE C 155 33.04 7.95 17.24
C PHE C 155 33.41 7.64 15.79
N TRP C 156 34.70 7.63 15.50
CA TRP C 156 35.13 7.21 14.17
C TRP C 156 36.56 6.74 14.22
N THR C 157 36.81 5.58 13.61
CA THR C 157 38.15 5.04 13.47
C THR C 157 38.15 4.05 12.32
N VAL C 158 39.34 3.59 11.97
CA VAL C 158 39.53 2.67 10.86
C VAL C 158 40.32 1.47 11.35
N THR C 159 39.91 0.28 10.93
CA THR C 159 40.57 -0.96 11.28
C THR C 159 41.14 -1.62 10.04
N GLY C 160 41.77 -2.77 10.23
CA GLY C 160 42.48 -3.44 9.16
C GLY C 160 41.63 -3.76 7.95
N ASP C 161 40.69 -4.69 8.10
CA ASP C 161 39.85 -5.12 6.98
C ASP C 161 38.38 -5.06 7.36
N ASN C 162 37.52 -5.65 6.52
CA ASN C 162 36.08 -5.61 6.75
C ASN C 162 35.73 -6.13 8.13
N VAL C 163 34.79 -5.46 8.78
CA VAL C 163 34.32 -5.83 10.11
C VAL C 163 33.13 -6.77 9.94
N HIS C 164 33.13 -7.88 10.68
CA HIS C 164 32.06 -8.86 10.58
C HIS C 164 31.26 -9.02 11.86
N SER C 165 31.75 -8.55 13.00
CA SER C 165 31.04 -8.71 14.26
C SER C 165 31.64 -7.75 15.28
N LEU C 166 30.78 -7.03 15.98
CA LEU C 166 31.19 -6.09 17.01
C LEU C 166 30.56 -6.47 18.34
N ALA C 167 31.25 -6.11 19.42
CA ALA C 167 30.77 -6.42 20.77
C ALA C 167 31.27 -5.34 21.72
N LEU C 168 30.52 -5.11 22.77
CA LEU C 168 30.81 -4.08 23.77
C LEU C 168 31.19 -4.77 25.06
N CYS C 169 32.49 -5.00 25.24
CA CYS C 169 33.02 -5.66 26.42
C CYS C 169 33.99 -4.74 27.15
N ASP C 170 34.08 -4.95 28.46
CA ASP C 170 34.87 -4.11 29.35
C ASP C 170 36.12 -4.87 29.78
N PHE C 171 37.24 -4.58 29.11
CA PHE C 171 38.51 -5.11 29.56
C PHE C 171 39.06 -4.31 30.73
N ASP C 172 40.07 -4.90 31.38
CA ASP C 172 40.87 -4.27 32.44
C ASP C 172 40.01 -3.45 33.40
N GLY C 173 38.84 -4.00 33.73
CA GLY C 173 37.96 -3.33 34.67
C GLY C 173 37.62 -1.93 34.22
N ASP C 174 37.73 -0.98 35.15
CA ASP C 174 37.58 0.46 34.90
C ASP C 174 36.10 0.81 34.66
N GLY C 175 35.25 -0.19 34.53
CA GLY C 175 33.82 0.04 34.45
C GLY C 175 33.31 0.62 33.14
N LYS C 176 34.20 1.17 32.33
CA LYS C 176 33.83 1.80 31.07
C LYS C 176 34.09 0.81 29.93
N LYS C 177 33.02 0.42 29.24
CA LYS C 177 33.12 -0.63 28.23
C LYS C 177 33.91 -0.16 27.03
N GLU C 178 34.79 -1.05 26.55
CA GLU C 178 35.51 -0.87 25.30
C GLU C 178 34.71 -1.53 24.18
N LEU C 179 35.31 -1.65 23.00
CA LEU C 179 34.67 -2.24 21.84
C LEU C 179 35.54 -3.33 21.26
N LEU C 180 34.92 -4.41 20.78
CA LEU C 180 35.61 -5.52 20.16
C LEU C 180 35.25 -5.55 18.69
N VAL C 181 36.27 -5.57 17.83
CA VAL C 181 36.09 -5.53 16.39
C VAL C 181 36.65 -6.80 15.79
N GLY C 182 35.77 -7.60 15.18
CA GLY C 182 36.20 -8.81 14.51
C GLY C 182 36.44 -8.58 13.03
N SER C 183 37.69 -8.41 12.65
CA SER C 183 38.00 -8.09 11.27
C SER C 183 38.02 -9.35 10.41
N GLU C 184 37.85 -9.16 9.11
CA GLU C 184 38.11 -10.24 8.17
C GLU C 184 39.58 -10.61 8.14
N ASP C 185 40.45 -9.74 8.65
CA ASP C 185 41.88 -10.00 8.80
C ASP C 185 42.15 -11.12 9.80
N PHE C 186 41.11 -11.74 10.36
CA PHE C 186 41.13 -12.85 11.32
C PHE C 186 41.43 -12.34 12.72
N ASP C 187 41.51 -11.03 12.93
CA ASP C 187 41.91 -10.49 14.21
C ASP C 187 40.72 -9.98 15.00
N ILE C 188 40.89 -9.92 16.31
CA ILE C 188 39.93 -9.30 17.22
C ILE C 188 40.66 -8.14 17.88
N ARG C 189 40.30 -6.92 17.51
CA ARG C 189 40.97 -5.74 18.02
C ARG C 189 40.08 -5.04 19.04
N VAL C 190 40.68 -4.62 20.15
CA VAL C 190 39.96 -3.97 21.23
C VAL C 190 40.24 -2.48 21.17
N PHE C 191 39.18 -1.72 20.89
CA PHE C 191 39.32 -0.28 20.59
C PHE C 191 38.72 0.56 21.72
N LYS C 192 39.57 1.07 22.60
CA LYS C 192 39.06 2.02 23.63
C LYS C 192 38.68 3.25 22.83
N GLU C 193 37.75 4.08 23.31
CA GLU C 193 37.36 5.20 22.43
C GLU C 193 38.66 5.93 22.06
N ASP C 194 38.96 6.01 20.76
CA ASP C 194 40.17 6.72 20.26
C ASP C 194 41.45 5.89 20.42
N GLU C 195 41.40 4.68 20.98
CA GLU C 195 42.68 3.95 21.17
C GLU C 195 42.59 2.56 20.54
N ILE C 196 43.72 1.85 20.46
CA ILE C 196 43.66 0.42 20.24
C ILE C 196 44.44 -0.27 21.36
N VAL C 197 43.73 -1.01 22.21
CA VAL C 197 44.37 -1.57 23.41
C VAL C 197 45.15 -2.83 23.07
N ALA C 198 44.45 -3.86 22.60
CA ALA C 198 45.08 -5.15 22.35
C ALA C 198 44.50 -5.75 21.07
N GLU C 199 45.17 -6.79 20.59
CA GLU C 199 44.67 -7.57 19.46
C GLU C 199 44.89 -9.04 19.73
N MET C 200 43.97 -9.86 19.22
CA MET C 200 44.03 -11.31 19.35
C MET C 200 43.96 -11.91 17.96
N SER C 201 45.01 -12.65 17.59
CA SER C 201 45.15 -13.18 16.24
C SER C 201 44.47 -14.53 16.16
N GLU C 202 43.26 -14.56 15.61
CA GLU C 202 42.52 -15.79 15.42
C GLU C 202 42.82 -16.36 14.03
N THR C 203 42.02 -17.35 13.61
CA THR C 203 42.32 -18.13 12.42
C THR C 203 41.30 -17.98 11.31
N GLU C 204 40.15 -17.36 11.56
CA GLU C 204 39.14 -17.18 10.53
C GLU C 204 38.37 -15.90 10.84
N ILE C 205 37.52 -15.50 9.89
CA ILE C 205 36.75 -14.28 10.04
C ILE C 205 35.79 -14.43 11.21
N ILE C 206 35.88 -13.50 12.17
CA ILE C 206 35.09 -13.57 13.40
C ILE C 206 33.67 -13.12 13.06
N THR C 207 32.77 -14.08 12.90
CA THR C 207 31.40 -13.77 12.52
C THR C 207 30.45 -13.61 13.71
N SER C 208 30.93 -13.77 14.94
CA SER C 208 30.07 -13.45 16.07
C SER C 208 30.92 -13.20 17.30
N LEU C 209 30.49 -12.24 18.11
CA LEU C 209 31.14 -11.89 19.37
C LEU C 209 30.07 -11.52 20.37
N CYS C 210 30.25 -11.94 21.63
CA CYS C 210 29.29 -11.54 22.64
C CYS C 210 29.93 -11.47 24.02
N PRO C 211 29.62 -10.46 24.82
CA PRO C 211 30.18 -10.36 26.17
C PRO C 211 29.30 -11.05 27.20
N MET C 212 29.95 -11.72 28.16
CA MET C 212 29.26 -12.46 29.20
C MET C 212 29.21 -11.70 30.52
N TYR C 213 30.38 -11.41 31.08
CA TYR C 213 30.50 -10.70 32.34
C TYR C 213 31.96 -10.33 32.53
N GLY C 214 32.21 -9.10 32.97
CA GLY C 214 33.57 -8.63 33.13
C GLY C 214 34.30 -8.56 31.82
N SER C 215 35.35 -9.36 31.66
CA SER C 215 36.13 -9.40 30.43
C SER C 215 36.02 -10.74 29.72
N ARG C 216 35.02 -11.54 30.06
CA ARG C 216 34.77 -12.80 29.38
C ARG C 216 33.89 -12.53 28.16
N PHE C 217 34.33 -13.02 27.00
CA PHE C 217 33.48 -12.91 25.81
C PHE C 217 33.66 -14.12 24.91
N GLY C 218 32.56 -14.56 24.32
CA GLY C 218 32.56 -15.68 23.41
C GLY C 218 32.69 -15.23 21.97
N TYR C 219 33.51 -15.94 21.21
CA TYR C 219 33.73 -15.67 19.80
C TYR C 219 33.33 -16.87 18.95
N ALA C 220 32.91 -16.58 17.73
CA ALA C 220 32.52 -17.60 16.77
C ALA C 220 33.04 -17.23 15.39
N LEU C 221 33.88 -18.09 14.84
CA LEU C 221 34.54 -17.94 13.56
C LEU C 221 33.72 -18.60 12.46
N SER C 222 34.33 -18.79 11.29
CA SER C 222 33.69 -19.50 10.19
C SER C 222 34.19 -20.93 10.03
N ASN C 223 35.28 -21.31 10.68
CA ASN C 223 35.64 -22.73 10.75
C ASN C 223 34.55 -23.53 11.45
N GLY C 224 33.72 -22.86 12.24
CA GLY C 224 32.86 -23.51 13.20
C GLY C 224 33.40 -23.48 14.60
N THR C 225 34.58 -22.90 14.81
CA THR C 225 35.24 -22.92 16.11
C THR C 225 34.65 -21.83 17.00
N VAL C 226 34.00 -22.25 18.06
CA VAL C 226 33.48 -21.36 19.09
C VAL C 226 34.44 -21.38 20.26
N GLY C 227 34.71 -20.21 20.83
CA GLY C 227 35.65 -20.13 21.93
C GLY C 227 35.27 -19.06 22.93
N VAL C 228 36.00 -19.03 24.02
CA VAL C 228 35.80 -18.05 25.09
C VAL C 228 37.14 -17.41 25.42
N TYR C 229 37.17 -16.09 25.52
CA TYR C 229 38.47 -15.39 25.72
C TYR C 229 38.38 -14.51 26.96
N ASP C 230 39.42 -14.50 27.80
CA ASP C 230 39.44 -13.55 28.95
C ASP C 230 40.66 -12.64 28.81
N LYS C 231 40.47 -11.37 28.47
CA LYS C 231 41.61 -10.42 28.43
C LYS C 231 42.77 -11.00 27.63
N THR C 232 42.49 -11.54 26.43
CA THR C 232 43.56 -12.06 25.54
C THR C 232 43.99 -13.47 25.97
N ALA C 233 43.27 -14.10 26.91
CA ALA C 233 43.58 -15.49 27.29
C ALA C 233 42.39 -16.38 26.91
N ARG C 234 42.63 -17.48 26.19
CA ARG C 234 41.49 -18.30 25.71
C ARG C 234 41.25 -19.47 26.67
N TYR C 235 40.12 -19.46 27.38
CA TYR C 235 39.76 -20.58 28.29
C TYR C 235 39.45 -21.86 27.51
N TRP C 236 38.71 -21.77 26.40
CA TRP C 236 38.30 -23.01 25.70
C TRP C 236 37.86 -22.74 24.26
N ARG C 237 37.71 -23.81 23.46
CA ARG C 237 37.21 -23.67 22.10
C ARG C 237 36.94 -25.07 21.55
N ILE C 238 35.93 -25.15 20.70
CA ILE C 238 35.66 -26.37 19.93
C ILE C 238 35.60 -25.98 18.46
N LYS C 239 35.89 -26.94 17.59
CA LYS C 239 35.79 -26.76 16.14
C LYS C 239 34.88 -27.87 15.61
N SER C 240 33.60 -27.55 15.47
CA SER C 240 32.62 -28.53 15.01
C SER C 240 32.65 -28.62 13.48
N LYS C 241 31.66 -29.30 12.91
CA LYS C 241 31.53 -29.39 11.47
C LYS C 241 30.62 -28.31 10.90
N ASN C 242 29.68 -27.81 11.69
CA ASN C 242 28.81 -26.72 11.28
C ASN C 242 29.40 -25.39 11.71
N GLN C 243 28.69 -24.31 11.39
CA GLN C 243 29.13 -22.96 11.72
C GLN C 243 28.16 -22.34 12.72
N ALA C 244 28.71 -21.70 13.74
CA ALA C 244 27.89 -21.05 14.76
C ALA C 244 27.28 -19.79 14.17
N MET C 245 26.00 -19.87 13.78
CA MET C 245 25.35 -18.73 13.17
C MET C 245 25.02 -17.63 14.17
N SER C 246 25.13 -17.89 15.47
CA SER C 246 24.90 -16.88 16.49
C SER C 246 25.30 -17.45 17.84
N ILE C 247 25.81 -16.58 18.71
CA ILE C 247 26.18 -16.92 20.08
C ILE C 247 25.73 -15.81 21.00
N HIS C 248 25.37 -16.18 22.24
CA HIS C 248 24.82 -15.20 23.17
C HIS C 248 24.99 -15.71 24.60
N ALA C 249 25.52 -14.86 25.46
CA ALA C 249 25.68 -15.21 26.87
C ALA C 249 24.35 -15.14 27.59
N PHE C 250 24.03 -16.18 28.36
CA PHE C 250 22.79 -16.21 29.12
C PHE C 250 22.88 -17.29 30.19
N ASP C 251 22.42 -16.93 31.39
CA ASP C 251 22.39 -17.85 32.52
C ASP C 251 21.20 -18.80 32.35
N LEU C 252 21.46 -20.10 32.44
CA LEU C 252 20.36 -21.06 32.13
C LEU C 252 20.05 -22.00 33.30
N ASN C 253 20.97 -22.18 34.25
CA ASN C 253 20.69 -23.02 35.44
C ASN C 253 20.58 -22.16 36.70
N SER C 254 20.56 -20.83 36.56
CA SER C 254 20.41 -19.93 37.73
C SER C 254 21.59 -20.11 38.69
N ASP C 255 22.79 -19.71 38.25
CA ASP C 255 24.00 -19.70 39.04
C ASP C 255 24.65 -18.34 39.15
N GLY C 256 24.16 -17.34 38.43
CA GLY C 256 24.87 -16.08 38.28
C GLY C 256 25.82 -16.14 37.11
N VAL C 257 26.65 -17.18 37.06
CA VAL C 257 27.54 -17.40 35.92
C VAL C 257 26.72 -17.76 34.70
N CYS C 258 26.88 -16.98 33.63
CA CYS C 258 26.11 -17.18 32.41
C CYS C 258 26.81 -18.17 31.49
N GLU C 259 26.02 -19.03 30.86
CA GLU C 259 26.52 -19.96 29.86
C GLU C 259 26.59 -19.27 28.51
N LEU C 260 27.07 -19.98 27.49
CA LEU C 260 27.22 -19.43 26.14
C LEU C 260 26.28 -20.19 25.20
N ILE C 261 25.04 -19.74 25.09
CA ILE C 261 24.06 -20.39 24.23
C ILE C 261 24.40 -20.08 22.78
N THR C 262 24.70 -21.11 22.01
CA THR C 262 25.08 -20.95 20.62
C THR C 262 24.13 -21.75 19.74
N GLY C 263 23.82 -21.20 18.57
CA GLY C 263 22.96 -21.86 17.63
C GLY C 263 23.69 -22.24 16.37
N TRP C 264 23.71 -23.53 16.04
CA TRP C 264 24.58 -24.03 15.00
C TRP C 264 23.84 -24.11 13.67
N SER C 265 24.61 -24.44 12.62
CA SER C 265 24.10 -24.38 11.26
C SER C 265 23.06 -25.46 10.98
N ASN C 266 23.13 -26.60 11.66
CA ASN C 266 22.15 -27.66 11.45
C ASN C 266 20.88 -27.44 12.23
N GLY C 267 20.97 -26.79 13.39
CA GLY C 267 19.80 -26.56 14.23
C GLY C 267 20.09 -26.81 15.68
N LYS C 268 21.31 -27.26 15.97
CA LYS C 268 21.70 -27.64 17.32
C LYS C 268 21.92 -26.38 18.15
N VAL C 269 21.05 -26.15 19.13
CA VAL C 269 21.19 -25.06 20.08
C VAL C 269 21.79 -25.63 21.35
N ASP C 270 22.97 -25.14 21.73
CA ASP C 270 23.72 -25.71 22.83
C ASP C 270 24.08 -24.63 23.83
N ALA C 271 23.75 -24.86 25.10
CA ALA C 271 24.18 -24.01 26.20
C ALA C 271 25.34 -24.70 26.89
N ARG C 272 26.53 -24.13 26.75
CA ARG C 272 27.74 -24.70 27.30
C ARG C 272 28.29 -23.80 28.40
N SER C 273 29.01 -24.41 29.34
CA SER C 273 29.66 -23.65 30.40
C SER C 273 30.72 -22.73 29.83
N ASP C 274 31.25 -21.87 30.69
CA ASP C 274 32.30 -20.95 30.28
C ASP C 274 33.64 -21.24 30.92
N ARG C 275 33.66 -21.90 32.08
CA ARG C 275 34.94 -22.26 32.69
C ARG C 275 35.65 -23.34 31.89
N THR C 276 34.89 -24.28 31.33
CA THR C 276 35.47 -25.36 30.54
C THR C 276 34.75 -25.61 29.22
N GLY C 277 33.50 -25.21 29.07
CA GLY C 277 32.83 -25.30 27.78
C GLY C 277 32.21 -26.65 27.47
N GLU C 278 31.72 -27.36 28.49
CA GLU C 278 31.06 -28.64 28.29
C GLU C 278 29.56 -28.42 28.14
N VAL C 279 28.95 -29.17 27.23
CA VAL C 279 27.56 -28.96 26.89
C VAL C 279 26.69 -29.22 28.10
N ILE C 280 26.02 -28.18 28.59
CA ILE C 280 25.06 -28.32 29.68
C ILE C 280 23.67 -28.63 29.15
N PHE C 281 23.17 -27.83 28.22
CA PHE C 281 21.84 -28.02 27.66
C PHE C 281 21.94 -28.15 26.15
N LYS C 282 21.05 -28.95 25.58
CA LYS C 282 21.07 -29.20 24.14
C LYS C 282 19.65 -29.27 23.62
N ASP C 283 19.44 -28.78 22.39
CA ASP C 283 18.15 -28.88 21.74
C ASP C 283 18.36 -28.79 20.24
N ASN C 284 17.31 -29.09 19.49
CA ASN C 284 17.37 -29.09 18.04
C ASN C 284 16.16 -28.41 17.45
N PHE C 285 16.35 -27.76 16.31
CA PHE C 285 15.31 -27.10 15.55
C PHE C 285 15.08 -27.85 14.24
N SER C 286 14.11 -27.36 13.47
CA SER C 286 13.79 -27.97 12.18
C SER C 286 14.74 -27.53 11.08
N SER C 287 15.34 -26.35 11.19
CA SER C 287 16.25 -25.84 10.17
C SER C 287 17.41 -25.16 10.87
N ALA C 288 18.19 -24.40 10.10
CA ALA C 288 19.33 -23.68 10.65
C ALA C 288 18.86 -22.66 11.68
N ILE C 289 19.80 -22.25 12.53
CA ILE C 289 19.51 -21.30 13.60
C ILE C 289 19.86 -19.90 13.13
N ALA C 290 18.89 -18.99 13.21
CA ALA C 290 19.15 -17.60 12.85
C ALA C 290 19.57 -16.79 14.08
N GLY C 291 18.68 -16.67 15.06
CA GLY C 291 18.93 -15.79 16.18
C GLY C 291 18.73 -16.48 17.51
N VAL C 292 19.51 -16.05 18.49
CA VAL C 292 19.29 -16.39 19.88
C VAL C 292 19.45 -15.12 20.70
N VAL C 293 18.39 -14.71 21.37
CA VAL C 293 18.35 -13.43 22.07
C VAL C 293 17.72 -13.64 23.43
N GLU C 294 17.85 -12.62 24.28
CA GLU C 294 17.29 -12.66 25.62
C GLU C 294 16.32 -11.50 25.78
N GLY C 295 15.28 -11.72 26.58
CA GLY C 295 14.32 -10.68 26.87
C GLY C 295 13.01 -11.23 27.39
N ASP C 296 12.42 -10.55 28.37
CA ASP C 296 11.07 -10.88 28.82
C ASP C 296 10.14 -10.93 27.61
N TYR C 297 9.33 -11.97 27.54
CA TYR C 297 8.38 -12.10 26.45
C TYR C 297 6.97 -12.43 26.90
N ARG C 298 6.78 -13.07 28.04
CA ARG C 298 5.47 -13.37 28.58
C ARG C 298 5.03 -12.37 29.64
N MET C 299 5.80 -11.29 29.84
CA MET C 299 5.48 -10.23 30.77
C MET C 299 5.35 -10.76 32.20
N GLU C 300 6.44 -11.38 32.67
CA GLU C 300 6.49 -11.89 34.03
C GLU C 300 7.83 -11.57 34.69
N GLY C 301 8.38 -10.40 34.36
CA GLY C 301 9.52 -9.86 35.07
C GLY C 301 10.75 -10.73 35.14
N CYS C 302 10.97 -11.58 34.15
CA CYS C 302 12.13 -12.45 34.11
C CYS C 302 12.64 -12.58 32.68
N GLN C 303 13.93 -12.36 32.49
CA GLN C 303 14.54 -12.57 31.18
C GLN C 303 14.39 -14.03 30.76
N GLN C 304 14.37 -14.25 29.45
CA GLN C 304 14.14 -15.57 28.90
C GLN C 304 15.19 -15.83 27.83
N LEU C 305 15.03 -16.93 27.10
CA LEU C 305 15.93 -17.29 26.01
C LEU C 305 15.09 -17.58 24.78
N ILE C 306 14.98 -16.60 23.90
CA ILE C 306 14.27 -16.76 22.64
C ILE C 306 15.23 -17.30 21.60
N CYS C 307 14.84 -18.36 20.91
CA CYS C 307 15.62 -18.92 19.83
C CYS C 307 14.75 -18.98 18.58
N CYS C 308 15.25 -18.41 17.48
CA CYS C 308 14.52 -18.29 16.24
C CYS C 308 15.32 -18.96 15.13
N SER C 309 14.70 -19.91 14.45
CA SER C 309 15.34 -20.57 13.33
C SER C 309 15.11 -19.78 12.05
N VAL C 310 15.74 -20.25 10.96
CA VAL C 310 15.61 -19.56 9.69
C VAL C 310 14.20 -19.72 9.13
N ASP C 311 13.59 -20.87 9.35
CA ASP C 311 12.26 -21.14 8.81
C ASP C 311 11.17 -20.33 9.49
N GLY C 312 11.48 -19.63 10.57
CA GLY C 312 10.49 -18.82 11.26
C GLY C 312 9.93 -19.42 12.52
N GLU C 313 10.51 -20.51 13.02
CA GLU C 313 10.08 -21.13 14.26
C GLU C 313 10.82 -20.47 15.42
N ILE C 314 10.08 -19.80 16.31
CA ILE C 314 10.66 -19.19 17.49
C ILE C 314 10.16 -19.96 18.70
N ARG C 315 11.02 -20.07 19.70
CA ARG C 315 10.63 -20.76 20.92
C ARG C 315 11.41 -20.18 22.10
N GLY C 316 10.72 -20.06 23.22
CA GLY C 316 11.30 -19.43 24.38
C GLY C 316 11.44 -20.35 25.57
N TYR C 317 12.66 -20.39 26.10
CA TYR C 317 13.00 -21.15 27.29
C TYR C 317 13.16 -20.22 28.49
N LEU C 318 13.06 -20.81 29.68
CA LEU C 318 13.33 -20.20 30.96
C LEU C 318 14.46 -20.92 31.66
N PRO C 319 15.24 -20.23 32.51
CA PRO C 319 16.34 -20.91 33.21
C PRO C 319 15.86 -21.74 34.39
N ILE C 338 29.17 -40.62 31.77
CA ILE C 338 28.80 -41.90 32.32
C ILE C 338 29.71 -43.02 31.82
N ARG C 339 29.45 -43.51 30.60
CA ARG C 339 30.21 -44.61 30.03
C ARG C 339 31.57 -44.19 29.48
N GLU C 340 31.75 -42.91 29.15
CA GLU C 340 33.03 -42.48 28.58
C GLU C 340 34.14 -42.51 29.62
N LEU C 341 33.82 -42.26 30.88
CA LEU C 341 34.86 -42.31 31.91
C LEU C 341 35.25 -43.75 32.21
N SER C 342 34.26 -44.66 32.21
CA SER C 342 34.60 -46.08 32.29
C SER C 342 35.41 -46.52 31.09
N GLN C 343 35.12 -45.95 29.91
CA GLN C 343 35.91 -46.24 28.72
C GLN C 343 37.36 -45.80 28.91
N LYS C 344 37.57 -44.59 29.41
CA LYS C 344 38.94 -44.12 29.61
C LYS C 344 39.64 -44.92 30.70
N LYS C 345 38.90 -45.36 31.73
CA LYS C 345 39.48 -46.27 32.72
C LYS C 345 39.95 -47.56 32.04
N GLN C 346 39.12 -48.10 31.15
CA GLN C 346 39.53 -49.30 30.43
C GLN C 346 40.73 -49.04 29.54
N ASN C 347 40.85 -47.82 28.99
CA ASN C 347 42.06 -47.49 28.24
C ASN C 347 43.28 -47.45 29.15
N LEU C 348 43.09 -47.00 30.39
CA LEU C 348 44.18 -47.07 31.36
C LEU C 348 44.57 -48.51 31.63
N LEU C 349 43.60 -49.39 31.77
CA LEU C 349 43.90 -50.82 31.93
C LEU C 349 44.62 -51.37 30.72
N LEU C 350 44.23 -50.93 29.52
CA LEU C 350 44.90 -51.39 28.30
C LEU C 350 46.36 -50.93 28.28
N GLU C 351 46.61 -49.67 28.64
CA GLU C 351 47.98 -49.18 28.70
C GLU C 351 48.79 -49.94 29.75
N LEU C 352 48.16 -50.28 30.87
CA LEU C 352 48.80 -51.12 31.86
C LEU C 352 49.20 -52.45 31.25
N ARG C 353 48.28 -53.09 30.52
CA ARG C 353 48.58 -54.37 29.89
C ARG C 353 49.74 -54.24 28.92
N ASN C 354 49.75 -53.17 28.11
CA ASN C 354 50.83 -52.97 27.14
C ASN C 354 52.17 -52.77 27.84
N TYR C 355 52.18 -51.99 28.91
CA TYR C 355 53.43 -51.71 29.61
C TYR C 355 53.92 -52.91 30.41
N GLU C 356 53.03 -53.85 30.74
CA GLU C 356 53.44 -55.04 31.48
C GLU C 356 53.80 -56.20 30.58
N GLU C 357 53.26 -56.27 29.37
CA GLU C 357 53.49 -57.43 28.51
C GLU C 357 54.87 -57.39 27.84
N ASN C 358 55.47 -56.21 27.72
CA ASN C 358 56.74 -56.11 27.01
C ASN C 358 57.84 -56.92 27.69
N ALA C 359 58.03 -56.72 29.00
CA ALA C 359 59.03 -57.45 29.78
C ALA C 359 60.43 -57.37 29.16
N GLY C 375 54.16 -54.85 14.02
CA GLY C 375 55.05 -53.77 13.67
C GLY C 375 55.85 -53.24 14.86
N VAL C 376 56.90 -53.95 15.22
CA VAL C 376 57.72 -53.53 16.36
C VAL C 376 58.76 -52.52 15.89
N ILE C 377 59.26 -51.73 16.84
CA ILE C 377 60.18 -50.64 16.53
C ILE C 377 61.21 -50.52 17.65
N PRO C 378 62.43 -50.06 17.36
CA PRO C 378 63.39 -49.77 18.44
C PRO C 378 62.85 -48.77 19.46
N ALA C 379 63.51 -48.66 20.61
CA ALA C 379 63.04 -47.82 21.70
C ALA C 379 63.79 -46.50 21.80
N ASN C 380 64.83 -46.28 20.99
CA ASN C 380 65.61 -45.05 21.02
C ASN C 380 65.42 -44.23 19.75
N THR C 381 64.29 -44.48 19.07
CA THR C 381 63.97 -43.81 17.79
C THR C 381 63.50 -42.39 18.08
N LYS C 382 64.17 -41.39 17.52
CA LYS C 382 63.81 -39.97 17.80
C LYS C 382 63.71 -39.20 16.49
N HIS C 383 63.02 -38.05 16.51
CA HIS C 383 62.82 -37.24 15.28
C HIS C 383 63.57 -35.90 15.41
N HIS C 384 64.44 -35.60 14.46
CA HIS C 384 65.12 -34.27 14.46
C HIS C 384 64.53 -33.47 13.30
N THR C 385 63.97 -32.30 13.60
CA THR C 385 63.32 -31.49 12.53
C THR C 385 64.06 -30.17 12.36
N ALA C 386 64.47 -29.85 11.13
CA ALA C 386 65.12 -28.56 10.85
C ALA C 386 64.18 -27.74 9.96
N LEU C 387 63.83 -26.53 10.40
CA LEU C 387 62.89 -25.69 9.62
C LEU C 387 63.68 -24.59 8.92
N SER C 388 64.03 -24.80 7.64
CA SER C 388 64.77 -23.81 6.89
C SER C 388 63.90 -23.26 5.77
N VAL C 389 64.47 -22.53 4.84
CA VAL C 389 63.73 -21.93 3.74
C VAL C 389 64.46 -22.25 2.43
N SER C 390 63.70 -22.35 1.34
CA SER C 390 64.33 -22.67 0.07
C SER C 390 63.60 -21.97 -1.07
N LEU C 391 64.37 -21.58 -2.07
CA LEU C 391 63.92 -20.76 -3.19
C LEU C 391 63.37 -21.60 -4.35
N GLY C 392 64.20 -22.49 -4.89
CA GLY C 392 63.83 -23.26 -6.06
C GLY C 392 62.64 -24.19 -5.87
N ALA C 398 60.85 -20.70 -2.67
CA ALA C 398 59.42 -20.60 -2.87
C ALA C 398 58.68 -21.35 -1.78
N HIS C 399 59.41 -21.82 -0.76
CA HIS C 399 58.73 -22.59 0.27
C HIS C 399 59.58 -22.60 1.54
N ALA C 400 58.93 -22.44 2.68
CA ALA C 400 59.55 -22.71 3.96
C ALA C 400 59.58 -24.23 4.13
N GLU C 401 60.77 -24.80 4.13
CA GLU C 401 60.92 -26.24 4.17
C GLU C 401 61.07 -26.71 5.62
N LEU C 402 60.42 -27.81 5.93
CA LEU C 402 60.54 -28.45 7.25
C LEU C 402 60.87 -29.91 7.01
N CYS C 403 62.08 -30.32 7.36
CA CYS C 403 62.50 -31.70 7.16
C CYS C 403 62.38 -32.45 8.48
N ILE C 404 61.68 -33.58 8.44
CA ILE C 404 61.51 -34.47 9.57
C ILE C 404 62.30 -35.73 9.28
N SER C 405 63.20 -36.09 10.19
CA SER C 405 64.11 -37.20 9.97
C SER C 405 64.12 -38.11 11.19
N THR C 406 64.28 -39.40 10.94
CA THR C 406 64.34 -40.41 11.98
C THR C 406 65.79 -40.65 12.37
N SER C 407 65.99 -41.26 13.54
CA SER C 407 67.31 -41.46 14.09
C SER C 407 68.01 -42.70 13.55
N ASN C 408 67.28 -43.78 13.27
CA ASN C 408 67.90 -45.05 12.91
C ASN C 408 67.01 -45.87 11.97
N ASP C 409 67.26 -45.72 10.67
CA ASP C 409 66.80 -46.66 9.65
C ASP C 409 65.31 -46.99 9.76
N THR C 410 64.53 -46.10 10.36
CA THR C 410 63.09 -46.28 10.48
C THR C 410 62.39 -45.33 9.53
N ILE C 411 61.38 -45.84 8.86
CA ILE C 411 60.75 -45.15 7.74
C ILE C 411 59.71 -44.17 8.25
N ILE C 412 59.69 -42.98 7.67
CA ILE C 412 58.63 -42.00 7.87
C ILE C 412 57.56 -42.28 6.82
N ARG C 413 56.50 -42.97 7.22
CA ARG C 413 55.51 -43.43 6.25
C ARG C 413 54.54 -42.32 5.86
N ALA C 414 53.97 -41.63 6.83
CA ALA C 414 53.03 -40.55 6.55
C ALA C 414 53.16 -39.49 7.62
N VAL C 415 52.89 -38.24 7.25
CA VAL C 415 53.03 -37.10 8.15
C VAL C 415 51.74 -36.30 8.11
N LEU C 416 51.19 -36.01 9.29
CA LEU C 416 50.05 -35.12 9.45
C LEU C 416 50.52 -33.84 10.11
N ILE C 417 50.18 -32.71 9.51
CA ILE C 417 50.49 -31.40 10.08
C ILE C 417 49.17 -30.73 10.41
N PHE C 418 49.02 -30.34 11.67
CA PHE C 418 47.83 -29.65 12.14
C PHE C 418 48.22 -28.22 12.46
N ALA C 419 47.83 -27.30 11.59
CA ALA C 419 48.10 -25.87 11.79
C ALA C 419 46.82 -25.11 11.51
N GLU C 420 46.78 -23.86 11.97
CA GLU C 420 45.52 -23.16 12.10
C GLU C 420 45.02 -22.61 10.77
N GLY C 421 45.78 -21.68 10.17
CA GLY C 421 45.32 -21.04 8.96
C GLY C 421 46.29 -21.14 7.80
N VAL C 422 47.35 -21.92 8.00
CA VAL C 422 48.40 -22.00 6.98
C VAL C 422 47.93 -22.74 5.74
N PHE C 423 46.97 -23.66 5.89
CA PHE C 423 46.61 -24.59 4.84
C PHE C 423 45.17 -24.36 4.39
N ALA C 424 44.86 -24.92 3.23
CA ALA C 424 43.46 -25.09 2.82
C ALA C 424 42.89 -26.28 3.58
N GLY C 425 41.94 -26.01 4.46
CA GLY C 425 41.53 -26.99 5.44
C GLY C 425 42.20 -26.73 6.77
N GLU C 426 42.20 -27.75 7.62
CA GLU C 426 42.81 -27.64 8.93
C GLU C 426 44.13 -28.40 9.05
N SER C 427 44.45 -29.27 8.09
CA SER C 427 45.64 -30.09 8.18
C SER C 427 46.26 -30.24 6.80
N HIS C 428 47.43 -30.88 6.79
CA HIS C 428 48.16 -31.14 5.56
C HIS C 428 48.85 -32.48 5.70
N VAL C 429 48.64 -33.37 4.72
CA VAL C 429 49.12 -34.74 4.78
C VAL C 429 50.21 -34.95 3.75
N VAL C 430 51.40 -35.29 4.21
CA VAL C 430 52.46 -35.80 3.35
C VAL C 430 52.39 -37.30 3.36
N HIS C 431 52.51 -37.91 2.19
CA HIS C 431 52.31 -39.36 2.04
C HIS C 431 53.16 -39.85 0.89
N PRO C 432 54.43 -40.17 1.17
CA PRO C 432 55.32 -40.63 0.10
C PRO C 432 54.88 -41.98 -0.44
N SER C 433 54.98 -42.13 -1.76
CA SER C 433 54.63 -43.40 -2.39
C SER C 433 55.57 -44.50 -1.91
N VAL C 434 55.12 -45.74 -2.08
CA VAL C 434 55.85 -46.90 -1.54
C VAL C 434 57.29 -46.93 -2.01
N HIS C 435 57.57 -46.33 -3.17
CA HIS C 435 58.93 -46.23 -3.69
C HIS C 435 59.65 -44.97 -3.24
N HIS C 436 59.00 -44.14 -2.43
CA HIS C 436 59.61 -42.93 -1.87
C HIS C 436 59.87 -43.04 -0.38
N LEU C 437 59.55 -44.17 0.23
CA LEU C 437 59.72 -44.34 1.67
C LEU C 437 61.19 -44.27 2.04
N SER C 438 61.53 -43.32 2.91
CA SER C 438 62.89 -43.14 3.38
C SER C 438 62.85 -42.83 4.87
N SER C 439 63.99 -42.46 5.43
CA SER C 439 64.08 -42.09 6.84
C SER C 439 63.86 -40.60 7.06
N SER C 440 63.67 -39.82 6.00
CA SER C 440 63.45 -38.38 6.12
C SER C 440 62.43 -37.95 5.08
N VAL C 441 61.71 -36.88 5.41
CA VAL C 441 60.72 -36.32 4.49
C VAL C 441 60.70 -34.82 4.66
N ARG C 442 60.66 -34.11 3.53
CA ARG C 442 60.70 -32.65 3.51
C ARG C 442 59.32 -32.14 3.15
N ILE C 443 58.78 -31.24 3.96
CA ILE C 443 57.44 -30.71 3.78
C ILE C 443 57.55 -29.23 3.43
N PRO C 444 57.02 -28.79 2.28
CA PRO C 444 57.00 -27.37 1.97
C PRO C 444 55.77 -26.70 2.58
N ILE C 445 55.97 -25.50 3.12
CA ILE C 445 54.92 -24.72 3.74
C ILE C 445 54.94 -23.33 3.14
N THR C 446 53.75 -22.77 2.92
CA THR C 446 53.59 -21.43 2.33
C THR C 446 52.50 -20.67 3.08
N PRO C 447 52.80 -20.17 4.27
CA PRO C 447 51.81 -19.38 5.00
C PRO C 447 51.46 -18.10 4.25
N PRO C 448 50.18 -17.73 4.22
CA PRO C 448 49.77 -16.55 3.45
C PRO C 448 49.88 -15.23 4.19
N LYS C 449 50.20 -15.23 5.49
CA LYS C 449 50.28 -14.02 6.27
C LYS C 449 51.44 -14.11 7.24
N ASP C 450 52.09 -12.98 7.49
CA ASP C 450 53.23 -12.92 8.40
C ASP C 450 52.74 -13.02 9.84
N ILE C 451 52.34 -14.23 10.20
CA ILE C 451 51.83 -14.53 11.54
C ILE C 451 52.58 -15.75 12.06
N PRO C 452 53.03 -15.76 13.31
CA PRO C 452 53.71 -16.95 13.83
C PRO C 452 52.71 -18.06 14.09
N VAL C 453 53.00 -19.25 13.57
CA VAL C 453 52.08 -20.37 13.67
C VAL C 453 52.79 -21.56 14.30
N ASP C 454 52.01 -22.42 14.94
CA ASP C 454 52.51 -23.58 15.65
C ASP C 454 52.08 -24.83 14.91
N LEU C 455 53.04 -25.51 14.28
CA LEU C 455 52.77 -26.74 13.57
C LEU C 455 52.71 -27.90 14.56
N HIS C 456 51.58 -28.59 14.59
CA HIS C 456 51.40 -29.78 15.42
C HIS C 456 51.58 -31.00 14.52
N LEU C 457 52.77 -31.60 14.57
CA LEU C 457 53.12 -32.69 13.69
C LEU C 457 52.74 -34.03 14.32
N LYS C 458 52.27 -34.95 13.49
CA LYS C 458 52.00 -36.34 13.90
C LYS C 458 52.59 -37.22 12.82
N THR C 459 53.86 -37.59 12.98
CA THR C 459 54.59 -38.33 11.96
C THR C 459 54.58 -39.82 12.28
N PHE C 460 54.37 -40.63 11.25
CA PHE C 460 54.24 -42.07 11.40
C PHE C 460 55.58 -42.73 11.14
N VAL C 461 56.12 -43.40 12.15
CA VAL C 461 57.37 -44.15 12.02
C VAL C 461 57.04 -45.63 11.96
N GLY C 462 57.71 -46.33 11.05
CA GLY C 462 57.47 -47.75 10.89
C GLY C 462 58.32 -48.30 9.76
N TYR C 463 58.15 -49.59 9.51
CA TYR C 463 58.95 -50.27 8.52
C TYR C 463 58.24 -50.30 7.17
N ARG C 464 58.97 -50.77 6.15
CA ARG C 464 58.47 -50.71 4.77
C ARG C 464 57.13 -51.41 4.62
N SER C 465 56.99 -52.59 5.20
CA SER C 465 55.76 -53.38 5.11
C SER C 465 55.25 -53.59 6.53
N SER C 466 54.37 -52.71 6.99
CA SER C 466 53.82 -52.81 8.33
C SER C 466 52.37 -52.40 8.31
N THR C 467 51.63 -52.80 9.34
CA THR C 467 50.24 -52.43 9.50
C THR C 467 50.02 -51.46 10.65
N GLN C 468 50.79 -51.57 11.72
CA GLN C 468 50.70 -50.65 12.86
C GLN C 468 52.01 -49.87 12.95
N PHE C 469 51.93 -48.57 12.69
CA PHE C 469 53.05 -47.66 12.87
C PHE C 469 52.93 -46.95 14.20
N HIS C 470 54.05 -46.41 14.66
CA HIS C 470 54.04 -45.55 15.83
C HIS C 470 53.82 -44.11 15.40
N VAL C 471 53.14 -43.34 16.23
CA VAL C 471 52.76 -41.97 15.90
C VAL C 471 53.53 -41.04 16.82
N PHE C 472 54.63 -40.49 16.32
CA PHE C 472 55.43 -39.54 17.07
C PHE C 472 54.84 -38.14 16.89
N GLU C 473 54.43 -37.54 18.00
CA GLU C 473 53.85 -36.21 17.98
C GLU C 473 54.90 -35.17 18.34
N LEU C 474 54.86 -34.04 17.64
CA LEU C 474 55.79 -32.95 17.86
C LEU C 474 55.04 -31.63 17.72
N THR C 475 55.70 -30.55 18.11
CA THR C 475 55.18 -29.21 17.92
C THR C 475 56.34 -28.28 17.61
N ARG C 476 56.37 -27.74 16.41
CA ARG C 476 57.35 -26.75 16.00
C ARG C 476 56.64 -25.42 15.78
N GLN C 477 57.41 -24.38 15.48
CA GLN C 477 56.82 -23.07 15.28
C GLN C 477 57.45 -22.40 14.06
N LEU C 478 56.62 -22.04 13.09
CA LEU C 478 57.03 -21.12 12.05
C LEU C 478 56.98 -19.72 12.64
N PRO C 479 58.13 -19.07 12.81
CA PRO C 479 58.13 -17.73 13.40
C PRO C 479 57.52 -16.72 12.44
N ARG C 480 56.96 -15.65 13.01
CA ARG C 480 56.50 -14.53 12.21
C ARG C 480 57.62 -14.09 11.27
N PHE C 481 57.23 -13.63 10.08
CA PHE C 481 58.19 -13.28 9.02
C PHE C 481 59.06 -14.47 8.65
N SER C 482 58.42 -15.56 8.21
CA SER C 482 59.17 -16.78 7.90
C SER C 482 59.55 -16.88 6.44
N MET C 483 58.71 -16.34 5.55
CA MET C 483 58.95 -16.52 4.11
C MET C 483 60.21 -15.79 3.67
N TYR C 484 60.47 -14.61 4.22
CA TYR C 484 61.59 -13.80 3.78
C TYR C 484 62.92 -14.48 4.11
N ALA C 485 63.69 -14.78 3.08
CA ALA C 485 64.94 -15.51 3.20
C ALA C 485 66.13 -14.57 3.09
N LEU C 486 67.12 -14.77 3.95
CA LEU C 486 68.31 -13.94 3.93
C LEU C 486 69.11 -14.19 2.66
N THR C 487 69.53 -13.11 2.00
CA THR C 487 70.33 -13.18 0.78
C THR C 487 71.40 -12.12 0.85
N SER C 488 72.03 -11.85 -0.30
CA SER C 488 73.03 -10.82 -0.49
C SER C 488 72.41 -9.59 -1.14
N PRO C 489 72.92 -8.40 -0.84
CA PRO C 489 72.28 -7.19 -1.33
C PRO C 489 72.53 -6.94 -2.81
N ASP C 490 71.57 -6.24 -3.43
CA ASP C 490 71.67 -5.84 -4.83
C ASP C 490 71.35 -4.36 -4.95
N PRO C 491 72.37 -3.50 -5.03
CA PRO C 491 72.12 -2.05 -5.05
C PRO C 491 71.27 -1.60 -6.22
N ALA C 492 71.16 -2.40 -7.28
CA ALA C 492 70.36 -2.01 -8.43
C ALA C 492 68.86 -2.11 -8.14
N SER C 493 68.46 -3.05 -7.31
CA SER C 493 67.05 -3.32 -7.03
C SER C 493 66.72 -3.11 -5.56
N GLU C 494 67.22 -2.02 -4.99
CA GLU C 494 66.86 -1.65 -3.63
C GLU C 494 65.58 -0.82 -3.66
N PRO C 495 64.56 -1.16 -2.87
CA PRO C 495 63.29 -0.43 -2.94
C PRO C 495 63.44 0.99 -2.43
N LEU C 496 62.95 1.95 -3.21
CA LEU C 496 63.11 3.36 -2.88
C LEU C 496 62.26 3.80 -1.70
N SER C 497 61.23 3.03 -1.34
CA SER C 497 60.42 3.36 -0.18
C SER C 497 61.23 3.15 1.10
N TYR C 498 60.91 3.92 2.14
CA TYR C 498 61.71 3.84 3.35
C TYR C 498 60.96 4.44 4.53
N VAL C 499 61.16 3.85 5.70
CA VAL C 499 60.72 4.42 6.96
C VAL C 499 61.91 4.46 7.91
N ASN C 500 62.00 5.53 8.69
CA ASN C 500 63.04 5.69 9.70
C ASN C 500 62.38 5.96 11.04
N PHE C 501 62.95 5.41 12.10
CA PHE C 501 62.46 5.72 13.44
C PHE C 501 63.56 5.43 14.45
N ILE C 502 63.27 5.70 15.71
CA ILE C 502 64.26 5.61 16.78
C ILE C 502 63.93 4.40 17.65
N ILE C 503 64.98 3.82 18.24
CA ILE C 503 64.84 2.72 19.18
C ILE C 503 65.67 3.07 20.42
N ALA C 504 65.52 2.26 21.46
CA ALA C 504 66.15 2.61 22.73
C ALA C 504 67.66 2.40 22.70
N GLU C 505 68.10 1.16 22.59
CA GLU C 505 69.50 0.77 22.72
C GLU C 505 69.64 -0.68 22.31
N ARG C 506 70.82 -1.25 22.58
CA ARG C 506 71.04 -2.70 22.56
C ARG C 506 70.80 -3.29 21.16
N ALA C 507 71.70 -2.90 20.25
CA ALA C 507 71.72 -3.51 18.92
C ALA C 507 71.68 -5.03 18.98
N GLN C 508 72.38 -5.62 19.96
CA GLN C 508 72.33 -7.07 20.11
C GLN C 508 70.93 -7.55 20.46
N ARG C 509 70.16 -6.75 21.18
CA ARG C 509 68.77 -7.12 21.43
C ARG C 509 67.97 -7.14 20.13
N VAL C 510 68.24 -6.19 19.23
CA VAL C 510 67.59 -6.22 17.93
C VAL C 510 68.04 -7.44 17.13
N VAL C 511 69.31 -7.85 17.27
CA VAL C 511 69.78 -9.03 16.56
C VAL C 511 69.06 -10.27 17.08
N MET C 512 68.85 -10.34 18.39
CA MET C 512 68.06 -11.43 18.95
C MET C 512 66.62 -11.37 18.45
N TRP C 513 66.10 -10.16 18.27
CA TRP C 513 64.79 -10.00 17.63
C TRP C 513 64.77 -10.60 16.24
N LEU C 514 65.82 -10.32 15.45
CA LEU C 514 65.93 -10.92 14.13
C LEU C 514 65.92 -12.44 14.22
N ASN C 515 66.75 -13.00 15.10
CA ASN C 515 66.82 -14.46 15.19
C ASN C 515 65.52 -15.06 15.70
N GLN C 516 64.72 -14.28 16.42
CA GLN C 516 63.45 -14.79 16.93
C GLN C 516 62.34 -14.69 15.88
N ASN C 517 62.34 -13.66 15.05
CA ASN C 517 61.25 -13.41 14.12
C ASN C 517 61.70 -13.52 12.67
N PHE C 518 62.72 -14.33 12.40
CA PHE C 518 63.21 -14.54 11.04
C PHE C 518 63.96 -15.86 11.01
N LEU C 519 64.06 -16.45 9.82
CA LEU C 519 64.75 -17.73 9.66
C LEU C 519 66.17 -17.50 9.12
N LEU C 520 67.03 -17.03 10.00
CA LEU C 520 68.41 -16.84 9.63
C LEU C 520 69.13 -18.18 9.55
N PRO C 521 70.01 -18.38 8.59
CA PRO C 521 70.85 -19.58 8.58
C PRO C 521 71.88 -19.53 9.71
N GLU C 522 72.49 -20.69 9.96
CA GLU C 522 73.41 -20.82 11.07
C GLU C 522 74.75 -20.14 10.82
N ASP C 523 75.08 -19.85 9.56
CA ASP C 523 76.36 -19.21 9.27
C ASP C 523 76.38 -17.75 9.69
N THR C 524 75.21 -17.16 9.94
CA THR C 524 75.13 -15.73 10.17
C THR C 524 75.83 -15.32 11.46
N ASN C 525 76.22 -14.04 11.49
CA ASN C 525 76.82 -13.42 12.67
C ASN C 525 76.82 -11.92 12.43
N ILE C 526 76.43 -11.15 13.44
CA ILE C 526 76.24 -9.71 13.30
C ILE C 526 77.02 -9.00 14.41
N GLN C 527 77.85 -8.05 14.02
CA GLN C 527 78.60 -7.22 14.95
C GLN C 527 77.77 -5.99 15.33
N ASN C 528 78.11 -5.41 16.49
CA ASN C 528 77.38 -4.26 17.00
C ASN C 528 77.42 -3.05 16.07
N ALA C 529 78.31 -3.05 15.08
CA ALA C 529 78.38 -1.95 14.13
C ALA C 529 77.08 -1.83 13.35
N PRO C 530 76.82 -0.68 12.74
CA PRO C 530 75.62 -0.56 11.89
C PRO C 530 75.65 -1.58 10.76
N PHE C 531 74.50 -2.16 10.49
CA PHE C 531 74.46 -3.27 9.55
C PHE C 531 73.14 -3.30 8.80
N GLN C 532 73.20 -3.79 7.57
CA GLN C 532 72.03 -3.97 6.73
C GLN C 532 71.79 -5.45 6.48
N VAL C 533 70.54 -5.88 6.64
CA VAL C 533 70.13 -7.24 6.35
C VAL C 533 69.02 -7.18 5.30
N CYS C 534 69.21 -7.94 4.22
CA CYS C 534 68.26 -7.99 3.13
C CYS C 534 67.54 -9.33 3.12
N PHE C 535 66.33 -9.33 2.58
CA PHE C 535 65.49 -10.52 2.56
C PHE C 535 64.65 -10.51 1.29
N THR C 536 64.71 -11.60 0.53
CA THR C 536 63.81 -11.78 -0.62
C THR C 536 62.50 -12.37 -0.13
N SER C 537 61.37 -11.74 -0.46
CA SER C 537 60.04 -12.27 -0.07
C SER C 537 59.76 -13.54 -0.88
N LEU C 538 58.88 -14.41 -0.38
CA LEU C 538 58.63 -15.68 -1.09
C LEU C 538 57.15 -15.80 -1.43
N ARG C 539 56.34 -14.84 -1.03
CA ARG C 539 55.00 -14.72 -1.61
C ARG C 539 55.07 -14.03 -2.97
N ASN C 540 55.88 -12.99 -3.07
CA ASN C 540 56.26 -12.38 -4.33
C ASN C 540 57.76 -12.09 -4.30
N GLY C 541 58.33 -11.75 -5.44
CA GLY C 541 59.77 -11.56 -5.52
C GLY C 541 60.27 -10.25 -4.95
N GLY C 542 59.52 -9.67 -4.04
CA GLY C 542 59.89 -8.39 -3.46
C GLY C 542 61.19 -8.44 -2.69
N GLN C 543 61.57 -7.29 -2.16
CA GLN C 543 62.80 -7.12 -1.41
C GLN C 543 62.52 -6.39 -0.11
N LEU C 544 63.31 -6.71 0.91
CA LEU C 544 63.26 -6.05 2.21
C LEU C 544 64.67 -5.72 2.64
N TYR C 545 64.86 -4.51 3.19
CA TYR C 545 66.15 -4.04 3.64
C TYR C 545 65.98 -3.40 5.01
N ILE C 546 66.46 -4.08 6.06
CA ILE C 546 66.52 -3.51 7.39
C ILE C 546 67.91 -2.93 7.59
N LYS C 547 68.00 -1.70 8.05
CA LYS C 547 69.28 -1.03 8.27
C LYS C 547 69.30 -0.50 9.69
N ILE C 548 70.21 -1.02 10.51
CA ILE C 548 70.38 -0.55 11.89
C ILE C 548 71.61 0.33 11.91
N LYS C 549 71.41 1.61 12.22
CA LYS C 549 72.48 2.60 12.25
C LYS C 549 73.16 2.58 13.61
N LEU C 550 74.41 3.05 13.62
CA LEU C 550 75.15 3.13 14.88
C LEU C 550 74.52 4.12 15.84
N SER C 551 73.84 5.14 15.32
CA SER C 551 73.16 6.12 16.15
C SER C 551 71.94 5.56 16.85
N GLY C 552 71.65 4.27 16.69
CA GLY C 552 70.45 3.71 17.29
C GLY C 552 69.19 3.92 16.48
N GLU C 553 69.32 4.35 15.23
CA GLU C 553 68.18 4.56 14.35
C GLU C 553 67.91 3.29 13.55
N ILE C 554 66.67 3.15 13.10
CA ILE C 554 66.24 1.99 12.33
C ILE C 554 65.63 2.51 11.02
N THR C 555 65.99 1.86 9.91
CA THR C 555 65.46 2.21 8.60
C THR C 555 64.99 0.94 7.92
N VAL C 556 63.68 0.81 7.75
CA VAL C 556 63.11 -0.30 7.01
C VAL C 556 62.89 0.15 5.57
N ASN C 557 63.42 -0.63 4.63
CA ASN C 557 63.43 -0.22 3.22
C ASN C 557 62.65 -1.18 2.35
N THR C 558 61.49 -1.61 2.82
CA THR C 558 60.63 -2.50 2.04
C THR C 558 59.65 -1.69 1.20
N ASP C 559 59.43 -2.15 -0.03
CA ASP C 559 58.46 -1.49 -0.90
C ASP C 559 57.02 -1.82 -0.54
N ASP C 560 56.79 -2.72 0.41
CA ASP C 560 55.46 -3.04 0.89
C ASP C 560 55.21 -2.31 2.21
N ILE C 561 54.04 -1.70 2.34
CA ILE C 561 53.76 -0.92 3.53
C ILE C 561 53.26 -1.80 4.67
N ASP C 562 52.45 -2.82 4.36
CA ASP C 562 52.02 -3.75 5.39
C ASP C 562 53.19 -4.47 6.04
N LEU C 563 54.21 -4.79 5.25
CA LEU C 563 55.41 -5.40 5.81
C LEU C 563 56.09 -4.47 6.80
N ALA C 564 56.18 -3.18 6.46
CA ALA C 564 56.78 -2.21 7.36
C ALA C 564 55.98 -2.07 8.63
N GLY C 565 54.65 -2.01 8.51
CA GLY C 565 53.81 -1.96 9.69
C GLY C 565 54.02 -3.14 10.60
N ASP C 566 54.04 -4.35 10.02
CA ASP C 566 54.24 -5.55 10.82
C ASP C 566 55.60 -5.53 11.51
N ILE C 567 56.66 -5.15 10.78
CA ILE C 567 58.00 -5.15 11.37
C ILE C 567 58.08 -4.16 12.51
N ILE C 568 57.56 -2.95 12.29
CA ILE C 568 57.65 -1.91 13.32
C ILE C 568 56.82 -2.28 14.54
N GLN C 569 55.65 -2.87 14.32
CA GLN C 569 54.81 -3.23 15.47
C GLN C 569 55.41 -4.39 16.25
N SER C 570 56.01 -5.35 15.57
CA SER C 570 56.70 -6.44 16.29
C SER C 570 57.90 -5.90 17.06
N MET C 571 58.65 -4.97 16.45
CA MET C 571 59.79 -4.37 17.16
C MET C 571 59.31 -3.60 18.39
N ALA C 572 58.18 -2.90 18.29
CA ALA C 572 57.64 -2.19 19.44
C ALA C 572 57.24 -3.18 20.54
N SER C 573 56.35 -4.13 20.21
CA SER C 573 55.89 -5.09 21.20
C SER C 573 57.02 -5.93 21.76
N PHE C 574 58.17 -5.99 21.08
CA PHE C 574 59.31 -6.72 21.58
C PHE C 574 60.14 -5.93 22.58
N PHE C 575 60.10 -4.60 22.52
CA PHE C 575 60.89 -3.75 23.40
C PHE C 575 60.02 -3.01 24.42
N ALA C 576 58.75 -3.40 24.55
CA ALA C 576 57.82 -2.80 25.50
C ALA C 576 57.77 -1.29 25.33
N ILE C 577 57.34 -0.86 24.15
CA ILE C 577 57.32 0.54 23.76
C ILE C 577 55.85 0.98 23.67
N GLU C 578 55.55 2.12 24.29
CA GLU C 578 54.19 2.65 24.30
C GLU C 578 53.98 3.76 23.27
N ASP C 579 55.05 4.39 22.78
CA ASP C 579 54.91 5.49 21.84
C ASP C 579 56.05 5.44 20.84
N LEU C 580 55.73 5.77 19.59
CA LEU C 580 56.73 5.80 18.53
C LEU C 580 56.21 6.66 17.39
N GLN C 581 57.12 7.38 16.76
CA GLN C 581 56.81 8.23 15.62
C GLN C 581 57.80 7.92 14.50
N VAL C 582 57.31 7.92 13.26
CA VAL C 582 58.12 7.49 12.13
C VAL C 582 58.26 8.62 11.13
N GLU C 583 59.30 8.53 10.32
CA GLU C 583 59.51 9.37 9.15
C GLU C 583 59.44 8.45 7.94
N ALA C 584 58.31 8.45 7.26
CA ALA C 584 57.97 7.43 6.28
C ALA C 584 57.80 8.04 4.89
N ASP C 585 58.03 7.22 3.87
CA ASP C 585 57.81 7.65 2.50
C ASP C 585 57.63 6.41 1.62
N PHE C 586 56.48 6.31 0.97
CA PHE C 586 56.16 5.23 0.03
C PHE C 586 55.64 5.85 -1.24
N PRO C 587 56.54 6.24 -2.16
CA PRO C 587 56.08 6.97 -3.36
C PRO C 587 55.16 6.16 -4.25
N VAL C 588 55.53 4.92 -4.57
CA VAL C 588 54.75 4.11 -5.49
C VAL C 588 53.33 3.93 -4.97
N TYR C 589 53.18 3.69 -3.67
CA TYR C 589 51.86 3.55 -3.09
C TYR C 589 51.11 4.88 -3.04
N PHE C 590 51.83 5.96 -2.75
CA PHE C 590 51.18 7.26 -2.59
C PHE C 590 50.62 7.77 -3.90
N GLU C 591 51.34 7.59 -5.01
CA GLU C 591 50.83 8.02 -6.30
C GLU C 591 49.53 7.29 -6.65
N GLU C 592 49.49 5.99 -6.41
CA GLU C 592 48.27 5.22 -6.69
C GLU C 592 47.14 5.67 -5.78
N LEU C 593 47.44 5.94 -4.51
CA LEU C 593 46.41 6.44 -3.61
C LEU C 593 45.85 7.77 -4.10
N ARG C 594 46.71 8.65 -4.60
CA ARG C 594 46.25 9.92 -5.17
C ARG C 594 45.38 9.68 -6.38
N LYS C 595 45.74 8.71 -7.22
CA LYS C 595 44.91 8.35 -8.36
C LYS C 595 43.52 7.93 -7.93
N VAL C 596 43.43 7.07 -6.91
CA VAL C 596 42.13 6.62 -6.43
C VAL C 596 41.33 7.77 -5.86
N LEU C 597 41.99 8.65 -5.09
CA LEU C 597 41.30 9.79 -4.51
C LEU C 597 40.77 10.72 -5.60
N VAL C 598 41.51 10.85 -6.69
CA VAL C 598 41.03 11.63 -7.83
C VAL C 598 39.80 10.98 -8.44
N LYS C 599 39.86 9.66 -8.63
CA LYS C 599 38.77 8.98 -9.34
C LYS C 599 37.47 8.93 -8.53
N VAL C 600 37.57 9.00 -7.19
CA VAL C 600 36.38 8.89 -6.35
C VAL C 600 35.34 9.94 -6.73
N ASP C 601 35.78 11.18 -6.98
CA ASP C 601 34.84 12.26 -7.25
C ASP C 601 34.07 12.02 -8.54
N GLU C 602 34.76 11.61 -9.59
CA GLU C 602 34.06 11.33 -10.84
C GLU C 602 33.15 10.13 -10.70
N TYR C 603 33.52 9.15 -9.87
CA TYR C 603 32.60 8.05 -9.59
C TYR C 603 31.32 8.57 -8.94
N HIS C 604 31.47 9.48 -7.97
CA HIS C 604 30.31 10.10 -7.34
C HIS C 604 29.41 10.76 -8.38
N SER C 605 30.00 11.57 -9.25
CA SER C 605 29.20 12.31 -10.23
C SER C 605 28.48 11.37 -11.20
N VAL C 606 29.19 10.36 -11.70
CA VAL C 606 28.56 9.42 -12.64
C VAL C 606 27.41 8.68 -11.97
N HIS C 607 27.60 8.27 -10.71
CA HIS C 607 26.50 7.58 -10.03
C HIS C 607 25.31 8.51 -9.84
N GLN C 608 25.57 9.79 -9.53
CA GLN C 608 24.48 10.74 -9.38
C GLN C 608 23.69 10.89 -10.67
N LYS C 609 24.40 11.06 -11.79
CA LYS C 609 23.71 11.22 -13.07
C LYS C 609 22.91 9.97 -13.44
N LEU C 610 23.50 8.78 -13.22
CA LEU C 610 22.79 7.55 -13.54
C LEU C 610 21.55 7.38 -12.67
N SER C 611 21.65 7.71 -11.38
CA SER C 611 20.48 7.59 -10.51
C SER C 611 19.38 8.57 -10.93
N ALA C 612 19.76 9.79 -11.34
CA ALA C 612 18.77 10.72 -11.87
C ALA C 612 18.05 10.14 -13.08
N ASP C 613 18.81 9.64 -14.05
CA ASP C 613 18.20 9.10 -15.26
C ASP C 613 17.30 7.91 -14.95
N MET C 614 17.72 7.04 -14.05
CA MET C 614 16.93 5.87 -13.73
C MET C 614 15.66 6.25 -12.96
N ALA C 615 15.72 7.29 -12.14
CA ALA C 615 14.50 7.79 -11.52
C ALA C 615 13.53 8.30 -12.56
N ASP C 616 14.02 9.06 -13.54
CA ASP C 616 13.17 9.52 -14.64
C ASP C 616 12.49 8.34 -15.32
N ASN C 617 13.27 7.34 -15.70
CA ASN C 617 12.69 6.21 -16.43
C ASN C 617 11.75 5.39 -15.57
N SER C 618 12.00 5.31 -14.26
CA SER C 618 11.07 4.60 -13.39
C SER C 618 9.74 5.34 -13.29
N ASN C 619 9.79 6.66 -13.20
CA ASN C 619 8.53 7.43 -13.22
C ASN C 619 7.78 7.21 -14.53
N LEU C 620 8.50 7.24 -15.65
CA LEU C 620 7.90 6.91 -16.93
C LEU C 620 7.23 5.54 -16.91
N ILE C 621 7.90 4.56 -16.31
CA ILE C 621 7.37 3.19 -16.31
C ILE C 621 6.12 3.09 -15.46
N ARG C 622 6.08 3.79 -14.32
CA ARG C 622 4.87 3.78 -13.51
C ARG C 622 3.71 4.45 -14.24
N SER C 623 4.00 5.57 -14.92
CA SER C 623 2.97 6.21 -15.73
C SER C 623 2.45 5.27 -16.80
N LEU C 624 3.35 4.53 -17.45
CA LEU C 624 2.93 3.61 -18.50
C LEU C 624 2.13 2.43 -17.93
N LEU C 625 2.47 1.98 -16.73
CA LEU C 625 1.67 0.94 -16.09
C LEU C 625 0.24 1.42 -15.87
N VAL C 626 0.09 2.65 -15.37
CA VAL C 626 -1.25 3.20 -15.16
C VAL C 626 -1.99 3.32 -16.49
N GLN C 627 -1.31 3.86 -17.51
CA GLN C 627 -1.94 4.06 -18.80
C GLN C 627 -2.35 2.74 -19.44
N ALA C 628 -1.53 1.70 -19.28
CA ALA C 628 -1.87 0.40 -19.82
C ALA C 628 -3.06 -0.21 -19.10
N GLU C 629 -3.12 -0.08 -17.77
CA GLU C 629 -4.29 -0.53 -17.05
C GLU C 629 -5.54 0.19 -17.52
N ASP C 630 -5.42 1.49 -17.81
CA ASP C 630 -6.56 2.24 -18.31
C ASP C 630 -7.01 1.72 -19.67
N ALA C 631 -6.06 1.59 -20.60
CA ALA C 631 -6.40 1.11 -21.94
C ALA C 631 -6.99 -0.29 -21.90
N ARG C 632 -6.57 -1.11 -20.93
CA ARG C 632 -7.09 -2.46 -20.81
C ARG C 632 -8.47 -2.48 -20.15
N LEU C 633 -8.78 -1.49 -19.31
CA LEU C 633 -10.11 -1.42 -18.70
C LEU C 633 -11.18 -1.03 -19.70
N MET C 634 -10.82 -0.38 -20.80
CA MET C 634 -11.77 -0.05 -21.86
C MET C 634 -11.59 -0.94 -23.08
N ARG C 635 -10.93 -2.09 -22.91
CA ARG C 635 -10.60 -3.04 -23.98
C ARG C 635 -10.24 -2.34 -25.27
N ASP C 636 -9.29 -1.42 -25.17
CA ASP C 636 -8.67 -0.77 -26.33
C ASP C 636 -7.30 -1.42 -26.50
N MET C 637 -7.20 -2.40 -27.40
CA MET C 637 -6.04 -3.27 -27.41
C MET C 637 -4.88 -2.72 -28.22
N LYS C 638 -5.12 -1.85 -29.19
CA LYS C 638 -4.00 -1.23 -29.91
C LYS C 638 -3.18 -0.36 -28.96
N THR C 639 -3.85 0.51 -28.22
CA THR C 639 -3.13 1.40 -27.30
C THR C 639 -2.53 0.63 -26.14
N MET C 640 -3.23 -0.40 -25.66
CA MET C 640 -2.67 -1.24 -24.59
C MET C 640 -1.39 -1.93 -25.06
N LYS C 641 -1.42 -2.49 -26.28
CA LYS C 641 -0.24 -3.15 -26.80
C LYS C 641 0.89 -2.16 -27.03
N ASN C 642 0.55 -0.92 -27.38
CA ASN C 642 1.60 0.10 -27.58
C ASN C 642 2.22 0.46 -26.23
N ARG C 643 1.40 0.57 -25.19
CA ARG C 643 1.94 0.86 -23.84
C ARG C 643 2.87 -0.28 -23.44
N TYR C 644 2.45 -1.53 -23.67
CA TYR C 644 3.28 -2.71 -23.31
C TYR C 644 4.58 -2.74 -24.11
N LYS C 645 4.55 -2.33 -25.38
CA LYS C 645 5.79 -2.24 -26.17
C LYS C 645 6.71 -1.19 -25.54
N GLU C 646 6.18 -0.01 -25.24
CA GLU C 646 6.99 1.05 -24.64
C GLU C 646 7.56 0.60 -23.30
N LEU C 647 6.78 -0.15 -22.52
CA LEU C 647 7.27 -0.68 -21.26
C LEU C 647 8.42 -1.65 -21.47
N TYR C 648 8.28 -2.55 -22.44
CA TYR C 648 9.37 -3.47 -22.79
C TYR C 648 10.65 -2.72 -23.13
N ASP C 649 10.53 -1.69 -23.98
CA ASP C 649 11.71 -0.93 -24.39
C ASP C 649 12.34 -0.20 -23.21
N LEU C 650 11.50 0.41 -22.37
CA LEU C 650 12.02 1.12 -21.19
C LEU C 650 12.70 0.16 -20.23
N ASN C 651 12.16 -1.05 -20.08
CA ASN C 651 12.81 -2.03 -19.21
C ASN C 651 14.16 -2.43 -19.76
N LYS C 652 14.28 -2.60 -21.08
CA LYS C 652 15.57 -2.91 -21.66
C LYS C 652 16.58 -1.80 -21.37
N ASP C 653 16.18 -0.55 -21.62
CA ASP C 653 17.08 0.57 -21.37
C ASP C 653 17.46 0.67 -19.90
N LEU C 654 16.48 0.48 -19.01
CA LEU C 654 16.76 0.57 -17.59
C LEU C 654 17.64 -0.57 -17.11
N LEU C 655 17.55 -1.74 -17.74
CA LEU C 655 18.44 -2.82 -17.36
C LEU C 655 19.87 -2.53 -17.78
N ASN C 656 20.06 -1.95 -18.98
CA ASN C 656 21.38 -1.49 -19.35
C ASN C 656 21.91 -0.46 -18.35
N GLY C 657 21.05 0.48 -17.94
CA GLY C 657 21.45 1.47 -16.96
C GLY C 657 21.80 0.86 -15.63
N TYR C 658 21.05 -0.16 -15.22
CA TYR C 658 21.36 -0.86 -13.98
C TYR C 658 22.71 -1.53 -14.06
N LYS C 659 22.99 -2.23 -15.15
CA LYS C 659 24.30 -2.88 -15.31
C LYS C 659 25.42 -1.87 -15.15
N ILE C 660 25.33 -0.75 -15.89
CA ILE C 660 26.45 0.21 -15.84
C ILE C 660 26.53 0.87 -14.47
N ARG C 661 25.38 1.16 -13.84
CA ARG C 661 25.40 1.78 -12.53
C ARG C 661 26.01 0.86 -11.48
N CYS C 662 25.64 -0.41 -11.47
CA CYS C 662 26.21 -1.34 -10.49
C CYS C 662 27.70 -1.54 -10.75
N ASN C 663 28.12 -1.56 -12.01
CA ASN C 663 29.56 -1.68 -12.28
C ASN C 663 30.32 -0.50 -11.68
N ASN C 664 29.88 0.72 -12.00
CA ASN C 664 30.52 1.90 -11.43
C ASN C 664 30.44 1.90 -9.91
N HIS C 665 29.35 1.35 -9.36
CA HIS C 665 29.17 1.37 -7.91
C HIS C 665 30.15 0.42 -7.21
N THR C 666 30.35 -0.77 -7.78
CA THR C 666 31.36 -1.67 -7.23
C THR C 666 32.75 -1.07 -7.33
N GLU C 667 33.03 -0.38 -8.44
CA GLU C 667 34.31 0.31 -8.54
C GLU C 667 34.44 1.40 -7.46
N LEU C 668 33.34 2.08 -7.18
CA LEU C 668 33.34 3.11 -6.13
C LEU C 668 33.61 2.50 -4.76
N LEU C 669 33.00 1.34 -4.47
CA LEU C 669 33.29 0.65 -3.22
C LEU C 669 34.76 0.24 -3.13
N GLY C 670 35.32 -0.26 -4.24
CA GLY C 670 36.74 -0.55 -4.24
C GLY C 670 37.58 0.67 -3.92
N SER C 671 37.22 1.82 -4.49
CA SER C 671 37.98 3.04 -4.25
C SER C 671 37.88 3.49 -2.79
N LEU C 672 36.66 3.44 -2.23
CA LEU C 672 36.48 3.83 -0.83
C LEU C 672 37.27 2.91 0.09
N LYS C 673 37.23 1.60 -0.17
CA LYS C 673 38.00 0.68 0.66
C LYS C 673 39.49 0.95 0.51
N ALA C 674 39.94 1.30 -0.69
CA ALA C 674 41.35 1.63 -0.88
C ALA C 674 41.74 2.84 -0.04
N VAL C 675 40.90 3.87 -0.04
CA VAL C 675 41.20 5.08 0.74
C VAL C 675 41.25 4.75 2.23
N ASN C 676 40.23 4.07 2.73
CA ASN C 676 40.17 3.75 4.16
C ASN C 676 41.33 2.86 4.58
N GLN C 677 41.63 1.83 3.77
CA GLN C 677 42.75 0.96 4.07
C GLN C 677 44.08 1.70 4.00
N ALA C 678 44.17 2.73 3.15
CA ALA C 678 45.39 3.51 3.11
C ALA C 678 45.56 4.34 4.38
N ILE C 679 44.49 4.99 4.84
CA ILE C 679 44.55 5.69 6.12
C ILE C 679 44.95 4.72 7.23
N GLN C 680 44.39 3.51 7.21
CA GLN C 680 44.71 2.55 8.26
C GLN C 680 46.14 2.07 8.15
N ARG C 681 46.65 1.92 6.93
CA ARG C 681 48.03 1.50 6.75
C ARG C 681 48.99 2.58 7.23
N ALA C 682 48.61 3.84 7.05
CA ALA C 682 49.41 4.94 7.58
C ALA C 682 49.41 4.93 9.10
N GLY C 683 48.22 4.81 9.71
CA GLY C 683 48.15 4.79 11.16
C GLY C 683 48.85 3.60 11.78
N HIS C 684 48.68 2.43 11.18
CA HIS C 684 49.24 1.19 11.69
C HIS C 684 50.77 1.19 11.70
N LEU C 685 51.39 2.13 11.00
CA LEU C 685 52.84 2.18 10.95
C LEU C 685 53.45 2.80 12.21
N ARG C 686 52.62 3.44 13.04
CA ARG C 686 53.08 4.14 14.24
C ARG C 686 52.41 3.55 15.47
N VAL C 687 53.18 3.40 16.53
CA VAL C 687 52.74 2.73 17.76
C VAL C 687 52.29 3.78 18.76
N GLY C 688 51.16 3.52 19.41
CA GLY C 688 50.70 4.36 20.48
C GLY C 688 49.90 5.56 20.01
N LYS C 689 49.93 6.60 20.83
CA LYS C 689 49.16 7.83 20.67
C LYS C 689 49.27 8.47 19.29
N PRO C 690 50.39 8.34 18.58
CA PRO C 690 50.40 8.83 17.18
C PRO C 690 49.41 8.13 16.26
N LYS C 691 48.93 6.93 16.61
CA LYS C 691 48.07 6.18 15.69
C LYS C 691 46.77 6.91 15.43
N ASN C 692 45.97 7.13 16.48
CA ASN C 692 44.70 7.82 16.29
C ASN C 692 44.91 9.27 15.88
N GLN C 693 46.04 9.87 16.29
CA GLN C 693 46.35 11.21 15.81
C GLN C 693 46.44 11.24 14.29
N VAL C 694 47.24 10.34 13.71
CA VAL C 694 47.35 10.28 12.26
C VAL C 694 46.02 9.91 11.62
N ILE C 695 45.25 9.03 12.26
CA ILE C 695 43.98 8.58 11.68
C ILE C 695 43.02 9.76 11.57
N THR C 696 42.79 10.47 12.69
CA THR C 696 41.89 11.62 12.64
C THR C 696 42.43 12.73 11.76
N ALA C 697 43.75 12.91 11.73
CA ALA C 697 44.33 13.94 10.87
C ALA C 697 44.05 13.64 9.41
N CYS C 698 44.25 12.39 8.98
CA CYS C 698 43.93 12.02 7.61
C CYS C 698 42.44 12.11 7.33
N ARG C 699 41.59 11.77 8.29
CA ARG C 699 40.16 11.88 8.06
C ARG C 699 39.76 13.34 7.85
N ASP C 700 40.32 14.24 8.65
CA ASP C 700 40.02 15.66 8.48
C ASP C 700 40.62 16.21 7.20
N ALA C 701 41.77 15.68 6.78
CA ALA C 701 42.41 16.11 5.55
C ALA C 701 41.72 15.57 4.30
N ILE C 702 40.90 14.53 4.44
CA ILE C 702 40.09 14.06 3.33
C ILE C 702 38.67 14.60 3.35
N ARG C 703 38.10 14.90 4.52
CA ARG C 703 36.80 15.56 4.55
C ARG C 703 36.88 16.96 3.98
N SER C 704 38.03 17.61 4.07
CA SER C 704 38.26 18.92 3.48
C SER C 704 38.91 18.83 2.11
N ASN C 705 39.12 17.62 1.59
CA ASN C 705 39.74 17.40 0.28
C ASN C 705 41.10 18.09 0.19
N ASN C 706 41.82 18.09 1.30
CA ASN C 706 43.18 18.64 1.35
C ASN C 706 44.19 17.51 1.18
N ILE C 707 44.20 16.96 -0.05
CA ILE C 707 44.98 15.76 -0.35
C ILE C 707 46.44 15.95 0.01
N ASN C 708 46.99 17.12 -0.31
CA ASN C 708 48.41 17.36 -0.02
C ASN C 708 48.68 17.29 1.48
N MET C 709 47.78 17.83 2.29
CA MET C 709 47.94 17.71 3.73
C MET C 709 47.79 16.27 4.19
N LEU C 710 46.91 15.51 3.53
CA LEU C 710 46.79 14.09 3.82
C LEU C 710 48.13 13.38 3.65
N PHE C 711 48.77 13.59 2.50
CA PHE C 711 50.05 12.92 2.27
C PHE C 711 51.14 13.48 3.17
N ARG C 712 51.05 14.77 3.52
CA ARG C 712 52.03 15.33 4.45
C ARG C 712 51.93 14.68 5.82
N ILE C 713 50.71 14.48 6.32
CA ILE C 713 50.55 13.85 7.63
C ILE C 713 50.79 12.35 7.57
N MET C 714 50.62 11.73 6.40
CA MET C 714 50.96 10.32 6.28
C MET C 714 52.46 10.09 6.13
N ARG C 715 53.20 11.12 5.68
CA ARG C 715 54.63 10.95 5.48
C ARG C 715 55.41 11.09 6.79
N VAL C 716 55.27 12.23 7.46
CA VAL C 716 56.03 12.52 8.67
C VAL C 716 55.12 12.66 9.89
N GLY C 717 53.97 13.31 9.73
CA GLY C 717 53.07 13.54 10.85
C GLY C 717 52.48 12.26 11.43
N LYS D 34 -25.08 -37.55 0.85
CA LYS D 34 -25.95 -37.39 2.01
C LYS D 34 -25.13 -37.24 3.29
N GLN D 35 -23.90 -36.75 3.15
CA GLN D 35 -23.02 -36.43 4.27
C GLN D 35 -23.12 -34.97 4.70
N ASN D 36 -24.27 -34.35 4.48
CA ASN D 36 -24.41 -32.90 4.44
C ASN D 36 -23.99 -32.17 5.71
N TRP D 37 -23.64 -32.90 6.78
CA TRP D 37 -23.30 -32.25 8.04
C TRP D 37 -22.14 -31.27 7.88
N LEU D 38 -21.25 -31.50 6.91
CA LEU D 38 -20.15 -30.58 6.69
C LEU D 38 -20.65 -29.26 6.10
N ILE D 39 -21.49 -29.34 5.07
CA ILE D 39 -22.10 -28.13 4.52
C ILE D 39 -22.90 -27.42 5.59
N HIS D 40 -23.61 -28.18 6.43
CA HIS D 40 -24.41 -27.59 7.48
C HIS D 40 -23.54 -26.82 8.47
N LEU D 41 -22.42 -27.41 8.90
CA LEU D 41 -21.59 -26.75 9.90
C LEU D 41 -20.76 -25.62 9.30
N TYR D 42 -20.46 -25.67 8.00
CA TYR D 42 -19.82 -24.53 7.36
C TYR D 42 -20.80 -23.39 7.17
N TYR D 43 -22.09 -23.71 7.00
CA TYR D 43 -23.12 -22.68 6.94
C TYR D 43 -23.34 -22.03 8.30
N ILE D 44 -23.68 -22.84 9.30
CA ILE D 44 -24.05 -22.34 10.61
C ILE D 44 -22.90 -21.64 11.33
N GLN D 45 -21.69 -21.71 10.79
CA GLN D 45 -20.52 -21.09 11.39
C GLN D 45 -20.19 -19.74 10.78
N LYS D 46 -21.05 -19.21 9.91
CA LYS D 46 -20.81 -17.95 9.20
C LYS D 46 -19.49 -18.01 8.42
N ASP D 47 -19.26 -19.16 7.79
CA ASP D 47 -18.05 -19.33 6.99
C ASP D 47 -18.29 -18.88 5.55
N TYR D 48 -19.25 -19.51 4.86
CA TYR D 48 -19.81 -19.04 3.59
C TYR D 48 -18.78 -18.96 2.47
N GLU D 49 -17.58 -19.44 2.68
CA GLU D 49 -16.60 -19.51 1.59
C GLU D 49 -16.05 -20.92 1.41
N ALA D 50 -15.85 -21.65 2.50
CA ALA D 50 -15.60 -23.08 2.41
C ALA D 50 -16.90 -23.85 2.15
N CYS D 51 -18.02 -23.32 2.63
CA CYS D 51 -19.31 -23.99 2.43
C CYS D 51 -19.66 -24.07 0.96
N LYS D 52 -19.40 -23.01 0.20
CA LYS D 52 -19.66 -23.05 -1.23
C LYS D 52 -18.76 -24.03 -1.96
N ALA D 53 -17.50 -24.15 -1.51
CA ALA D 53 -16.61 -25.15 -2.09
C ALA D 53 -17.12 -26.56 -1.82
N VAL D 54 -17.60 -26.81 -0.61
CA VAL D 54 -18.14 -28.14 -0.32
C VAL D 54 -19.44 -28.36 -1.07
N ILE D 55 -20.21 -27.30 -1.31
CA ILE D 55 -21.39 -27.42 -2.17
C ILE D 55 -20.99 -27.85 -3.56
N LYS D 56 -19.93 -27.25 -4.11
CA LYS D 56 -19.45 -27.65 -5.43
C LYS D 56 -18.99 -29.11 -5.44
N GLU D 57 -18.26 -29.51 -4.40
CA GLU D 57 -17.80 -30.89 -4.34
C GLU D 57 -18.96 -31.88 -4.22
N GLN D 58 -20.01 -31.51 -3.48
CA GLN D 58 -21.11 -32.43 -3.25
C GLN D 58 -22.12 -32.41 -4.38
N LEU D 59 -22.09 -31.39 -5.22
CA LEU D 59 -22.80 -31.43 -6.50
C LEU D 59 -21.96 -32.10 -7.58
N GLN D 60 -20.65 -32.24 -7.36
CA GLN D 60 -19.81 -33.06 -8.22
C GLN D 60 -19.79 -34.52 -7.80
N GLU D 61 -20.29 -34.85 -6.61
CA GLU D 61 -20.39 -36.24 -6.19
C GLU D 61 -21.77 -36.84 -6.45
N THR D 62 -22.84 -36.05 -6.34
CA THR D 62 -24.19 -36.56 -6.47
C THR D 62 -24.94 -36.00 -7.68
N HIS D 63 -24.40 -34.95 -8.33
CA HIS D 63 -25.03 -34.30 -9.48
C HIS D 63 -26.37 -33.67 -9.10
N GLY D 64 -26.50 -33.26 -7.84
CA GLY D 64 -27.77 -32.74 -7.35
C GLY D 64 -28.49 -33.76 -6.52
N LEU D 65 -29.82 -33.77 -6.56
CA LEU D 65 -30.66 -34.74 -5.86
C LEU D 65 -30.32 -34.84 -4.37
N CYS D 66 -29.68 -33.81 -3.82
CA CYS D 66 -29.32 -33.82 -2.41
C CYS D 66 -30.40 -33.23 -1.52
N GLU D 67 -31.13 -32.23 -2.01
CA GLU D 67 -32.23 -31.56 -1.33
C GLU D 67 -31.79 -30.82 -0.08
N TYR D 68 -30.51 -30.84 0.27
CA TYR D 68 -30.00 -30.13 1.43
C TYR D 68 -28.73 -29.35 1.14
N ALA D 69 -28.11 -29.54 -0.03
CA ALA D 69 -27.03 -28.68 -0.48
C ALA D 69 -27.57 -27.44 -1.19
N ILE D 70 -28.58 -27.61 -2.04
CA ILE D 70 -29.19 -26.47 -2.70
C ILE D 70 -29.97 -25.63 -1.68
N TYR D 71 -30.65 -26.30 -0.74
CA TYR D 71 -31.31 -25.60 0.36
C TYR D 71 -30.33 -24.69 1.11
N VAL D 72 -29.17 -25.22 1.48
CA VAL D 72 -28.24 -24.44 2.27
C VAL D 72 -27.51 -23.39 1.43
N GLN D 73 -27.26 -23.67 0.15
CA GLN D 73 -26.74 -22.63 -0.73
C GLN D 73 -27.71 -21.47 -0.85
N ALA D 74 -29.01 -21.77 -0.92
CA ALA D 74 -30.02 -20.74 -0.97
C ALA D 74 -30.04 -19.94 0.32
N LEU D 75 -29.97 -20.63 1.46
CA LEU D 75 -29.94 -19.91 2.73
C LEU D 75 -28.68 -19.08 2.89
N ILE D 76 -27.55 -19.52 2.30
CA ILE D 76 -26.35 -18.69 2.26
C ILE D 76 -26.64 -17.41 1.51
N PHE D 77 -27.21 -17.54 0.31
CA PHE D 77 -27.47 -16.37 -0.51
C PHE D 77 -28.50 -15.46 0.13
N ARG D 78 -29.40 -16.01 0.95
CA ARG D 78 -30.40 -15.19 1.62
C ARG D 78 -29.77 -14.43 2.79
N LEU D 79 -29.08 -15.15 3.69
CA LEU D 79 -28.44 -14.46 4.81
C LEU D 79 -27.31 -13.55 4.37
N GLU D 80 -26.83 -13.65 3.14
CA GLU D 80 -25.93 -12.64 2.61
C GLU D 80 -26.67 -11.47 1.98
N GLY D 81 -27.97 -11.63 1.72
CA GLY D 81 -28.77 -10.59 1.14
C GLY D 81 -29.05 -10.72 -0.34
N ASN D 82 -28.65 -11.84 -0.96
CA ASN D 82 -28.91 -12.07 -2.39
C ASN D 82 -30.08 -13.02 -2.50
N ILE D 83 -31.25 -12.46 -2.80
CA ILE D 83 -32.49 -13.23 -2.84
C ILE D 83 -32.92 -13.60 -4.25
N GLN D 84 -32.45 -12.88 -5.27
CA GLN D 84 -32.70 -13.25 -6.65
C GLN D 84 -32.07 -14.58 -7.02
N GLU D 85 -31.19 -15.12 -6.19
CA GLU D 85 -30.60 -16.44 -6.41
C GLU D 85 -31.06 -17.48 -5.40
N SER D 86 -31.28 -17.09 -4.14
CA SER D 86 -31.98 -17.96 -3.21
C SER D 86 -33.34 -18.36 -3.76
N LEU D 87 -33.99 -17.47 -4.53
CA LEU D 87 -35.24 -17.80 -5.17
C LEU D 87 -35.09 -19.00 -6.09
N ARG D 88 -34.17 -18.92 -7.05
CA ARG D 88 -34.00 -20.02 -8.00
C ARG D 88 -33.57 -21.29 -7.30
N LEU D 89 -32.72 -21.18 -6.27
CA LEU D 89 -32.25 -22.39 -5.59
C LEU D 89 -33.39 -23.07 -4.84
N PHE D 90 -34.16 -22.31 -4.06
CA PHE D 90 -35.31 -22.91 -3.38
C PHE D 90 -36.34 -23.40 -4.38
N GLN D 91 -36.41 -22.80 -5.57
CA GLN D 91 -37.33 -23.30 -6.58
C GLN D 91 -36.86 -24.65 -7.11
N MET D 92 -35.55 -24.82 -7.26
CA MET D 92 -35.00 -26.13 -7.56
C MET D 92 -35.32 -27.13 -6.45
N CYS D 93 -35.22 -26.70 -5.20
CA CYS D 93 -35.56 -27.58 -4.08
C CYS D 93 -37.01 -28.03 -4.17
N ALA D 94 -37.93 -27.10 -4.48
CA ALA D 94 -39.32 -27.46 -4.70
C ALA D 94 -39.48 -28.38 -5.90
N PHE D 95 -38.62 -28.23 -6.91
CA PHE D 95 -38.60 -29.15 -8.04
C PHE D 95 -38.18 -30.55 -7.61
N LEU D 96 -37.34 -30.66 -6.59
CA LEU D 96 -36.82 -31.95 -6.17
C LEU D 96 -37.79 -32.68 -5.24
N SER D 97 -38.47 -31.94 -4.37
CA SER D 97 -39.44 -32.51 -3.43
C SER D 97 -40.79 -31.82 -3.63
N PRO D 98 -41.48 -32.10 -4.73
CA PRO D 98 -42.69 -31.34 -5.07
C PRO D 98 -43.86 -31.51 -4.10
N GLN D 99 -43.77 -32.42 -3.13
CA GLN D 99 -44.76 -32.50 -2.06
C GLN D 99 -44.03 -32.26 -0.73
N CYS D 100 -43.85 -30.99 -0.40
CA CYS D 100 -43.19 -30.59 0.83
C CYS D 100 -43.50 -29.11 1.06
N ALA D 101 -44.05 -28.79 2.22
CA ALA D 101 -44.49 -27.43 2.48
C ALA D 101 -43.31 -26.47 2.61
N ASP D 102 -42.14 -26.98 2.98
CA ASP D 102 -41.03 -26.09 3.31
C ASP D 102 -40.44 -25.46 2.07
N ASN D 103 -40.35 -26.20 0.97
CA ASN D 103 -39.77 -25.64 -0.24
C ASN D 103 -40.66 -24.55 -0.83
N LEU D 104 -41.97 -24.79 -0.89
CA LEU D 104 -42.88 -23.75 -1.34
C LEU D 104 -42.88 -22.57 -0.37
N LYS D 105 -42.78 -22.85 0.93
CA LYS D 105 -42.61 -21.79 1.92
C LYS D 105 -41.44 -20.90 1.56
N GLN D 106 -40.29 -21.51 1.27
CA GLN D 106 -39.08 -20.74 1.01
C GLN D 106 -39.17 -19.98 -0.30
N VAL D 107 -39.80 -20.56 -1.32
CA VAL D 107 -39.94 -19.84 -2.58
C VAL D 107 -40.85 -18.63 -2.42
N ALA D 108 -41.96 -18.78 -1.69
CA ALA D 108 -42.85 -17.65 -1.50
C ALA D 108 -42.27 -16.63 -0.54
N ARG D 109 -41.41 -17.06 0.39
CA ARG D 109 -40.69 -16.10 1.23
C ARG D 109 -39.72 -15.28 0.39
N SER D 110 -38.96 -15.93 -0.48
CA SER D 110 -38.07 -15.23 -1.39
C SER D 110 -38.82 -14.38 -2.39
N LEU D 111 -40.09 -14.70 -2.65
CA LEU D 111 -40.93 -13.80 -3.44
C LEU D 111 -41.36 -12.59 -2.63
N PHE D 112 -41.69 -12.80 -1.35
CA PHE D 112 -42.12 -11.68 -0.51
C PHE D 112 -40.96 -10.79 -0.13
N LEU D 113 -39.76 -11.35 0.03
CA LEU D 113 -38.61 -10.52 0.36
C LEU D 113 -38.15 -9.67 -0.82
N LEU D 114 -38.71 -9.89 -1.99
CA LEU D 114 -38.64 -8.96 -3.10
C LEU D 114 -39.85 -8.03 -3.01
N GLY D 115 -40.12 -7.28 -4.06
CA GLY D 115 -41.33 -6.47 -4.03
C GLY D 115 -42.59 -7.20 -4.41
N LYS D 116 -42.48 -8.42 -4.92
CA LYS D 116 -43.61 -9.10 -5.54
C LYS D 116 -44.48 -9.76 -4.46
N HIS D 117 -45.68 -9.25 -4.29
CA HIS D 117 -46.61 -9.76 -3.28
C HIS D 117 -47.74 -10.58 -3.86
N LYS D 118 -48.23 -10.24 -5.05
CA LYS D 118 -49.29 -11.03 -5.68
C LYS D 118 -48.81 -12.45 -5.95
N ALA D 119 -47.64 -12.59 -6.58
CA ALA D 119 -47.07 -13.91 -6.80
C ALA D 119 -46.78 -14.61 -5.48
N ALA D 120 -46.28 -13.87 -4.49
CA ALA D 120 -46.07 -14.45 -3.18
C ALA D 120 -47.37 -15.00 -2.61
N ILE D 121 -48.47 -14.29 -2.80
CA ILE D 121 -49.76 -14.76 -2.29
C ILE D 121 -50.21 -15.99 -3.05
N GLU D 122 -50.06 -16.01 -4.36
CA GLU D 122 -50.52 -17.15 -5.14
C GLU D 122 -49.61 -18.36 -5.01
N VAL D 123 -48.41 -18.19 -4.45
CA VAL D 123 -47.60 -19.35 -4.08
C VAL D 123 -47.89 -19.81 -2.66
N TYR D 124 -48.16 -18.87 -1.76
CA TYR D 124 -48.68 -19.23 -0.44
C TYR D 124 -50.01 -19.96 -0.53
N ASN D 125 -50.81 -19.64 -1.56
CA ASN D 125 -52.08 -20.34 -1.76
C ASN D 125 -51.86 -21.83 -1.97
N GLU D 126 -51.00 -22.19 -2.92
CA GLU D 126 -50.72 -23.61 -3.15
C GLU D 126 -49.99 -24.23 -1.96
N ALA D 127 -49.13 -23.45 -1.29
CA ALA D 127 -48.46 -23.97 -0.10
C ALA D 127 -49.47 -24.29 1.00
N ALA D 128 -50.57 -23.55 1.06
CA ALA D 128 -51.63 -23.84 2.00
C ALA D 128 -52.47 -25.02 1.54
N LYS D 129 -52.75 -25.10 0.23
CA LYS D 129 -53.40 -26.28 -0.33
C LYS D 129 -52.68 -27.55 0.10
N LEU D 130 -51.35 -27.55 0.03
CA LEU D 130 -50.59 -28.74 0.39
C LEU D 130 -50.62 -29.00 1.88
N ASN D 131 -50.84 -27.98 2.70
CA ASN D 131 -50.87 -28.14 4.15
C ASN D 131 -51.50 -26.91 4.78
N GLN D 132 -52.54 -27.11 5.60
CA GLN D 132 -53.21 -26.02 6.29
C GLN D 132 -52.96 -26.06 7.80
N LYS D 133 -51.89 -26.69 8.24
CA LYS D 133 -51.59 -26.84 9.65
C LYS D 133 -50.41 -25.99 10.13
N ASP D 134 -49.67 -25.37 9.22
CA ASP D 134 -48.54 -24.52 9.59
C ASP D 134 -49.00 -23.09 9.72
N TRP D 135 -48.58 -22.43 10.81
CA TRP D 135 -48.99 -21.05 11.07
C TRP D 135 -48.24 -20.05 10.22
N GLU D 136 -47.02 -20.36 9.80
CA GLU D 136 -46.20 -19.40 9.07
C GLU D 136 -46.86 -19.01 7.76
N ILE D 137 -47.52 -19.98 7.09
CA ILE D 137 -48.25 -19.66 5.87
C ILE D 137 -49.34 -18.64 6.16
N CYS D 138 -50.06 -18.82 7.27
CA CYS D 138 -51.13 -17.88 7.63
C CYS D 138 -50.57 -16.48 7.89
N HIS D 139 -49.52 -16.41 8.71
CA HIS D 139 -48.95 -15.10 9.06
C HIS D 139 -48.44 -14.38 7.82
N ASN D 140 -47.66 -15.08 7.00
CA ASN D 140 -47.08 -14.43 5.83
C ASN D 140 -48.14 -14.06 4.80
N LEU D 141 -49.16 -14.90 4.64
CA LEU D 141 -50.30 -14.51 3.83
C LEU D 141 -50.92 -13.22 4.36
N GLY D 142 -51.07 -13.12 5.69
CA GLY D 142 -51.61 -11.91 6.26
C GLY D 142 -50.80 -10.67 5.89
N VAL D 143 -49.48 -10.77 6.04
CA VAL D 143 -48.60 -9.64 5.73
C VAL D 143 -48.74 -9.26 4.25
N CYS D 144 -48.63 -10.26 3.35
CA CYS D 144 -48.71 -9.97 1.93
C CYS D 144 -50.05 -9.34 1.56
N TYR D 145 -51.14 -9.80 2.18
CA TYR D 145 -52.44 -9.18 1.93
C TYR D 145 -52.45 -7.74 2.43
N ILE D 146 -51.83 -7.48 3.59
CA ILE D 146 -51.77 -6.11 4.10
C ILE D 146 -51.07 -5.20 3.11
N TYR D 147 -50.02 -5.70 2.45
CA TYR D 147 -49.32 -4.86 1.47
C TYR D 147 -50.23 -4.44 0.32
N LEU D 148 -51.10 -5.32 -0.14
CA LEU D 148 -51.99 -5.02 -1.25
C LEU D 148 -53.28 -4.34 -0.83
N LYS D 149 -53.34 -3.81 0.40
CA LYS D 149 -54.51 -3.13 0.93
C LYS D 149 -55.74 -4.03 1.02
N GLN D 150 -55.53 -5.35 1.12
CA GLN D 150 -56.63 -6.30 1.28
C GLN D 150 -56.75 -6.63 2.77
N PHE D 151 -57.32 -5.69 3.52
CA PHE D 151 -57.34 -5.81 4.98
C PHE D 151 -58.35 -6.84 5.47
N ASP D 152 -59.38 -7.15 4.68
CA ASP D 152 -60.36 -8.15 5.10
C ASP D 152 -59.76 -9.55 5.11
N LYS D 153 -59.23 -9.99 3.97
CA LYS D 153 -58.61 -11.31 3.90
C LYS D 153 -57.35 -11.37 4.76
N ALA D 154 -56.63 -10.26 4.89
CA ALA D 154 -55.48 -10.23 5.79
C ALA D 154 -55.93 -10.45 7.23
N GLN D 155 -57.02 -9.80 7.63
CA GLN D 155 -57.55 -10.00 8.97
C GLN D 155 -57.95 -11.45 9.19
N ASP D 156 -58.58 -12.07 8.18
CA ASP D 156 -58.98 -13.47 8.32
C ASP D 156 -57.77 -14.39 8.43
N GLN D 157 -56.75 -14.16 7.59
CA GLN D 157 -55.56 -15.01 7.63
C GLN D 157 -54.83 -14.87 8.95
N LEU D 158 -54.76 -13.65 9.49
CA LEU D 158 -54.10 -13.49 10.79
C LEU D 158 -54.98 -14.00 11.93
N HIS D 159 -56.31 -13.99 11.75
CA HIS D 159 -57.19 -14.68 12.68
C HIS D 159 -56.82 -16.14 12.78
N ASN D 160 -56.70 -16.81 11.62
CA ASN D 160 -56.32 -18.22 11.63
C ASN D 160 -54.91 -18.40 12.18
N ALA D 161 -54.02 -17.44 11.91
CA ALA D 161 -52.66 -17.51 12.44
C ALA D 161 -52.68 -17.47 13.96
N LEU D 162 -53.53 -16.62 14.54
CA LEU D 162 -53.76 -16.63 15.97
C LEU D 162 -54.25 -18.00 16.41
N HIS D 163 -55.38 -18.44 15.86
CA HIS D 163 -56.04 -19.66 16.30
C HIS D 163 -55.21 -20.92 16.08
N LEU D 164 -54.09 -20.83 15.37
CA LEU D 164 -53.26 -22.02 15.19
C LEU D 164 -52.14 -22.06 16.23
N ASN D 165 -51.26 -21.06 16.23
CA ASN D 165 -50.19 -20.97 17.21
C ASN D 165 -49.79 -19.48 17.29
N ARG D 166 -50.26 -18.79 18.31
CA ARG D 166 -50.18 -17.34 18.35
C ARG D 166 -48.75 -16.88 18.63
N HIS D 167 -48.30 -15.88 17.89
CA HIS D 167 -47.01 -15.23 18.09
C HIS D 167 -47.20 -13.73 18.09
N ASP D 168 -46.22 -13.01 18.66
CA ASP D 168 -46.37 -11.58 18.85
C ASP D 168 -46.49 -10.83 17.53
N LEU D 169 -45.71 -11.24 16.52
CA LEU D 169 -45.79 -10.59 15.21
C LEU D 169 -47.20 -10.60 14.65
N THR D 170 -47.96 -11.66 14.92
CA THR D 170 -49.36 -11.67 14.50
C THR D 170 -50.13 -10.52 15.13
N TYR D 171 -49.91 -10.29 16.44
CA TYR D 171 -50.58 -9.19 17.12
C TYR D 171 -50.14 -7.85 16.54
N ILE D 172 -48.85 -7.69 16.26
CA ILE D 172 -48.35 -6.41 15.74
C ILE D 172 -48.95 -6.12 14.37
N MET D 173 -49.00 -7.13 13.50
CA MET D 173 -49.54 -6.91 12.16
C MET D 173 -51.05 -6.68 12.22
N LEU D 174 -51.76 -7.39 13.10
CA LEU D 174 -53.17 -7.11 13.31
C LEU D 174 -53.38 -5.67 13.75
N GLY D 175 -52.59 -5.19 14.70
CA GLY D 175 -52.69 -3.81 15.12
C GLY D 175 -52.43 -2.84 13.98
N LYS D 176 -51.47 -3.17 13.11
CA LYS D 176 -51.22 -2.34 11.95
C LYS D 176 -52.46 -2.26 11.06
N ILE D 177 -53.08 -3.41 10.79
CA ILE D 177 -54.35 -3.43 10.05
C ILE D 177 -55.35 -2.48 10.69
N PHE D 178 -55.59 -2.67 12.00
CA PHE D 178 -56.60 -1.87 12.67
C PHE D 178 -56.31 -0.38 12.56
N LEU D 179 -55.05 0.00 12.80
CA LEU D 179 -54.71 1.42 12.83
C LEU D 179 -54.81 2.05 11.44
N LEU D 180 -54.32 1.36 10.42
CA LEU D 180 -54.41 1.91 9.06
C LEU D 180 -55.83 1.84 8.51
N LYS D 181 -56.67 0.97 9.06
CA LYS D 181 -58.00 0.72 8.51
C LYS D 181 -59.07 1.56 9.19
N GLY D 182 -59.21 1.43 10.50
CA GLY D 182 -60.28 2.10 11.21
C GLY D 182 -59.85 2.86 12.44
N ASP D 183 -60.51 2.59 13.56
CA ASP D 183 -60.30 3.34 14.80
C ASP D 183 -59.48 2.51 15.79
N LEU D 184 -58.98 3.19 16.82
CA LEU D 184 -58.11 2.59 17.82
C LEU D 184 -58.88 1.77 18.86
N ASP D 185 -60.21 1.81 18.84
CA ASP D 185 -61.04 1.10 19.79
C ASP D 185 -61.12 -0.39 19.52
N LYS D 186 -60.32 -0.87 18.57
CA LYS D 186 -59.97 -2.28 18.47
C LYS D 186 -58.48 -2.52 18.60
N ALA D 187 -57.66 -1.54 18.22
CA ALA D 187 -56.21 -1.68 18.32
C ALA D 187 -55.76 -1.75 19.77
N ILE D 188 -56.33 -0.92 20.64
CA ILE D 188 -55.92 -0.98 22.04
C ILE D 188 -56.33 -2.30 22.66
N GLU D 189 -57.47 -2.86 22.25
CA GLU D 189 -57.89 -4.15 22.80
C GLU D 189 -57.01 -5.28 22.30
N ILE D 190 -56.65 -5.28 21.02
CA ILE D 190 -55.82 -6.36 20.51
C ILE D 190 -54.41 -6.25 21.08
N TYR D 191 -53.90 -5.03 21.25
CA TYR D 191 -52.59 -4.87 21.87
C TYR D 191 -52.62 -5.21 23.36
N LYS D 192 -53.75 -4.99 24.02
CA LYS D 192 -53.89 -5.43 25.40
C LYS D 192 -53.85 -6.95 25.49
N LYS D 193 -54.66 -7.62 24.65
CA LYS D 193 -54.58 -9.08 24.53
C LYS D 193 -53.15 -9.53 24.28
N ALA D 194 -52.42 -8.81 23.42
CA ALA D 194 -51.04 -9.16 23.12
C ALA D 194 -50.17 -9.07 24.36
N VAL D 195 -50.05 -7.87 24.93
CA VAL D 195 -49.15 -7.65 26.06
C VAL D 195 -49.52 -8.52 27.25
N GLU D 196 -50.78 -8.97 27.33
CA GLU D 196 -51.21 -9.85 28.41
C GLU D 196 -50.23 -10.98 28.66
N PHE D 197 -49.89 -11.73 27.60
CA PHE D 197 -48.83 -12.71 27.69
C PHE D 197 -47.62 -12.22 26.90
N SER D 198 -46.45 -12.76 27.24
CA SER D 198 -45.18 -12.23 26.78
C SER D 198 -45.08 -10.72 27.07
N PRO D 199 -45.29 -10.30 28.33
CA PRO D 199 -45.29 -8.87 28.61
C PRO D 199 -43.92 -8.23 28.63
N GLU D 200 -42.85 -9.00 28.80
CA GLU D 200 -41.51 -8.42 28.76
C GLU D 200 -41.10 -7.96 27.36
N ASN D 201 -41.99 -8.03 26.37
CA ASN D 201 -41.65 -7.58 25.03
C ASN D 201 -41.79 -6.06 24.97
N THR D 202 -40.75 -5.39 24.48
CA THR D 202 -40.72 -3.93 24.52
C THR D 202 -41.57 -3.32 23.42
N GLU D 203 -41.54 -3.91 22.22
CA GLU D 203 -42.25 -3.33 21.09
C GLU D 203 -43.75 -3.24 21.37
N LEU D 204 -44.34 -4.32 21.87
CA LEU D 204 -45.76 -4.32 22.17
C LEU D 204 -46.10 -3.29 23.24
N LEU D 205 -45.28 -3.23 24.30
CA LEU D 205 -45.54 -2.30 25.39
C LEU D 205 -45.47 -0.86 24.91
N THR D 206 -44.42 -0.51 24.16
CA THR D 206 -44.28 0.86 23.69
C THR D 206 -45.38 1.23 22.70
N THR D 207 -45.76 0.29 21.84
CA THR D 207 -46.85 0.58 20.90
C THR D 207 -48.16 0.80 21.64
N LEU D 208 -48.43 0.00 22.68
CA LEU D 208 -49.65 0.20 23.44
C LEU D 208 -49.61 1.52 24.20
N GLY D 209 -48.45 1.89 24.74
CA GLY D 209 -48.32 3.17 25.40
C GLY D 209 -48.61 4.33 24.45
N LEU D 210 -48.03 4.27 23.25
CA LEU D 210 -48.27 5.32 22.27
C LEU D 210 -49.72 5.34 21.81
N LEU D 211 -50.37 4.17 21.76
CA LEU D 211 -51.78 4.14 21.38
C LEU D 211 -52.65 4.76 22.45
N TYR D 212 -52.37 4.48 23.72
CA TYR D 212 -53.05 5.18 24.81
C TYR D 212 -52.83 6.68 24.71
N LEU D 213 -51.59 7.09 24.44
CA LEU D 213 -51.28 8.52 24.36
C LEU D 213 -52.08 9.18 23.26
N GLN D 214 -52.09 8.59 22.06
CA GLN D 214 -52.92 9.13 20.99
C GLN D 214 -54.40 9.04 21.34
N LEU D 215 -54.77 8.06 22.17
CA LEU D 215 -56.11 7.98 22.72
C LEU D 215 -56.25 9.02 23.84
N GLY D 216 -57.43 9.06 24.46
CA GLY D 216 -57.65 10.03 25.53
C GLY D 216 -56.81 9.76 26.76
N ILE D 217 -56.74 8.50 27.18
CA ILE D 217 -56.10 8.16 28.43
C ILE D 217 -54.64 8.63 28.44
N TYR D 218 -54.17 9.02 29.62
CA TYR D 218 -52.77 9.38 29.80
C TYR D 218 -52.08 8.54 30.84
N GLN D 219 -52.72 8.27 31.98
CA GLN D 219 -52.06 7.54 33.05
C GLN D 219 -51.66 6.14 32.61
N LYS D 220 -52.49 5.48 31.81
CA LYS D 220 -52.15 4.15 31.33
C LYS D 220 -50.97 4.20 30.37
N ALA D 221 -50.90 5.25 29.55
CA ALA D 221 -49.76 5.43 28.66
C ALA D 221 -48.46 5.51 29.44
N PHE D 222 -48.45 6.32 30.51
CA PHE D 222 -47.28 6.41 31.36
C PHE D 222 -46.98 5.08 32.04
N GLU D 223 -48.03 4.37 32.47
CA GLU D 223 -47.85 3.05 33.06
C GLU D 223 -47.09 2.11 32.12
N HIS D 224 -47.56 1.99 30.89
CA HIS D 224 -46.96 1.03 29.96
C HIS D 224 -45.58 1.49 29.50
N LEU D 225 -45.41 2.79 29.26
CA LEU D 225 -44.10 3.27 28.85
C LEU D 225 -43.08 3.13 29.98
N GLY D 226 -43.49 3.36 31.22
CA GLY D 226 -42.59 3.11 32.33
C GLY D 226 -42.27 1.65 32.50
N ASN D 227 -43.24 0.77 32.23
CA ASN D 227 -42.94 -0.66 32.19
C ASN D 227 -41.85 -0.96 31.16
N THR D 228 -41.99 -0.39 29.96
CA THR D 228 -40.94 -0.53 28.95
C THR D 228 -39.60 -0.06 29.48
N LEU D 229 -39.58 1.11 30.13
CA LEU D 229 -38.33 1.64 30.66
C LEU D 229 -37.74 0.71 31.72
N THR D 230 -38.58 0.00 32.46
CA THR D 230 -38.08 -0.99 33.41
C THR D 230 -37.43 -2.15 32.68
N TYR D 231 -38.12 -2.70 31.67
CA TYR D 231 -37.54 -3.79 30.90
C TYR D 231 -36.36 -3.32 30.07
N ASP D 232 -36.54 -2.27 29.28
CA ASP D 232 -35.44 -1.70 28.51
C ASP D 232 -35.11 -0.32 29.07
N PRO D 233 -33.92 -0.12 29.67
CA PRO D 233 -33.67 1.14 30.38
C PRO D 233 -33.48 2.34 29.49
N THR D 234 -32.89 2.19 28.30
CA THR D 234 -32.48 3.34 27.50
C THR D 234 -32.90 3.18 26.04
N ASN D 235 -34.16 2.84 25.80
CA ASN D 235 -34.65 2.73 24.44
C ASN D 235 -35.23 4.07 23.98
N TYR D 236 -35.00 4.38 22.71
CA TYR D 236 -35.29 5.71 22.18
C TYR D 236 -36.78 6.01 22.15
N LYS D 237 -37.58 5.06 21.67
CA LYS D 237 -38.99 5.29 21.41
C LYS D 237 -39.74 5.63 22.70
N ALA D 238 -39.61 4.77 23.71
CA ALA D 238 -40.32 4.98 24.96
C ALA D 238 -39.82 6.23 25.69
N ILE D 239 -38.52 6.48 25.65
CA ILE D 239 -37.98 7.68 26.30
C ILE D 239 -38.52 8.94 25.64
N LEU D 240 -38.57 8.97 24.31
CA LEU D 240 -39.10 10.14 23.62
C LEU D 240 -40.56 10.36 23.97
N ALA D 241 -41.37 9.31 23.92
CA ALA D 241 -42.79 9.45 24.22
C ALA D 241 -43.01 9.89 25.67
N ALA D 242 -42.26 9.30 26.60
CA ALA D 242 -42.41 9.64 28.02
C ALA D 242 -41.99 11.09 28.27
N GLY D 243 -40.91 11.53 27.64
CA GLY D 243 -40.52 12.92 27.75
C GLY D 243 -41.58 13.86 27.22
N SER D 244 -42.22 13.49 26.11
CA SER D 244 -43.32 14.31 25.59
C SER D 244 -44.44 14.42 26.62
N MET D 245 -44.84 13.29 27.21
CA MET D 245 -45.87 13.33 28.24
C MET D 245 -45.46 14.25 29.38
N MET D 246 -44.29 14.03 29.96
CA MET D 246 -43.85 14.83 31.09
C MET D 246 -43.81 16.31 30.74
N GLN D 247 -43.36 16.65 29.54
CA GLN D 247 -43.34 18.05 29.12
C GLN D 247 -44.74 18.64 29.12
N THR D 248 -45.70 17.92 28.51
CA THR D 248 -47.06 18.45 28.45
C THR D 248 -47.62 18.76 29.83
N HIS D 249 -47.22 18.00 30.85
CA HIS D 249 -47.62 18.26 32.22
C HIS D 249 -46.49 18.95 32.99
N GLY D 250 -46.13 20.15 32.55
CA GLY D 250 -45.04 20.87 33.18
C GLY D 250 -43.78 20.03 33.16
N ASP D 251 -43.23 19.79 34.36
CA ASP D 251 -42.17 18.80 34.59
C ASP D 251 -41.09 18.83 33.53
N PHE D 252 -40.50 20.02 33.33
CA PHE D 252 -39.50 20.17 32.27
C PHE D 252 -38.16 19.56 32.67
N ASP D 253 -37.84 19.56 33.96
CA ASP D 253 -36.52 19.11 34.39
C ASP D 253 -36.41 17.59 34.32
N VAL D 254 -37.43 16.87 34.77
CA VAL D 254 -37.41 15.41 34.70
C VAL D 254 -37.38 14.95 33.25
N ALA D 255 -38.14 15.62 32.38
CA ALA D 255 -38.10 15.29 30.95
C ALA D 255 -36.73 15.57 30.36
N LEU D 256 -36.09 16.66 30.81
CA LEU D 256 -34.76 16.98 30.31
C LEU D 256 -33.74 15.93 30.75
N THR D 257 -33.83 15.45 31.98
CA THR D 257 -32.95 14.38 32.42
C THR D 257 -33.18 13.10 31.62
N LYS D 258 -34.45 12.73 31.43
CA LYS D 258 -34.74 11.53 30.63
C LYS D 258 -34.21 11.66 29.22
N TYR D 259 -34.26 12.86 28.64
CA TYR D 259 -33.63 13.07 27.35
C TYR D 259 -32.12 12.92 27.44
N LYS D 260 -31.52 13.42 28.52
CA LYS D 260 -30.08 13.27 28.72
C LYS D 260 -29.70 11.79 28.79
N VAL D 261 -30.63 10.93 29.22
CA VAL D 261 -30.37 9.50 29.27
C VAL D 261 -29.93 8.99 27.89
N VAL D 262 -30.65 9.40 26.84
CA VAL D 262 -30.43 8.89 25.50
C VAL D 262 -29.78 9.93 24.59
N ALA D 263 -29.48 11.12 25.11
CA ALA D 263 -29.01 12.20 24.26
C ALA D 263 -27.65 11.93 23.65
N CYS D 264 -27.05 10.78 23.97
CA CYS D 264 -25.80 10.38 23.35
C CYS D 264 -25.94 9.12 22.51
N ALA D 265 -26.93 8.28 22.80
CA ALA D 265 -27.23 7.17 21.91
C ALA D 265 -27.72 7.66 20.56
N VAL D 266 -28.46 8.76 20.55
CA VAL D 266 -28.90 9.43 19.33
C VAL D 266 -28.51 10.90 19.45
N ILE D 267 -27.31 11.22 18.96
CA ILE D 267 -26.81 12.58 19.13
C ILE D 267 -27.42 13.53 18.11
N GLU D 268 -27.81 13.01 16.93
CA GLU D 268 -28.37 13.83 15.86
C GLU D 268 -29.74 13.26 15.49
N SER D 269 -30.77 13.68 16.21
CA SER D 269 -32.13 13.30 15.86
C SER D 269 -33.04 14.51 16.04
N PRO D 270 -33.70 14.95 14.98
CA PRO D 270 -34.54 16.16 15.05
C PRO D 270 -35.58 16.09 16.16
N PRO D 271 -36.26 14.95 16.38
CA PRO D 271 -37.28 14.95 17.44
C PRO D 271 -36.72 15.18 18.82
N LEU D 272 -35.59 14.56 19.15
CA LEU D 272 -35.00 14.75 20.46
C LEU D 272 -34.62 16.22 20.70
N TRP D 273 -34.03 16.87 19.70
CA TRP D 273 -33.62 18.25 19.89
C TRP D 273 -34.82 19.19 19.89
N ASN D 274 -35.88 18.86 19.16
CA ASN D 274 -37.09 19.67 19.25
C ASN D 274 -37.71 19.57 20.63
N ASN D 275 -37.78 18.36 21.18
CA ASN D 275 -38.31 18.21 22.53
C ASN D 275 -37.42 18.87 23.58
N ILE D 276 -36.10 18.85 23.37
CA ILE D 276 -35.20 19.51 24.32
C ILE D 276 -35.34 21.03 24.22
N GLY D 277 -35.52 21.54 23.00
CA GLY D 277 -35.75 22.97 22.85
C GLY D 277 -37.04 23.40 23.49
N MET D 278 -38.09 22.57 23.41
CA MET D 278 -39.33 22.90 24.10
C MET D 278 -39.20 22.73 25.61
N CYS D 279 -38.34 21.81 26.06
CA CYS D 279 -38.04 21.72 27.48
C CYS D 279 -37.44 23.02 27.99
N PHE D 280 -36.44 23.54 27.28
CA PHE D 280 -35.81 24.79 27.69
C PHE D 280 -36.77 25.96 27.57
N PHE D 281 -37.54 26.01 26.49
CA PHE D 281 -38.53 27.08 26.32
C PHE D 281 -39.56 27.05 27.44
N GLY D 282 -39.86 25.88 27.98
CA GLY D 282 -40.71 25.82 29.16
C GLY D 282 -40.12 26.58 30.33
N LYS D 283 -38.85 26.32 30.63
CA LYS D 283 -38.17 27.00 31.72
C LYS D 283 -37.45 28.26 31.25
N LYS D 284 -38.16 29.07 30.45
CA LYS D 284 -37.79 30.45 30.10
C LYS D 284 -36.34 30.60 29.64
N LYS D 285 -35.72 29.54 29.12
CA LYS D 285 -34.38 29.65 28.56
C LYS D 285 -34.45 29.71 27.04
N TYR D 286 -34.85 30.88 26.55
CA TYR D 286 -35.22 31.03 25.15
C TYR D 286 -34.01 30.86 24.22
N VAL D 287 -32.85 31.35 24.64
CA VAL D 287 -31.67 31.29 23.76
C VAL D 287 -31.25 29.84 23.54
N ALA D 288 -31.10 29.08 24.62
CA ALA D 288 -30.80 27.65 24.48
C ALA D 288 -31.93 26.91 23.78
N ALA D 289 -33.18 27.37 24.00
CA ALA D 289 -34.31 26.75 23.32
C ALA D 289 -34.16 26.85 21.81
N ILE D 290 -33.87 28.05 21.30
CA ILE D 290 -33.75 28.15 19.85
C ILE D 290 -32.42 27.61 19.35
N SER D 291 -31.41 27.49 20.20
CA SER D 291 -30.21 26.79 19.76
C SER D 291 -30.51 25.32 19.51
N CYS D 292 -31.23 24.69 20.44
CA CYS D 292 -31.63 23.30 20.23
C CYS D 292 -32.57 23.16 19.04
N LEU D 293 -33.52 24.10 18.90
CA LEU D 293 -34.47 24.03 17.80
C LEU D 293 -33.81 24.28 16.46
N LYS D 294 -32.79 25.15 16.39
CA LYS D 294 -32.08 25.35 15.14
C LYS D 294 -31.19 24.16 14.81
N ARG D 295 -30.59 23.52 15.81
CA ARG D 295 -29.86 22.30 15.53
C ARG D 295 -30.79 21.22 15.01
N ALA D 296 -32.00 21.13 15.55
CA ALA D 296 -32.96 20.16 15.03
C ALA D 296 -33.42 20.51 13.62
N ASN D 297 -33.64 21.81 13.35
CA ASN D 297 -34.15 22.23 12.05
C ASN D 297 -33.08 22.12 10.97
N TYR D 298 -31.81 22.20 11.33
CA TYR D 298 -30.77 21.93 10.35
C TYR D 298 -30.74 20.46 9.94
N LEU D 299 -31.29 19.58 10.78
CA LEU D 299 -31.32 18.15 10.50
C LEU D 299 -32.65 17.69 9.94
N ALA D 300 -33.60 18.59 9.75
CA ALA D 300 -34.90 18.23 9.22
C ALA D 300 -35.59 19.46 8.66
N PRO D 301 -35.10 20.03 7.56
CA PRO D 301 -35.64 21.31 7.09
C PRO D 301 -37.08 21.24 6.63
N LEU D 302 -37.67 20.06 6.54
CA LEU D 302 -39.00 19.88 5.98
C LEU D 302 -40.04 19.49 7.04
N ASP D 303 -39.68 19.55 8.32
CA ASP D 303 -40.60 19.23 9.39
C ASP D 303 -41.27 20.49 9.88
N TRP D 304 -42.58 20.44 10.10
CA TRP D 304 -43.34 21.62 10.45
C TRP D 304 -43.41 21.88 11.95
N LYS D 305 -43.15 20.87 12.78
CA LYS D 305 -43.20 21.09 14.22
C LYS D 305 -42.03 21.95 14.69
N ILE D 306 -40.83 21.64 14.21
CA ILE D 306 -39.66 22.44 14.58
C ILE D 306 -39.80 23.86 14.07
N LEU D 307 -40.42 24.05 12.90
CA LEU D 307 -40.59 25.39 12.35
C LEU D 307 -41.64 26.17 13.13
N TYR D 308 -42.75 25.51 13.47
CA TYR D 308 -43.75 26.12 14.35
C TYR D 308 -43.12 26.55 15.65
N ASN D 309 -42.21 25.73 16.19
CA ASN D 309 -41.58 26.06 17.46
C ASN D 309 -40.61 27.23 17.33
N LEU D 310 -39.80 27.25 16.27
CA LEU D 310 -38.93 28.39 16.03
C LEU D 310 -39.73 29.67 15.91
N GLY D 311 -40.83 29.63 15.15
CA GLY D 311 -41.66 30.81 14.99
C GLY D 311 -42.28 31.25 16.29
N LEU D 312 -42.79 30.31 17.08
CA LEU D 312 -43.40 30.65 18.35
C LEU D 312 -42.39 31.29 19.30
N VAL D 313 -41.20 30.70 19.40
CA VAL D 313 -40.21 31.24 20.33
C VAL D 313 -39.73 32.61 19.86
N HIS D 314 -39.64 32.84 18.55
CA HIS D 314 -39.26 34.17 18.10
C HIS D 314 -40.39 35.17 18.27
N LEU D 315 -41.64 34.71 18.31
CA LEU D 315 -42.72 35.57 18.75
C LEU D 315 -42.58 35.91 20.24
N THR D 316 -42.08 34.97 21.04
CA THR D 316 -41.93 35.24 22.46
C THR D 316 -40.74 36.14 22.74
N MET D 317 -39.63 35.98 22.00
CA MET D 317 -38.51 36.89 22.10
C MET D 317 -38.73 38.16 21.31
N GLN D 318 -39.87 38.30 20.64
CA GLN D 318 -40.25 39.52 19.92
C GLN D 318 -39.25 39.82 18.81
N GLN D 319 -39.01 38.83 17.95
CA GLN D 319 -38.16 39.03 16.79
C GLN D 319 -38.95 39.56 15.60
N TYR D 320 -40.05 38.87 15.26
CA TYR D 320 -41.06 39.34 14.32
C TYR D 320 -40.55 39.42 12.88
N ALA D 321 -39.26 39.20 12.67
CA ALA D 321 -38.71 39.06 11.34
C ALA D 321 -38.22 37.65 11.05
N SER D 322 -38.02 36.86 12.09
CA SER D 322 -37.75 35.43 12.01
C SER D 322 -38.96 34.60 12.36
N ALA D 323 -39.74 35.04 13.36
CA ALA D 323 -40.99 34.37 13.68
C ALA D 323 -41.86 34.22 12.45
N PHE D 324 -42.03 35.31 11.70
CA PHE D 324 -42.82 35.25 10.47
C PHE D 324 -42.22 34.27 9.48
N HIS D 325 -40.89 34.26 9.38
CA HIS D 325 -40.21 33.36 8.44
C HIS D 325 -40.55 31.90 8.74
N PHE D 326 -40.28 31.45 9.96
CA PHE D 326 -40.49 30.05 10.29
C PHE D 326 -41.96 29.69 10.32
N LEU D 327 -42.84 30.62 10.72
CA LEU D 327 -44.27 30.35 10.70
C LEU D 327 -44.78 30.21 9.28
N SER D 328 -44.29 31.03 8.34
CA SER D 328 -44.72 30.90 6.96
C SER D 328 -44.17 29.63 6.32
N ALA D 329 -42.95 29.24 6.70
CA ALA D 329 -42.42 27.96 6.23
C ALA D 329 -43.28 26.80 6.70
N ALA D 330 -43.59 26.77 8.00
CA ALA D 330 -44.43 25.70 8.53
C ALA D 330 -45.85 25.74 7.99
N ILE D 331 -46.34 26.94 7.64
CA ILE D 331 -47.61 27.05 6.97
C ILE D 331 -47.55 26.38 5.61
N ASN D 332 -46.49 26.64 4.86
CA ASN D 332 -46.32 25.97 3.58
C ASN D 332 -46.28 24.45 3.74
N PHE D 333 -45.58 23.97 4.77
CA PHE D 333 -45.48 22.53 4.98
C PHE D 333 -46.72 21.94 5.64
N GLN D 334 -47.57 22.78 6.26
CA GLN D 334 -48.81 22.33 6.91
C GLN D 334 -49.87 23.40 6.71
N PRO D 335 -50.46 23.45 5.52
CA PRO D 335 -51.37 24.56 5.21
C PRO D 335 -52.72 24.46 5.89
N LYS D 336 -53.14 23.29 6.35
CA LYS D 336 -54.44 23.12 6.99
C LYS D 336 -54.31 23.17 8.51
N MET D 337 -53.88 24.32 9.02
CA MET D 337 -53.78 24.52 10.45
C MET D 337 -54.12 25.96 10.79
N GLY D 338 -54.87 26.16 11.88
CA GLY D 338 -55.34 27.47 12.25
C GLY D 338 -54.39 28.21 13.17
N GLU D 339 -53.71 27.49 14.05
CA GLU D 339 -52.77 28.12 14.96
C GLU D 339 -51.61 28.75 14.21
N LEU D 340 -51.18 28.11 13.11
CA LEU D 340 -50.09 28.65 12.33
C LEU D 340 -50.47 29.98 11.68
N TYR D 341 -51.69 30.07 11.17
CA TYR D 341 -52.14 31.33 10.59
C TYR D 341 -52.36 32.38 11.67
N MET D 342 -52.87 31.97 12.83
CA MET D 342 -52.98 32.91 13.94
C MET D 342 -51.63 33.51 14.31
N LEU D 343 -50.59 32.67 14.38
CA LEU D 343 -49.28 33.19 14.76
C LEU D 343 -48.63 33.98 13.63
N LEU D 344 -48.86 33.59 12.38
CA LEU D 344 -48.38 34.42 11.27
C LEU D 344 -49.03 35.80 11.33
N ALA D 345 -50.29 35.85 11.75
CA ALA D 345 -50.96 37.14 11.87
C ALA D 345 -50.45 37.93 13.06
N VAL D 346 -50.13 37.25 14.16
CA VAL D 346 -49.53 37.94 15.31
C VAL D 346 -48.17 38.51 14.94
N ALA D 347 -47.44 37.82 14.06
CA ALA D 347 -46.16 38.35 13.59
C ALA D 347 -46.34 39.49 12.62
N LEU D 348 -47.37 39.43 11.76
CA LEU D 348 -47.60 40.49 10.78
C LEU D 348 -48.13 41.75 11.43
N THR D 349 -48.93 41.62 12.50
CA THR D 349 -49.46 42.79 13.18
C THR D 349 -48.35 43.68 13.72
N ASN D 350 -47.26 43.07 14.17
CA ASN D 350 -46.11 43.80 14.68
C ASN D 350 -45.07 44.10 13.60
N LEU D 351 -45.46 43.99 12.33
CA LEU D 351 -44.56 44.28 11.21
C LEU D 351 -45.08 45.43 10.35
N GLU D 352 -45.96 46.27 10.89
CA GLU D 352 -46.54 47.41 10.17
C GLU D 352 -47.30 46.96 8.93
N ASP D 353 -47.87 45.75 8.95
CA ASP D 353 -48.54 45.17 7.80
C ASP D 353 -49.80 44.48 8.32
N SER D 354 -50.92 45.21 8.32
CA SER D 354 -52.12 44.77 9.02
C SER D 354 -53.20 44.20 8.12
N GLU D 355 -53.17 44.48 6.81
CA GLU D 355 -54.15 43.87 5.92
C GLU D 355 -53.85 42.40 5.69
N ASN D 356 -52.57 42.04 5.57
CA ASN D 356 -52.20 40.64 5.54
C ASN D 356 -52.53 39.98 6.87
N ALA D 357 -52.42 40.73 7.98
CA ALA D 357 -52.88 40.22 9.26
C ALA D 357 -54.37 39.92 9.22
N LYS D 358 -55.15 40.82 8.64
CA LYS D 358 -56.58 40.59 8.48
C LYS D 358 -56.85 39.28 7.72
N ARG D 359 -56.29 39.16 6.53
CA ARG D 359 -56.60 37.98 5.71
C ARG D 359 -56.05 36.69 6.32
N ALA D 360 -54.90 36.76 6.99
CA ALA D 360 -54.39 35.60 7.70
C ALA D 360 -55.34 35.20 8.83
N TYR D 361 -55.85 36.20 9.55
CA TYR D 361 -56.80 35.88 10.65
C TYR D 361 -58.07 35.28 10.03
N GLU D 362 -58.44 35.75 8.83
CA GLU D 362 -59.65 35.23 8.15
C GLU D 362 -59.44 33.75 7.81
N GLU D 363 -58.25 33.40 7.33
CA GLU D 363 -57.95 31.96 7.04
C GLU D 363 -57.98 31.22 8.37
N ALA D 364 -57.40 31.80 9.40
CA ALA D 364 -57.27 31.11 10.69
C ALA D 364 -58.63 30.82 11.29
N VAL D 365 -59.56 31.77 11.22
CA VAL D 365 -60.87 31.53 11.83
C VAL D 365 -61.69 30.58 10.98
N ARG D 366 -61.47 30.57 9.66
CA ARG D 366 -62.17 29.58 8.85
C ARG D 366 -61.63 28.17 9.07
N LEU D 367 -60.34 28.05 9.40
CA LEU D 367 -59.73 26.74 9.57
C LEU D 367 -59.87 26.21 11.00
N ASP D 368 -59.83 27.08 12.00
CA ASP D 368 -59.78 26.65 13.38
C ASP D 368 -61.18 26.42 13.94
N LYS D 369 -61.32 25.36 14.74
CA LYS D 369 -62.59 24.98 15.34
C LYS D 369 -62.57 25.03 16.87
N CYS D 370 -61.57 24.42 17.51
CA CYS D 370 -61.57 24.19 18.94
C CYS D 370 -60.39 24.87 19.63
N ASN D 371 -60.15 26.15 19.31
CA ASN D 371 -59.09 26.92 19.96
C ASN D 371 -59.48 28.39 19.91
N PRO D 372 -60.01 28.93 21.00
CA PRO D 372 -60.52 30.31 20.96
C PRO D 372 -59.44 31.39 20.98
N LEU D 373 -58.17 31.02 21.16
CA LEU D 373 -57.12 32.03 21.20
C LEU D 373 -57.00 32.77 19.88
N VAL D 374 -57.30 32.10 18.77
CA VAL D 374 -57.30 32.76 17.47
C VAL D 374 -58.35 33.87 17.45
N ASN D 375 -59.56 33.56 17.93
CA ASN D 375 -60.62 34.56 17.97
C ASN D 375 -60.25 35.69 18.91
N LEU D 376 -59.62 35.39 20.04
CA LEU D 376 -59.24 36.44 20.98
C LEU D 376 -58.20 37.36 20.35
N ASN D 377 -57.20 36.81 19.68
CA ASN D 377 -56.17 37.63 19.07
C ASN D 377 -56.74 38.47 17.93
N TYR D 378 -57.67 37.90 17.15
CA TYR D 378 -58.30 38.67 16.09
C TYR D 378 -59.14 39.80 16.67
N ALA D 379 -59.83 39.54 17.77
CA ALA D 379 -60.61 40.59 18.43
C ALA D 379 -59.70 41.69 18.95
N VAL D 380 -58.54 41.32 19.50
CA VAL D 380 -57.61 42.35 19.98
C VAL D 380 -57.07 43.17 18.83
N LEU D 381 -56.76 42.52 17.70
CA LEU D 381 -56.33 43.25 16.52
C LEU D 381 -57.40 44.24 16.07
N LEU D 382 -58.65 43.78 15.99
CA LEU D 382 -59.73 44.66 15.54
C LEU D 382 -59.92 45.82 16.50
N TYR D 383 -59.93 45.55 17.80
CA TYR D 383 -60.07 46.61 18.79
C TYR D 383 -58.97 47.65 18.64
N ASN D 384 -57.71 47.22 18.64
CA ASN D 384 -56.61 48.15 18.50
C ASN D 384 -56.62 48.85 17.14
N GLN D 385 -57.34 48.30 16.16
CA GLN D 385 -57.58 49.00 14.91
C GLN D 385 -58.75 49.97 15.02
N GLY D 386 -59.27 50.18 16.22
CA GLY D 386 -60.41 51.04 16.43
C GLY D 386 -61.73 50.50 15.94
N GLU D 387 -61.75 49.35 15.27
CA GLU D 387 -62.96 48.84 14.64
C GLU D 387 -64.08 48.65 15.65
N LYS D 388 -63.91 47.70 16.56
CA LYS D 388 -64.76 47.47 17.73
C LYS D 388 -66.17 47.00 17.38
N ARG D 389 -66.53 46.89 16.11
CA ARG D 389 -67.86 46.41 15.76
C ARG D 389 -67.85 44.90 15.50
N ASP D 390 -66.95 44.43 14.64
CA ASP D 390 -66.74 43.01 14.47
C ASP D 390 -65.82 42.41 15.52
N ALA D 391 -65.14 43.25 16.31
CA ALA D 391 -64.45 42.75 17.49
C ALA D 391 -65.40 41.99 18.39
N LEU D 392 -66.66 42.44 18.48
CA LEU D 392 -67.66 41.68 19.23
C LEU D 392 -68.03 40.40 18.50
N ALA D 393 -67.97 40.40 17.16
CA ALA D 393 -68.20 39.15 16.44
C ALA D 393 -67.12 38.13 16.75
N GLN D 394 -65.86 38.58 16.82
CA GLN D 394 -64.76 37.69 17.18
C GLN D 394 -64.89 37.23 18.63
N TYR D 395 -65.28 38.13 19.53
CA TYR D 395 -65.49 37.73 20.92
C TYR D 395 -66.60 36.69 21.02
N GLN D 396 -67.65 36.83 20.20
CA GLN D 396 -68.75 35.86 20.23
C GLN D 396 -68.30 34.52 19.68
N GLU D 397 -67.53 34.53 18.58
CA GLU D 397 -66.95 33.29 18.08
C GLU D 397 -66.08 32.61 19.13
N MET D 398 -65.32 33.40 19.89
CA MET D 398 -64.50 32.83 20.95
C MET D 398 -65.36 32.20 22.04
N GLU D 399 -66.32 32.96 22.58
CA GLU D 399 -67.13 32.43 23.67
C GLU D 399 -67.96 31.23 23.22
N LYS D 400 -68.21 31.10 21.91
CA LYS D 400 -68.85 29.88 21.42
C LYS D 400 -67.91 28.68 21.47
N LYS D 401 -66.62 28.89 21.73
CA LYS D 401 -65.65 27.81 21.82
C LYS D 401 -65.27 27.46 23.25
N VAL D 402 -65.96 28.03 24.23
CA VAL D 402 -65.71 27.70 25.63
C VAL D 402 -67.02 27.31 26.31
N SER D 408 -60.96 25.71 29.19
CA SER D 408 -59.85 26.20 28.39
C SER D 408 -59.39 27.57 28.88
N SER D 409 -58.36 27.59 29.73
CA SER D 409 -57.92 28.82 30.39
C SER D 409 -56.42 28.76 30.64
N SER D 410 -55.65 29.45 29.81
CA SER D 410 -54.29 29.79 30.17
C SER D 410 -54.29 30.94 31.17
N LEU D 411 -53.22 31.07 31.94
CA LEU D 411 -53.18 32.08 32.99
C LEU D 411 -53.28 33.49 32.42
N GLU D 412 -52.83 33.68 31.17
CA GLU D 412 -52.89 35.01 30.57
C GLU D 412 -54.00 35.09 29.51
N PHE D 413 -54.58 33.95 29.16
CA PHE D 413 -55.65 33.95 28.15
C PHE D 413 -56.96 34.44 28.75
N ASP D 414 -57.09 34.38 30.09
CA ASP D 414 -58.27 34.92 30.75
C ASP D 414 -58.22 36.43 30.96
N PRO D 415 -57.14 37.02 31.49
CA PRO D 415 -57.18 38.47 31.78
C PRO D 415 -57.44 39.33 30.55
N GLU D 416 -56.71 39.11 29.46
CA GLU D 416 -56.94 39.90 28.25
C GLU D 416 -58.34 39.65 27.70
N MET D 417 -58.84 38.41 27.83
CA MET D 417 -60.20 38.11 27.42
C MET D 417 -61.20 38.98 28.15
N VAL D 418 -61.13 39.00 29.48
CA VAL D 418 -62.14 39.74 30.25
C VAL D 418 -61.94 41.24 30.09
N GLU D 419 -60.71 41.69 29.85
CA GLU D 419 -60.49 43.12 29.63
C GLU D 419 -61.10 43.56 28.30
N VAL D 420 -60.94 42.75 27.24
CA VAL D 420 -61.63 43.03 25.99
C VAL D 420 -63.14 42.93 26.20
N ALA D 421 -63.57 42.03 27.08
CA ALA D 421 -65.00 41.86 27.34
C ALA D 421 -65.62 43.12 27.93
N GLN D 422 -65.13 43.56 29.09
CA GLN D 422 -65.68 44.76 29.71
C GLN D 422 -65.63 45.97 28.77
N LYS D 423 -64.67 45.98 27.84
CA LYS D 423 -64.60 47.02 26.83
C LYS D 423 -65.64 46.85 25.72
N LEU D 424 -66.30 45.70 25.65
CA LEU D 424 -67.35 45.48 24.66
C LEU D 424 -68.51 44.69 25.25
N ALA E 6 -25.06 76.90 -14.47
CA ALA E 6 -23.74 76.46 -14.06
C ALA E 6 -23.50 75.01 -14.47
N LEU E 7 -22.23 74.62 -14.57
CA LEU E 7 -21.86 73.28 -14.99
C LEU E 7 -21.68 72.38 -13.76
N TRP E 8 -22.49 71.33 -13.69
CA TRP E 8 -22.43 70.37 -12.60
C TRP E 8 -22.41 68.92 -13.07
N GLU E 9 -22.60 68.65 -14.36
CA GLU E 9 -22.80 67.29 -14.83
C GLU E 9 -21.50 66.49 -14.83
N ASP E 10 -20.35 67.16 -14.75
CA ASP E 10 -19.07 66.48 -14.61
C ASP E 10 -18.52 66.52 -13.20
N ARG E 11 -19.17 67.25 -12.28
CA ARG E 11 -18.64 67.46 -10.95
C ARG E 11 -19.41 66.73 -9.85
N ASP E 12 -20.65 66.32 -10.09
CA ASP E 12 -21.49 65.76 -9.04
C ASP E 12 -22.02 64.40 -9.47
N VAL E 13 -22.60 63.69 -8.51
CA VAL E 13 -23.25 62.41 -8.72
C VAL E 13 -24.66 62.57 -8.15
N ARG E 14 -25.63 62.72 -9.03
CA ARG E 14 -27.00 63.01 -8.62
C ARG E 14 -27.92 61.82 -8.87
N PHE E 15 -28.98 61.76 -8.08
CA PHE E 15 -29.95 60.68 -8.12
C PHE E 15 -31.34 61.27 -8.34
N ASP E 16 -32.18 60.52 -9.06
CA ASP E 16 -33.54 60.95 -9.39
C ASP E 16 -33.52 62.34 -10.04
N VAL E 17 -32.85 62.39 -11.17
CA VAL E 17 -32.62 63.65 -11.88
C VAL E 17 -33.87 64.03 -12.66
N SER E 18 -34.09 65.34 -12.80
CA SER E 18 -35.17 65.85 -13.62
C SER E 18 -34.89 65.59 -15.09
N SER E 19 -35.94 65.29 -15.85
CA SER E 19 -35.78 64.98 -17.27
C SER E 19 -35.16 66.12 -18.06
N GLN E 20 -35.11 67.33 -17.50
CA GLN E 20 -34.42 68.43 -18.17
C GLN E 20 -32.92 68.37 -17.96
N GLN E 21 -32.47 67.85 -16.81
CA GLN E 21 -31.05 67.67 -16.56
C GLN E 21 -30.52 66.35 -17.07
N MET E 22 -31.40 65.37 -17.30
CA MET E 22 -31.01 64.15 -18.00
C MET E 22 -30.80 64.39 -19.49
N LYS E 23 -30.91 65.62 -19.95
CA LYS E 23 -30.77 65.97 -21.36
C LYS E 23 -29.42 66.64 -21.58
N THR E 24 -28.95 66.56 -22.82
CA THR E 24 -27.60 67.00 -23.16
C THR E 24 -27.41 68.49 -22.90
N ARG E 25 -26.55 68.81 -21.93
CA ARG E 25 -26.09 70.17 -21.71
C ARG E 25 -25.49 70.72 -23.01
N PRO E 26 -25.62 72.04 -23.27
CA PRO E 26 -25.14 72.58 -24.54
C PRO E 26 -23.78 72.07 -25.02
N GLY E 27 -22.73 72.21 -24.21
CA GLY E 27 -21.43 71.71 -24.63
C GLY E 27 -21.30 70.21 -24.66
N GLU E 28 -22.22 69.49 -24.02
CA GLU E 28 -22.17 68.04 -23.92
C GLU E 28 -22.51 67.40 -25.28
N VAL E 29 -21.98 66.20 -25.49
CA VAL E 29 -22.36 65.39 -26.65
C VAL E 29 -22.51 63.93 -26.21
N LEU E 30 -23.54 63.26 -26.72
CA LEU E 30 -23.72 61.84 -26.43
C LEU E 30 -22.68 61.02 -27.20
N ILE E 31 -22.18 59.97 -26.56
CA ILE E 31 -21.14 59.13 -27.13
C ILE E 31 -21.65 57.73 -27.42
N ASP E 32 -22.42 57.14 -26.50
CA ASP E 32 -22.85 55.76 -26.69
C ASP E 32 -24.06 55.49 -25.80
N CYS E 33 -24.69 54.35 -26.04
CA CYS E 33 -25.91 53.99 -25.32
C CYS E 33 -26.11 52.48 -25.39
N LEU E 34 -26.87 51.95 -24.43
CA LEU E 34 -27.21 50.54 -24.43
C LEU E 34 -28.48 50.32 -23.63
N ASP E 35 -29.39 49.52 -24.19
CA ASP E 35 -30.67 49.20 -23.59
C ASP E 35 -30.54 47.91 -22.76
N SER E 36 -31.53 47.72 -21.88
CA SER E 36 -31.66 46.57 -20.98
C SER E 36 -30.54 46.50 -19.94
N VAL E 37 -29.68 47.51 -19.84
CA VAL E 37 -28.79 47.60 -18.70
C VAL E 37 -29.61 47.65 -17.43
N GLU E 38 -29.20 46.88 -16.43
CA GLU E 38 -29.90 46.81 -15.15
C GLU E 38 -29.03 47.37 -14.04
N ASP E 39 -29.71 47.90 -13.02
CA ASP E 39 -29.09 48.60 -11.91
C ASP E 39 -28.93 47.64 -10.74
N THR E 40 -27.69 47.25 -10.46
CA THR E 40 -27.32 46.57 -9.24
C THR E 40 -26.48 47.50 -8.36
N LYS E 41 -26.41 47.14 -7.08
CA LYS E 41 -26.16 47.97 -5.91
C LYS E 41 -27.44 48.68 -5.52
N GLY E 42 -28.51 48.54 -6.30
CA GLY E 42 -29.86 48.77 -5.82
C GLY E 42 -30.66 47.54 -6.17
N ASN E 43 -31.10 46.78 -5.17
CA ASN E 43 -31.69 45.46 -5.42
C ASN E 43 -33.20 45.58 -5.67
N ASN E 44 -33.54 46.42 -6.64
CA ASN E 44 -34.91 46.58 -7.10
C ASN E 44 -35.24 45.75 -8.33
N GLY E 45 -34.23 45.18 -8.99
CA GLY E 45 -34.47 44.46 -10.22
C GLY E 45 -34.97 45.31 -11.35
N ASP E 46 -34.78 46.62 -11.27
CA ASP E 46 -35.34 47.56 -12.23
C ASP E 46 -34.47 47.62 -13.47
N ARG E 47 -34.98 47.10 -14.58
CA ARG E 47 -34.33 47.26 -15.88
C ARG E 47 -34.18 48.74 -16.20
N GLY E 48 -33.34 49.07 -17.16
CA GLY E 48 -33.12 50.44 -17.52
C GLY E 48 -32.41 50.61 -18.82
N ARG E 49 -31.61 51.67 -18.91
CA ARG E 49 -30.90 52.04 -20.12
C ARG E 49 -29.76 52.95 -19.72
N LEU E 50 -28.57 52.64 -20.23
CA LEU E 50 -27.36 53.35 -19.86
C LEU E 50 -26.91 54.21 -21.04
N LEU E 51 -26.37 55.40 -20.73
CA LEU E 51 -25.94 56.34 -21.75
C LEU E 51 -24.63 56.96 -21.33
N VAL E 52 -23.62 56.86 -22.18
CA VAL E 52 -22.32 57.46 -21.94
C VAL E 52 -22.23 58.72 -22.79
N THR E 53 -22.01 59.86 -22.14
CA THR E 53 -21.98 61.13 -22.83
C THR E 53 -20.58 61.74 -22.72
N ASN E 54 -20.45 62.98 -23.18
CA ASN E 54 -19.16 63.65 -23.15
C ASN E 54 -18.62 63.79 -21.73
N LEU E 55 -19.52 64.01 -20.77
CA LEU E 55 -19.12 64.41 -19.43
C LEU E 55 -19.60 63.49 -18.32
N ARG E 56 -20.48 62.53 -18.60
CA ARG E 56 -21.05 61.75 -17.51
C ARG E 56 -21.75 60.51 -18.06
N ILE E 57 -22.06 59.60 -17.15
CA ILE E 57 -22.85 58.42 -17.45
C ILE E 57 -24.22 58.58 -16.79
N VAL E 58 -25.28 58.37 -17.57
CA VAL E 58 -26.65 58.54 -17.12
C VAL E 58 -27.37 57.21 -17.30
N TRP E 59 -27.93 56.69 -16.22
CA TRP E 59 -28.77 55.50 -16.28
C TRP E 59 -30.19 55.90 -15.93
N HIS E 60 -31.17 55.36 -16.67
CA HIS E 60 -32.56 55.64 -16.33
C HIS E 60 -33.42 54.41 -16.58
N SER E 61 -34.54 54.33 -15.86
CA SER E 61 -35.24 53.06 -15.70
C SER E 61 -35.89 52.54 -16.97
N LEU E 62 -36.11 53.40 -17.97
CA LEU E 62 -36.67 52.99 -19.25
C LEU E 62 -38.10 52.48 -19.13
N ALA E 63 -38.61 52.41 -17.91
CA ALA E 63 -40.01 52.14 -17.63
C ALA E 63 -40.63 53.17 -16.71
N LEU E 64 -39.88 53.63 -15.70
CA LEU E 64 -40.25 54.74 -14.83
C LEU E 64 -39.04 55.66 -14.75
N PRO E 65 -38.81 56.48 -15.79
CA PRO E 65 -37.55 57.24 -15.86
C PRO E 65 -37.37 58.25 -14.73
N ARG E 66 -38.33 58.32 -13.82
CA ARG E 66 -38.16 59.13 -12.62
C ARG E 66 -36.94 58.70 -11.83
N VAL E 67 -36.77 57.38 -11.65
CA VAL E 67 -35.64 56.84 -10.92
C VAL E 67 -34.46 56.70 -11.89
N ASN E 68 -33.37 57.39 -11.60
CA ASN E 68 -32.25 57.44 -12.52
C ASN E 68 -31.02 57.97 -11.79
N LEU E 69 -29.87 57.87 -12.46
CA LEU E 69 -28.57 58.19 -11.88
C LEU E 69 -27.76 58.98 -12.88
N SER E 70 -26.98 59.94 -12.38
CA SER E 70 -26.08 60.74 -13.21
C SER E 70 -24.73 60.83 -12.51
N ILE E 71 -23.70 60.25 -13.11
CA ILE E 71 -22.39 60.13 -12.49
C ILE E 71 -21.37 60.87 -13.35
N GLY E 72 -20.71 61.86 -12.77
CA GLY E 72 -19.73 62.64 -13.50
C GLY E 72 -18.38 61.96 -13.58
N TYR E 73 -17.61 62.35 -14.60
CA TYR E 73 -16.29 61.76 -14.82
C TYR E 73 -15.22 62.32 -13.89
N ASN E 74 -15.39 63.55 -13.40
CA ASN E 74 -14.50 64.06 -12.37
C ASN E 74 -14.88 63.56 -10.98
N CYS E 75 -15.79 62.58 -10.91
CA CYS E 75 -16.15 61.93 -9.67
C CYS E 75 -15.81 60.45 -9.64
N ILE E 76 -15.55 59.83 -10.79
CA ILE E 76 -15.28 58.40 -10.81
C ILE E 76 -13.80 58.18 -10.51
N LEU E 77 -13.53 57.29 -9.55
CA LEU E 77 -12.18 56.88 -9.22
C LEU E 77 -11.79 55.57 -9.87
N ASN E 78 -12.70 54.59 -9.87
CA ASN E 78 -12.37 53.24 -10.31
C ASN E 78 -13.45 52.73 -11.25
N ILE E 79 -13.12 52.53 -12.52
CA ILE E 79 -14.05 52.01 -13.50
C ILE E 79 -13.49 50.67 -14.00
N THR E 80 -14.15 49.58 -13.63
CA THR E 80 -13.67 48.25 -13.98
C THR E 80 -14.77 47.45 -14.67
N THR E 81 -14.33 46.45 -15.44
CA THR E 81 -15.22 45.60 -16.22
C THR E 81 -15.11 44.18 -15.72
N ARG E 82 -16.25 43.54 -15.48
CA ARG E 82 -16.31 42.19 -14.92
C ARG E 82 -16.97 41.28 -15.96
N THR E 83 -16.15 40.49 -16.65
CA THR E 83 -16.65 39.52 -17.62
C THR E 83 -16.74 38.15 -16.94
N ALA E 84 -17.96 37.69 -16.70
CA ALA E 84 -18.23 36.54 -15.86
C ALA E 84 -19.48 35.85 -16.38
N ASN E 85 -20.13 35.06 -15.53
CA ASN E 85 -21.43 34.48 -15.86
C ASN E 85 -21.32 33.54 -17.07
N SER E 86 -20.77 32.36 -16.83
CA SER E 86 -20.36 31.41 -17.87
C SER E 86 -21.56 30.74 -18.54
N LYS E 87 -21.31 29.60 -19.19
CA LYS E 87 -22.21 28.96 -20.16
C LYS E 87 -23.69 28.96 -19.81
N LEU E 88 -24.05 28.99 -18.51
CA LEU E 88 -25.45 28.91 -18.10
C LEU E 88 -26.33 29.81 -18.97
N ARG E 89 -25.81 30.98 -19.30
CA ARG E 89 -26.32 31.81 -20.39
C ARG E 89 -25.09 32.40 -21.07
N GLY E 90 -25.29 33.41 -21.91
CA GLY E 90 -24.16 34.13 -22.45
C GLY E 90 -23.39 34.85 -21.36
N GLN E 91 -22.29 35.47 -21.76
CA GLN E 91 -21.46 36.20 -20.82
C GLN E 91 -22.08 37.56 -20.55
N THR E 92 -22.90 37.64 -19.49
CA THR E 92 -23.53 38.91 -19.12
C THR E 92 -22.45 39.77 -18.46
N GLU E 93 -21.82 40.62 -19.26
CA GLU E 93 -20.78 41.48 -18.75
C GLU E 93 -21.36 42.51 -17.79
N ALA E 94 -20.60 42.83 -16.74
CA ALA E 94 -21.01 43.81 -15.77
C ALA E 94 -19.97 44.91 -15.68
N LEU E 95 -20.39 46.06 -15.17
CA LEU E 95 -19.51 47.21 -15.01
C LEU E 95 -19.56 47.69 -13.57
N TYR E 96 -18.40 48.07 -13.03
CA TYR E 96 -18.28 48.48 -11.64
C TYR E 96 -17.68 49.88 -11.61
N VAL E 97 -18.50 50.85 -11.20
CA VAL E 97 -18.07 52.24 -11.07
C VAL E 97 -17.96 52.55 -9.59
N LEU E 98 -16.85 53.20 -9.21
CA LEU E 98 -16.57 53.58 -7.83
C LEU E 98 -16.16 55.04 -7.82
N THR E 99 -16.90 55.85 -7.05
CA THR E 99 -16.87 57.29 -7.14
C THR E 99 -16.73 57.90 -5.75
N LYS E 100 -16.19 59.11 -5.70
CA LYS E 100 -16.08 59.90 -4.47
C LYS E 100 -16.63 61.30 -4.75
N CYS E 101 -17.88 61.54 -4.36
CA CYS E 101 -18.50 62.85 -4.51
C CYS E 101 -18.88 63.40 -3.14
N ASN E 102 -18.75 64.72 -3.01
CA ASN E 102 -19.01 65.48 -1.77
C ASN E 102 -18.55 64.72 -0.53
N SER E 103 -17.36 64.12 -0.63
CA SER E 103 -16.75 63.35 0.45
C SER E 103 -17.66 62.21 0.90
N THR E 104 -17.95 61.32 -0.04
CA THR E 104 -18.71 60.10 0.22
C THR E 104 -18.45 59.15 -0.93
N ARG E 105 -18.28 57.88 -0.62
CA ARG E 105 -17.89 56.87 -1.59
C ARG E 105 -19.12 56.12 -2.07
N PHE E 106 -19.37 56.16 -3.37
CA PHE E 106 -20.52 55.51 -4.00
C PHE E 106 -20.04 54.41 -4.94
N GLU E 107 -20.86 53.37 -5.06
CA GLU E 107 -20.54 52.21 -5.88
C GLU E 107 -21.76 51.84 -6.70
N PHE E 108 -21.59 51.74 -8.01
CA PHE E 108 -22.66 51.41 -8.94
C PHE E 108 -22.27 50.17 -9.73
N ILE E 109 -23.23 49.26 -9.93
CA ILE E 109 -23.00 48.03 -10.66
C ILE E 109 -24.02 48.00 -11.79
N PHE E 110 -23.53 47.88 -13.02
CA PHE E 110 -24.39 47.95 -14.20
C PHE E 110 -24.27 46.64 -14.96
N THR E 111 -25.33 45.84 -14.95
CA THR E 111 -25.30 44.51 -15.53
C THR E 111 -26.07 44.49 -16.84
N ASN E 112 -25.38 44.10 -17.92
CA ASN E 112 -25.99 44.05 -19.25
C ASN E 112 -26.77 42.76 -19.38
N LEU E 113 -28.10 42.86 -19.27
CA LEU E 113 -28.95 41.67 -19.20
C LEU E 113 -28.87 40.85 -20.48
N VAL E 114 -28.83 41.51 -21.63
CA VAL E 114 -28.70 40.79 -22.90
C VAL E 114 -27.35 40.08 -22.93
N PRO E 115 -27.30 38.77 -23.20
CA PRO E 115 -26.08 38.00 -22.96
C PRO E 115 -24.88 38.45 -23.79
N GLY E 116 -25.08 39.16 -24.89
CA GLY E 116 -23.95 39.58 -25.70
C GLY E 116 -23.04 40.51 -24.91
N SER E 117 -21.77 40.52 -25.31
CA SER E 117 -20.82 41.45 -24.70
C SER E 117 -21.01 42.84 -25.29
N PRO E 118 -21.19 43.87 -24.47
CA PRO E 118 -21.49 45.20 -25.00
C PRO E 118 -20.24 46.02 -25.30
N ARG E 119 -20.26 46.69 -26.45
CA ARG E 119 -19.17 47.59 -26.82
C ARG E 119 -19.22 48.90 -26.03
N LEU E 120 -20.28 49.13 -25.26
CA LEU E 120 -20.41 50.37 -24.52
C LEU E 120 -19.36 50.48 -23.43
N TYR E 121 -19.01 49.35 -22.81
CA TYR E 121 -18.10 49.37 -21.67
C TYR E 121 -16.68 49.74 -22.05
N THR E 122 -16.34 49.69 -23.34
CA THR E 122 -15.03 50.11 -23.79
C THR E 122 -15.01 51.60 -24.12
N SER E 123 -16.06 52.07 -24.79
CA SER E 123 -16.19 53.50 -25.07
C SER E 123 -16.25 54.30 -23.78
N LEU E 124 -16.92 53.74 -22.76
CA LEU E 124 -16.97 54.37 -21.44
C LEU E 124 -15.57 54.68 -20.92
N ILE E 125 -14.72 53.66 -20.87
CA ILE E 125 -13.39 53.82 -20.29
C ILE E 125 -12.53 54.71 -21.17
N ALA E 126 -12.71 54.62 -22.49
CA ALA E 126 -11.93 55.46 -23.39
C ALA E 126 -12.27 56.93 -23.23
N VAL E 127 -13.56 57.25 -23.16
CA VAL E 127 -13.95 58.65 -23.01
C VAL E 127 -13.61 59.15 -21.62
N HIS E 128 -13.63 58.26 -20.62
CA HIS E 128 -13.21 58.67 -19.28
C HIS E 128 -11.72 58.99 -19.26
N ARG E 129 -10.91 58.18 -19.96
CA ARG E 129 -9.49 58.46 -20.08
C ARG E 129 -9.26 59.81 -20.75
N ALA E 130 -9.99 60.09 -21.83
CA ALA E 130 -9.87 61.38 -22.50
C ALA E 130 -10.25 62.53 -21.58
N TYR E 131 -11.35 62.35 -20.83
CA TYR E 131 -11.77 63.36 -19.87
C TYR E 131 -10.64 63.66 -18.87
N GLU E 132 -10.11 62.64 -18.22
CA GLU E 132 -9.07 62.86 -17.23
C GLU E 132 -7.82 63.48 -17.83
N THR E 133 -7.44 63.07 -19.04
CA THR E 133 -6.24 63.60 -19.68
C THR E 133 -6.44 64.98 -20.29
N SER E 134 -7.68 65.48 -20.35
CA SER E 134 -7.93 66.80 -20.92
C SER E 134 -8.45 67.78 -19.88
N LYS E 135 -7.85 67.83 -18.68
CA LYS E 135 -8.33 68.74 -17.66
C LYS E 135 -7.74 70.14 -17.77
N MET E 136 -6.78 70.35 -18.67
CA MET E 136 -6.27 71.70 -18.90
C MET E 136 -7.28 72.57 -19.63
N TYR E 137 -8.39 71.97 -20.09
CA TYR E 137 -9.40 72.74 -20.79
C TYR E 137 -10.34 73.43 -19.82
N ARG E 138 -10.59 72.81 -18.66
CA ARG E 138 -11.73 73.16 -17.83
C ARG E 138 -11.35 73.22 -16.35
N ASP E 139 -10.16 73.71 -16.03
CA ASP E 139 -9.75 73.80 -14.64
C ASP E 139 -8.66 74.84 -14.47
N PHE E 140 -8.52 75.31 -13.23
CA PHE E 140 -7.56 76.35 -12.88
C PHE E 140 -6.24 75.70 -12.48
N LYS E 141 -5.14 76.23 -13.01
CA LYS E 141 -3.83 75.65 -12.78
C LYS E 141 -2.82 76.73 -12.43
N LEU E 142 -1.98 76.43 -11.44
CA LEU E 142 -0.99 77.37 -10.93
C LEU E 142 0.40 76.78 -11.08
N ARG E 143 1.33 77.57 -11.63
CA ARG E 143 2.75 77.24 -11.70
C ARG E 143 3.02 75.91 -12.41
N SER E 144 2.13 75.51 -13.30
CA SER E 144 2.24 74.23 -13.98
C SER E 144 3.25 74.35 -15.13
N ALA E 145 3.29 73.32 -15.99
CA ALA E 145 4.21 73.28 -17.11
C ALA E 145 3.44 73.66 -18.37
N LEU E 146 3.45 74.96 -18.66
CA LEU E 146 2.71 75.52 -19.79
C LEU E 146 3.59 76.05 -20.91
N ILE E 147 4.89 76.18 -20.68
CA ILE E 147 5.78 76.87 -21.60
C ILE E 147 6.96 75.96 -21.91
N GLN E 148 7.22 75.75 -23.21
CA GLN E 148 8.43 75.01 -23.59
C GLN E 148 9.65 75.93 -23.59
N ASN E 149 9.64 76.94 -24.45
CA ASN E 149 10.77 77.86 -24.57
C ASN E 149 10.28 79.23 -25.06
N LYS E 150 10.01 80.14 -24.13
CA LYS E 150 9.39 81.43 -24.41
C LYS E 150 8.13 81.29 -25.25
N GLN E 151 7.48 80.14 -25.22
CA GLN E 151 6.37 79.82 -26.11
C GLN E 151 5.44 78.84 -25.43
N LEU E 152 4.14 79.07 -25.59
CA LEU E 152 3.13 78.24 -24.94
C LEU E 152 3.09 76.85 -25.56
N ARG E 153 2.48 75.93 -24.84
CA ARG E 153 2.21 74.58 -25.32
C ARG E 153 0.71 74.43 -25.48
N LEU E 154 0.27 74.17 -26.71
CA LEU E 154 -1.15 74.24 -27.03
C LEU E 154 -1.86 72.92 -26.73
N LEU E 155 -3.13 73.03 -26.35
CA LEU E 155 -3.98 71.88 -26.13
C LEU E 155 -4.34 71.27 -27.47
N PRO E 156 -5.00 70.11 -27.50
CA PRO E 156 -5.47 69.54 -28.77
C PRO E 156 -6.35 70.51 -29.57
N GLN E 157 -7.44 70.96 -28.99
CA GLN E 157 -8.34 71.90 -29.66
C GLN E 157 -8.10 73.29 -29.08
N GLU E 158 -7.06 73.94 -29.60
CA GLU E 158 -6.71 75.27 -29.12
C GLU E 158 -5.93 76.03 -30.19
N ASN E 159 -6.27 77.30 -30.36
CA ASN E 159 -5.50 78.24 -31.14
C ASN E 159 -5.18 79.46 -30.28
N VAL E 160 -3.94 79.90 -30.32
CA VAL E 160 -3.55 81.11 -29.60
C VAL E 160 -3.95 82.31 -30.44
N TYR E 161 -4.70 83.23 -29.83
CA TYR E 161 -5.22 84.37 -30.57
C TYR E 161 -4.31 85.60 -30.47
N ASN E 162 -3.87 85.94 -29.26
CA ASN E 162 -2.96 87.08 -29.14
C ASN E 162 -1.95 86.86 -28.03
N LYS E 163 -0.86 87.61 -28.10
CA LYS E 163 0.26 87.52 -27.16
C LYS E 163 0.70 88.93 -26.80
N ILE E 164 0.41 89.33 -25.57
CA ILE E 164 0.71 90.67 -25.05
C ILE E 164 1.95 90.59 -24.18
N ASN E 165 2.78 91.61 -24.23
CA ASN E 165 4.00 91.67 -23.43
C ASN E 165 3.85 92.71 -22.32
N GLY E 166 4.87 92.76 -21.46
CA GLY E 166 4.89 93.69 -20.35
C GLY E 166 3.78 93.52 -19.34
N VAL E 167 3.06 92.40 -19.37
CA VAL E 167 1.89 92.20 -18.52
C VAL E 167 2.37 91.90 -17.11
N TRP E 168 2.20 92.85 -16.20
CA TRP E 168 2.53 92.64 -14.80
C TRP E 168 1.46 91.77 -14.14
N ASN E 169 1.76 91.34 -12.91
CA ASN E 169 0.84 90.55 -12.11
C ASN E 169 0.60 91.26 -10.79
N LEU E 170 -0.64 91.66 -10.55
CA LEU E 170 -0.97 92.35 -9.31
C LEU E 170 -1.34 91.36 -8.21
N SER E 171 -0.47 90.36 -8.03
CA SER E 171 -0.56 89.43 -6.92
C SER E 171 0.79 89.13 -6.29
N SER E 172 1.89 89.63 -6.85
CA SER E 172 3.22 89.47 -6.29
C SER E 172 3.93 90.81 -6.36
N ASP E 173 5.23 90.81 -6.07
CA ASP E 173 5.97 92.07 -6.05
C ASP E 173 7.32 92.03 -6.72
N GLN E 174 7.89 90.86 -7.04
CA GLN E 174 9.21 90.84 -7.67
C GLN E 174 9.22 90.16 -9.03
N GLY E 175 8.60 89.00 -9.16
CA GLY E 175 8.52 88.31 -10.43
C GLY E 175 7.27 88.67 -11.22
N ASN E 176 7.23 89.89 -11.75
CA ASN E 176 5.99 90.47 -12.27
C ASN E 176 5.95 90.58 -13.79
N LEU E 177 7.01 91.10 -14.41
CA LEU E 177 6.97 91.39 -15.84
C LEU E 177 6.83 90.09 -16.61
N GLY E 178 5.65 89.86 -17.20
CA GLY E 178 5.36 88.61 -17.87
C GLY E 178 4.66 88.82 -19.19
N THR E 179 4.29 87.70 -19.80
CA THR E 179 3.61 87.64 -21.08
C THR E 179 2.24 87.01 -20.90
N PHE E 180 1.30 87.43 -21.75
CA PHE E 180 -0.11 87.06 -21.64
C PHE E 180 -0.56 86.46 -22.96
N PHE E 181 -0.96 85.20 -22.94
CA PHE E 181 -1.51 84.52 -24.11
C PHE E 181 -3.02 84.44 -23.97
N ILE E 182 -3.74 85.05 -24.91
CA ILE E 182 -5.18 84.94 -24.98
C ILE E 182 -5.50 83.93 -26.07
N THR E 183 -6.24 82.88 -25.72
CA THR E 183 -6.58 81.80 -26.64
C THR E 183 -8.08 81.64 -26.68
N ASN E 184 -8.54 80.65 -27.46
CA ASN E 184 -9.95 80.34 -27.54
C ASN E 184 -10.43 79.44 -26.42
N VAL E 185 -9.52 78.93 -25.59
CA VAL E 185 -9.90 78.09 -24.46
C VAL E 185 -9.42 78.63 -23.13
N ARG E 186 -8.37 79.44 -23.07
CA ARG E 186 -7.91 79.96 -21.79
C ARG E 186 -7.03 81.18 -22.02
N ILE E 187 -6.85 81.94 -20.93
CA ILE E 187 -5.90 83.03 -20.87
C ILE E 187 -4.81 82.65 -19.88
N VAL E 188 -3.57 82.72 -20.32
CA VAL E 188 -2.45 82.34 -19.48
C VAL E 188 -1.50 83.52 -19.34
N TRP E 189 -0.84 83.59 -18.20
CA TRP E 189 0.19 84.58 -17.96
C TRP E 189 1.42 83.87 -17.40
N HIS E 190 2.58 84.16 -17.96
CA HIS E 190 3.81 83.54 -17.49
C HIS E 190 4.90 84.59 -17.35
N ALA E 191 5.63 84.55 -16.25
CA ALA E 191 6.67 85.55 -16.02
C ALA E 191 7.82 85.37 -17.00
N ASN E 192 8.54 86.48 -17.24
CA ASN E 192 9.72 86.40 -18.09
C ASN E 192 10.84 85.63 -17.41
N MET E 193 11.29 86.13 -16.27
CA MET E 193 12.19 85.37 -15.42
C MET E 193 11.39 84.48 -14.48
N ASN E 194 11.89 83.27 -14.23
CA ASN E 194 11.15 82.23 -13.52
C ASN E 194 9.86 81.91 -14.26
N ASP E 195 10.04 81.32 -15.45
CA ASP E 195 8.93 80.95 -16.30
C ASP E 195 8.09 79.82 -15.70
N SER E 196 8.45 79.39 -14.49
CA SER E 196 7.62 78.47 -13.73
C SER E 196 6.59 79.19 -12.88
N PHE E 197 6.61 80.52 -12.87
CA PHE E 197 5.56 81.32 -12.24
C PHE E 197 4.55 81.68 -13.32
N ASN E 198 3.56 80.81 -13.50
CA ASN E 198 2.55 81.06 -14.52
C ASN E 198 1.19 80.66 -13.98
N VAL E 199 0.16 81.22 -14.61
CA VAL E 199 -1.23 80.99 -14.27
C VAL E 199 -1.98 80.73 -15.58
N SER E 200 -2.96 79.84 -15.51
CA SER E 200 -3.78 79.53 -16.68
C SER E 200 -5.23 79.46 -16.24
N ILE E 201 -6.05 80.38 -16.74
CA ILE E 201 -7.46 80.45 -16.35
C ILE E 201 -8.28 80.09 -17.59
N PRO E 202 -9.10 79.05 -17.54
CA PRO E 202 -9.97 78.72 -18.68
C PRO E 202 -11.26 79.50 -18.62
N TYR E 203 -11.82 79.75 -19.82
CA TYR E 203 -13.05 80.54 -19.92
C TYR E 203 -14.18 79.91 -19.12
N LEU E 204 -14.16 78.58 -18.94
CA LEU E 204 -15.18 77.93 -18.15
C LEU E 204 -15.15 78.41 -16.70
N GLN E 205 -13.99 78.89 -16.26
CA GLN E 205 -13.85 79.27 -14.84
C GLN E 205 -13.98 80.79 -14.73
N ILE E 206 -13.58 81.52 -15.78
CA ILE E 206 -13.69 82.99 -15.77
C ILE E 206 -15.17 83.33 -15.59
N ARG E 207 -15.49 84.16 -14.61
CA ARG E 207 -16.85 84.67 -14.41
C ARG E 207 -17.02 86.10 -14.88
N SER E 208 -16.02 86.96 -14.67
CA SER E 208 -16.16 88.35 -15.08
C SER E 208 -14.80 88.97 -15.32
N VAL E 209 -14.60 89.53 -16.51
CA VAL E 209 -13.42 90.30 -16.86
C VAL E 209 -13.80 91.77 -16.87
N LYS E 210 -12.96 92.61 -16.27
CA LYS E 210 -13.25 94.04 -16.25
C LYS E 210 -11.97 94.80 -15.93
N ILE E 211 -12.11 96.11 -15.72
CA ILE E 211 -11.00 97.00 -15.41
C ILE E 211 -11.26 97.65 -14.05
N ARG E 212 -10.24 97.72 -13.22
CA ARG E 212 -10.36 98.35 -11.91
C ARG E 212 -9.06 99.06 -11.53
N ALA E 219 -4.66 96.72 -13.46
CA ALA E 219 -5.77 97.53 -13.94
C ALA E 219 -6.77 96.68 -14.72
N LEU E 220 -6.48 95.38 -14.82
CA LEU E 220 -7.39 94.42 -15.43
C LEU E 220 -7.65 93.35 -14.39
N VAL E 221 -8.91 92.99 -14.19
CA VAL E 221 -9.30 92.09 -13.11
C VAL E 221 -10.13 90.96 -13.71
N ILE E 222 -9.66 89.73 -13.48
CA ILE E 222 -10.44 88.52 -13.74
C ILE E 222 -10.97 88.00 -12.43
N GLU E 223 -12.29 87.83 -12.35
CA GLU E 223 -12.94 87.19 -11.21
C GLU E 223 -13.48 85.85 -11.67
N SER E 224 -13.05 84.79 -11.00
CA SER E 224 -13.33 83.41 -11.40
C SER E 224 -14.49 82.84 -10.60
N SER E 225 -14.99 81.70 -11.08
CA SER E 225 -16.20 81.12 -10.53
C SER E 225 -15.98 80.66 -9.10
N GLN E 226 -16.85 81.12 -8.19
CA GLN E 226 -16.80 80.70 -6.80
C GLN E 226 -17.16 79.25 -6.61
N GLN E 227 -17.70 78.59 -7.64
CA GLN E 227 -18.05 77.18 -7.52
C GLN E 227 -16.82 76.29 -7.55
N SER E 228 -15.70 76.77 -8.06
CA SER E 228 -14.43 76.05 -8.05
C SER E 228 -13.29 76.99 -7.67
N GLY E 229 -13.54 77.83 -6.66
CA GLY E 229 -12.51 78.73 -6.18
C GLY E 229 -12.59 80.11 -6.80
N GLY E 230 -12.97 81.10 -6.01
CA GLY E 230 -13.09 82.46 -6.51
C GLY E 230 -11.83 83.28 -6.33
N TYR E 231 -11.04 83.40 -7.39
CA TYR E 231 -9.80 84.15 -7.35
C TYR E 231 -9.99 85.51 -8.00
N VAL E 232 -9.20 86.49 -7.54
CA VAL E 232 -9.22 87.84 -8.07
C VAL E 232 -7.83 88.10 -8.66
N LEU E 233 -7.68 87.91 -9.96
CA LEU E 233 -6.37 88.04 -10.60
C LEU E 233 -6.27 89.40 -11.28
N GLY E 234 -5.24 90.16 -10.95
CA GLY E 234 -5.06 91.48 -11.52
C GLY E 234 -3.78 91.63 -12.31
N PHE E 235 -3.90 92.18 -13.51
CA PHE E 235 -2.76 92.40 -14.40
C PHE E 235 -2.78 93.84 -14.91
N LYS E 236 -1.62 94.47 -14.93
CA LYS E 236 -1.49 95.86 -15.36
C LYS E 236 -0.69 95.92 -16.66
N ILE E 237 -1.20 96.67 -17.63
CA ILE E 237 -0.55 96.86 -18.92
C ILE E 237 -0.24 98.35 -19.08
N ASP E 238 0.87 98.63 -19.77
CA ASP E 238 1.34 100.01 -19.87
C ASP E 238 0.39 100.88 -20.69
N PRO E 239 0.14 100.59 -21.97
CA PRO E 239 -0.81 101.43 -22.72
C PRO E 239 -2.24 101.02 -22.42
N VAL E 240 -3.05 101.97 -21.97
CA VAL E 240 -4.45 101.68 -21.64
C VAL E 240 -5.22 101.28 -22.88
N GLU E 241 -4.77 101.73 -24.06
CA GLU E 241 -5.39 101.31 -25.31
C GLU E 241 -5.34 99.79 -25.46
N LYS E 242 -4.13 99.23 -25.41
CA LYS E 242 -3.98 97.78 -25.45
C LYS E 242 -4.74 97.11 -24.31
N LEU E 243 -4.82 97.77 -23.17
CA LEU E 243 -5.57 97.21 -22.05
C LEU E 243 -7.02 96.98 -22.42
N GLN E 244 -7.70 98.02 -22.91
CA GLN E 244 -9.11 97.86 -23.28
C GLN E 244 -9.28 96.95 -24.48
N GLU E 245 -8.33 96.98 -25.42
CA GLU E 245 -8.38 96.05 -26.56
C GLU E 245 -8.37 94.61 -26.07
N SER E 246 -7.46 94.29 -25.15
CA SER E 246 -7.39 92.94 -24.61
C SER E 246 -8.65 92.60 -23.83
N VAL E 247 -9.20 93.55 -23.08
CA VAL E 247 -10.46 93.30 -22.37
C VAL E 247 -11.56 92.94 -23.35
N LYS E 248 -11.67 93.69 -24.44
CA LYS E 248 -12.66 93.41 -25.47
C LYS E 248 -12.48 92.00 -26.03
N GLU E 249 -11.24 91.68 -26.43
CA GLU E 249 -10.98 90.35 -26.99
C GLU E 249 -11.35 89.25 -26.00
N ILE E 250 -10.95 89.41 -24.73
CA ILE E 250 -11.17 88.36 -23.74
C ILE E 250 -12.65 88.14 -23.53
N ASN E 251 -13.43 89.23 -23.42
CA ASN E 251 -14.85 89.07 -23.13
C ASN E 251 -15.59 88.52 -24.35
N SER E 252 -15.19 88.93 -25.56
CA SER E 252 -15.79 88.37 -26.76
C SER E 252 -15.53 86.88 -26.85
N LEU E 253 -14.29 86.47 -26.55
CA LEU E 253 -13.97 85.04 -26.57
C LEU E 253 -14.73 84.29 -25.49
N HIS E 254 -14.89 84.90 -24.31
CA HIS E 254 -15.65 84.27 -23.26
C HIS E 254 -17.10 84.01 -23.70
N LYS E 255 -17.73 85.00 -24.34
CA LYS E 255 -19.12 84.80 -24.74
C LYS E 255 -19.22 83.80 -25.88
N VAL E 256 -18.32 83.85 -26.85
CA VAL E 256 -18.41 82.90 -27.97
C VAL E 256 -18.13 81.48 -27.48
N TYR E 257 -17.30 81.37 -26.44
CA TYR E 257 -17.04 80.04 -25.81
C TYR E 257 -18.25 79.62 -24.98
N SER E 258 -18.87 80.57 -24.27
CA SER E 258 -20.00 80.23 -23.37
C SER E 258 -21.17 79.63 -24.15
N ALA E 259 -21.44 80.11 -25.37
CA ALA E 259 -22.63 79.63 -26.12
C ALA E 259 -22.50 78.13 -26.33
N ASN E 260 -21.32 77.66 -26.77
CA ASN E 260 -21.08 76.20 -26.87
C ASN E 260 -19.72 75.92 -26.24
N PRO E 261 -19.65 75.34 -25.02
CA PRO E 261 -18.37 75.02 -24.39
C PRO E 261 -17.64 73.90 -25.15
N ILE E 262 -16.32 74.00 -25.26
CA ILE E 262 -15.52 72.95 -25.97
C ILE E 262 -15.41 71.70 -25.09
N PHE E 263 -14.73 71.83 -23.94
CA PHE E 263 -14.48 70.78 -22.96
C PHE E 263 -13.35 69.84 -23.34
N GLY E 264 -12.85 69.97 -24.57
CA GLY E 264 -11.63 69.29 -24.99
C GLY E 264 -11.63 67.77 -24.94
N VAL E 265 -12.74 67.15 -24.58
CA VAL E 265 -12.81 65.70 -24.48
C VAL E 265 -12.74 65.14 -25.90
N ASP E 266 -11.59 64.55 -26.25
CA ASP E 266 -11.36 64.03 -27.58
C ASP E 266 -12.01 62.66 -27.73
N TYR E 267 -12.75 62.49 -28.82
CA TYR E 267 -13.33 61.19 -29.17
C TYR E 267 -13.86 61.18 -30.60
N THR E 296 -34.92 61.45 -2.67
CA THR E 296 -33.65 62.02 -2.27
C THR E 296 -32.86 61.01 -1.42
N ASP E 297 -33.57 60.23 -0.60
CA ASP E 297 -32.94 59.23 0.25
C ASP E 297 -32.63 57.94 -0.50
N ALA E 298 -32.61 57.96 -1.83
CA ALA E 298 -32.24 56.78 -2.59
C ALA E 298 -30.74 56.57 -2.65
N PHE E 299 -29.95 57.65 -2.58
CA PHE E 299 -28.51 57.54 -2.63
C PHE E 299 -27.95 56.67 -1.52
N VAL E 300 -28.68 56.53 -0.41
CA VAL E 300 -28.25 55.67 0.69
C VAL E 300 -28.00 54.25 0.20
N ALA E 301 -28.75 53.80 -0.80
CA ALA E 301 -28.59 52.45 -1.30
C ALA E 301 -27.32 52.23 -2.10
N TYR E 302 -26.59 53.30 -2.44
CA TYR E 302 -25.45 53.18 -3.35
C TYR E 302 -24.13 53.43 -2.64
N PHE E 303 -24.06 53.16 -1.34
CA PHE E 303 -22.84 53.39 -0.58
C PHE E 303 -21.78 52.36 -0.93
N ALA E 304 -20.58 52.85 -1.24
CA ALA E 304 -19.44 51.94 -1.45
C ALA E 304 -19.01 51.32 -0.13
N ASP E 305 -18.85 52.14 0.91
CA ASP E 305 -18.51 51.64 2.23
C ASP E 305 -19.60 50.71 2.76
N GLY E 306 -20.80 51.24 2.93
CA GLY E 306 -21.89 50.48 3.50
C GLY E 306 -22.35 51.06 4.82
N ASN E 307 -23.53 51.66 4.81
CA ASN E 307 -24.12 52.28 6.00
C ASN E 307 -23.17 53.31 6.63
N LYS E 308 -22.31 53.90 5.81
CA LYS E 308 -21.38 54.92 6.28
C LYS E 308 -21.11 55.91 5.17
N GLN E 309 -21.15 57.21 5.48
CA GLN E 309 -21.01 58.25 4.49
C GLN E 309 -20.07 59.38 4.87
N GLN E 310 -19.49 59.35 6.08
CA GLN E 310 -18.56 60.40 6.49
C GLN E 310 -17.44 59.78 7.31
N ASP E 311 -16.22 60.27 7.08
CA ASP E 311 -15.05 59.80 7.80
C ASP E 311 -14.76 60.72 8.98
N ARG E 312 -14.63 60.14 10.16
CA ARG E 312 -14.25 60.91 11.34
C ARG E 312 -12.86 61.53 11.14
N GLU E 313 -12.54 62.49 11.99
CA GLU E 313 -11.35 63.30 11.75
C GLU E 313 -10.08 62.48 11.93
N PRO E 314 -9.12 62.59 11.01
CA PRO E 314 -7.88 61.80 11.13
C PRO E 314 -7.00 62.35 12.25
N VAL E 315 -6.68 61.48 13.21
CA VAL E 315 -5.80 61.83 14.32
C VAL E 315 -4.58 60.94 14.20
N PHE E 316 -3.65 61.07 15.13
CA PHE E 316 -2.43 60.27 15.13
C PHE E 316 -2.55 59.16 16.16
N SER E 317 -2.20 57.95 15.77
CA SER E 317 -2.26 56.79 16.66
C SER E 317 -0.88 56.49 17.19
N GLU E 318 -0.71 56.61 18.51
CA GLU E 318 0.58 56.31 19.11
C GLU E 318 0.88 54.82 19.08
N GLU E 319 -0.13 53.98 18.92
CA GLU E 319 0.09 52.54 18.86
C GLU E 319 0.75 52.14 17.55
N LEU E 320 0.21 52.60 16.43
CA LEU E 320 0.73 52.26 15.12
C LEU E 320 1.79 53.22 14.62
N GLY E 321 1.84 54.44 15.16
CA GLY E 321 2.76 55.44 14.67
C GLY E 321 2.34 56.11 13.38
N LEU E 322 1.09 55.93 12.96
CA LEU E 322 0.57 56.48 11.72
C LEU E 322 -0.64 57.34 11.99
N ALA E 323 -1.06 58.08 10.96
CA ALA E 323 -2.31 58.81 11.03
C ALA E 323 -3.46 57.86 10.73
N ILE E 324 -4.42 57.82 11.64
CA ILE E 324 -5.53 56.88 11.59
C ILE E 324 -6.78 57.67 11.95
N GLU E 325 -7.91 57.34 11.34
CA GLU E 325 -9.08 58.16 11.59
C GLU E 325 -9.56 57.93 13.01
N LYS E 326 -10.13 58.98 13.60
CA LYS E 326 -10.49 58.97 15.01
C LYS E 326 -11.34 57.76 15.34
N LEU E 327 -10.93 57.01 16.37
CA LEU E 327 -11.63 55.80 16.75
C LEU E 327 -12.98 56.12 17.37
N LYS E 328 -13.91 55.19 17.23
CA LYS E 328 -15.20 55.33 17.89
C LYS E 328 -14.99 55.25 19.41
N ASP E 329 -16.07 55.46 20.16
CA ASP E 329 -15.95 55.60 21.60
C ASP E 329 -15.36 54.34 22.24
N GLY E 330 -16.05 53.20 22.09
CA GLY E 330 -15.62 51.99 22.76
C GLY E 330 -14.43 51.30 22.12
N PHE E 331 -14.30 51.40 20.79
CA PHE E 331 -13.36 50.57 20.06
C PHE E 331 -11.92 50.99 20.33
N THR E 332 -11.02 50.05 20.06
CA THR E 332 -9.58 50.26 20.11
C THR E 332 -8.95 49.58 18.91
N LEU E 333 -7.66 49.85 18.68
CA LEU E 333 -7.00 49.30 17.50
C LEU E 333 -6.81 47.79 17.63
N GLN E 334 -6.38 47.32 18.79
CA GLN E 334 -6.17 45.91 19.02
C GLN E 334 -7.48 45.16 19.25
N GLY E 335 -8.58 45.87 19.46
CA GLY E 335 -9.86 45.22 19.59
C GLY E 335 -10.56 45.15 18.25
N LEU E 336 -10.14 46.00 17.33
CA LEU E 336 -10.64 45.98 15.96
C LEU E 336 -9.81 45.08 15.05
N TRP E 337 -8.53 44.90 15.37
CA TRP E 337 -7.67 44.06 14.54
C TRP E 337 -7.97 42.58 14.73
N GLU E 338 -8.30 42.16 15.95
CA GLU E 338 -8.57 40.76 16.21
C GLU E 338 -9.90 40.35 15.59
N VAL E 339 -10.05 39.05 15.37
CA VAL E 339 -11.25 38.53 14.71
C VAL E 339 -12.23 37.99 15.74
N ASP F 2 2.85 -47.67 21.86
CA ASP F 2 4.20 -47.11 21.96
C ASP F 2 4.98 -47.78 23.09
N LEU F 3 6.27 -47.98 22.88
CA LEU F 3 7.15 -48.59 23.87
C LEU F 3 8.19 -47.57 24.32
N ASN F 4 8.36 -47.45 25.64
CA ASN F 4 9.37 -46.60 26.24
C ASN F 4 10.17 -47.47 27.21
N LEU F 5 11.17 -48.16 26.68
CA LEU F 5 12.04 -49.00 27.50
C LEU F 5 13.26 -48.17 27.87
N ASN F 6 13.23 -47.58 29.06
CA ASN F 6 14.32 -46.70 29.49
C ASN F 6 15.63 -47.47 29.59
N ARG F 7 16.72 -46.77 29.35
CA ARG F 7 18.02 -47.40 29.25
C ARG F 7 18.64 -47.61 30.64
N ALA F 8 19.53 -48.59 30.72
CA ALA F 8 20.31 -48.86 31.91
C ALA F 8 21.54 -49.66 31.48
N ASP F 9 22.60 -49.53 32.25
CA ASP F 9 23.88 -50.13 31.89
C ASP F 9 24.29 -51.20 32.90
N TYR F 10 24.92 -52.26 32.40
CA TYR F 10 25.49 -53.31 33.22
C TYR F 10 26.99 -53.35 32.98
N LEU F 11 27.65 -54.37 33.51
CA LEU F 11 29.10 -54.48 33.43
C LEU F 11 29.58 -54.46 31.97
N GLN F 12 30.68 -53.76 31.74
CA GLN F 12 31.28 -53.66 30.42
C GLN F 12 32.38 -54.71 30.26
N VAL F 13 32.30 -55.48 29.18
CA VAL F 13 33.26 -56.55 28.90
C VAL F 13 34.10 -56.10 27.71
N GLY F 14 35.11 -56.88 27.34
CA GLY F 14 35.95 -56.54 26.22
C GLY F 14 35.23 -56.54 24.90
N VAL F 15 35.96 -56.42 23.79
CA VAL F 15 35.34 -56.32 22.48
C VAL F 15 34.77 -57.67 22.07
N THR F 16 33.52 -57.67 21.60
CA THR F 16 32.77 -58.89 21.36
C THR F 16 32.45 -59.05 19.88
N SER F 17 32.29 -60.31 19.46
CA SER F 17 31.94 -60.67 18.10
C SER F 17 30.42 -60.75 17.94
N GLN F 18 29.97 -61.34 16.85
CA GLN F 18 28.53 -61.38 16.56
C GLN F 18 27.85 -62.47 17.37
N LYS F 19 26.66 -62.14 17.88
CA LYS F 19 25.83 -63.01 18.73
C LYS F 19 26.68 -63.82 19.71
N THR F 20 27.42 -63.09 20.54
CA THR F 20 28.29 -63.69 21.55
C THR F 20 27.79 -63.42 22.96
N MET F 21 26.50 -63.13 23.10
CA MET F 21 25.87 -62.93 24.41
C MET F 21 24.62 -63.80 24.48
N LYS F 22 24.38 -64.38 25.64
CA LYS F 22 23.25 -65.29 25.82
C LYS F 22 22.66 -65.12 27.22
N LEU F 23 21.38 -65.45 27.33
CA LEU F 23 20.62 -65.37 28.57
C LEU F 23 20.34 -66.79 29.07
N LEU F 24 21.07 -67.21 30.10
CA LEU F 24 20.73 -68.44 30.79
C LEU F 24 19.53 -68.20 31.68
N PRO F 25 18.44 -68.97 31.53
CA PRO F 25 17.28 -68.81 32.42
C PRO F 25 17.54 -69.24 33.85
N ALA F 26 18.69 -69.88 34.11
CA ALA F 26 19.07 -70.31 35.46
C ALA F 26 18.03 -71.22 36.09
N ARG F 30 9.58 -66.71 37.99
CA ARG F 30 10.02 -65.77 36.97
C ARG F 30 11.02 -64.77 37.56
N ALA F 31 12.22 -65.27 37.86
CA ALA F 31 13.28 -64.46 38.44
C ALA F 31 14.22 -63.96 37.36
N THR F 32 15.15 -63.10 37.77
CA THR F 32 16.09 -62.51 36.83
C THR F 32 17.00 -63.57 36.24
N GLN F 33 17.11 -63.59 34.91
CA GLN F 33 18.01 -64.49 34.23
C GLN F 33 19.45 -64.01 34.38
N LYS F 34 20.39 -64.78 33.85
CA LYS F 34 21.80 -64.47 34.05
C LYS F 34 22.52 -64.47 32.71
N VAL F 35 23.32 -63.43 32.48
CA VAL F 35 23.94 -63.21 31.18
C VAL F 35 25.28 -63.92 31.11
N VAL F 36 25.65 -64.31 29.89
CA VAL F 36 26.96 -64.89 29.61
C VAL F 36 27.47 -64.28 28.32
N VAL F 37 28.76 -63.90 28.30
CA VAL F 37 29.34 -63.21 27.16
C VAL F 37 30.74 -63.72 26.89
N GLY F 38 31.11 -63.72 25.61
CA GLY F 38 32.46 -63.94 25.18
C GLY F 38 33.21 -62.64 25.02
N ASP F 39 34.37 -62.74 24.37
CA ASP F 39 35.29 -61.62 24.24
C ASP F 39 36.40 -62.02 23.28
N HIS F 40 36.91 -61.04 22.55
CA HIS F 40 38.06 -61.32 21.68
C HIS F 40 39.27 -61.73 22.49
N ASP F 41 39.51 -61.05 23.60
CA ASP F 41 40.34 -61.65 24.64
C ASP F 41 39.62 -62.88 25.19
N GLY F 42 40.37 -63.98 25.32
CA GLY F 42 39.78 -65.29 25.52
C GLY F 42 38.79 -65.41 26.64
N ILE F 43 38.64 -64.38 27.48
CA ILE F 43 37.72 -64.44 28.61
C ILE F 43 36.32 -64.77 28.13
N VAL F 44 35.68 -65.72 28.79
CA VAL F 44 34.24 -65.96 28.64
C VAL F 44 33.65 -65.89 30.04
N MET F 45 32.82 -64.87 30.28
CA MET F 45 32.38 -64.54 31.63
C MET F 45 30.86 -64.61 31.73
N CYS F 46 30.38 -65.16 32.84
CA CYS F 46 28.95 -65.22 33.14
C CYS F 46 28.70 -64.47 34.44
N PHE F 47 27.67 -63.63 34.42
CA PHE F 47 27.35 -62.77 35.56
C PHE F 47 25.85 -62.47 35.55
N GLY F 48 25.44 -61.59 36.46
CA GLY F 48 24.02 -61.30 36.62
C GLY F 48 23.82 -60.10 37.52
N MET F 49 22.62 -59.51 37.42
CA MET F 49 22.25 -58.34 38.22
C MET F 49 21.59 -58.82 39.50
N LYS F 50 22.24 -58.58 40.63
CA LYS F 50 21.65 -58.81 41.95
C LYS F 50 21.33 -57.46 42.58
N LYS F 51 20.04 -57.14 42.66
CA LYS F 51 19.54 -55.95 43.35
C LYS F 51 20.02 -54.67 42.69
N GLY F 52 20.33 -54.73 41.40
CA GLY F 52 20.79 -53.57 40.66
C GLY F 52 22.27 -53.52 40.35
N GLU F 53 23.05 -54.44 40.91
CA GLU F 53 24.50 -54.47 40.71
C GLU F 53 24.93 -55.83 40.19
N ALA F 54 26.08 -55.86 39.53
CA ALA F 54 26.59 -57.07 38.91
C ALA F 54 27.31 -57.94 39.92
N VAL F 55 27.28 -59.25 39.67
CA VAL F 55 28.06 -60.23 40.44
C VAL F 55 28.72 -61.18 39.46
N THR F 56 30.04 -61.31 39.55
CA THR F 56 30.78 -62.19 38.65
C THR F 56 30.53 -63.63 39.06
N VAL F 57 29.58 -64.28 38.38
CA VAL F 57 29.26 -65.66 38.71
C VAL F 57 30.46 -66.55 38.40
N PHE F 58 31.02 -66.43 37.20
CA PHE F 58 32.31 -67.07 36.94
C PHE F 58 32.93 -66.44 35.70
N LYS F 59 34.19 -66.83 35.46
CA LYS F 59 35.00 -66.26 34.39
C LYS F 59 36.13 -67.23 34.09
N THR F 60 36.51 -67.31 32.83
CA THR F 60 37.56 -68.23 32.38
C THR F 60 38.79 -67.44 31.96
N LEU F 61 39.95 -68.01 32.24
CA LEU F 61 41.21 -67.39 31.84
C LEU F 61 41.24 -67.19 30.32
N PRO F 62 41.89 -66.13 29.85
CA PRO F 62 41.83 -65.81 28.41
C PRO F 62 42.57 -66.84 27.58
N GLY F 63 41.89 -67.30 26.53
CA GLY F 63 42.48 -68.14 25.50
C GLY F 63 42.48 -67.48 24.13
N GLN F 64 41.63 -67.97 23.24
CA GLN F 64 41.53 -67.45 21.88
C GLN F 64 40.28 -66.59 21.72
N LYS F 65 40.04 -66.13 20.50
CA LYS F 65 38.96 -65.17 20.23
C LYS F 65 37.62 -65.89 20.16
N ILE F 66 36.72 -65.55 21.07
CA ILE F 66 35.42 -66.21 21.14
C ILE F 66 34.56 -65.70 19.98
N ALA F 67 34.47 -66.48 18.92
CA ALA F 67 33.75 -66.06 17.72
C ALA F 67 32.26 -66.40 17.77
N ARG F 68 31.86 -67.33 18.64
CA ARG F 68 30.46 -67.72 18.72
C ARG F 68 30.20 -68.33 20.08
N LEU F 69 28.97 -68.17 20.57
CA LEU F 69 28.59 -68.66 21.89
C LEU F 69 27.10 -69.00 21.86
N GLU F 70 26.78 -70.28 21.97
CA GLU F 70 25.40 -70.74 21.98
C GLU F 70 25.14 -71.49 23.29
N LEU F 71 23.86 -71.69 23.60
CA LEU F 71 23.48 -72.47 24.77
C LEU F 71 22.56 -73.60 24.33
N GLY F 72 22.88 -74.81 24.78
CA GLY F 72 22.08 -75.98 24.44
C GLY F 72 22.23 -77.04 25.51
N GLY F 73 21.29 -77.97 25.50
CA GLY F 73 21.36 -79.12 26.38
C GLY F 73 21.47 -80.39 25.57
N ALA F 74 22.02 -81.43 26.21
CA ALA F 74 22.21 -82.70 25.53
C ALA F 74 20.87 -83.27 25.03
N LEU F 75 19.94 -83.50 25.96
CA LEU F 75 18.60 -83.92 25.60
C LEU F 75 17.75 -82.69 25.32
N ASN F 76 16.43 -82.87 25.27
CA ASN F 76 15.51 -81.74 25.25
C ASN F 76 15.41 -81.03 26.61
N THR F 77 16.29 -81.45 27.53
CA THR F 77 16.52 -80.86 28.85
C THR F 77 16.68 -79.35 28.75
N PRO F 78 16.38 -78.59 29.82
CA PRO F 78 16.64 -77.14 29.79
C PRO F 78 18.03 -76.81 29.30
N GLN F 79 18.11 -76.10 28.19
CA GLN F 79 19.37 -75.90 27.47
C GLN F 79 20.25 -74.92 28.22
N GLU F 80 21.09 -75.43 29.13
CA GLU F 80 21.95 -74.59 29.94
C GLU F 80 23.43 -74.77 29.62
N LYS F 81 23.81 -75.82 28.90
CA LYS F 81 25.21 -76.08 28.59
C LYS F 81 25.70 -75.03 27.60
N ILE F 82 26.70 -74.25 27.98
CA ILE F 82 27.18 -73.15 27.14
C ILE F 82 28.34 -73.64 26.30
N PHE F 83 28.17 -73.57 24.98
CA PHE F 83 29.19 -73.99 24.02
C PHE F 83 29.78 -72.75 23.34
N ILE F 84 31.10 -72.62 23.44
CA ILE F 84 31.84 -71.57 22.76
C ILE F 84 32.79 -72.24 21.77
N ALA F 85 33.30 -71.45 20.83
CA ALA F 85 34.19 -71.98 19.80
C ALA F 85 35.21 -70.90 19.48
N ALA F 86 36.40 -70.99 20.07
CA ALA F 86 37.32 -69.86 20.02
C ALA F 86 38.12 -69.80 18.73
N GLY F 87 39.08 -70.70 18.55
CA GLY F 87 39.91 -70.64 17.36
C GLY F 87 39.55 -71.63 16.27
N SER F 88 39.60 -72.91 16.63
CA SER F 88 39.12 -73.96 15.75
C SER F 88 38.49 -75.10 16.54
N GLU F 89 38.37 -74.96 17.86
CA GLU F 89 37.86 -75.99 18.74
C GLU F 89 36.45 -75.61 19.18
N ILE F 90 35.90 -76.41 20.09
CA ILE F 90 34.64 -76.09 20.75
C ILE F 90 34.78 -76.46 22.21
N ARG F 91 34.71 -75.46 23.08
CA ARG F 91 34.71 -75.67 24.51
C ARG F 91 33.27 -75.66 25.01
N GLY F 92 33.01 -76.46 26.04
CA GLY F 92 31.67 -76.57 26.55
C GLY F 92 31.64 -76.62 28.06
N PHE F 93 30.96 -75.66 28.67
CA PHE F 93 30.89 -75.51 30.10
C PHE F 93 29.47 -75.78 30.58
N THR F 94 29.35 -76.17 31.84
CA THR F 94 28.04 -76.22 32.47
C THR F 94 27.65 -74.83 32.95
N LYS F 95 26.41 -74.70 33.44
CA LYS F 95 25.91 -73.39 33.83
C LYS F 95 26.67 -72.82 35.03
N ARG F 96 27.48 -73.64 35.71
CA ARG F 96 28.25 -73.16 36.84
C ARG F 96 29.72 -72.93 36.51
N GLY F 97 30.14 -73.19 35.28
CA GLY F 97 31.50 -72.91 34.86
C GLY F 97 32.41 -74.11 34.78
N LYS F 98 31.99 -75.28 35.26
CA LYS F 98 32.82 -76.47 35.16
C LYS F 98 32.84 -76.99 33.74
N GLN F 99 34.03 -77.03 33.14
CA GLN F 99 34.16 -77.49 31.76
C GLN F 99 33.77 -78.96 31.65
N PHE F 100 33.06 -79.30 30.57
CA PHE F 100 32.71 -80.69 30.31
C PHE F 100 32.93 -81.10 28.87
N LEU F 101 33.33 -80.18 27.99
CA LEU F 101 33.55 -80.54 26.60
C LEU F 101 34.76 -79.80 26.06
N SER F 102 35.60 -80.50 25.32
CA SER F 102 36.70 -79.86 24.61
C SER F 102 36.92 -80.64 23.31
N PHE F 103 36.24 -80.22 22.25
CA PHE F 103 36.32 -80.86 20.95
C PHE F 103 37.38 -80.16 20.12
N GLU F 104 38.32 -80.93 19.57
CA GLU F 104 39.37 -80.32 18.77
C GLU F 104 38.88 -79.92 17.39
N THR F 105 38.10 -80.79 16.75
CA THR F 105 37.49 -80.56 15.43
C THR F 105 38.40 -79.75 14.52
N ASN F 106 39.65 -80.23 14.40
CA ASN F 106 40.68 -79.53 13.66
C ASN F 106 40.20 -79.10 12.27
N LEU F 107 40.12 -77.79 12.05
CA LEU F 107 39.78 -77.22 10.76
C LEU F 107 41.03 -76.59 10.15
N THR F 108 40.83 -75.92 9.02
CA THR F 108 41.96 -75.30 8.33
C THR F 108 42.32 -73.95 8.92
N GLU F 109 41.37 -73.01 8.97
CA GLU F 109 41.68 -71.65 9.38
C GLU F 109 41.01 -71.24 10.69
N SER F 110 39.68 -71.34 10.80
CA SER F 110 38.98 -70.81 11.96
C SER F 110 37.50 -71.18 11.84
N ILE F 111 36.74 -70.79 12.86
CA ILE F 111 35.31 -71.07 12.95
C ILE F 111 34.57 -69.74 13.05
N LYS F 112 33.51 -69.58 12.26
CA LYS F 112 32.73 -68.35 12.24
C LYS F 112 31.24 -68.57 12.44
N ALA F 113 30.80 -69.78 12.80
CA ALA F 113 29.39 -70.06 13.00
C ALA F 113 29.25 -71.43 13.64
N MET F 114 28.13 -71.62 14.35
CA MET F 114 27.85 -72.90 14.97
C MET F 114 26.42 -72.93 15.45
N HIS F 115 25.84 -74.12 15.47
CA HIS F 115 24.48 -74.35 15.93
C HIS F 115 24.37 -75.74 16.54
N ILE F 116 23.72 -75.81 17.70
CA ILE F 116 23.60 -77.03 18.47
C ILE F 116 22.13 -77.37 18.61
N SER F 117 21.74 -78.56 18.16
CA SER F 117 20.39 -79.08 18.33
C SER F 117 20.51 -80.32 19.19
N GLY F 118 20.24 -80.17 20.48
CA GLY F 118 20.45 -81.26 21.40
C GLY F 118 21.92 -81.60 21.50
N SER F 119 22.30 -82.73 20.92
CA SER F 119 23.70 -83.09 20.79
C SER F 119 24.24 -82.89 19.38
N ASP F 120 23.38 -82.83 18.37
CA ASP F 120 23.82 -82.63 16.99
C ASP F 120 24.48 -81.26 16.85
N LEU F 121 25.61 -81.23 16.13
CA LEU F 121 26.42 -80.04 15.99
C LEU F 121 26.59 -79.69 14.53
N PHE F 122 26.45 -78.40 14.21
CA PHE F 122 26.63 -77.88 12.87
C PHE F 122 27.60 -76.71 12.98
N LEU F 123 28.84 -76.90 12.56
CA LEU F 123 29.82 -75.83 12.67
C LEU F 123 30.32 -75.45 11.29
N SER F 124 30.32 -74.15 11.02
CA SER F 124 30.72 -73.63 9.72
C SER F 124 32.15 -73.11 9.77
N ALA F 125 32.57 -72.53 8.67
CA ALA F 125 33.89 -71.93 8.53
C ALA F 125 33.82 -70.93 7.38
N SER F 126 34.99 -70.49 6.91
CA SER F 126 35.04 -69.62 5.74
C SER F 126 34.24 -70.21 4.59
N TYR F 127 34.61 -71.39 4.13
CA TYR F 127 33.83 -72.14 3.15
C TYR F 127 33.40 -73.50 3.64
N ILE F 128 34.22 -74.12 4.50
CA ILE F 128 33.92 -75.47 4.99
C ILE F 128 32.71 -75.45 5.90
N TYR F 129 31.87 -76.48 5.77
CA TYR F 129 30.75 -76.70 6.67
C TYR F 129 30.79 -78.15 7.14
N ASN F 130 30.58 -78.37 8.43
CA ASN F 130 30.66 -79.70 9.03
C ASN F 130 29.45 -79.94 9.91
N HIS F 131 29.03 -81.21 9.95
CA HIS F 131 27.99 -81.67 10.86
C HIS F 131 28.47 -82.91 11.59
N TYR F 132 28.40 -82.86 12.91
CA TYR F 132 28.82 -83.94 13.78
C TYR F 132 27.64 -84.44 14.60
N CYS F 133 27.67 -85.73 14.91
CA CYS F 133 26.72 -86.35 15.84
C CYS F 133 27.56 -86.83 17.03
N ASP F 134 27.68 -85.98 18.04
CA ASP F 134 28.51 -86.24 19.22
C ASP F 134 29.96 -86.48 18.80
N CYS F 135 30.56 -85.45 18.22
CA CYS F 135 31.97 -85.38 17.85
C CYS F 135 32.37 -86.41 16.80
N LYS F 136 31.41 -87.14 16.22
CA LYS F 136 31.68 -88.12 15.19
C LYS F 136 31.36 -87.50 13.84
N ASP F 137 32.40 -87.35 13.00
CA ASP F 137 32.24 -86.70 11.71
C ASP F 137 31.17 -87.40 10.88
N GLN F 138 30.07 -86.70 10.62
CA GLN F 138 28.93 -87.26 9.92
C GLN F 138 28.71 -86.67 8.54
N HIS F 139 28.79 -85.35 8.39
CA HIS F 139 28.53 -84.74 7.10
C HIS F 139 29.51 -83.59 6.87
N TYR F 140 29.83 -83.35 5.60
CA TYR F 140 30.82 -82.36 5.22
C TYR F 140 30.37 -81.71 3.92
N TYR F 141 30.73 -80.43 3.75
CA TYR F 141 30.37 -79.73 2.53
C TYR F 141 31.32 -78.56 2.34
N LEU F 142 31.56 -78.21 1.08
CA LEU F 142 32.42 -77.10 0.73
C LEU F 142 31.66 -76.22 -0.26
N SER F 143 30.90 -75.28 0.27
CA SER F 143 30.18 -74.33 -0.58
C SER F 143 31.17 -73.42 -1.29
N GLY F 144 30.86 -73.08 -2.53
CA GLY F 144 31.74 -72.21 -3.30
C GLY F 144 31.80 -70.79 -2.81
N ASP F 145 30.95 -70.43 -1.84
CA ASP F 145 30.86 -69.07 -1.34
C ASP F 145 30.93 -69.08 0.19
N LYS F 146 31.33 -67.94 0.74
CA LYS F 146 31.47 -67.80 2.18
C LYS F 146 30.14 -68.05 2.89
N ILE F 147 30.22 -68.60 4.09
CA ILE F 147 29.05 -68.91 4.90
C ILE F 147 28.96 -67.89 6.02
N ASN F 148 27.75 -67.42 6.29
CA ASN F 148 27.53 -66.43 7.34
C ASN F 148 27.02 -67.04 8.63
N ASP F 149 26.11 -68.01 8.54
CA ASP F 149 25.59 -68.68 9.71
C ASP F 149 25.00 -70.01 9.27
N VAL F 150 24.67 -70.84 10.26
CA VAL F 150 24.09 -72.16 10.03
C VAL F 150 22.99 -72.38 11.05
N ILE F 151 21.84 -72.86 10.59
CA ILE F 151 20.72 -73.16 11.47
C ILE F 151 20.18 -74.53 11.11
N CYS F 152 19.46 -75.13 12.06
CA CYS F 152 18.79 -76.40 11.86
C CYS F 152 17.38 -76.32 12.39
N LEU F 153 16.44 -76.84 11.61
CA LEU F 153 15.04 -76.77 11.99
C LEU F 153 14.76 -77.69 13.18
N PRO F 154 13.69 -77.43 13.93
CA PRO F 154 13.42 -78.24 15.13
C PRO F 154 13.10 -79.69 14.77
N VAL F 155 14.01 -80.60 15.12
CA VAL F 155 13.92 -82.01 14.76
C VAL F 155 12.87 -82.71 15.60
N GLU F 156 12.15 -81.96 16.42
CA GLU F 156 11.07 -82.52 17.23
C GLU F 156 9.68 -82.11 16.73
N ARG F 157 9.43 -80.81 16.58
CA ARG F 157 8.18 -80.38 15.96
C ARG F 157 8.13 -80.80 14.50
N LEU F 158 9.30 -80.97 13.88
CA LEU F 158 9.44 -81.54 12.56
C LEU F 158 10.13 -82.90 12.72
N LEU F 159 10.11 -83.70 11.65
CA LEU F 159 10.58 -85.08 11.74
C LEU F 159 12.05 -85.24 11.37
N ARG F 160 12.45 -84.78 10.18
CA ARG F 160 13.78 -85.04 9.68
C ARG F 160 14.79 -84.04 10.24
N GLU F 161 15.99 -84.05 9.68
CA GLU F 161 17.07 -83.15 10.08
C GLU F 161 17.52 -82.38 8.84
N VAL F 162 16.92 -81.22 8.62
CA VAL F 162 17.23 -80.41 7.46
C VAL F 162 17.89 -79.10 7.89
N PRO F 163 19.22 -79.02 7.82
CA PRO F 163 19.91 -77.80 8.24
C PRO F 163 19.94 -76.77 7.12
N VAL F 164 19.50 -75.55 7.43
CA VAL F 164 19.65 -74.45 6.50
C VAL F 164 21.07 -73.89 6.62
N LEU F 165 21.46 -73.09 5.64
CA LEU F 165 22.84 -72.61 5.59
C LEU F 165 22.88 -71.34 4.75
N ALA F 166 23.25 -70.23 5.40
CA ALA F 166 23.22 -68.90 4.78
C ALA F 166 24.54 -68.65 4.08
N CYS F 167 24.50 -68.53 2.76
CA CYS F 167 25.67 -68.18 1.95
C CYS F 167 25.71 -66.68 1.70
N GLN F 168 26.92 -66.17 1.50
CA GLN F 168 27.15 -64.74 1.37
C GLN F 168 26.78 -64.20 -0.02
N ASP F 169 26.35 -65.05 -0.95
CA ASP F 169 25.97 -64.61 -2.28
C ASP F 169 24.46 -64.59 -2.47
N ARG F 170 23.72 -64.20 -1.43
CA ARG F 170 22.29 -63.94 -1.51
C ARG F 170 21.49 -65.19 -1.89
N VAL F 171 21.96 -66.37 -1.50
CA VAL F 171 21.22 -67.61 -1.71
C VAL F 171 21.22 -68.40 -0.41
N LEU F 172 20.05 -68.87 -0.01
CA LEU F 172 19.92 -69.80 1.11
C LEU F 172 19.94 -71.21 0.55
N ARG F 173 21.02 -71.95 0.83
CA ARG F 173 21.21 -73.28 0.26
C ARG F 173 20.67 -74.30 1.23
N VAL F 174 19.38 -74.63 1.10
CA VAL F 174 18.76 -75.61 1.99
C VAL F 174 19.26 -76.99 1.58
N LEU F 175 20.05 -77.60 2.44
CA LEU F 175 20.70 -78.87 2.15
C LEU F 175 20.28 -79.91 3.19
N GLN F 176 20.41 -81.18 2.82
CA GLN F 176 20.16 -82.28 3.72
C GLN F 176 21.36 -83.22 3.66
N GLY F 177 21.75 -83.74 4.82
CA GLY F 177 22.90 -84.62 4.88
C GLY F 177 24.16 -83.91 4.43
N SER F 178 24.66 -84.25 3.25
CA SER F 178 25.86 -83.64 2.70
C SER F 178 25.66 -83.18 1.26
N ASP F 179 24.41 -82.95 0.87
CA ASP F 179 24.10 -82.47 -0.47
C ASP F 179 22.98 -81.44 -0.39
N VAL F 180 23.00 -80.50 -1.32
CA VAL F 180 22.06 -79.40 -1.32
C VAL F 180 20.71 -79.89 -1.87
N THR F 181 19.64 -79.62 -1.12
CA THR F 181 18.32 -79.97 -1.60
C THR F 181 17.80 -78.94 -2.60
N TYR F 182 17.77 -77.67 -2.22
CA TYR F 182 17.36 -76.63 -3.15
C TYR F 182 17.86 -75.26 -2.65
N GLU F 183 17.41 -74.21 -3.33
CA GLU F 183 17.91 -72.85 -3.13
C GLU F 183 16.75 -71.91 -2.83
N ILE F 184 17.05 -70.83 -2.12
CA ILE F 184 16.12 -69.73 -1.92
C ILE F 184 16.83 -68.44 -2.29
N GLU F 185 16.10 -67.54 -2.95
CA GLU F 185 16.60 -66.21 -3.24
C GLU F 185 16.32 -65.30 -2.06
N VAL F 186 17.28 -64.45 -1.74
CA VAL F 186 17.11 -63.44 -0.69
C VAL F 186 17.72 -62.13 -1.17
N PRO F 187 17.02 -61.01 -1.01
CA PRO F 187 17.59 -59.71 -1.38
C PRO F 187 18.54 -59.21 -0.30
N GLY F 188 19.83 -59.22 -0.60
CA GLY F 188 20.84 -58.85 0.36
C GLY F 188 21.54 -60.07 0.93
N PRO F 189 22.80 -59.92 1.30
CA PRO F 189 23.56 -61.06 1.83
C PRO F 189 23.10 -61.43 3.22
N PRO F 190 22.54 -62.62 3.40
CA PRO F 190 22.04 -63.01 4.73
C PRO F 190 23.20 -63.21 5.71
N THR F 191 23.12 -62.52 6.85
CA THR F 191 24.12 -62.60 7.89
C THR F 191 23.63 -63.30 9.15
N VAL F 192 22.34 -63.23 9.44
CA VAL F 192 21.76 -63.90 10.59
C VAL F 192 20.44 -64.53 10.17
N LEU F 193 20.12 -65.65 10.81
CA LEU F 193 18.85 -66.33 10.60
C LEU F 193 18.54 -67.17 11.82
N ALA F 194 17.27 -67.20 12.20
CA ALA F 194 16.87 -67.87 13.43
C ALA F 194 15.39 -68.23 13.34
N LEU F 195 15.00 -69.32 14.00
CA LEU F 195 13.60 -69.68 14.07
C LEU F 195 12.83 -68.61 14.84
N HIS F 196 11.73 -68.14 14.27
CA HIS F 196 11.09 -66.94 14.80
C HIS F 196 10.10 -67.27 15.93
N ASN F 197 10.54 -68.10 16.86
CA ASN F 197 9.76 -68.47 18.03
C ASN F 197 10.65 -69.34 18.91
N GLY F 198 10.17 -69.61 20.13
CA GLY F 198 10.87 -70.49 21.03
C GLY F 198 10.95 -71.93 20.56
N ASN F 199 10.18 -72.30 19.54
CA ASN F 199 10.22 -73.66 18.99
C ASN F 199 10.46 -73.62 17.49
N GLY F 200 9.94 -72.60 16.82
CA GLY F 200 10.08 -72.52 15.38
C GLY F 200 8.75 -72.35 14.66
N GLY F 201 7.74 -71.87 15.38
CA GLY F 201 6.46 -71.62 14.76
C GLY F 201 5.48 -72.74 15.00
N ASP F 202 4.20 -72.38 15.16
CA ASP F 202 3.16 -73.38 15.37
C ASP F 202 2.92 -74.21 14.11
N SER F 203 3.18 -73.62 12.95
CA SER F 203 2.99 -74.29 11.67
C SER F 203 4.30 -74.98 11.29
N GLY F 204 4.59 -76.10 11.98
CA GLY F 204 5.79 -76.85 11.70
C GLY F 204 7.06 -76.05 11.90
N GLU F 205 7.70 -75.67 10.80
CA GLU F 205 8.98 -74.98 10.83
C GLU F 205 8.85 -73.64 10.13
N ASP F 206 9.61 -72.66 10.62
CA ASP F 206 9.54 -71.28 10.13
C ASP F 206 10.91 -70.64 10.30
N LEU F 207 11.51 -70.21 9.19
CA LEU F 207 12.81 -69.55 9.22
C LEU F 207 12.63 -68.03 9.23
N LEU F 208 13.62 -67.33 9.78
CA LEU F 208 13.58 -65.87 9.87
C LEU F 208 15.01 -65.36 9.71
N PHE F 209 15.35 -64.93 8.50
CA PHE F 209 16.70 -64.50 8.16
C PHE F 209 16.80 -62.98 8.16
N GLY F 210 18.01 -62.49 8.37
CA GLY F 210 18.29 -61.07 8.24
C GLY F 210 19.49 -60.87 7.34
N THR F 211 19.45 -59.82 6.54
CA THR F 211 20.47 -59.56 5.53
C THR F 211 21.45 -58.49 6.02
N SER F 212 22.39 -58.14 5.15
CA SER F 212 23.48 -57.24 5.48
C SER F 212 23.13 -55.77 5.21
N ASP F 213 22.21 -55.50 4.29
CA ASP F 213 21.75 -54.13 4.09
C ASP F 213 20.57 -53.77 4.97
N GLY F 214 19.97 -54.76 5.63
CA GLY F 214 18.80 -54.55 6.46
C GLY F 214 17.55 -54.99 5.76
N LYS F 215 17.10 -56.20 6.07
CA LYS F 215 15.91 -56.84 5.53
C LYS F 215 15.71 -58.13 6.27
N LEU F 216 14.45 -58.51 6.47
CA LEU F 216 14.13 -59.73 7.19
C LEU F 216 13.03 -60.49 6.46
N GLY F 217 12.98 -61.80 6.66
CA GLY F 217 11.99 -62.59 5.95
C GLY F 217 11.59 -63.80 6.75
N LEU F 218 10.58 -64.51 6.24
CA LEU F 218 9.97 -65.65 6.90
C LEU F 218 9.84 -66.83 5.95
N ILE F 219 10.95 -67.20 5.31
CA ILE F 219 10.92 -68.27 4.32
C ILE F 219 10.55 -69.57 5.03
N GLN F 220 9.32 -70.03 4.81
CA GLN F 220 8.87 -71.33 5.30
C GLN F 220 9.29 -72.38 4.29
N ILE F 221 10.23 -73.23 4.68
CA ILE F 221 10.85 -74.18 3.75
C ILE F 221 10.17 -75.53 3.91
N THR F 222 9.47 -75.95 2.86
CA THR F 222 8.80 -77.24 2.82
C THR F 222 9.79 -78.31 2.35
N THR F 223 9.26 -79.48 1.99
CA THR F 223 10.12 -80.60 1.62
C THR F 223 10.90 -80.29 0.35
N SER F 224 10.28 -79.61 -0.62
CA SER F 224 10.96 -79.33 -1.88
C SER F 224 10.73 -77.94 -2.43
N LYS F 225 10.03 -77.06 -1.69
CA LYS F 225 9.79 -75.72 -2.21
C LYS F 225 9.72 -74.72 -1.04
N PRO F 226 10.41 -73.59 -1.15
CA PRO F 226 10.29 -72.55 -0.12
C PRO F 226 9.21 -71.53 -0.46
N ILE F 227 8.43 -71.16 0.55
CA ILE F 227 7.34 -70.20 0.38
C ILE F 227 7.66 -68.98 1.23
N HIS F 228 7.58 -67.80 0.61
CA HIS F 228 7.83 -66.54 1.30
C HIS F 228 6.55 -66.09 1.98
N LYS F 229 6.49 -66.22 3.30
CA LYS F 229 5.34 -65.68 4.03
C LYS F 229 5.21 -64.19 3.78
N TRP F 230 6.26 -63.44 4.09
CA TRP F 230 6.33 -62.00 3.84
C TRP F 230 7.73 -61.55 4.18
N GLU F 231 7.97 -60.25 4.05
CA GLU F 231 9.30 -59.70 4.22
C GLU F 231 9.22 -58.27 4.73
N ILE F 232 10.19 -57.91 5.57
CA ILE F 232 10.44 -56.53 5.96
C ILE F 232 11.57 -56.01 5.07
N ARG F 233 11.25 -54.99 4.28
CA ARG F 233 12.24 -54.26 3.48
C ARG F 233 12.39 -52.88 4.11
N ASN F 234 13.58 -52.60 4.63
CA ASN F 234 13.81 -51.36 5.35
C ASN F 234 13.46 -50.15 4.50
N GLU F 235 12.72 -49.21 5.10
CA GLU F 235 12.31 -48.00 4.41
C GLU F 235 13.20 -46.81 4.71
N LYS F 236 13.68 -46.67 5.94
CA LYS F 236 14.59 -45.60 6.30
C LYS F 236 15.71 -46.01 7.23
N LYS F 237 15.84 -47.30 7.55
CA LYS F 237 16.72 -47.73 8.64
C LYS F 237 17.81 -48.67 8.15
N ARG F 238 18.50 -48.28 7.09
CA ARG F 238 19.60 -49.08 6.55
C ARG F 238 20.59 -49.43 7.64
N GLY F 239 21.23 -50.57 7.50
CA GLY F 239 22.16 -51.07 8.49
C GLY F 239 22.21 -52.57 8.47
N GLY F 240 23.35 -53.12 8.89
CA GLY F 240 23.55 -54.55 8.87
C GLY F 240 22.82 -55.24 10.00
N ILE F 241 21.92 -56.16 9.66
CA ILE F 241 21.26 -56.98 10.67
C ILE F 241 22.30 -57.93 11.24
N LEU F 242 22.75 -57.68 12.47
CA LEU F 242 23.74 -58.51 13.10
C LEU F 242 23.14 -59.58 14.00
N CYS F 243 21.98 -59.34 14.58
CA CYS F 243 21.42 -60.24 15.57
C CYS F 243 19.91 -60.07 15.66
N VAL F 244 19.22 -61.19 15.87
CA VAL F 244 17.77 -61.22 15.99
C VAL F 244 17.39 -62.15 17.12
N ASP F 245 16.17 -61.98 17.62
CA ASP F 245 15.65 -62.82 18.69
C ASP F 245 14.13 -62.70 18.71
N SER F 246 13.50 -63.68 19.36
CA SER F 246 12.06 -63.72 19.52
C SER F 246 11.72 -63.57 20.99
N PHE F 247 10.84 -62.64 21.32
CA PHE F 247 10.45 -62.36 22.69
C PHE F 247 9.22 -61.44 22.69
N ASP F 248 8.35 -61.66 23.66
CA ASP F 248 7.05 -61.00 23.75
C ASP F 248 7.12 -59.89 24.79
N ILE F 249 7.41 -58.68 24.34
CA ILE F 249 7.45 -57.51 25.22
C ILE F 249 6.09 -56.84 25.32
N VAL F 250 5.45 -56.57 24.18
CA VAL F 250 4.13 -55.96 24.22
C VAL F 250 3.12 -56.96 24.77
N GLY F 251 2.03 -56.43 25.31
CA GLY F 251 1.01 -57.26 25.94
C GLY F 251 0.17 -58.10 25.01
N ASP F 252 0.56 -58.22 23.74
CA ASP F 252 -0.22 -59.04 22.80
C ASP F 252 -0.20 -60.51 23.21
N GLY F 253 0.96 -61.01 23.66
CA GLY F 253 1.05 -62.29 24.33
C GLY F 253 1.70 -63.40 23.53
N VAL F 254 1.69 -63.34 22.19
CA VAL F 254 2.19 -64.49 21.44
C VAL F 254 3.70 -64.47 21.36
N LYS F 255 4.27 -63.48 20.67
CA LYS F 255 5.71 -63.22 20.65
C LYS F 255 5.97 -62.01 19.75
N ASP F 256 7.14 -61.41 19.92
CA ASP F 256 7.59 -60.29 19.12
C ASP F 256 8.96 -60.58 18.56
N LEU F 257 9.44 -59.71 17.68
CA LEU F 257 10.75 -59.83 17.07
C LEU F 257 11.63 -58.67 17.51
N LEU F 258 12.80 -58.98 18.07
CA LEU F 258 13.80 -57.98 18.41
C LEU F 258 14.94 -58.11 17.42
N VAL F 259 15.39 -56.98 16.86
CA VAL F 259 16.42 -57.00 15.84
C VAL F 259 17.41 -55.87 16.12
N GLY F 260 18.70 -56.16 15.92
CA GLY F 260 19.71 -55.15 16.12
C GLY F 260 20.49 -54.82 14.87
N ARG F 261 20.32 -53.61 14.36
CA ARG F 261 21.05 -53.18 13.18
C ARG F 261 22.53 -53.01 13.51
N ASP F 262 23.31 -52.66 12.50
CA ASP F 262 24.74 -52.49 12.68
C ASP F 262 25.10 -51.09 13.18
N ASP F 263 24.38 -50.07 12.73
CA ASP F 263 24.65 -48.70 13.17
C ASP F 263 24.30 -48.48 14.63
N GLY F 264 23.48 -49.34 15.22
CA GLY F 264 23.06 -49.20 16.61
C GLY F 264 21.57 -49.29 16.82
N MET F 265 20.76 -49.14 15.77
CA MET F 265 19.32 -49.18 15.93
C MET F 265 18.87 -50.52 16.51
N VAL F 266 17.92 -50.45 17.42
CA VAL F 266 17.31 -51.63 18.04
C VAL F 266 15.82 -51.56 17.78
N GLU F 267 15.30 -52.46 16.94
CA GLU F 267 13.92 -52.39 16.50
C GLU F 267 13.14 -53.57 17.06
N VAL F 268 11.84 -53.35 17.24
CA VAL F 268 10.92 -54.34 17.75
C VAL F 268 9.72 -54.40 16.83
N TYR F 269 9.29 -55.60 16.47
CA TYR F 269 8.20 -55.82 15.54
C TYR F 269 7.16 -56.71 16.20
N GLY F 270 5.89 -56.31 16.08
CA GLY F 270 4.79 -57.11 16.58
C GLY F 270 3.89 -57.56 15.45
N PHE F 271 3.05 -58.55 15.70
CA PHE F 271 2.26 -59.19 14.64
C PHE F 271 0.78 -59.07 14.94
N ASP F 272 0.35 -57.85 15.32
CA ASP F 272 -1.08 -57.61 15.49
C ASP F 272 -1.85 -57.86 14.20
N ASN F 273 -1.20 -57.67 13.04
CA ASN F 273 -1.82 -57.93 11.76
C ASN F 273 -2.08 -59.42 11.52
N ALA F 274 -1.41 -60.28 12.29
CA ALA F 274 -1.46 -61.74 12.16
C ALA F 274 -0.73 -62.20 10.91
N ASN F 275 -0.32 -61.27 10.08
CA ASN F 275 0.57 -61.57 8.96
C ASN F 275 1.76 -60.61 8.88
N GLU F 276 1.56 -59.33 9.15
CA GLU F 276 2.57 -58.33 8.86
C GLU F 276 3.09 -57.71 10.15
N PRO F 277 4.37 -57.34 10.21
CA PRO F 277 4.89 -56.72 11.42
C PRO F 277 4.61 -55.23 11.46
N VAL F 278 4.81 -54.65 12.65
CA VAL F 278 4.70 -53.22 12.83
C VAL F 278 5.78 -52.79 13.83
N LEU F 279 6.41 -51.66 13.56
CA LEU F 279 7.50 -51.18 14.40
C LEU F 279 6.94 -50.57 15.68
N ARG F 280 7.60 -50.84 16.80
CA ARG F 280 7.18 -50.33 18.10
C ARG F 280 8.23 -49.43 18.74
N PHE F 281 9.49 -49.86 18.77
CA PHE F 281 10.56 -49.13 19.45
C PHE F 281 11.77 -49.07 18.55
N ASP F 282 12.16 -47.86 18.16
CA ASP F 282 13.33 -47.62 17.31
C ASP F 282 14.31 -46.76 18.09
N HIS F 283 15.37 -47.37 18.59
CA HIS F 283 16.34 -46.66 19.43
C HIS F 283 17.75 -47.01 18.99
N THR F 284 18.62 -46.01 18.95
CA THR F 284 20.00 -46.17 18.52
C THR F 284 20.93 -46.30 19.72
N LEU F 285 22.06 -46.99 19.51
CA LEU F 285 23.03 -47.23 20.56
C LEU F 285 24.43 -46.73 20.22
N SER F 286 24.62 -46.10 19.07
CA SER F 286 25.87 -45.46 18.67
C SER F 286 27.03 -46.43 18.50
N GLU F 287 26.76 -47.73 18.43
CA GLU F 287 27.78 -48.74 18.18
C GLU F 287 27.14 -49.88 17.39
N SER F 288 27.86 -50.99 17.31
CA SER F 288 27.35 -52.19 16.66
C SER F 288 26.70 -53.07 17.72
N VAL F 289 25.37 -53.07 17.79
CA VAL F 289 24.69 -53.91 18.76
C VAL F 289 24.80 -55.35 18.28
N THR F 290 25.74 -56.09 18.87
CA THR F 290 26.17 -57.36 18.32
C THR F 290 25.34 -58.54 18.80
N SER F 291 24.58 -58.40 19.88
CA SER F 291 23.78 -59.50 20.39
C SER F 291 22.55 -58.95 21.09
N ILE F 292 21.41 -59.59 20.88
CA ILE F 292 20.15 -59.15 21.46
C ILE F 292 19.43 -60.33 22.09
N GLN F 293 18.82 -60.10 23.25
CA GLN F 293 17.99 -61.10 23.90
C GLN F 293 16.88 -60.38 24.66
N GLY F 294 15.83 -61.11 25.00
CA GLY F 294 14.75 -60.55 25.79
C GLY F 294 14.53 -61.29 27.09
N GLY F 295 14.03 -60.60 28.11
CA GLY F 295 13.78 -61.25 29.38
C GLY F 295 13.83 -60.31 30.57
N CYS F 296 14.52 -60.73 31.63
CA CYS F 296 14.71 -59.90 32.81
C CYS F 296 16.04 -60.26 33.45
N VAL F 297 16.88 -59.26 33.69
CA VAL F 297 18.22 -59.50 34.21
C VAL F 297 18.34 -58.86 35.59
N GLY F 298 17.56 -57.81 35.83
CA GLY F 298 17.52 -57.18 37.13
C GLY F 298 16.14 -56.65 37.41
N LYS F 299 15.77 -56.65 38.69
CA LYS F 299 14.44 -56.20 39.13
C LYS F 299 13.35 -57.01 38.45
N ASP F 300 13.30 -58.29 38.81
CA ASP F 300 12.39 -59.25 38.20
C ASP F 300 10.95 -58.75 38.22
N GLY F 301 10.15 -59.29 37.30
CA GLY F 301 8.77 -58.90 37.10
C GLY F 301 8.57 -58.03 35.87
N TYR F 302 9.55 -57.22 35.52
CA TYR F 302 9.48 -56.34 34.36
C TYR F 302 10.24 -56.96 33.19
N ASP F 303 9.64 -56.93 32.01
CA ASP F 303 10.33 -57.37 30.81
C ASP F 303 11.31 -56.30 30.36
N GLU F 304 12.26 -56.72 29.53
CA GLU F 304 13.34 -55.84 29.10
C GLU F 304 14.11 -56.51 27.97
N ILE F 305 14.94 -55.72 27.30
CA ILE F 305 15.88 -56.19 26.29
C ILE F 305 17.28 -56.09 26.86
N VAL F 306 18.11 -57.09 26.58
CA VAL F 306 19.52 -57.03 26.91
C VAL F 306 20.30 -57.07 25.59
N VAL F 307 21.11 -56.05 25.36
CA VAL F 307 21.86 -55.91 24.12
C VAL F 307 23.34 -55.77 24.46
N SER F 308 24.16 -56.62 23.87
CA SER F 308 25.60 -56.49 23.91
C SER F 308 26.05 -55.79 22.63
N THR F 309 26.83 -54.73 22.80
CA THR F 309 27.33 -53.93 21.70
C THR F 309 28.74 -54.39 21.31
N TYR F 310 29.37 -53.62 20.43
CA TYR F 310 30.68 -54.02 19.92
C TYR F 310 31.77 -53.81 20.96
N SER F 311 31.75 -52.69 21.66
CA SER F 311 32.79 -52.40 22.63
C SER F 311 32.67 -53.26 23.88
N GLY F 312 31.59 -54.02 24.01
CA GLY F 312 31.37 -54.84 25.17
C GLY F 312 30.48 -54.25 26.24
N TRP F 313 29.68 -53.23 25.90
CA TRP F 313 28.81 -52.59 26.88
C TRP F 313 27.48 -53.31 26.86
N ILE F 314 27.28 -54.17 27.85
CA ILE F 314 26.11 -55.03 27.96
C ILE F 314 25.00 -54.20 28.61
N THR F 315 24.20 -53.53 27.79
CA THR F 315 23.18 -52.63 28.31
C THR F 315 21.81 -53.29 28.23
N GLY F 316 20.83 -52.61 28.82
CA GLY F 316 19.47 -53.13 28.84
C GLY F 316 18.49 -52.00 28.71
N LEU F 317 17.33 -52.32 28.16
CA LEU F 317 16.23 -51.39 27.98
C LEU F 317 15.03 -51.99 28.69
N THR F 318 14.62 -51.38 29.80
CA THR F 318 13.61 -51.93 30.68
C THR F 318 12.27 -51.23 30.50
N THR F 319 11.24 -51.82 31.09
CA THR F 319 9.88 -51.30 31.02
C THR F 319 9.52 -50.39 32.19
N GLU F 320 10.26 -50.44 33.31
CA GLU F 320 9.89 -49.59 34.42
C GLU F 320 10.81 -48.37 34.51
N PRO F 321 10.29 -47.21 34.92
CA PRO F 321 11.08 -45.98 35.03
C PRO F 321 11.93 -45.95 36.29
N ASN F 335 19.91 -38.41 40.03
CA ASN F 335 19.34 -38.05 41.33
C ASN F 335 20.28 -38.49 42.45
N GLN F 336 19.91 -39.55 43.16
CA GLN F 336 20.73 -40.10 44.23
C GLN F 336 21.63 -41.23 43.77
N GLU F 337 21.62 -41.57 42.49
CA GLU F 337 22.45 -42.64 41.96
C GLU F 337 23.59 -42.15 41.08
N MET F 338 23.37 -41.09 40.32
CA MET F 338 24.43 -40.55 39.46
C MET F 338 25.64 -40.12 40.28
N GLN F 339 25.40 -39.39 41.38
CA GLN F 339 26.50 -38.96 42.23
C GLN F 339 27.23 -40.16 42.86
N ASN F 340 26.47 -41.21 43.21
CA ASN F 340 27.10 -42.39 43.81
C ASN F 340 28.01 -43.09 42.82
N LYS F 341 27.50 -43.38 41.62
CA LYS F 341 28.33 -44.03 40.61
C LYS F 341 29.52 -43.16 40.25
N ILE F 342 29.33 -41.84 40.18
CA ILE F 342 30.44 -40.99 39.77
C ILE F 342 31.46 -40.83 40.89
N SER F 343 31.06 -40.99 42.15
CA SER F 343 32.03 -40.95 43.24
C SER F 343 32.84 -42.24 43.29
N SER F 344 32.17 -43.38 43.14
CA SER F 344 32.89 -44.63 42.96
C SER F 344 33.89 -44.51 41.81
N LEU F 345 33.46 -43.87 40.72
CA LEU F 345 34.35 -43.67 39.59
C LEU F 345 35.45 -42.66 39.91
N ARG F 346 35.20 -41.72 40.82
CA ARG F 346 36.26 -40.82 41.26
C ARG F 346 37.37 -41.61 41.95
N SER F 347 36.99 -42.50 42.86
CA SER F 347 37.98 -43.37 43.49
C SER F 347 38.73 -44.21 42.47
N GLU F 348 37.97 -44.84 41.56
CA GLU F 348 38.58 -45.67 40.53
C GLU F 348 39.56 -44.86 39.67
N LEU F 349 39.17 -43.66 39.25
CA LEU F 349 40.03 -42.87 38.40
C LEU F 349 41.28 -42.43 39.15
N GLU F 350 41.13 -42.05 40.42
CA GLU F 350 42.32 -41.72 41.22
C GLU F 350 43.32 -42.88 41.18
N GLN F 351 42.88 -44.06 41.62
CA GLN F 351 43.81 -45.19 41.75
C GLN F 351 44.40 -45.57 40.40
N LEU F 352 43.55 -45.68 39.38
CA LEU F 352 44.01 -46.15 38.07
C LEU F 352 44.92 -45.12 37.41
N GLN F 353 44.57 -43.83 37.50
CA GLN F 353 45.43 -42.80 36.92
C GLN F 353 46.79 -42.78 37.59
N TYR F 354 46.83 -42.98 38.92
CA TYR F 354 48.13 -43.03 39.58
C TYR F 354 48.95 -44.22 39.10
N LYS F 355 48.32 -45.40 39.02
CA LYS F 355 49.04 -46.58 38.54
C LYS F 355 49.59 -46.40 37.13
N VAL F 356 48.78 -45.84 36.22
CA VAL F 356 49.21 -45.76 34.84
C VAL F 356 50.22 -44.65 34.65
N LEU F 357 50.19 -43.60 35.49
CA LEU F 357 51.25 -42.60 35.40
C LEU F 357 52.55 -43.20 35.93
N GLN F 358 52.46 -44.05 36.95
CA GLN F 358 53.64 -44.76 37.42
C GLN F 358 54.41 -45.52 36.34
N GLU F 359 53.74 -46.44 35.66
CA GLU F 359 54.43 -47.17 34.60
C GLU F 359 54.61 -46.38 33.27
N ARG F 360 53.91 -45.24 33.18
CA ARG F 360 54.13 -44.31 32.07
C ARG F 360 55.54 -43.80 32.30
N GLU F 361 55.83 -43.31 33.51
CA GLU F 361 57.17 -42.87 33.82
C GLU F 361 58.17 -44.01 33.75
N LYS F 362 57.75 -45.23 34.11
CA LYS F 362 58.65 -46.38 33.95
C LYS F 362 59.00 -46.61 32.49
N TYR F 363 57.98 -46.62 31.62
CA TYR F 363 58.22 -46.83 30.20
C TYR F 363 59.06 -45.72 29.60
N GLN F 364 58.89 -44.49 30.09
CA GLN F 364 59.74 -43.39 29.64
C GLN F 364 61.17 -43.58 30.13
N GLN F 365 61.34 -44.06 31.36
CA GLN F 365 62.67 -44.39 31.87
C GLN F 365 63.35 -45.46 31.04
N SER F 366 62.58 -46.41 30.49
CA SER F 366 63.13 -47.44 29.62
C SER F 366 63.33 -46.97 28.20
N SER F 367 63.04 -45.70 27.90
CA SER F 367 63.11 -45.19 26.54
C SER F 367 64.48 -44.62 26.18
N GLN F 368 65.53 -44.95 26.92
CA GLN F 368 66.88 -44.50 26.62
C GLN F 368 67.84 -45.65 26.39
N SER F 369 67.38 -46.89 26.47
CA SER F 369 68.21 -48.07 26.31
C SER F 369 68.21 -48.50 24.84
N SER F 370 69.40 -48.83 24.33
CA SER F 370 69.50 -49.20 22.92
C SER F 370 69.01 -50.62 22.69
N LYS F 371 69.34 -51.55 23.57
CA LYS F 371 68.90 -52.93 23.42
C LYS F 371 67.38 -53.03 23.47
N ALA F 372 66.73 -52.16 24.24
CA ALA F 372 65.28 -52.19 24.38
C ALA F 372 64.60 -52.04 23.02
N LYS F 373 63.36 -52.51 22.97
CA LYS F 373 62.58 -52.47 21.73
C LYS F 373 61.13 -52.18 22.09
N SER F 374 60.56 -51.14 21.50
CA SER F 374 59.22 -50.70 21.84
C SER F 374 58.19 -51.65 21.25
N ALA F 375 57.41 -52.27 22.13
CA ALA F 375 56.30 -53.11 21.69
C ALA F 375 55.17 -52.23 21.17
N VAL F 376 54.05 -52.85 20.82
CA VAL F 376 52.95 -52.11 20.21
C VAL F 376 51.64 -52.49 20.88
N PRO F 377 50.77 -51.54 21.20
CA PRO F 377 49.42 -51.82 21.73
C PRO F 377 48.41 -52.12 20.63
N SER F 378 48.39 -53.37 20.18
CA SER F 378 47.51 -53.75 19.08
C SER F 378 46.04 -53.65 19.50
N PHE F 379 45.21 -53.23 18.55
CA PHE F 379 43.79 -53.06 18.79
C PHE F 379 43.03 -53.60 17.59
N SER F 380 41.71 -53.64 17.70
CA SER F 380 40.85 -54.28 16.73
C SER F 380 39.92 -53.25 16.10
N VAL F 381 39.91 -53.21 14.78
CA VAL F 381 39.03 -52.33 14.01
C VAL F 381 38.07 -53.20 13.21
N ASN F 382 36.81 -52.75 13.14
CA ASN F 382 35.74 -53.51 12.49
C ASN F 382 35.25 -52.70 11.30
N ASP F 383 35.91 -52.88 10.17
CA ASP F 383 35.61 -52.14 8.95
C ASP F 383 34.54 -52.87 8.13
N LYS F 384 33.85 -52.10 7.28
CA LYS F 384 32.78 -52.64 6.44
C LYS F 384 32.71 -51.80 5.17
N PHE F 385 33.30 -52.31 4.10
CA PHE F 385 33.39 -51.58 2.83
C PHE F 385 32.38 -52.17 1.87
N THR F 386 31.15 -51.68 1.96
CA THR F 386 30.04 -52.21 1.18
C THR F 386 29.62 -51.22 0.10
N LEU F 387 28.82 -51.73 -0.84
CA LEU F 387 28.38 -50.98 -2.01
C LEU F 387 26.89 -50.72 -1.89
N ASN F 388 26.50 -49.46 -1.80
CA ASN F 388 25.09 -49.11 -1.77
C ASN F 388 24.50 -49.26 -3.16
N LYS F 389 23.30 -49.85 -3.24
CA LYS F 389 22.63 -50.07 -4.51
C LYS F 389 21.71 -48.93 -4.90
N ASP F 390 21.00 -48.35 -3.93
CA ASP F 390 20.11 -47.23 -4.22
C ASP F 390 20.89 -46.07 -4.83
N ASP F 391 22.09 -45.82 -4.33
CA ASP F 391 23.04 -44.88 -4.92
C ASP F 391 24.15 -45.68 -5.59
N ALA F 392 25.17 -44.98 -6.06
CA ALA F 392 26.36 -45.62 -6.63
C ALA F 392 27.59 -45.37 -5.78
N SER F 393 27.41 -45.30 -4.46
CA SER F 393 28.46 -44.88 -3.54
C SER F 393 28.74 -45.96 -2.52
N TYR F 394 30.00 -46.35 -2.40
CA TYR F 394 30.43 -47.22 -1.32
C TYR F 394 30.25 -46.50 0.02
N SER F 395 30.10 -47.28 1.09
CA SER F 395 29.90 -46.76 2.43
C SER F 395 30.91 -47.42 3.36
N LEU F 396 32.03 -46.75 3.62
CA LEU F 396 33.06 -47.29 4.48
C LEU F 396 32.75 -46.96 5.94
N ILE F 397 32.78 -47.99 6.79
CA ILE F 397 32.36 -47.87 8.18
C ILE F 397 33.49 -48.41 9.04
N LEU F 398 34.23 -47.52 9.69
CA LEU F 398 35.28 -47.93 10.61
C LEU F 398 34.73 -47.97 12.03
N GLU F 399 35.31 -48.83 12.86
CA GLU F 399 34.91 -48.95 14.24
C GLU F 399 36.12 -49.33 15.08
N VAL F 400 36.26 -48.70 16.24
CA VAL F 400 37.30 -49.04 17.19
C VAL F 400 36.67 -49.12 18.58
N GLN F 401 37.12 -50.08 19.38
CA GLN F 401 36.64 -50.18 20.76
C GLN F 401 36.95 -48.91 21.53
N THR F 402 38.10 -48.31 21.29
CA THR F 402 38.51 -47.08 21.96
C THR F 402 37.85 -45.89 21.27
N ALA F 403 38.32 -44.69 21.58
CA ALA F 403 37.89 -43.48 20.89
C ALA F 403 38.92 -43.08 19.85
N ILE F 404 38.44 -42.68 18.68
CA ILE F 404 39.32 -42.37 17.55
C ILE F 404 39.87 -40.95 17.71
N ASP F 405 41.19 -40.81 17.54
CA ASP F 405 41.81 -39.49 17.55
C ASP F 405 41.76 -38.85 16.18
N ASN F 406 41.96 -39.63 15.11
CA ASN F 406 41.82 -39.17 13.74
C ASN F 406 41.93 -40.36 12.80
N VAL F 407 41.37 -40.20 11.61
CA VAL F 407 41.41 -41.20 10.55
C VAL F 407 41.88 -40.54 9.27
N LEU F 408 42.93 -41.08 8.68
CA LEU F 408 43.44 -40.61 7.40
C LEU F 408 42.83 -41.46 6.29
N ILE F 409 42.57 -40.83 5.14
CA ILE F 409 42.04 -41.53 3.97
C ILE F 409 42.92 -41.14 2.79
N GLN F 410 43.75 -42.09 2.35
CA GLN F 410 44.63 -41.90 1.21
C GLN F 410 44.19 -42.83 0.08
N SER F 411 44.26 -42.33 -1.15
CA SER F 411 43.75 -43.09 -2.28
C SER F 411 44.73 -43.03 -3.45
N ASP F 412 44.46 -43.85 -4.46
CA ASP F 412 45.14 -43.79 -5.75
C ASP F 412 44.14 -43.65 -6.89
N VAL F 413 42.89 -43.28 -6.59
CA VAL F 413 41.82 -43.27 -7.56
C VAL F 413 41.07 -41.94 -7.46
N PRO F 414 40.66 -41.33 -8.57
CA PRO F 414 39.70 -40.22 -8.49
C PRO F 414 38.46 -40.67 -7.73
N ILE F 415 38.26 -40.07 -6.57
CA ILE F 415 37.26 -40.53 -5.62
C ILE F 415 36.57 -39.33 -5.00
N ASP F 416 35.27 -39.44 -4.78
CA ASP F 416 34.45 -38.35 -4.22
C ASP F 416 34.05 -38.74 -2.81
N LEU F 417 34.82 -38.27 -1.81
CA LEU F 417 34.40 -38.41 -0.42
C LEU F 417 33.29 -37.42 -0.15
N LEU F 418 32.05 -37.89 -0.27
CA LEU F 418 30.89 -37.07 0.05
C LEU F 418 30.66 -37.09 1.55
N ASP F 419 30.49 -35.90 2.13
CA ASP F 419 30.32 -35.79 3.57
C ASP F 419 28.93 -36.22 3.98
N VAL F 420 28.83 -37.03 5.03
CA VAL F 420 27.57 -37.55 5.51
C VAL F 420 27.11 -36.71 6.69
N ASP F 421 25.81 -36.81 7.01
CA ASP F 421 25.23 -35.96 8.04
C ASP F 421 25.42 -36.55 9.43
N LYS F 422 25.21 -37.86 9.58
CA LYS F 422 25.32 -38.48 10.90
C LYS F 422 26.73 -38.34 11.48
N ASN F 423 27.73 -38.17 10.63
CA ASN F 423 29.08 -37.96 11.10
C ASN F 423 29.18 -36.63 11.85
N SER F 424 30.24 -36.51 12.65
CA SER F 424 30.53 -35.28 13.37
C SER F 424 31.98 -34.85 13.24
N ALA F 425 32.83 -35.67 12.62
CA ALA F 425 34.22 -35.30 12.44
C ALA F 425 34.34 -34.09 11.53
N VAL F 426 35.55 -33.55 11.44
CA VAL F 426 35.85 -32.41 10.59
C VAL F 426 36.92 -32.83 9.59
N VAL F 427 36.72 -32.46 8.33
CA VAL F 427 37.56 -32.94 7.24
C VAL F 427 38.58 -31.86 6.90
N SER F 428 39.70 -32.28 6.31
CA SER F 428 40.71 -31.35 5.81
C SER F 428 41.36 -32.01 4.59
N PHE F 429 40.85 -31.68 3.40
CA PHE F 429 41.37 -32.25 2.17
C PHE F 429 42.74 -31.64 1.87
N SER F 430 43.79 -32.42 2.07
CA SER F 430 45.13 -31.97 1.73
C SER F 430 45.24 -31.70 0.24
N SER F 431 46.24 -30.89 -0.13
CA SER F 431 46.47 -30.54 -1.52
C SER F 431 47.28 -31.67 -2.17
N CYS F 432 46.58 -32.75 -2.51
CA CYS F 432 47.22 -33.91 -3.11
C CYS F 432 47.89 -33.52 -4.43
N ASP F 433 48.98 -34.22 -4.74
CA ASP F 433 49.77 -33.89 -5.93
C ASP F 433 49.32 -34.68 -7.15
N SER F 434 49.40 -36.01 -7.08
CA SER F 434 49.15 -36.97 -8.14
C SER F 434 50.24 -37.00 -9.21
N GLU F 435 51.25 -36.12 -9.13
CA GLU F 435 52.36 -36.16 -10.07
C GLU F 435 53.67 -36.59 -9.43
N SER F 436 54.07 -35.96 -8.31
CA SER F 436 55.29 -36.38 -7.63
C SER F 436 55.10 -37.71 -6.91
N ASN F 437 53.89 -37.94 -6.38
CA ASN F 437 53.54 -39.21 -5.77
C ASN F 437 52.26 -39.74 -6.40
N ASP F 438 51.68 -40.79 -5.83
CA ASP F 438 50.49 -41.41 -6.39
C ASP F 438 49.22 -40.99 -5.68
N ASN F 439 49.30 -40.11 -4.70
CA ASN F 439 48.15 -39.75 -3.88
C ASN F 439 47.18 -38.91 -4.69
N PHE F 440 46.19 -39.55 -5.29
CA PHE F 440 45.13 -38.81 -5.95
C PHE F 440 44.16 -38.18 -4.96
N LEU F 441 44.21 -38.57 -3.69
CA LEU F 441 43.29 -38.04 -2.70
C LEU F 441 43.85 -38.28 -1.31
N LEU F 442 43.88 -37.22 -0.50
CA LEU F 442 44.33 -37.28 0.88
C LEU F 442 43.37 -36.48 1.73
N ALA F 443 42.67 -37.15 2.64
CA ALA F 443 41.72 -36.50 3.53
C ALA F 443 42.00 -36.92 4.97
N THR F 444 41.45 -36.15 5.91
CA THR F 444 41.74 -36.35 7.33
C THR F 444 40.50 -36.00 8.14
N TYR F 445 39.95 -36.98 8.84
CA TYR F 445 38.84 -36.78 9.75
C TYR F 445 39.38 -36.76 11.17
N ARG F 446 38.87 -35.86 12.01
CA ARG F 446 39.45 -35.69 13.33
C ARG F 446 38.61 -36.23 14.46
N CYS F 447 37.28 -36.15 14.38
CA CYS F 447 36.40 -36.68 15.41
C CYS F 447 36.79 -36.12 16.79
N GLN F 448 36.56 -34.82 16.95
CA GLN F 448 37.02 -34.14 18.17
C GLN F 448 36.06 -34.39 19.33
N ALA F 449 35.72 -35.66 19.53
CA ALA F 449 34.85 -36.08 20.61
C ALA F 449 35.24 -37.50 20.99
N ASN F 450 34.37 -38.19 21.73
CA ASN F 450 34.55 -39.60 22.05
C ASN F 450 33.69 -40.39 21.07
N THR F 451 34.30 -40.79 19.95
CA THR F 451 33.60 -41.50 18.90
C THR F 451 34.14 -42.91 18.75
N THR F 452 33.23 -43.86 18.58
CA THR F 452 33.58 -45.27 18.37
C THR F 452 33.56 -45.65 16.89
N ARG F 453 32.52 -45.25 16.17
CA ARG F 453 32.38 -45.59 14.76
C ARG F 453 32.43 -44.34 13.90
N LEU F 454 32.78 -44.56 12.63
CA LEU F 454 32.97 -43.49 11.65
C LEU F 454 32.44 -44.00 10.32
N GLU F 455 31.28 -43.48 9.91
CA GLU F 455 30.65 -43.85 8.65
C GLU F 455 30.91 -42.74 7.64
N LEU F 456 31.37 -43.11 6.45
CA LEU F 456 31.70 -42.12 5.44
C LEU F 456 31.50 -42.69 4.05
N LYS F 457 31.00 -41.84 3.14
CA LYS F 457 30.70 -42.23 1.77
C LYS F 457 31.94 -42.11 0.89
N ILE F 458 31.95 -42.88 -0.19
CA ILE F 458 33.00 -42.82 -1.21
C ILE F 458 32.33 -43.08 -2.54
N ARG F 459 32.30 -42.08 -3.41
CA ARG F 459 31.68 -42.22 -4.73
C ARG F 459 32.77 -42.46 -5.76
N SER F 460 32.72 -43.60 -6.42
CA SER F 460 33.76 -44.02 -7.35
C SER F 460 33.29 -43.84 -8.79
N ILE F 461 34.27 -43.83 -9.70
CA ILE F 461 34.01 -43.67 -11.11
C ILE F 461 34.10 -45.04 -11.78
N GLU F 462 33.60 -45.11 -13.01
CA GLU F 462 33.32 -46.41 -13.62
C GLU F 462 34.60 -47.14 -14.02
N GLY F 463 35.60 -46.43 -14.52
CA GLY F 463 36.72 -47.09 -15.14
C GLY F 463 38.01 -47.13 -14.36
N GLN F 464 38.09 -46.35 -13.28
CA GLN F 464 39.32 -46.24 -12.51
C GLN F 464 39.29 -47.14 -11.29
N TYR F 465 40.45 -47.71 -10.96
CA TYR F 465 40.55 -48.74 -9.94
C TYR F 465 41.85 -48.56 -9.17
N GLY F 466 41.92 -49.15 -7.99
CA GLY F 466 43.14 -49.10 -7.22
C GLY F 466 42.90 -49.29 -5.73
N THR F 467 44.00 -49.16 -4.99
CA THR F 467 43.98 -49.38 -3.56
C THR F 467 43.50 -48.13 -2.84
N LEU F 468 42.97 -48.32 -1.63
CA LEU F 468 42.43 -47.24 -0.81
C LEU F 468 42.81 -47.53 0.63
N GLN F 469 43.82 -46.82 1.14
CA GLN F 469 44.27 -47.04 2.50
C GLN F 469 43.52 -46.14 3.48
N ALA F 470 43.39 -46.63 4.70
CA ALA F 470 42.78 -45.86 5.79
C ALA F 470 43.65 -46.05 7.03
N TYR F 471 44.25 -44.96 7.50
CA TYR F 471 45.08 -44.98 8.70
C TYR F 471 44.21 -44.55 9.88
N VAL F 472 43.90 -45.49 10.76
CA VAL F 472 43.06 -45.22 11.92
C VAL F 472 43.97 -45.09 13.14
N THR F 473 43.81 -44.01 13.89
CA THR F 473 44.55 -43.80 15.12
C THR F 473 43.57 -43.71 16.28
N PRO F 474 43.71 -44.54 17.31
CA PRO F 474 42.82 -44.40 18.47
C PRO F 474 43.38 -43.43 19.49
N ARG F 475 42.68 -43.27 20.63
CA ARG F 475 43.12 -42.38 21.69
C ARG F 475 43.82 -43.13 22.82
N ILE F 476 44.58 -44.18 22.49
CA ILE F 476 45.41 -44.88 23.45
C ILE F 476 46.73 -44.12 23.59
N GLN F 477 47.23 -44.03 24.83
CA GLN F 477 48.34 -43.12 25.10
C GLN F 477 49.58 -43.41 24.25
N PRO F 478 50.11 -44.65 24.18
CA PRO F 478 51.13 -44.91 23.16
C PRO F 478 50.48 -44.92 21.79
N LYS F 479 50.66 -43.85 21.04
CA LYS F 479 49.88 -43.65 19.82
C LYS F 479 50.32 -44.62 18.74
N THR F 480 49.35 -45.26 18.09
CA THR F 480 49.60 -46.16 16.98
C THR F 480 48.58 -45.90 15.89
N CYS F 481 48.98 -46.11 14.64
CA CYS F 481 48.09 -46.01 13.50
C CYS F 481 48.04 -47.34 12.77
N GLN F 482 46.83 -47.83 12.55
CA GLN F 482 46.59 -49.10 11.89
C GLN F 482 46.08 -48.81 10.48
N VAL F 483 46.76 -49.34 9.48
CA VAL F 483 46.40 -49.13 8.09
C VAL F 483 45.52 -50.28 7.63
N ARG F 484 44.42 -49.96 6.97
CA ARG F 484 43.53 -50.95 6.39
C ARG F 484 43.36 -50.64 4.91
N GLN F 485 43.58 -51.63 4.06
CA GLN F 485 43.52 -51.46 2.62
C GLN F 485 42.22 -52.01 2.06
N TYR F 486 41.57 -51.23 1.21
CA TYR F 486 40.39 -51.66 0.48
C TYR F 486 40.68 -51.53 -1.01
N HIS F 487 39.86 -52.17 -1.82
CA HIS F 487 40.07 -52.21 -3.26
C HIS F 487 38.86 -51.58 -3.95
N ILE F 488 39.12 -50.59 -4.78
CA ILE F 488 38.13 -50.11 -5.74
C ILE F 488 38.40 -50.88 -7.03
N LYS F 489 37.54 -51.86 -7.31
CA LYS F 489 37.69 -52.68 -8.49
C LYS F 489 37.51 -51.84 -9.75
N PRO F 490 38.01 -52.33 -10.89
CA PRO F 490 37.72 -51.65 -12.16
C PRO F 490 36.24 -51.47 -12.38
N LEU F 491 35.49 -52.58 -12.40
CA LEU F 491 34.04 -52.53 -12.50
C LEU F 491 33.39 -52.48 -11.12
N SER F 492 33.83 -51.52 -10.31
CA SER F 492 33.40 -51.42 -8.92
C SER F 492 31.98 -50.92 -8.74
N LEU F 493 31.20 -50.79 -9.81
CA LEU F 493 29.82 -50.33 -9.69
C LEU F 493 28.82 -51.42 -10.06
N HIS F 494 29.29 -52.64 -10.32
CA HIS F 494 28.44 -53.79 -10.60
C HIS F 494 28.21 -54.56 -9.31
N GLN F 495 27.15 -55.37 -9.32
CA GLN F 495 26.90 -56.28 -8.21
C GLN F 495 26.24 -57.54 -8.72
N ARG F 496 26.50 -58.64 -8.02
CA ARG F 496 26.02 -59.95 -8.47
C ARG F 496 24.51 -60.06 -8.33
N THR F 497 23.87 -60.61 -9.34
CA THR F 497 22.45 -60.95 -9.35
C THR F 497 22.30 -62.43 -9.70
N HIS F 498 21.07 -62.93 -9.58
CA HIS F 498 20.81 -64.34 -9.85
C HIS F 498 20.46 -64.63 -11.29
N PHE F 499 20.00 -63.64 -12.05
CA PHE F 499 19.55 -63.87 -13.42
C PHE F 499 19.66 -62.57 -14.20
N ILE F 500 19.65 -62.71 -15.53
CA ILE F 500 19.66 -61.58 -16.45
C ILE F 500 18.59 -61.81 -17.50
N ASP F 501 18.27 -60.74 -18.23
CA ASP F 501 17.41 -60.82 -19.40
C ASP F 501 18.25 -61.19 -20.61
N HIS F 502 17.75 -62.12 -21.41
CA HIS F 502 18.48 -62.62 -22.56
C HIS F 502 18.01 -62.01 -23.88
N ASP F 503 17.08 -61.07 -23.84
CA ASP F 503 16.58 -60.44 -25.05
C ASP F 503 17.24 -59.10 -25.36
N ARG F 504 17.95 -58.52 -24.39
CA ARG F 504 18.57 -57.23 -24.60
C ARG F 504 19.82 -57.38 -25.49
N PRO F 505 20.20 -56.32 -26.22
CA PRO F 505 21.39 -56.41 -27.08
C PRO F 505 22.64 -56.60 -26.25
N MET F 506 23.28 -57.76 -26.40
CA MET F 506 24.44 -58.14 -25.60
C MET F 506 25.68 -58.08 -26.49
N ASN F 507 26.54 -57.10 -26.23
CA ASN F 507 27.80 -56.93 -26.96
C ASN F 507 28.81 -57.90 -26.39
N THR F 508 28.96 -59.05 -27.03
CA THR F 508 29.75 -60.10 -26.41
C THR F 508 31.24 -59.89 -26.68
N LEU F 509 32.05 -60.52 -25.83
CA LEU F 509 33.51 -60.50 -25.95
C LEU F 509 34.02 -61.88 -25.56
N THR F 510 34.83 -62.48 -26.43
CA THR F 510 35.37 -63.81 -26.22
C THR F 510 36.89 -63.75 -26.26
N LEU F 511 37.53 -64.24 -25.20
CA LEU F 511 38.99 -64.28 -25.14
C LEU F 511 39.46 -65.71 -24.94
N THR F 512 40.55 -66.05 -25.62
CA THR F 512 41.10 -67.39 -25.63
C THR F 512 42.62 -67.32 -25.57
N GLY F 513 43.22 -68.19 -24.76
CA GLY F 513 44.66 -68.19 -24.65
C GLY F 513 45.15 -69.43 -23.96
N GLN F 514 46.43 -69.39 -23.53
CA GLN F 514 47.04 -70.49 -22.82
C GLN F 514 47.07 -70.26 -21.30
N PHE F 515 46.05 -69.60 -20.76
CA PHE F 515 45.93 -69.44 -19.33
C PHE F 515 45.26 -70.66 -18.71
N SER F 516 45.48 -70.84 -17.41
CA SER F 516 44.76 -71.88 -16.69
C SER F 516 43.42 -71.34 -16.21
N PHE F 517 42.67 -72.17 -15.48
CA PHE F 517 41.40 -71.71 -14.92
C PHE F 517 41.64 -70.77 -13.75
N SER F 518 42.64 -71.07 -12.92
CA SER F 518 42.94 -70.20 -11.79
C SER F 518 43.32 -68.80 -12.26
N GLU F 519 44.07 -68.70 -13.36
CA GLU F 519 44.50 -67.39 -13.83
C GLU F 519 43.30 -66.55 -14.28
N LEU F 520 42.44 -67.11 -15.13
CA LEU F 520 41.29 -66.34 -15.58
C LEU F 520 40.36 -66.01 -14.42
N HIS F 521 40.16 -66.94 -13.49
CA HIS F 521 39.29 -66.65 -12.36
C HIS F 521 39.85 -65.54 -11.50
N SER F 522 41.16 -65.55 -11.23
CA SER F 522 41.76 -64.50 -10.42
C SER F 522 41.68 -63.15 -11.13
N TRP F 523 41.80 -63.15 -12.47
CA TRP F 523 41.62 -61.91 -13.21
C TRP F 523 40.21 -61.36 -13.02
N VAL F 524 39.21 -62.23 -13.17
CA VAL F 524 37.83 -61.79 -13.03
C VAL F 524 37.56 -61.28 -11.62
N VAL F 525 38.16 -61.93 -10.62
CA VAL F 525 38.03 -61.41 -9.25
C VAL F 525 38.64 -60.03 -9.13
N PHE F 526 39.85 -59.86 -9.68
CA PHE F 526 40.49 -58.55 -9.67
C PHE F 526 39.66 -57.50 -10.39
N CYS F 527 38.79 -57.91 -11.32
CA CYS F 527 37.97 -56.96 -12.06
C CYS F 527 36.54 -56.87 -11.55
N MET F 528 35.99 -57.95 -11.02
CA MET F 528 34.60 -57.94 -10.59
C MET F 528 34.49 -57.82 -9.07
N PRO F 529 33.46 -57.13 -8.57
CA PRO F 529 33.44 -56.77 -7.15
C PRO F 529 33.25 -57.94 -6.18
N GLU F 530 32.22 -58.75 -6.41
CA GLU F 530 31.76 -59.71 -5.42
C GLU F 530 31.96 -61.16 -5.86
N VAL F 531 33.10 -61.46 -6.48
CA VAL F 531 33.44 -62.83 -6.85
C VAL F 531 34.34 -63.42 -5.78
N PRO F 532 34.02 -64.58 -5.21
CA PRO F 532 34.92 -65.19 -4.24
C PRO F 532 36.24 -65.58 -4.88
N GLU F 533 37.31 -65.44 -4.09
CA GLU F 533 38.65 -65.66 -4.63
C GLU F 533 38.96 -67.14 -4.83
N LYS F 534 38.36 -68.01 -4.02
CA LYS F 534 38.62 -69.43 -4.11
C LYS F 534 38.22 -69.95 -5.49
N PRO F 535 39.15 -70.46 -6.29
CA PRO F 535 38.80 -70.94 -7.63
C PRO F 535 37.75 -72.03 -7.56
N PRO F 536 36.57 -71.80 -8.15
CA PRO F 536 35.48 -72.78 -8.02
C PRO F 536 35.84 -74.11 -8.64
N ALA F 537 35.35 -75.18 -8.02
CA ALA F 537 35.52 -76.52 -8.56
C ALA F 537 34.44 -76.79 -9.60
N GLY F 538 34.86 -77.17 -10.81
CA GLY F 538 33.93 -77.36 -11.90
C GLY F 538 34.49 -76.87 -13.22
N GLU F 539 35.42 -75.91 -13.13
CA GLU F 539 36.20 -75.43 -14.28
C GLU F 539 35.31 -74.85 -15.38
N CYS F 540 34.08 -74.47 -15.03
CA CYS F 540 33.19 -73.77 -15.95
C CYS F 540 32.19 -73.00 -15.09
N VAL F 541 32.36 -71.68 -15.00
CA VAL F 541 31.63 -70.90 -14.00
C VAL F 541 30.99 -69.69 -14.68
N THR F 542 29.79 -69.34 -14.22
CA THR F 542 29.02 -68.23 -14.76
C THR F 542 28.57 -67.33 -13.62
N PHE F 543 28.92 -66.05 -13.71
CA PHE F 543 28.45 -65.03 -12.79
C PHE F 543 27.61 -64.02 -13.55
N TYR F 544 26.41 -63.74 -13.05
CA TYR F 544 25.54 -62.72 -13.62
C TYR F 544 25.66 -61.47 -12.77
N PHE F 545 26.05 -60.36 -13.40
CA PHE F 545 26.19 -59.08 -12.72
C PHE F 545 25.13 -58.11 -13.18
N GLN F 546 25.10 -56.95 -12.53
CA GLN F 546 24.24 -55.85 -12.94
C GLN F 546 24.91 -54.54 -12.55
N ASN F 547 24.95 -53.60 -13.48
CA ASN F 547 25.47 -52.27 -13.20
C ASN F 547 24.47 -51.49 -12.35
N THR F 548 24.94 -50.96 -11.23
CA THR F 548 24.04 -50.35 -10.26
C THR F 548 23.66 -48.92 -10.60
N PHE F 549 24.33 -48.30 -11.56
CA PHE F 549 24.01 -46.93 -11.96
C PHE F 549 22.95 -46.90 -13.05
N LEU F 550 23.16 -47.67 -14.12
CA LEU F 550 22.15 -47.89 -15.15
C LEU F 550 22.14 -49.37 -15.49
N ASP F 551 20.94 -49.94 -15.59
CA ASP F 551 20.76 -51.39 -15.56
C ASP F 551 21.33 -52.03 -16.83
N THR F 552 22.56 -52.55 -16.72
CA THR F 552 23.20 -53.28 -17.83
C THR F 552 23.91 -54.50 -17.23
N GLN F 553 23.43 -55.69 -17.57
CA GLN F 553 23.99 -56.91 -17.00
C GLN F 553 25.36 -57.20 -17.61
N LEU F 554 26.10 -58.09 -16.96
CA LEU F 554 27.44 -58.47 -17.41
C LEU F 554 27.63 -59.99 -17.27
N GLU F 555 26.73 -60.76 -17.86
CA GLU F 555 26.82 -62.22 -17.79
C GLU F 555 28.20 -62.70 -18.23
N SER F 556 28.96 -63.28 -17.30
CA SER F 556 30.33 -63.68 -17.56
C SER F 556 30.42 -65.19 -17.36
N THR F 557 30.69 -65.92 -18.45
CA THR F 557 30.81 -67.36 -18.42
C THR F 557 32.20 -67.74 -18.92
N TYR F 558 32.96 -68.48 -18.12
CA TYR F 558 34.31 -68.79 -18.53
C TYR F 558 34.76 -70.14 -18.02
N ARG F 559 35.69 -70.74 -18.76
CA ARG F 559 36.22 -72.08 -18.51
C ARG F 559 37.74 -72.00 -18.44
N LYS F 560 38.39 -73.16 -18.45
CA LYS F 560 39.85 -73.21 -18.36
C LYS F 560 40.52 -72.62 -19.59
N GLY F 561 39.80 -72.51 -20.70
CA GLY F 561 40.43 -72.10 -21.93
C GLY F 561 39.91 -70.82 -22.55
N GLU F 562 38.70 -70.41 -22.18
CA GLU F 562 38.09 -69.26 -22.85
C GLU F 562 37.18 -68.52 -21.88
N GLY F 563 36.80 -67.32 -22.28
CA GLY F 563 35.88 -66.51 -21.50
C GLY F 563 34.97 -65.68 -22.38
N VAL F 564 33.68 -65.62 -22.05
CA VAL F 564 32.68 -64.87 -22.78
C VAL F 564 32.00 -63.91 -21.80
N PHE F 565 31.87 -62.64 -22.21
CA PHE F 565 31.30 -61.61 -21.35
C PHE F 565 30.21 -60.85 -22.13
N LYS F 566 28.97 -61.30 -21.97
CA LYS F 566 27.84 -60.67 -22.65
C LYS F 566 27.26 -59.57 -21.76
N SER F 567 27.20 -58.35 -22.28
CA SER F 567 26.79 -57.21 -21.49
C SER F 567 25.95 -56.24 -22.30
N ASP F 568 24.83 -55.81 -21.72
CA ASP F 568 23.98 -54.79 -22.34
C ASP F 568 24.78 -53.54 -22.68
N ASN F 569 25.63 -53.08 -21.77
CA ASN F 569 26.41 -51.88 -21.97
C ASN F 569 27.56 -52.15 -22.94
N ILE F 570 28.14 -51.08 -23.46
CA ILE F 570 29.29 -51.16 -24.35
C ILE F 570 30.60 -50.83 -23.62
N SER F 571 30.58 -49.81 -22.75
CA SER F 571 31.81 -49.40 -22.08
C SER F 571 32.34 -50.47 -21.14
N THR F 572 31.45 -51.27 -20.55
CA THR F 572 31.90 -52.33 -19.66
C THR F 572 32.75 -53.34 -20.40
N ILE F 573 32.41 -53.63 -21.66
CA ILE F 573 33.24 -54.48 -22.50
C ILE F 573 34.63 -53.88 -22.65
N SER F 574 34.69 -52.57 -22.88
CA SER F 574 35.99 -51.92 -23.05
C SER F 574 36.83 -52.03 -21.78
N ILE F 575 36.22 -51.75 -20.63
CA ILE F 575 36.96 -51.81 -19.37
C ILE F 575 37.44 -53.23 -19.12
N LEU F 576 36.56 -54.22 -19.35
CA LEU F 576 36.96 -55.61 -19.21
C LEU F 576 38.15 -55.93 -20.09
N LYS F 577 38.10 -55.51 -21.35
CA LYS F 577 39.19 -55.79 -22.27
C LYS F 577 40.48 -55.17 -21.79
N ASP F 578 40.43 -53.89 -21.39
CA ASP F 578 41.64 -53.22 -20.93
C ASP F 578 42.24 -53.91 -19.71
N VAL F 579 41.42 -54.18 -18.70
CA VAL F 579 41.96 -54.73 -17.45
C VAL F 579 42.45 -56.17 -17.66
N LEU F 580 41.74 -56.95 -18.47
CA LEU F 580 42.15 -58.33 -18.69
C LEU F 580 43.43 -58.40 -19.50
N SER F 581 43.55 -57.57 -20.55
CA SER F 581 44.81 -57.50 -21.28
C SER F 581 45.94 -57.04 -20.38
N LYS F 582 45.67 -56.06 -19.50
CA LYS F 582 46.71 -55.57 -18.61
C LYS F 582 47.20 -56.67 -17.68
N GLU F 583 46.28 -57.46 -17.13
CA GLU F 583 46.70 -58.57 -16.26
C GLU F 583 47.46 -59.64 -17.03
N ALA F 584 46.97 -59.99 -18.23
CA ALA F 584 47.67 -60.99 -19.04
C ALA F 584 49.09 -60.55 -19.34
N THR F 585 49.28 -59.28 -19.71
CA THR F 585 50.64 -58.78 -19.92
C THR F 585 51.41 -58.65 -18.61
N LYS F 586 50.70 -58.55 -17.49
CA LYS F 586 51.39 -58.64 -16.19
C LYS F 586 51.94 -60.03 -15.97
N ARG F 587 51.34 -61.04 -16.58
CA ARG F 587 51.85 -62.42 -16.48
C ARG F 587 52.35 -62.99 -17.80
N LYS F 588 52.28 -62.22 -18.89
CA LYS F 588 52.82 -62.62 -20.19
C LYS F 588 52.17 -63.92 -20.67
N ILE F 589 50.86 -63.84 -20.91
CA ILE F 589 50.10 -64.98 -21.38
C ILE F 589 49.81 -64.92 -22.88
N ASN F 590 49.82 -63.74 -23.49
CA ASN F 590 49.60 -63.57 -24.92
C ASN F 590 48.22 -64.12 -25.33
N LEU F 591 47.17 -63.53 -24.75
CA LEU F 591 45.82 -63.97 -25.05
C LEU F 591 45.33 -63.30 -26.33
N ASN F 592 44.31 -63.91 -26.92
CA ASN F 592 43.61 -63.36 -28.08
C ASN F 592 42.21 -62.94 -27.67
N ILE F 593 41.79 -61.76 -28.11
CA ILE F 593 40.50 -61.20 -27.74
C ILE F 593 39.73 -60.84 -29.00
N SER F 594 38.46 -61.23 -29.06
CA SER F 594 37.57 -60.85 -30.13
C SER F 594 36.27 -60.34 -29.54
N TYR F 595 35.54 -59.55 -30.31
CA TYR F 595 34.36 -58.86 -29.80
C TYR F 595 33.30 -58.77 -30.89
N GLU F 596 32.04 -58.78 -30.47
CA GLU F 596 30.91 -58.66 -31.37
C GLU F 596 29.93 -57.67 -30.78
N ILE F 597 29.67 -56.58 -31.51
CA ILE F 597 28.96 -55.42 -30.99
C ILE F 597 27.68 -55.25 -31.80
N ASN F 598 26.55 -55.18 -31.12
CA ASN F 598 25.27 -54.91 -31.76
C ASN F 598 25.10 -53.41 -31.94
N GLU F 599 24.48 -53.01 -33.05
CA GLU F 599 24.37 -51.60 -33.37
C GLU F 599 23.28 -50.90 -32.58
N VAL F 600 22.31 -51.64 -32.06
CA VAL F 600 21.23 -51.04 -31.28
C VAL F 600 21.60 -50.88 -29.81
N SER F 601 22.71 -51.48 -29.37
CA SER F 601 23.06 -51.44 -27.96
C SER F 601 23.43 -50.03 -27.50
N VAL F 602 24.20 -49.31 -28.32
CA VAL F 602 24.60 -47.96 -27.95
C VAL F 602 23.37 -47.05 -27.87
N LYS F 603 22.46 -47.19 -28.84
CA LYS F 603 21.22 -46.44 -28.77
C LYS F 603 20.40 -46.80 -27.54
N HIS F 604 20.46 -48.07 -27.12
CA HIS F 604 19.75 -48.47 -25.90
C HIS F 604 20.36 -47.82 -24.67
N THR F 605 21.69 -47.82 -24.56
CA THR F 605 22.33 -47.14 -23.44
C THR F 605 22.01 -45.65 -23.44
N LEU F 606 21.92 -45.05 -24.63
CA LEU F 606 21.56 -43.64 -24.70
C LEU F 606 20.11 -43.42 -24.26
N LYS F 607 19.21 -44.32 -24.63
CA LYS F 607 17.83 -44.23 -24.15
C LYS F 607 17.76 -44.42 -22.65
N LEU F 608 18.71 -45.15 -22.07
CA LEU F 608 18.78 -45.29 -20.62
C LEU F 608 19.31 -44.02 -19.96
N ILE F 609 20.31 -43.40 -20.57
CA ILE F 609 20.93 -42.22 -19.98
C ILE F 609 20.00 -41.00 -20.08
N HIS F 610 19.20 -40.95 -21.14
CA HIS F 610 18.39 -39.75 -21.42
C HIS F 610 17.53 -39.28 -20.27
N PRO F 611 16.69 -40.11 -19.62
CA PRO F 611 15.79 -39.57 -18.59
C PRO F 611 16.52 -38.89 -17.45
N LYS F 612 17.71 -39.37 -17.08
CA LYS F 612 18.44 -38.75 -15.98
C LYS F 612 18.93 -37.36 -16.35
N LEU F 613 19.49 -37.22 -17.55
CA LEU F 613 19.91 -35.89 -18.00
C LEU F 613 18.72 -34.95 -18.11
N GLU F 614 17.59 -35.44 -18.62
CA GLU F 614 16.40 -34.60 -18.73
C GLU F 614 15.94 -34.13 -17.36
N TYR F 615 15.88 -35.05 -16.39
CA TYR F 615 15.46 -34.69 -15.04
C TYR F 615 16.39 -33.67 -14.42
N GLN F 616 17.70 -33.86 -14.59
CA GLN F 616 18.67 -32.95 -14.00
C GLN F 616 18.54 -31.55 -14.61
N LEU F 617 18.42 -31.47 -15.94
CA LEU F 617 18.31 -30.16 -16.58
C LEU F 617 16.99 -29.47 -16.20
N LEU F 618 15.90 -30.24 -16.10
CA LEU F 618 14.64 -29.66 -15.65
C LEU F 618 14.75 -29.11 -14.23
N LEU F 619 15.39 -29.87 -13.35
CA LEU F 619 15.58 -29.39 -11.97
C LEU F 619 16.42 -28.12 -11.95
N ALA F 620 17.44 -28.05 -12.81
CA ALA F 620 18.25 -26.84 -12.89
C ALA F 620 17.40 -25.65 -13.33
N LYS F 621 16.61 -25.82 -14.39
CA LYS F 621 15.81 -24.70 -14.86
C LYS F 621 14.72 -24.32 -13.87
N LYS F 622 14.33 -25.22 -12.97
CA LYS F 622 13.39 -24.86 -11.91
C LYS F 622 14.06 -24.05 -10.81
N VAL F 623 15.25 -24.49 -10.37
CA VAL F 623 15.98 -23.75 -9.34
C VAL F 623 16.45 -22.40 -9.87
N GLN F 624 16.50 -22.23 -11.20
CA GLN F 624 16.77 -20.90 -11.74
C GLN F 624 15.69 -19.89 -11.35
N LEU F 625 14.45 -20.35 -11.14
CA LEU F 625 13.32 -19.46 -10.93
C LEU F 625 12.77 -19.44 -9.51
N ILE F 626 13.05 -20.48 -8.72
CA ILE F 626 12.50 -20.54 -7.36
C ILE F 626 12.77 -19.26 -6.59
N ASP F 627 13.93 -18.64 -6.81
CA ASP F 627 14.33 -17.48 -6.02
C ASP F 627 13.41 -16.29 -6.29
N ALA F 628 13.31 -15.89 -7.56
CA ALA F 628 12.40 -14.80 -7.92
C ALA F 628 10.97 -15.11 -7.49
N LEU F 629 10.58 -16.39 -7.58
CA LEU F 629 9.21 -16.72 -7.20
C LEU F 629 8.96 -16.48 -5.72
N LYS F 630 9.93 -16.84 -4.87
CA LYS F 630 9.82 -16.52 -3.45
C LYS F 630 9.83 -15.01 -3.25
N GLU F 631 10.68 -14.31 -3.99
CA GLU F 631 10.74 -12.85 -3.89
C GLU F 631 9.39 -12.22 -4.16
N LEU F 632 8.62 -12.80 -5.07
CA LEU F 632 7.29 -12.25 -5.38
C LEU F 632 6.25 -12.69 -4.36
N GLN F 633 6.29 -13.95 -3.93
CA GLN F 633 5.27 -14.41 -2.98
C GLN F 633 5.39 -13.67 -1.66
N VAL F 634 6.59 -13.25 -1.28
CA VAL F 634 6.75 -12.52 -0.03
C VAL F 634 5.90 -11.26 -0.03
N HIS F 635 5.79 -10.60 -1.19
CA HIS F 635 4.97 -9.40 -1.30
C HIS F 635 3.50 -9.74 -1.50
N GLU F 636 3.18 -10.47 -2.58
CA GLU F 636 1.78 -10.62 -2.96
C GLU F 636 1.05 -11.67 -2.14
N GLY F 637 1.73 -12.73 -1.70
CA GLY F 637 1.12 -13.84 -1.02
C GLY F 637 0.95 -15.07 -1.90
N ASN F 638 0.96 -14.91 -3.22
CA ASN F 638 0.97 -16.00 -4.19
C ASN F 638 -0.29 -16.86 -4.09
N THR F 639 -1.43 -16.19 -4.20
CA THR F 639 -2.71 -16.87 -4.34
C THR F 639 -3.60 -16.17 -5.36
N ASN F 640 -3.16 -15.02 -5.89
CA ASN F 640 -4.01 -14.16 -6.69
C ASN F 640 -3.39 -13.63 -7.97
N PHE F 641 -2.08 -13.78 -8.17
CA PHE F 641 -1.44 -13.15 -9.33
C PHE F 641 -0.61 -14.13 -10.14
N LEU F 642 -0.05 -15.16 -9.50
CA LEU F 642 0.84 -16.08 -10.17
C LEU F 642 0.06 -17.26 -10.75
N ILE F 643 0.39 -17.63 -11.97
CA ILE F 643 -0.19 -18.82 -12.60
C ILE F 643 0.39 -20.07 -11.94
N PRO F 644 -0.43 -21.07 -11.62
CA PRO F 644 0.06 -22.21 -10.82
C PRO F 644 1.25 -22.97 -11.40
N GLU F 645 1.59 -22.75 -12.67
CA GLU F 645 2.80 -23.36 -13.22
C GLU F 645 4.02 -23.02 -12.40
N TYR F 646 3.95 -21.92 -11.63
CA TYR F 646 4.98 -21.57 -10.67
C TYR F 646 4.57 -21.83 -9.23
N ARG F 647 3.27 -21.90 -8.93
CA ARG F 647 2.85 -22.29 -7.59
C ARG F 647 3.33 -23.69 -7.26
N CYS F 648 3.34 -24.58 -8.26
CA CYS F 648 3.94 -25.90 -8.07
C CYS F 648 5.39 -25.78 -7.65
N ILE F 649 6.15 -24.94 -8.35
CA ILE F 649 7.55 -24.69 -7.99
C ILE F 649 7.64 -24.17 -6.56
N LEU F 650 6.71 -23.30 -6.16
CA LEU F 650 6.71 -22.80 -4.79
C LEU F 650 6.55 -23.93 -3.80
N GLU F 651 5.59 -24.83 -4.05
CA GLU F 651 5.36 -25.92 -3.10
C GLU F 651 6.53 -26.89 -3.06
N GLU F 652 7.25 -27.07 -4.16
CA GLU F 652 8.35 -28.02 -4.21
C GLU F 652 9.72 -27.38 -4.00
N ALA F 653 9.78 -26.08 -3.70
CA ALA F 653 11.02 -25.34 -3.53
C ALA F 653 12.08 -26.07 -2.69
N ASP F 654 11.67 -26.63 -1.55
CA ASP F 654 12.64 -27.26 -0.65
C ASP F 654 13.32 -28.45 -1.32
N HIS F 655 12.52 -29.33 -1.93
CA HIS F 655 13.07 -30.46 -2.66
C HIS F 655 13.97 -30.00 -3.79
N LEU F 656 13.50 -29.01 -4.56
CA LEU F 656 14.31 -28.49 -5.66
C LEU F 656 15.68 -28.02 -5.16
N GLN F 657 15.71 -27.30 -4.05
CA GLN F 657 16.97 -26.83 -3.49
C GLN F 657 17.86 -27.99 -3.07
N GLU F 658 17.31 -28.91 -2.26
CA GLU F 658 18.15 -29.96 -1.70
C GLU F 658 18.66 -30.92 -2.77
N GLU F 659 17.94 -31.05 -3.89
CA GLU F 659 18.43 -31.88 -4.97
C GLU F 659 19.35 -31.13 -5.92
N TYR F 660 19.18 -29.81 -6.06
CA TYR F 660 20.19 -29.04 -6.78
C TYR F 660 21.50 -28.99 -6.02
N LYS F 661 21.46 -29.24 -4.72
CA LYS F 661 22.70 -29.42 -3.97
C LYS F 661 23.58 -30.51 -4.59
N LYS F 662 22.98 -31.53 -5.20
CA LYS F 662 23.72 -32.64 -5.78
C LYS F 662 23.66 -32.69 -7.29
N GLN F 663 22.81 -31.88 -7.92
CA GLN F 663 22.71 -31.85 -9.39
C GLN F 663 24.04 -31.79 -10.12
N PRO F 664 24.98 -30.91 -9.79
CA PRO F 664 26.21 -30.83 -10.59
C PRO F 664 27.05 -32.10 -10.58
N ALA F 665 27.05 -32.85 -9.48
CA ALA F 665 27.77 -34.12 -9.46
C ALA F 665 27.16 -35.11 -10.45
N HIS F 666 25.83 -35.18 -10.49
CA HIS F 666 25.17 -36.04 -11.47
C HIS F 666 25.49 -35.59 -12.89
N LEU F 667 25.52 -34.27 -13.12
CA LEU F 667 25.86 -33.76 -14.44
C LEU F 667 27.26 -34.19 -14.87
N GLU F 668 28.25 -34.01 -13.97
CA GLU F 668 29.62 -34.34 -14.35
C GLU F 668 29.79 -35.84 -14.56
N ARG F 669 29.15 -36.66 -13.72
CA ARG F 669 29.23 -38.10 -13.90
C ARG F 669 28.61 -38.51 -15.23
N LEU F 670 27.42 -37.99 -15.55
CA LEU F 670 26.76 -38.36 -16.79
C LEU F 670 27.56 -37.89 -18.00
N TYR F 671 28.16 -36.70 -17.92
CA TYR F 671 28.94 -36.20 -19.05
C TYR F 671 30.18 -37.06 -19.29
N GLY F 672 30.91 -37.38 -18.21
CA GLY F 672 32.05 -38.26 -18.37
C GLY F 672 31.65 -39.62 -18.90
N MET F 673 30.51 -40.14 -18.46
CA MET F 673 30.05 -41.44 -18.92
C MET F 673 29.71 -41.41 -20.42
N ILE F 674 28.98 -40.40 -20.86
CA ILE F 674 28.65 -40.29 -22.28
C ILE F 674 29.91 -40.12 -23.10
N THR F 675 30.87 -39.32 -22.61
CA THR F 675 32.13 -39.16 -23.32
C THR F 675 32.84 -40.49 -23.49
N ASP F 676 32.93 -41.27 -22.40
CA ASP F 676 33.63 -42.55 -22.49
C ASP F 676 32.87 -43.53 -23.37
N LEU F 677 31.54 -43.47 -23.36
CA LEU F 677 30.75 -44.34 -24.22
C LEU F 677 31.02 -44.03 -25.69
N PHE F 678 31.03 -42.74 -26.05
CA PHE F 678 31.41 -42.33 -27.39
C PHE F 678 32.79 -42.86 -27.76
N ILE F 679 33.77 -42.62 -26.89
CA ILE F 679 35.14 -43.03 -27.17
C ILE F 679 35.21 -44.53 -27.41
N ASP F 680 34.55 -45.32 -26.56
CA ASP F 680 34.69 -46.77 -26.67
C ASP F 680 33.90 -47.33 -27.84
N LYS F 681 32.74 -46.76 -28.15
CA LYS F 681 32.03 -47.16 -29.36
C LYS F 681 32.91 -46.98 -30.59
N PHE F 682 33.48 -45.78 -30.74
CA PHE F 682 34.32 -45.56 -31.93
C PHE F 682 35.66 -46.27 -31.84
N LYS F 683 36.08 -46.68 -30.64
CA LYS F 683 37.29 -47.49 -30.51
C LYS F 683 37.04 -48.92 -30.97
N PHE F 684 35.85 -49.46 -30.70
CA PHE F 684 35.52 -50.76 -31.25
C PHE F 684 35.24 -50.68 -32.74
N LYS F 685 34.74 -49.54 -33.22
CA LYS F 685 34.62 -49.35 -34.66
C LYS F 685 35.99 -49.24 -35.32
N GLY F 686 37.01 -48.81 -34.56
CA GLY F 686 38.37 -48.85 -35.05
C GLY F 686 39.16 -47.57 -34.91
N THR F 687 38.48 -46.42 -35.02
CA THR F 687 39.15 -45.13 -35.06
C THR F 687 39.26 -44.50 -33.68
N ASN F 688 40.13 -43.49 -33.59
CA ASN F 688 40.19 -42.63 -32.42
C ASN F 688 39.46 -41.34 -32.75
N VAL F 689 38.69 -40.84 -31.78
CA VAL F 689 37.89 -39.64 -31.98
C VAL F 689 38.25 -38.59 -30.94
N LYS F 690 39.46 -38.69 -30.38
CA LYS F 690 39.88 -37.74 -29.35
C LYS F 690 39.85 -36.30 -29.84
N THR F 691 39.92 -36.08 -31.15
CA THR F 691 39.77 -34.74 -31.69
C THR F 691 38.36 -34.21 -31.48
N LYS F 692 37.36 -35.00 -31.89
CA LYS F 692 35.97 -34.61 -31.80
C LYS F 692 35.37 -34.82 -30.42
N VAL F 693 36.17 -35.28 -29.44
CA VAL F 693 35.65 -35.45 -28.08
C VAL F 693 35.14 -34.15 -27.49
N PRO F 694 35.87 -33.02 -27.54
CA PRO F 694 35.25 -31.76 -27.09
C PRO F 694 34.12 -31.30 -27.97
N LEU F 695 34.05 -31.77 -29.22
CA LEU F 695 33.01 -31.31 -30.13
C LEU F 695 31.62 -31.77 -29.68
N LEU F 696 31.54 -32.86 -28.91
CA LEU F 696 30.24 -33.30 -28.43
C LEU F 696 29.81 -32.61 -27.14
N LEU F 697 30.75 -31.93 -26.46
CA LEU F 697 30.40 -31.28 -25.19
C LEU F 697 29.32 -30.22 -25.38
N GLU F 698 29.49 -29.34 -26.36
CA GLU F 698 28.48 -28.31 -26.59
C GLU F 698 27.17 -28.92 -27.07
N ILE F 699 27.23 -30.07 -27.76
CA ILE F 699 26.01 -30.78 -28.10
C ILE F 699 25.28 -31.21 -26.84
N LEU F 700 26.02 -31.77 -25.88
CA LEU F 700 25.41 -32.15 -24.60
C LEU F 700 24.84 -30.93 -23.87
N ASP F 701 25.54 -29.79 -23.96
CA ASP F 701 25.00 -28.58 -23.36
C ASP F 701 23.70 -28.16 -24.04
N SER F 702 23.59 -28.39 -25.35
CA SER F 702 22.32 -28.19 -26.02
C SER F 702 21.37 -29.37 -25.77
N TYR F 703 21.84 -30.58 -26.03
CA TYR F 703 21.15 -31.83 -25.67
C TYR F 703 19.77 -31.92 -26.34
N ASP F 704 19.79 -32.06 -27.65
CA ASP F 704 18.65 -32.62 -28.37
C ASP F 704 18.89 -34.13 -28.49
N GLN F 705 17.95 -34.92 -27.99
CA GLN F 705 18.12 -36.38 -27.97
C GLN F 705 18.39 -36.91 -29.38
N ASN F 706 17.55 -36.54 -30.34
CA ASN F 706 17.74 -37.01 -31.71
C ASN F 706 19.04 -36.50 -32.29
N ALA F 707 19.36 -35.22 -32.05
CA ALA F 707 20.65 -34.70 -32.50
C ALA F 707 21.82 -35.40 -31.83
N LEU F 708 21.65 -35.81 -30.56
CA LEU F 708 22.72 -36.53 -29.89
C LEU F 708 22.94 -37.90 -30.52
N ILE F 709 21.86 -38.62 -30.80
CA ILE F 709 21.99 -39.92 -31.45
C ILE F 709 22.59 -39.76 -32.83
N ALA F 710 22.22 -38.70 -33.54
CA ALA F 710 22.79 -38.44 -34.86
C ALA F 710 24.28 -38.14 -34.77
N PHE F 711 24.68 -37.38 -33.76
CA PHE F 711 26.10 -37.18 -33.50
C PHE F 711 26.80 -38.51 -33.26
N PHE F 712 26.17 -39.40 -32.49
CA PHE F 712 26.77 -40.70 -32.21
C PHE F 712 26.97 -41.50 -33.48
N ASP F 713 25.93 -41.60 -34.31
CA ASP F 713 25.98 -42.51 -35.44
C ASP F 713 26.66 -41.93 -36.68
N ALA F 714 26.77 -40.60 -36.77
CA ALA F 714 27.31 -39.97 -37.98
C ALA F 714 28.81 -39.71 -37.86
N ALA F 715 29.21 -38.90 -36.87
CA ALA F 715 30.61 -38.53 -36.72
C ALA F 715 31.12 -38.91 -35.33
N MET G 1 14.87 55.47 -19.49
CA MET G 1 15.20 55.97 -20.82
C MET G 1 15.96 54.93 -21.62
N GLU G 2 17.23 54.73 -21.27
CA GLU G 2 18.08 53.80 -21.99
C GLU G 2 17.50 52.39 -21.95
N PRO G 3 17.89 51.53 -22.90
CA PRO G 3 17.25 50.21 -23.00
C PRO G 3 17.44 49.35 -21.76
N LEU G 4 18.69 49.14 -21.33
CA LEU G 4 18.94 48.25 -20.20
C LEU G 4 18.31 48.80 -18.93
N LEU G 5 18.48 50.10 -18.69
CA LEU G 5 17.91 50.72 -17.49
C LEU G 5 16.39 50.55 -17.44
N LEU G 6 15.72 50.77 -18.56
CA LEU G 6 14.27 50.67 -18.58
C LEU G 6 13.80 49.24 -18.46
N ALA G 7 14.54 48.30 -19.07
CA ALA G 7 14.22 46.89 -18.90
C ALA G 7 14.34 46.48 -17.45
N TRP G 8 15.41 46.91 -16.79
CA TRP G 8 15.58 46.64 -15.36
C TRP G 8 14.40 47.19 -14.56
N SER G 9 14.05 48.46 -14.79
CA SER G 9 12.95 49.07 -14.04
C SER G 9 11.64 48.35 -14.29
N TYR G 10 11.37 47.96 -15.53
CA TYR G 10 10.16 47.20 -15.83
C TYR G 10 10.14 45.89 -15.08
N PHE G 11 11.28 45.18 -15.07
CA PHE G 11 11.35 43.89 -14.42
C PHE G 11 11.11 44.02 -12.92
N ARG G 12 11.78 45.01 -12.31
CA ARG G 12 11.56 45.31 -10.86
C ARG G 12 10.06 45.46 -10.59
N ARG G 13 9.37 46.24 -11.43
CA ARG G 13 7.96 46.56 -11.22
C ARG G 13 7.02 45.44 -11.61
N ARG G 14 7.52 44.24 -11.90
CA ARG G 14 6.72 43.08 -12.26
C ARG G 14 5.99 43.27 -13.58
N ARG G 15 6.63 43.94 -14.54
CA ARG G 15 6.07 43.99 -15.88
C ARG G 15 6.25 42.65 -16.59
N PHE G 16 7.51 42.20 -16.70
CA PHE G 16 7.87 40.86 -17.14
C PHE G 16 7.63 40.67 -18.63
N GLN G 17 7.02 41.65 -19.27
CA GLN G 17 6.78 41.62 -20.71
C GLN G 17 7.52 42.74 -21.42
N LEU G 18 7.41 43.97 -20.92
CA LEU G 18 8.12 45.08 -21.55
C LEU G 18 9.62 44.89 -21.41
N CYS G 19 10.07 44.30 -20.31
CA CYS G 19 11.49 44.01 -20.15
C CYS G 19 11.91 42.85 -21.02
N ALA G 20 11.08 41.81 -21.14
CA ALA G 20 11.38 40.71 -22.04
C ALA G 20 11.52 41.20 -23.48
N ASP G 21 10.54 41.98 -23.94
CA ASP G 21 10.57 42.47 -25.33
C ASP G 21 11.74 43.40 -25.55
N LEU G 22 11.95 44.34 -24.63
CA LEU G 22 13.07 45.26 -24.78
C LEU G 22 14.40 44.53 -24.71
N CYS G 23 14.44 43.39 -24.01
CA CYS G 23 15.64 42.58 -23.98
C CYS G 23 15.86 41.87 -25.31
N THR G 24 14.79 41.35 -25.92
CA THR G 24 14.91 40.82 -27.28
C THR G 24 15.51 41.85 -28.20
N GLN G 25 15.02 43.09 -28.13
CA GLN G 25 15.54 44.16 -28.96
C GLN G 25 17.02 44.41 -28.67
N MET G 26 17.37 44.58 -27.40
CA MET G 26 18.76 44.87 -27.05
C MET G 26 19.70 43.71 -27.35
N LEU G 27 19.16 42.49 -27.45
CA LEU G 27 19.98 41.34 -27.78
C LEU G 27 20.23 41.27 -29.27
N GLU G 28 19.20 41.52 -30.08
CA GLU G 28 19.39 41.57 -31.52
C GLU G 28 20.29 42.74 -31.92
N LYS G 29 20.23 43.85 -31.19
CA LYS G 29 21.03 45.01 -31.56
C LYS G 29 22.50 44.81 -31.25
N SER G 30 22.82 44.32 -30.06
CA SER G 30 24.20 44.13 -29.60
C SER G 30 24.39 42.68 -29.18
N PRO G 31 24.96 41.83 -30.05
CA PRO G 31 25.04 40.39 -29.74
C PRO G 31 25.94 40.03 -28.57
N CYS G 32 26.58 40.99 -27.90
CA CYS G 32 27.42 40.70 -26.74
C CYS G 32 26.97 41.58 -25.58
N ASP G 33 25.94 41.13 -24.87
CA ASP G 33 25.51 41.77 -23.63
C ASP G 33 24.74 40.71 -22.84
N GLN G 34 25.41 40.12 -21.84
CA GLN G 34 24.79 39.03 -21.10
C GLN G 34 23.84 39.51 -20.02
N ALA G 35 23.98 40.76 -19.57
CA ALA G 35 23.05 41.30 -18.58
C ALA G 35 21.62 41.23 -19.10
N ALA G 36 21.39 41.71 -20.32
CA ALA G 36 20.05 41.63 -20.91
C ALA G 36 19.62 40.20 -21.14
N TRP G 37 20.57 39.30 -21.42
CA TRP G 37 20.22 37.90 -21.62
C TRP G 37 19.67 37.29 -20.35
N ILE G 38 20.40 37.43 -19.23
CA ILE G 38 19.93 36.86 -17.99
C ILE G 38 18.69 37.59 -17.50
N LEU G 39 18.53 38.88 -17.84
CA LEU G 39 17.33 39.59 -17.44
C LEU G 39 16.11 39.09 -18.18
N LYS G 40 16.25 38.81 -19.48
CA LYS G 40 15.18 38.17 -20.23
C LYS G 40 14.87 36.80 -19.65
N ALA G 41 15.90 36.07 -19.25
CA ALA G 41 15.68 34.79 -18.58
C ALA G 41 14.82 34.97 -17.33
N ARG G 42 15.18 35.95 -16.50
CA ARG G 42 14.44 36.21 -15.27
C ARG G 42 12.99 36.56 -15.57
N ALA G 43 12.76 37.44 -16.54
CA ALA G 43 11.39 37.84 -16.87
C ALA G 43 10.58 36.66 -17.38
N LEU G 44 11.15 35.90 -18.33
CA LEU G 44 10.50 34.70 -18.83
C LEU G 44 10.11 33.77 -17.69
N THR G 45 11.06 33.46 -16.81
CA THR G 45 10.82 32.47 -15.77
C THR G 45 9.91 32.99 -14.66
N GLU G 46 9.77 34.31 -14.53
CA GLU G 46 8.91 34.82 -13.48
C GLU G 46 7.50 35.14 -13.95
N MET G 47 7.27 35.29 -15.26
CA MET G 47 5.90 35.25 -15.74
C MET G 47 5.20 33.96 -15.34
N VAL G 48 5.95 32.86 -15.24
CA VAL G 48 5.40 31.53 -15.03
C VAL G 48 5.76 30.96 -13.67
N TYR G 49 6.44 31.72 -12.82
CA TYR G 49 6.95 31.18 -11.57
C TYR G 49 5.81 30.76 -10.64
N VAL G 50 6.03 29.67 -9.93
CA VAL G 50 5.05 29.11 -9.00
C VAL G 50 5.80 28.54 -7.80
N ASP G 51 5.25 28.76 -6.61
CA ASP G 51 5.94 28.39 -5.38
C ASP G 51 6.12 26.88 -5.30
N GLU G 52 7.37 26.44 -5.13
CA GLU G 52 7.66 25.02 -5.16
C GLU G 52 7.13 24.31 -3.92
N ILE G 53 6.99 25.01 -2.80
CA ILE G 53 6.38 24.40 -1.63
C ILE G 53 4.94 24.02 -1.92
N ASP G 54 4.24 24.83 -2.70
CA ASP G 54 2.83 24.64 -2.97
C ASP G 54 2.57 23.81 -4.23
N VAL G 55 3.60 23.32 -4.90
CA VAL G 55 3.42 22.61 -6.15
C VAL G 55 3.38 21.10 -5.93
N ASP G 56 3.12 20.66 -4.69
CA ASP G 56 2.93 19.25 -4.38
C ASP G 56 1.79 18.68 -5.20
N GLU G 57 2.09 17.80 -6.15
CA GLU G 57 1.10 17.20 -7.02
C GLU G 57 1.37 15.70 -7.11
N GLU G 58 0.31 14.92 -7.01
CA GLU G 58 0.42 13.47 -6.91
C GLU G 58 -0.43 12.82 -7.99
N GLY G 59 0.21 12.00 -8.83
CA GLY G 59 -0.50 11.24 -9.82
C GLY G 59 -0.92 9.88 -9.31
N ILE G 60 -1.68 9.17 -10.15
CA ILE G 60 -2.16 7.84 -9.78
C ILE G 60 -0.98 6.88 -9.57
N ALA G 61 0.06 7.03 -10.39
CA ALA G 61 1.26 6.23 -10.19
C ALA G 61 1.86 6.48 -8.82
N GLU G 62 2.00 7.75 -8.45
CA GLU G 62 2.57 8.08 -7.14
C GLU G 62 1.63 7.72 -6.00
N MET G 63 0.33 7.58 -6.27
CA MET G 63 -0.59 7.15 -5.23
C MET G 63 -0.51 5.66 -4.98
N ILE G 64 -0.40 4.86 -6.04
CA ILE G 64 -0.50 3.41 -5.95
C ILE G 64 0.85 2.72 -6.15
N LEU G 65 1.54 3.04 -7.25
CA LEU G 65 2.72 2.29 -7.65
C LEU G 65 4.01 2.83 -7.06
N ASP G 66 3.95 3.85 -6.21
CA ASP G 66 5.12 4.39 -5.54
C ASP G 66 4.97 4.15 -4.05
N GLU G 67 5.78 3.22 -3.52
CA GLU G 67 5.72 2.84 -2.11
C GLU G 67 6.98 3.32 -1.42
N ASN G 68 6.82 4.24 -0.45
CA ASN G 68 7.95 4.77 0.29
C ASN G 68 7.74 4.82 1.79
N ALA G 69 6.57 4.44 2.29
CA ALA G 69 6.32 4.42 3.72
C ALA G 69 6.91 3.16 4.33
N ILE G 70 7.58 3.30 5.47
CA ILE G 70 8.22 2.15 6.10
C ILE G 70 7.15 1.20 6.65
N ALA G 71 6.35 1.68 7.58
CA ALA G 71 5.35 0.82 8.20
C ALA G 71 4.26 0.46 7.19
N GLN G 72 3.45 -0.53 7.56
CA GLN G 72 2.31 -0.95 6.76
C GLN G 72 1.00 -0.93 7.52
N VAL G 73 1.03 -1.09 8.83
CA VAL G 73 -0.15 -0.95 9.67
C VAL G 73 0.18 -0.05 10.86
N PRO G 74 0.55 1.21 10.63
CA PRO G 74 0.98 2.06 11.74
C PRO G 74 -0.17 2.31 12.72
N ARG G 75 0.21 2.60 13.96
CA ARG G 75 -0.77 2.86 15.00
C ARG G 75 -1.69 4.00 14.60
N PRO G 76 -2.99 3.90 14.87
CA PRO G 76 -3.90 5.02 14.56
C PRO G 76 -3.51 6.29 15.30
N GLY G 77 -3.10 7.30 14.55
CA GLY G 77 -2.63 8.55 15.11
C GLY G 77 -1.22 8.93 14.72
N THR G 78 -0.45 8.02 14.11
CA THR G 78 0.93 8.29 13.75
C THR G 78 1.16 8.26 12.25
N SER G 79 0.11 8.23 11.44
CA SER G 79 0.25 8.28 9.99
C SER G 79 -0.95 9.00 9.40
N LEU G 80 -0.79 9.42 8.14
CA LEU G 80 -1.84 10.13 7.42
C LEU G 80 -2.72 9.18 6.61
N LYS G 81 -2.58 7.88 6.80
CA LYS G 81 -3.33 6.90 6.03
C LYS G 81 -3.86 5.79 6.93
N GLY G 90 -14.64 15.68 14.49
CA GLY G 90 -15.25 16.84 13.88
C GLY G 90 -16.71 16.62 13.52
N PRO G 91 -17.31 17.60 12.85
CA PRO G 91 -18.71 17.45 12.42
C PRO G 91 -18.92 16.18 11.60
N SER G 92 -19.96 15.43 11.96
CA SER G 92 -20.25 14.16 11.33
C SER G 92 -20.85 14.37 9.94
N PRO G 93 -20.79 13.35 9.08
CA PRO G 93 -21.39 13.48 7.74
C PRO G 93 -22.87 13.80 7.75
N ALA G 94 -23.53 13.74 8.91
CA ALA G 94 -24.92 14.19 9.02
C ALA G 94 -25.01 15.70 9.15
N VAL G 95 -23.87 16.40 9.28
CA VAL G 95 -23.86 17.85 9.34
C VAL G 95 -22.97 18.40 8.24
N ARG G 96 -21.70 18.00 8.25
CA ARG G 96 -20.73 18.56 7.32
C ARG G 96 -20.62 17.70 6.07
N PRO G 97 -20.83 18.25 4.88
CA PRO G 97 -20.69 17.45 3.67
C PRO G 97 -19.29 16.88 3.53
N VAL G 98 -19.18 15.84 2.70
CA VAL G 98 -17.95 15.10 2.54
C VAL G 98 -17.61 15.02 1.05
N THR G 99 -16.31 14.98 0.75
CA THR G 99 -15.84 14.76 -0.61
C THR G 99 -15.63 13.27 -0.89
N GLN G 100 -15.09 12.53 0.07
CA GLN G 100 -15.05 11.08 0.07
C GLN G 100 -15.69 10.58 1.36
N ALA G 101 -15.58 9.26 1.59
CA ALA G 101 -16.16 8.67 2.78
C ALA G 101 -15.72 9.42 4.04
N GLY G 102 -14.41 9.51 4.25
CA GLY G 102 -13.85 10.38 5.26
C GLY G 102 -13.44 11.72 4.67
N ARG G 103 -12.68 12.48 5.47
CA ARG G 103 -12.19 13.79 5.07
C ARG G 103 -13.32 14.69 4.60
N PRO G 104 -14.16 15.19 5.50
CA PRO G 104 -15.23 16.12 5.10
C PRO G 104 -14.67 17.34 4.39
N ILE G 105 -15.56 18.11 3.77
CA ILE G 105 -15.13 19.22 2.95
C ILE G 105 -14.35 20.21 3.81
N THR G 106 -13.36 20.85 3.20
CA THR G 106 -12.48 21.78 3.88
C THR G 106 -12.94 23.20 3.63
N GLY G 107 -12.17 24.15 4.15
CA GLY G 107 -12.50 25.55 3.96
C GLY G 107 -11.55 26.23 3.01
N PHE G 108 -10.47 25.55 2.65
CA PHE G 108 -9.40 26.15 1.87
C PHE G 108 -8.79 25.10 0.97
N LEU G 109 -8.77 25.36 -0.33
CA LEU G 109 -8.17 24.46 -1.32
C LEU G 109 -6.77 24.92 -1.63
N ARG G 110 -5.80 24.13 -1.22
CA ARG G 110 -4.46 24.29 -1.74
C ARG G 110 -4.19 23.24 -2.80
N PRO G 111 -3.24 23.46 -3.71
CA PRO G 111 -3.06 22.52 -4.83
C PRO G 111 -2.40 21.22 -4.41
N SER G 112 -2.38 20.95 -3.11
CA SER G 112 -1.79 19.75 -2.56
C SER G 112 -2.74 18.97 -1.67
N THR G 113 -3.96 19.45 -1.44
CA THR G 113 -4.93 18.71 -0.66
C THR G 113 -5.23 17.36 -1.32
N GLN G 114 -5.34 16.33 -0.48
CA GLN G 114 -5.60 14.98 -0.95
C GLN G 114 -7.04 14.54 -0.69
N SER G 115 -7.52 14.67 0.55
CA SER G 115 -8.87 14.26 0.94
C SER G 115 -9.12 12.78 0.61
N GLY G 116 -8.12 11.95 0.85
CA GLY G 116 -8.22 10.52 0.64
C GLY G 116 -7.16 10.02 -0.33
N ARG G 117 -7.25 8.73 -0.62
CA ARG G 117 -6.33 8.05 -1.54
C ARG G 117 -7.12 6.97 -2.26
N PRO G 118 -6.98 6.85 -3.58
CA PRO G 118 -7.66 5.77 -4.28
C PRO G 118 -6.91 4.45 -4.10
N GLY G 119 -7.65 3.40 -3.80
CA GLY G 119 -7.04 2.12 -3.49
C GLY G 119 -6.27 1.49 -4.62
N THR G 120 -6.97 1.08 -5.67
CA THR G 120 -6.36 0.40 -6.79
C THR G 120 -6.19 1.37 -7.95
N ILE G 121 -5.74 0.85 -9.10
CA ILE G 121 -5.74 1.69 -10.29
C ILE G 121 -7.12 1.71 -10.93
N GLU G 122 -7.87 0.61 -10.82
CA GLU G 122 -9.24 0.61 -11.30
C GLU G 122 -10.11 1.58 -10.51
N GLN G 123 -9.90 1.65 -9.19
CA GLN G 123 -10.65 2.59 -8.37
C GLN G 123 -10.32 4.04 -8.71
N ALA G 124 -9.18 4.29 -9.33
CA ALA G 124 -8.74 5.66 -9.62
C ALA G 124 -9.17 6.13 -11.01
N ILE G 125 -9.12 5.26 -12.02
CA ILE G 125 -9.56 5.66 -13.35
C ILE G 125 -11.07 5.77 -13.41
N LYS G 126 -11.78 4.99 -12.60
CA LYS G 126 -13.23 4.95 -12.62
C LYS G 126 -13.86 5.94 -11.66
N THR G 127 -13.18 7.03 -11.35
CA THR G 127 -13.61 8.03 -10.39
C THR G 127 -13.44 9.42 -11.01
N PRO G 128 -14.37 10.35 -10.74
CA PRO G 128 -14.20 11.73 -11.21
C PRO G 128 -12.78 12.25 -10.94
N ARG G 129 -12.24 12.94 -11.94
CA ARG G 129 -10.81 13.26 -11.97
C ARG G 129 -10.40 14.29 -10.92
N THR G 130 -11.35 14.88 -10.20
CA THR G 130 -11.05 15.87 -9.17
C THR G 130 -11.74 15.44 -7.87
N ALA G 131 -11.58 14.16 -7.51
CA ALA G 131 -12.12 13.63 -6.27
C ALA G 131 -11.07 13.49 -5.19
N TYR G 132 -9.81 13.27 -5.56
CA TYR G 132 -8.72 13.19 -4.60
C TYR G 132 -7.67 14.28 -4.81
N THR G 133 -7.93 15.23 -5.70
CA THR G 133 -6.98 16.29 -6.02
C THR G 133 -7.75 17.59 -6.21
N ALA G 134 -7.01 18.69 -6.24
CA ALA G 134 -7.58 20.02 -6.47
C ALA G 134 -7.50 20.44 -7.93
N ARG G 135 -7.27 19.49 -8.83
CA ARG G 135 -7.13 19.72 -10.27
C ARG G 135 -7.19 18.35 -10.93
N PRO G 136 -7.60 18.24 -12.19
CA PRO G 136 -7.80 16.91 -12.79
C PRO G 136 -6.59 16.00 -12.64
N ILE G 137 -6.83 14.81 -12.07
CA ILE G 137 -5.74 13.91 -11.72
C ILE G 137 -5.09 13.37 -12.99
N ALA G 138 -3.79 13.08 -12.88
CA ALA G 138 -3.00 12.58 -14.00
C ALA G 138 -2.48 11.19 -13.69
N SER G 139 -1.75 10.64 -14.66
CA SER G 139 -1.12 9.33 -14.43
C SER G 139 0.20 9.49 -13.69
N SER G 140 0.82 10.66 -13.76
CA SER G 140 2.05 10.93 -13.04
C SER G 140 2.29 12.43 -13.03
N SER G 141 2.98 12.89 -11.98
CA SER G 141 3.31 14.29 -11.83
C SER G 141 4.81 14.49 -11.63
N GLY G 158 8.77 31.32 -30.59
CA GLY G 158 9.92 30.44 -30.56
C GLY G 158 10.59 30.35 -29.20
N PRO G 159 11.52 29.42 -29.04
CA PRO G 159 12.20 29.25 -27.75
C PRO G 159 13.25 30.33 -27.55
N PHE G 160 13.67 30.46 -26.29
CA PHE G 160 14.64 31.49 -25.91
C PHE G 160 16.07 31.00 -26.07
N ILE G 161 16.41 29.91 -25.38
CA ILE G 161 17.73 29.32 -25.48
C ILE G 161 17.56 27.80 -25.50
N ASN G 162 18.40 27.13 -26.28
CA ASN G 162 18.30 25.69 -26.47
C ASN G 162 19.11 24.99 -25.38
N LEU G 163 18.45 24.07 -24.65
CA LEU G 163 19.07 23.48 -23.48
C LEU G 163 20.23 22.58 -23.86
N SER G 164 20.08 21.80 -24.93
CA SER G 164 21.14 20.89 -25.34
C SER G 164 22.39 21.64 -25.78
N ARG G 165 22.23 22.86 -26.32
CA ARG G 165 23.37 23.57 -26.86
C ARG G 165 24.30 24.08 -25.76
N LEU G 166 23.80 24.91 -24.86
CA LEU G 166 24.66 25.56 -23.89
C LEU G 166 25.27 24.53 -22.95
N ASN G 167 26.55 24.70 -22.66
CA ASN G 167 27.29 23.74 -21.84
C ASN G 167 27.26 24.21 -20.39
N LEU G 168 26.56 23.45 -19.55
CA LEU G 168 26.43 23.82 -18.14
C LEU G 168 27.77 23.93 -17.46
N ALA G 169 28.79 23.22 -17.95
CA ALA G 169 30.10 23.28 -17.33
C ALA G 169 30.67 24.70 -17.38
N LYS G 170 30.25 25.49 -18.36
CA LYS G 170 30.73 26.86 -18.49
C LYS G 170 29.92 27.84 -17.66
N TYR G 171 28.59 27.73 -17.69
CA TYR G 171 27.76 28.61 -16.89
C TYR G 171 27.95 28.38 -15.39
N ALA G 172 28.23 27.13 -14.99
CA ALA G 172 28.39 26.83 -13.58
C ALA G 172 29.67 27.40 -12.99
N GLN G 173 30.56 27.95 -13.82
CA GLN G 173 31.75 28.59 -13.29
C GLN G 173 31.46 29.98 -12.74
N LYS G 174 30.40 30.61 -13.23
CA LYS G 174 30.03 31.96 -12.80
C LYS G 174 28.64 31.92 -12.18
N PRO G 175 28.51 32.21 -10.89
CA PRO G 175 27.21 32.01 -10.23
C PRO G 175 26.15 33.03 -10.62
N LYS G 176 26.57 34.24 -11.01
CA LYS G 176 25.59 35.26 -11.41
C LYS G 176 24.74 34.77 -12.57
N LEU G 177 25.35 34.08 -13.53
CA LEU G 177 24.59 33.45 -14.60
C LEU G 177 24.00 32.11 -14.14
N ALA G 178 24.69 31.41 -13.25
CA ALA G 178 24.31 30.04 -12.91
C ALA G 178 22.96 30.01 -12.21
N LYS G 179 22.75 30.89 -11.22
CA LYS G 179 21.51 30.82 -10.44
C LYS G 179 20.30 31.22 -11.29
N ALA G 180 20.42 32.28 -12.09
CA ALA G 180 19.32 32.70 -12.94
C ALA G 180 19.02 31.65 -14.01
N LEU G 181 20.07 31.07 -14.60
CA LEU G 181 19.86 30.07 -15.63
C LEU G 181 19.25 28.80 -15.05
N PHE G 182 19.64 28.43 -13.83
CA PHE G 182 19.03 27.28 -13.19
C PHE G 182 17.55 27.54 -12.92
N GLU G 183 17.23 28.73 -12.41
CA GLU G 183 15.83 29.04 -12.17
C GLU G 183 15.03 28.99 -13.46
N TYR G 184 15.66 29.44 -14.56
CA TYR G 184 14.99 29.36 -15.86
C TYR G 184 14.73 27.93 -16.28
N ILE G 185 15.75 27.07 -16.17
CA ILE G 185 15.62 25.69 -16.64
C ILE G 185 14.65 24.92 -15.77
N PHE G 186 14.64 25.19 -14.48
CA PHE G 186 13.83 24.41 -13.54
C PHE G 186 12.38 24.88 -13.52
N HIS G 187 12.14 26.19 -13.64
CA HIS G 187 10.78 26.68 -13.48
C HIS G 187 10.09 27.00 -14.79
N HIS G 188 10.82 27.33 -15.85
CA HIS G 188 10.21 27.59 -17.14
C HIS G 188 10.22 26.35 -18.04
N GLU G 189 11.39 25.82 -18.36
CA GLU G 189 11.47 24.65 -19.22
C GLU G 189 11.03 23.38 -18.51
N ASN G 190 11.08 23.37 -17.18
CA ASN G 190 10.64 22.24 -16.38
C ASN G 190 11.46 20.98 -16.66
N ASP G 191 12.73 21.15 -17.03
CA ASP G 191 13.62 20.04 -17.33
C ASP G 191 14.47 19.80 -16.09
N VAL G 192 13.97 18.94 -15.19
CA VAL G 192 14.64 18.69 -13.93
C VAL G 192 16.00 18.02 -14.11
N LYS G 193 16.23 17.35 -15.23
CA LYS G 193 17.49 16.64 -15.41
C LYS G 193 18.62 17.60 -15.72
N THR G 194 18.43 18.48 -16.71
CA THR G 194 19.45 19.50 -16.98
C THR G 194 19.61 20.43 -15.80
N ALA G 195 18.52 20.72 -15.09
CA ALA G 195 18.60 21.56 -13.90
C ALA G 195 19.48 20.90 -12.85
N LEU G 196 19.28 19.60 -12.60
CA LEU G 196 20.09 18.91 -11.62
C LEU G 196 21.55 18.81 -12.07
N ASP G 197 21.79 18.67 -13.37
CA ASP G 197 23.16 18.67 -13.88
C ASP G 197 23.84 20.01 -13.60
N LEU G 198 23.14 21.10 -13.89
CA LEU G 198 23.71 22.42 -13.63
C LEU G 198 23.92 22.64 -12.14
N ALA G 199 22.98 22.18 -11.32
CA ALA G 199 23.11 22.36 -9.87
C ALA G 199 24.27 21.55 -9.31
N ALA G 200 24.48 20.33 -9.83
CA ALA G 200 25.60 19.52 -9.39
C ALA G 200 26.92 20.18 -9.76
N LEU G 201 27.05 20.62 -11.01
CA LEU G 201 28.27 21.30 -11.42
C LEU G 201 28.50 22.55 -10.58
N SER G 202 27.44 23.30 -10.29
CA SER G 202 27.60 24.56 -9.58
C SER G 202 27.96 24.33 -8.12
N THR G 203 27.39 23.31 -7.50
CA THR G 203 27.77 22.97 -6.14
C THR G 203 29.22 22.49 -6.09
N GLU G 204 29.63 21.73 -7.11
CA GLU G 204 31.05 21.38 -7.23
C GLU G 204 31.91 22.64 -7.24
N HIS G 205 31.53 23.63 -8.04
CA HIS G 205 32.34 24.84 -8.15
C HIS G 205 32.39 25.60 -6.82
N SER G 206 31.24 25.79 -6.17
CA SER G 206 31.20 26.56 -4.95
C SER G 206 31.67 25.78 -3.72
N GLN G 207 32.27 24.59 -3.92
CA GLN G 207 32.89 23.82 -2.85
C GLN G 207 31.92 23.47 -1.73
N TYR G 208 30.64 23.33 -2.08
CA TYR G 208 29.62 22.72 -1.24
C TYR G 208 29.27 23.55 -0.01
N LYS G 209 29.51 24.86 -0.03
CA LYS G 209 29.29 25.68 1.16
C LYS G 209 28.37 26.85 0.87
N ASP G 210 27.24 26.57 0.24
CA ASP G 210 26.17 27.56 0.15
C ASP G 210 24.84 26.83 0.09
N TRP G 211 23.95 27.18 1.03
CA TRP G 211 22.73 26.41 1.24
C TRP G 211 21.81 26.42 0.03
N TRP G 212 21.90 27.43 -0.83
CA TRP G 212 20.92 27.57 -1.90
C TRP G 212 21.04 26.43 -2.90
N TRP G 213 22.27 26.14 -3.35
CA TRP G 213 22.45 25.06 -4.31
C TRP G 213 22.07 23.71 -3.71
N LYS G 214 22.28 23.53 -2.40
CA LYS G 214 21.83 22.32 -1.74
C LYS G 214 20.33 22.20 -1.80
N VAL G 215 19.62 23.29 -1.50
CA VAL G 215 18.16 23.24 -1.51
C VAL G 215 17.64 23.04 -2.92
N GLN G 216 18.32 23.58 -3.92
CA GLN G 216 17.89 23.37 -5.30
C GLN G 216 18.08 21.92 -5.72
N ILE G 217 19.23 21.32 -5.39
CA ILE G 217 19.43 19.91 -5.67
C ILE G 217 18.39 19.07 -4.95
N GLY G 218 18.07 19.43 -3.71
CA GLY G 218 17.03 18.72 -2.98
C GLY G 218 15.69 18.81 -3.67
N LYS G 219 15.36 19.98 -4.23
CA LYS G 219 14.11 20.13 -4.96
C LYS G 219 14.12 19.29 -6.23
N CYS G 220 15.26 19.23 -6.91
CA CYS G 220 15.36 18.39 -8.10
C CYS G 220 15.14 16.93 -7.76
N TYR G 221 15.79 16.46 -6.69
CA TYR G 221 15.58 15.08 -6.25
C TYR G 221 14.13 14.84 -5.88
N TYR G 222 13.54 15.72 -5.08
CA TYR G 222 12.14 15.56 -4.70
C TYR G 222 11.23 15.51 -5.92
N ARG G 223 11.58 16.22 -6.99
CA ARG G 223 10.83 16.10 -8.23
C ARG G 223 11.03 14.74 -8.86
N LEU G 224 12.28 14.25 -8.89
CA LEU G 224 12.59 12.95 -9.46
C LEU G 224 12.04 11.79 -8.63
N GLY G 225 11.53 12.05 -7.43
CA GLY G 225 10.95 11.02 -6.60
C GLY G 225 11.88 10.45 -5.55
N LEU G 226 13.13 10.89 -5.48
CA LEU G 226 14.11 10.37 -4.52
C LEU G 226 14.01 11.19 -3.25
N TYR G 227 13.17 10.74 -2.32
CA TYR G 227 12.85 11.56 -1.15
C TYR G 227 13.95 11.52 -0.09
N ARG G 228 14.73 10.45 -0.01
CA ARG G 228 15.79 10.41 0.98
C ARG G 228 17.02 11.14 0.52
N GLU G 229 17.35 11.06 -0.77
CA GLU G 229 18.45 11.84 -1.33
C GLU G 229 18.14 13.33 -1.33
N ALA G 230 16.86 13.71 -1.21
CA ALA G 230 16.45 15.10 -1.09
C ALA G 230 16.41 15.55 0.35
N GLU G 231 15.89 14.71 1.24
CA GLU G 231 15.97 14.96 2.67
C GLU G 231 17.41 15.20 3.08
N LYS G 232 18.35 14.45 2.48
CA LYS G 232 19.76 14.63 2.80
C LYS G 232 20.21 16.05 2.51
N GLN G 233 19.83 16.59 1.35
CA GLN G 233 20.27 17.93 0.97
C GLN G 233 19.58 19.00 1.80
N PHE G 234 18.28 18.83 2.08
CA PHE G 234 17.61 19.79 2.95
C PHE G 234 18.22 19.80 4.34
N LYS G 235 18.55 18.62 4.88
CA LYS G 235 19.19 18.56 6.20
C LYS G 235 20.57 19.20 6.17
N SER G 236 21.33 18.95 5.10
CA SER G 236 22.64 19.57 4.98
C SER G 236 22.57 21.07 4.77
N ALA G 237 21.43 21.58 4.29
CA ALA G 237 21.25 23.02 4.15
C ALA G 237 20.80 23.65 5.46
N LEU G 238 20.02 22.93 6.27
CA LEU G 238 19.60 23.45 7.55
C LEU G 238 20.78 23.62 8.49
N LYS G 239 21.79 22.74 8.39
CA LYS G 239 22.98 22.88 9.21
C LYS G 239 23.80 24.09 8.82
N GLN G 240 23.62 24.62 7.62
CA GLN G 240 24.39 25.75 7.12
C GLN G 240 23.71 27.09 7.35
N GLN G 241 22.40 27.17 7.11
CA GLN G 241 21.67 28.41 7.32
C GLN G 241 20.20 28.05 7.50
N GLU G 242 19.69 28.23 8.71
CA GLU G 242 18.32 27.87 9.04
C GLU G 242 17.38 28.90 8.43
N MET G 243 16.61 28.49 7.43
CA MET G 243 15.68 29.37 6.75
C MET G 243 14.31 28.72 6.64
N VAL G 244 13.28 29.55 6.52
CA VAL G 244 11.91 29.05 6.53
C VAL G 244 11.67 28.08 5.38
N ASP G 245 12.25 28.38 4.21
CA ASP G 245 12.02 27.55 3.03
C ASP G 245 12.54 26.14 3.25
N THR G 246 13.71 26.00 3.88
CA THR G 246 14.25 24.66 4.08
C THR G 246 13.40 23.85 5.05
N PHE G 247 12.84 24.48 6.09
CA PHE G 247 11.93 23.77 6.97
C PHE G 247 10.69 23.32 6.22
N LEU G 248 10.15 24.18 5.35
CA LEU G 248 8.95 23.80 4.62
C LEU G 248 9.24 22.66 3.64
N TYR G 249 10.37 22.72 2.95
CA TYR G 249 10.75 21.66 2.03
C TYR G 249 10.96 20.35 2.78
N LEU G 250 11.65 20.40 3.91
CA LEU G 250 11.98 19.19 4.64
C LEU G 250 10.73 18.56 5.24
N ALA G 251 9.78 19.37 5.70
CA ALA G 251 8.53 18.82 6.17
C ALA G 251 7.71 18.24 5.02
N LYS G 252 7.78 18.86 3.84
CA LYS G 252 7.15 18.28 2.66
C LYS G 252 7.73 16.91 2.35
N VAL G 253 9.05 16.76 2.49
CA VAL G 253 9.68 15.47 2.27
C VAL G 253 9.23 14.46 3.33
N TYR G 254 9.26 14.86 4.60
CA TYR G 254 8.85 13.95 5.67
C TYR G 254 7.39 13.56 5.57
N ILE G 255 6.57 14.36 4.88
CA ILE G 255 5.19 13.97 4.63
C ILE G 255 5.09 13.08 3.39
N SER G 256 6.01 13.22 2.44
CA SER G 256 6.04 12.30 1.31
C SER G 256 6.41 10.89 1.75
N LEU G 257 7.29 10.78 2.74
CA LEU G 257 7.63 9.48 3.33
C LEU G 257 6.60 8.99 4.34
N ASP G 258 5.49 9.71 4.51
CA ASP G 258 4.42 9.33 5.42
C ASP G 258 4.94 9.21 6.85
N GLN G 259 5.46 10.32 7.37
CA GLN G 259 5.91 10.43 8.76
C GLN G 259 5.42 11.76 9.28
N PRO G 260 4.15 11.85 9.70
CA PRO G 260 3.61 13.14 10.12
C PRO G 260 4.22 13.64 11.42
N LEU G 261 4.63 12.75 12.32
CA LEU G 261 5.15 13.20 13.60
C LEU G 261 6.57 13.72 13.47
N THR G 262 7.37 13.16 12.56
CA THR G 262 8.66 13.76 12.25
C THR G 262 8.48 15.16 11.70
N ALA G 263 7.44 15.36 10.88
CA ALA G 263 7.19 16.69 10.33
C ALA G 263 6.72 17.66 11.39
N LEU G 264 5.89 17.20 12.33
CA LEU G 264 5.47 18.07 13.43
C LEU G 264 6.66 18.46 14.29
N ASN G 265 7.56 17.52 14.56
CA ASN G 265 8.75 17.84 15.35
C ASN G 265 9.65 18.82 14.60
N LEU G 266 9.80 18.64 13.30
CA LEU G 266 10.61 19.56 12.51
C LEU G 266 10.01 20.96 12.49
N PHE G 267 8.68 21.04 12.35
CA PHE G 267 8.00 22.33 12.41
C PHE G 267 8.18 23.00 13.76
N LYS G 268 8.11 22.22 14.85
CA LYS G 268 8.30 22.81 16.17
C LYS G 268 9.73 23.28 16.37
N GLN G 269 10.70 22.56 15.82
CA GLN G 269 12.08 23.02 15.85
C GLN G 269 12.24 24.30 15.05
N GLY G 270 11.57 24.40 13.92
CA GLY G 270 11.60 25.62 13.13
C GLY G 270 11.02 26.80 13.90
N LEU G 271 9.84 26.61 14.48
CA LEU G 271 9.23 27.63 15.32
C LEU G 271 10.08 27.96 16.53
N ASP G 272 10.96 27.05 16.95
CA ASP G 272 11.95 27.41 17.95
C ASP G 272 12.99 28.36 17.37
N LYS G 273 13.38 28.15 16.12
CA LYS G 273 14.31 29.09 15.50
C LYS G 273 13.60 30.40 15.15
N PHE G 274 12.49 30.33 14.43
CA PHE G 274 11.70 31.49 14.05
C PHE G 274 10.47 31.55 14.92
N PRO G 275 10.45 32.35 15.98
CA PRO G 275 9.47 32.15 17.06
C PRO G 275 8.02 32.33 16.65
N GLY G 276 7.72 32.92 15.50
CA GLY G 276 6.33 33.16 15.18
C GLY G 276 5.94 32.99 13.74
N GLU G 277 6.73 32.26 12.96
CA GLU G 277 6.52 32.18 11.53
C GLU G 277 5.17 31.56 11.21
N VAL G 278 4.38 32.25 10.38
CA VAL G 278 3.03 31.84 10.07
C VAL G 278 3.01 30.61 9.19
N THR G 279 3.98 30.47 8.29
CA THR G 279 3.99 29.32 7.39
C THR G 279 4.21 28.03 8.17
N LEU G 280 5.08 28.05 9.18
CA LEU G 280 5.30 26.85 9.99
C LEU G 280 4.06 26.48 10.80
N LEU G 281 3.42 27.47 11.42
CA LEU G 281 2.21 27.19 12.19
C LEU G 281 1.09 26.68 11.30
N CYS G 282 0.98 27.21 10.08
CA CYS G 282 -0.05 26.75 9.17
C CYS G 282 0.27 25.36 8.64
N GLY G 283 1.55 25.02 8.51
CA GLY G 283 1.90 23.65 8.19
C GLY G 283 1.52 22.68 9.29
N ILE G 284 1.79 23.06 10.55
CA ILE G 284 1.38 22.23 11.68
C ILE G 284 -0.13 22.03 11.66
N ALA G 285 -0.87 23.11 11.41
CA ALA G 285 -2.32 23.01 11.39
C ALA G 285 -2.80 22.11 10.26
N ARG G 286 -2.19 22.22 9.08
CA ARG G 286 -2.55 21.34 7.97
C ARG G 286 -2.32 19.89 8.32
N ILE G 287 -1.20 19.59 8.98
CA ILE G 287 -0.93 18.20 9.37
C ILE G 287 -1.98 17.72 10.37
N TYR G 288 -2.23 18.50 11.42
CA TYR G 288 -3.22 18.10 12.41
C TYR G 288 -4.62 17.97 11.81
N GLU G 289 -4.91 18.68 10.72
CA GLU G 289 -6.20 18.55 10.07
C GLU G 289 -6.23 17.41 9.05
N GLU G 290 -5.07 16.95 8.59
CA GLU G 290 -5.02 15.76 7.74
C GLU G 290 -4.99 14.48 8.56
N MET G 291 -4.39 14.52 9.75
CA MET G 291 -4.58 13.47 10.74
C MET G 291 -5.98 13.50 11.35
N ASN G 292 -6.83 14.42 10.88
CA ASN G 292 -8.20 14.55 11.34
C ASN G 292 -8.27 14.79 12.84
N ASN G 293 -7.38 15.64 13.34
CA ASN G 293 -7.42 16.10 14.72
C ASN G 293 -7.69 17.60 14.67
N ILE G 294 -8.97 17.97 14.61
CA ILE G 294 -9.35 19.36 14.48
C ILE G 294 -9.08 20.15 15.76
N SER G 295 -9.00 19.46 16.91
CA SER G 295 -8.77 20.15 18.17
C SER G 295 -7.44 20.89 18.19
N SER G 296 -6.43 20.36 17.50
CA SER G 296 -5.13 21.03 17.44
C SER G 296 -4.94 21.82 16.16
N ALA G 297 -5.55 21.38 15.06
CA ALA G 297 -5.56 22.18 13.85
C ALA G 297 -6.15 23.57 14.12
N THR G 298 -7.28 23.61 14.84
CA THR G 298 -7.91 24.89 15.13
C THR G 298 -7.09 25.71 16.11
N GLU G 299 -6.38 25.07 17.03
CA GLU G 299 -5.53 25.82 17.95
C GLU G 299 -4.36 26.46 17.22
N TYR G 300 -3.76 25.76 16.27
CA TYR G 300 -2.65 26.36 15.55
C TYR G 300 -3.12 27.36 14.49
N TYR G 301 -4.30 27.16 13.92
CA TYR G 301 -4.89 28.20 13.09
C TYR G 301 -5.21 29.45 13.91
N LYS G 302 -5.65 29.26 15.16
CA LYS G 302 -5.88 30.39 16.04
C LYS G 302 -4.59 31.11 16.38
N GLU G 303 -3.48 30.37 16.48
CA GLU G 303 -2.19 31.03 16.64
C GLU G 303 -1.82 31.84 15.40
N VAL G 304 -2.03 31.27 14.22
CA VAL G 304 -1.82 32.02 12.98
C VAL G 304 -2.64 33.31 13.00
N LEU G 305 -3.88 33.22 13.45
CA LEU G 305 -4.73 34.40 13.55
C LEU G 305 -4.14 35.42 14.51
N LYS G 306 -3.72 34.96 15.69
CA LYS G 306 -3.06 35.86 16.64
C LYS G 306 -1.80 36.48 16.05
N GLN G 307 -1.27 35.92 14.97
CA GLN G 307 -0.14 36.52 14.29
C GLN G 307 -0.53 37.35 13.07
N ASP G 308 -1.35 36.79 12.16
CA ASP G 308 -1.64 37.43 10.89
C ASP G 308 -2.93 38.24 10.91
N ASN G 309 -4.07 37.59 11.19
CA ASN G 309 -5.42 38.15 11.22
C ASN G 309 -5.96 38.53 9.85
N THR G 310 -5.19 38.35 8.77
CA THR G 310 -5.71 38.41 7.41
C THR G 310 -5.51 37.10 6.67
N HIS G 311 -5.06 36.06 7.36
CA HIS G 311 -4.76 34.79 6.74
C HIS G 311 -6.03 34.19 6.17
N VAL G 312 -6.05 33.98 4.85
CA VAL G 312 -7.26 33.45 4.24
C VAL G 312 -7.48 32.01 4.64
N GLU G 313 -6.40 31.22 4.71
CA GLU G 313 -6.53 29.81 5.07
C GLU G 313 -7.07 29.64 6.48
N ALA G 314 -6.43 30.31 7.45
CA ALA G 314 -6.86 30.19 8.85
C ALA G 314 -8.30 30.65 9.02
N ILE G 315 -8.63 31.81 8.45
CA ILE G 315 -9.97 32.37 8.64
C ILE G 315 -11.01 31.50 7.97
N ALA G 316 -10.72 30.97 6.78
CA ALA G 316 -11.68 30.12 6.09
C ALA G 316 -11.89 28.82 6.85
N CYS G 317 -10.82 28.23 7.38
CA CYS G 317 -10.95 26.97 8.10
C CYS G 317 -11.73 27.15 9.39
N ILE G 318 -11.37 28.16 10.20
CA ILE G 318 -12.11 28.38 11.43
C ILE G 318 -13.54 28.81 11.13
N GLY G 319 -13.75 29.52 10.03
CA GLY G 319 -15.11 29.94 9.69
C GLY G 319 -15.99 28.78 9.32
N SER G 320 -15.52 27.91 8.43
CA SER G 320 -16.27 26.70 8.11
C SER G 320 -16.55 25.89 9.36
N ASN G 321 -15.53 25.66 10.19
CA ASN G 321 -15.71 24.89 11.41
C ASN G 321 -16.80 25.50 12.29
N HIS G 322 -16.79 26.83 12.42
CA HIS G 322 -17.81 27.48 13.24
C HIS G 322 -19.19 27.33 12.62
N PHE G 323 -19.29 27.48 11.30
CA PHE G 323 -20.58 27.32 10.63
C PHE G 323 -21.17 25.95 10.88
N TYR G 324 -20.33 24.91 10.86
CA TYR G 324 -20.86 23.56 10.94
C TYR G 324 -21.11 23.08 12.36
N THR G 325 -20.44 23.65 13.36
CA THR G 325 -20.73 23.29 14.75
C THR G 325 -21.72 24.25 15.39
N ASP G 326 -22.85 24.48 14.71
CA ASP G 326 -23.98 25.23 15.26
C ASP G 326 -23.63 26.66 15.67
N GLN G 327 -22.73 27.31 14.93
CA GLN G 327 -22.34 28.70 15.21
C GLN G 327 -22.21 29.47 13.91
N PRO G 328 -23.32 29.69 13.20
CA PRO G 328 -23.23 30.43 11.94
C PRO G 328 -22.93 31.90 12.10
N GLU G 329 -23.21 32.50 13.26
CA GLU G 329 -22.92 33.91 13.45
C GLU G 329 -21.42 34.17 13.55
N VAL G 330 -20.68 33.27 14.19
CA VAL G 330 -19.24 33.45 14.31
C VAL G 330 -18.58 33.20 12.96
N ALA G 331 -19.05 32.18 12.24
CA ALA G 331 -18.58 31.96 10.87
C ALA G 331 -18.88 33.16 10.00
N LEU G 332 -20.03 33.80 10.22
CA LEU G 332 -20.35 35.02 9.51
C LEU G 332 -19.36 36.13 9.82
N ARG G 333 -18.99 36.28 11.09
CA ARG G 333 -17.97 37.26 11.45
C ARG G 333 -16.67 36.99 10.70
N PHE G 334 -16.24 35.73 10.66
CA PHE G 334 -14.98 35.39 9.98
C PHE G 334 -15.05 35.66 8.48
N TYR G 335 -16.15 35.27 7.84
CA TYR G 335 -16.26 35.49 6.41
C TYR G 335 -16.46 36.97 6.07
N ARG G 336 -17.15 37.71 6.94
CA ARG G 336 -17.21 39.16 6.78
C ARG G 336 -15.83 39.78 6.90
N ARG G 337 -14.98 39.21 7.77
CA ARG G 337 -13.59 39.68 7.82
C ARG G 337 -12.87 39.42 6.51
N LEU G 338 -13.08 38.24 5.93
CA LEU G 338 -12.49 37.98 4.62
C LEU G 338 -13.00 38.95 3.57
N LEU G 339 -14.26 39.39 3.71
CA LEU G 339 -14.82 40.35 2.76
C LEU G 339 -14.31 41.76 2.99
N GLN G 340 -14.01 42.11 4.24
CA GLN G 340 -13.45 43.42 4.53
C GLN G 340 -12.03 43.56 3.98
N MET G 341 -11.26 42.49 4.05
CA MET G 341 -9.90 42.54 3.55
C MET G 341 -9.81 42.50 2.05
N GLY G 342 -10.91 42.66 1.33
CA GLY G 342 -10.84 42.83 -0.12
C GLY G 342 -10.84 41.56 -0.93
N VAL G 343 -11.37 40.47 -0.40
CA VAL G 343 -11.57 39.26 -1.17
C VAL G 343 -12.92 39.36 -1.87
N TYR G 344 -12.98 38.94 -3.13
CA TYR G 344 -14.18 39.12 -3.94
C TYR G 344 -14.27 37.92 -4.89
N ASN G 345 -15.00 36.91 -4.45
CA ASN G 345 -15.08 35.63 -5.16
C ASN G 345 -16.54 35.24 -5.36
N CYS G 346 -16.73 34.05 -5.91
CA CYS G 346 -18.01 33.37 -5.84
C CYS G 346 -18.14 32.51 -4.62
N GLN G 347 -17.03 31.89 -4.20
CA GLN G 347 -17.04 31.06 -3.00
C GLN G 347 -17.26 31.91 -1.76
N LEU G 348 -16.56 33.04 -1.66
CA LEU G 348 -16.72 33.91 -0.50
C LEU G 348 -18.16 34.38 -0.35
N PHE G 349 -18.79 34.75 -1.46
CA PHE G 349 -20.14 35.30 -1.37
C PHE G 349 -21.19 34.22 -1.16
N ASN G 350 -20.97 33.03 -1.72
CA ASN G 350 -21.85 31.90 -1.38
C ASN G 350 -21.77 31.61 0.11
N ASN G 351 -20.55 31.55 0.66
CA ASN G 351 -20.39 31.29 2.08
C ASN G 351 -21.04 32.39 2.91
N LEU G 352 -20.93 33.64 2.46
CA LEU G 352 -21.55 34.74 3.19
C LEU G 352 -23.06 34.63 3.17
N GLY G 353 -23.64 34.35 2.01
CA GLY G 353 -25.09 34.17 1.94
C GLY G 353 -25.57 33.02 2.81
N LEU G 354 -24.80 31.95 2.88
CA LEU G 354 -25.18 30.81 3.72
C LEU G 354 -25.13 31.18 5.19
N CYS G 355 -24.00 31.74 5.63
CA CYS G 355 -23.87 32.14 7.02
C CYS G 355 -24.89 33.19 7.40
N CYS G 356 -25.33 33.99 6.43
CA CYS G 356 -26.35 34.99 6.70
C CYS G 356 -27.71 34.33 6.88
N PHE G 357 -28.10 33.48 5.94
CA PHE G 357 -29.39 32.80 6.06
C PHE G 357 -29.47 31.97 7.34
N TYR G 358 -28.35 31.39 7.78
CA TYR G 358 -28.39 30.52 8.94
C TYR G 358 -28.11 31.26 10.25
N ALA G 359 -27.47 32.41 10.19
CA ALA G 359 -27.36 33.30 11.34
C ALA G 359 -28.63 34.11 11.54
N GLN G 360 -29.60 33.99 10.63
CA GLN G 360 -30.85 34.75 10.64
C GLN G 360 -30.64 36.21 10.30
N GLN G 361 -29.68 36.50 9.42
CA GLN G 361 -29.52 37.84 8.86
C GLN G 361 -30.20 37.89 7.49
N TYR G 362 -31.52 37.86 7.53
CA TYR G 362 -32.32 37.73 6.33
C TYR G 362 -32.23 38.93 5.40
N ASP G 363 -31.62 40.03 5.83
CA ASP G 363 -31.51 41.20 4.98
C ASP G 363 -30.27 41.19 4.10
N MET G 364 -29.35 40.26 4.32
CA MET G 364 -28.09 40.23 3.58
C MET G 364 -27.84 38.89 2.90
N THR G 365 -28.84 38.01 2.83
CA THR G 365 -28.63 36.68 2.30
C THR G 365 -28.72 36.65 0.77
N LEU G 366 -29.88 37.03 0.24
CA LEU G 366 -30.14 36.81 -1.18
C LEU G 366 -29.32 37.73 -2.06
N THR G 367 -28.97 38.92 -1.58
CA THR G 367 -28.07 39.76 -2.34
C THR G 367 -26.68 39.16 -2.41
N SER G 368 -26.24 38.49 -1.34
CA SER G 368 -24.96 37.80 -1.37
C SER G 368 -25.00 36.62 -2.34
N PHE G 369 -26.14 35.92 -2.39
CA PHE G 369 -26.26 34.83 -3.36
C PHE G 369 -26.25 35.34 -4.79
N GLU G 370 -26.90 36.47 -5.05
CA GLU G 370 -26.87 37.03 -6.39
C GLU G 370 -25.46 37.50 -6.76
N ARG G 371 -24.74 38.10 -5.82
CA ARG G 371 -23.35 38.45 -6.07
C ARG G 371 -22.52 37.22 -6.39
N ALA G 372 -22.74 36.12 -5.64
CA ALA G 372 -22.02 34.88 -5.91
C ALA G 372 -22.30 34.39 -7.32
N LEU G 373 -23.57 34.34 -7.70
CA LEU G 373 -23.92 33.91 -9.05
C LEU G 373 -23.26 34.79 -10.10
N SER G 374 -23.20 36.10 -9.84
CA SER G 374 -22.52 37.00 -10.76
C SER G 374 -21.04 36.64 -10.90
N LEU G 375 -20.38 36.39 -9.78
CA LEU G 375 -18.94 36.15 -9.77
C LEU G 375 -18.54 34.76 -10.23
N ALA G 376 -19.47 33.81 -10.26
CA ALA G 376 -19.15 32.44 -10.62
C ALA G 376 -18.53 32.38 -12.00
N GLU G 377 -17.44 31.62 -12.13
CA GLU G 377 -16.67 31.55 -13.37
C GLU G 377 -16.52 30.13 -13.88
N ASN G 378 -17.41 29.24 -13.46
CA ASN G 378 -17.40 27.85 -13.90
C ASN G 378 -18.84 27.43 -14.15
N GLU G 379 -19.05 26.13 -14.32
CA GLU G 379 -20.38 25.56 -14.29
C GLU G 379 -20.61 24.71 -13.05
N GLU G 380 -19.56 24.39 -12.30
CA GLU G 380 -19.70 23.75 -11.00
C GLU G 380 -19.97 24.77 -9.92
N GLU G 381 -19.37 25.96 -10.01
CA GLU G 381 -19.65 27.02 -9.04
C GLU G 381 -21.08 27.51 -9.18
N VAL G 382 -21.56 27.70 -10.42
CA VAL G 382 -22.94 28.09 -10.64
C VAL G 382 -23.88 27.02 -10.09
N ALA G 383 -23.52 25.75 -10.26
CA ALA G 383 -24.35 24.67 -9.76
C ALA G 383 -24.39 24.66 -8.24
N ASP G 384 -23.25 24.93 -7.60
CA ASP G 384 -23.23 24.97 -6.14
C ASP G 384 -24.03 26.15 -5.62
N VAL G 385 -23.99 27.29 -6.31
CA VAL G 385 -24.75 28.45 -5.87
C VAL G 385 -26.24 28.23 -6.04
N TRP G 386 -26.64 27.56 -7.12
CA TRP G 386 -28.05 27.23 -7.28
C TRP G 386 -28.49 26.16 -6.28
N TYR G 387 -27.59 25.25 -5.92
CA TYR G 387 -27.87 24.27 -4.89
C TYR G 387 -28.13 24.95 -3.54
N ASN G 388 -27.26 25.88 -3.16
CA ASN G 388 -27.45 26.61 -1.91
C ASN G 388 -28.70 27.48 -1.95
N LEU G 389 -28.99 28.09 -3.09
CA LEU G 389 -30.25 28.84 -3.21
C LEU G 389 -31.44 27.92 -3.04
N GLY G 390 -31.35 26.68 -3.53
CA GLY G 390 -32.41 25.72 -3.28
C GLY G 390 -32.54 25.36 -1.81
N HIS G 391 -31.42 25.33 -1.10
CA HIS G 391 -31.50 25.10 0.34
C HIS G 391 -32.17 26.27 1.06
N VAL G 392 -31.85 27.50 0.64
CA VAL G 392 -32.51 28.67 1.17
C VAL G 392 -34.00 28.62 0.90
N ALA G 393 -34.38 28.16 -0.30
CA ALA G 393 -35.79 28.01 -0.64
C ALA G 393 -36.46 26.97 0.26
N VAL G 394 -35.85 25.79 0.40
CA VAL G 394 -36.41 24.76 1.27
C VAL G 394 -36.61 25.31 2.68
N GLY G 395 -35.66 26.09 3.17
CA GLY G 395 -35.83 26.72 4.47
C GLY G 395 -36.99 27.69 4.50
N THR G 396 -37.11 28.54 3.47
CA THR G 396 -38.19 29.51 3.41
C THR G 396 -39.56 28.87 3.34
N GLY G 397 -39.64 27.61 2.93
CA GLY G 397 -40.92 26.96 2.81
C GLY G 397 -41.58 27.24 1.47
N ASP G 398 -40.92 26.86 0.38
CA ASP G 398 -41.55 26.80 -0.93
C ASP G 398 -40.83 25.71 -1.71
N THR G 399 -41.54 24.61 -1.96
CA THR G 399 -40.93 23.47 -2.62
C THR G 399 -40.89 23.61 -4.14
N ASN G 400 -41.62 24.58 -4.70
CA ASN G 400 -41.56 24.81 -6.14
C ASN G 400 -40.30 25.58 -6.51
N LEU G 401 -40.00 26.65 -5.77
CA LEU G 401 -38.74 27.35 -6.00
C LEU G 401 -37.56 26.45 -5.70
N ALA G 402 -37.65 25.65 -4.64
CA ALA G 402 -36.61 24.67 -4.34
C ALA G 402 -36.44 23.67 -5.48
N HIS G 403 -37.56 23.19 -6.02
CA HIS G 403 -37.52 22.28 -7.16
C HIS G 403 -36.77 22.90 -8.32
N GLN G 404 -37.12 24.15 -8.66
CA GLN G 404 -36.46 24.82 -9.78
C GLN G 404 -34.98 25.03 -9.50
N CYS G 405 -34.62 25.31 -8.25
CA CYS G 405 -33.22 25.59 -7.95
C CYS G 405 -32.37 24.33 -8.01
N PHE G 406 -32.90 23.20 -7.52
CA PHE G 406 -32.17 21.95 -7.64
C PHE G 406 -32.08 21.50 -9.09
N ARG G 407 -33.14 21.71 -9.86
CA ARG G 407 -33.09 21.33 -11.27
C ARG G 407 -32.13 22.22 -12.05
N LEU G 408 -31.98 23.48 -11.63
CA LEU G 408 -30.99 24.34 -12.27
C LEU G 408 -29.58 23.97 -11.86
N ALA G 409 -29.40 23.51 -10.62
CA ALA G 409 -28.11 22.95 -10.22
C ALA G 409 -27.76 21.76 -11.09
N LEU G 410 -28.75 20.97 -11.47
CA LEU G 410 -28.49 19.85 -12.38
C LEU G 410 -28.21 20.32 -13.80
N VAL G 411 -28.95 21.34 -14.26
CA VAL G 411 -28.74 21.88 -15.60
C VAL G 411 -27.33 22.42 -15.74
N SER G 412 -26.81 23.05 -14.69
CA SER G 412 -25.50 23.65 -14.77
C SER G 412 -24.38 22.63 -14.58
N ASN G 413 -24.66 21.53 -13.88
CA ASN G 413 -23.66 20.48 -13.66
C ASN G 413 -24.44 19.17 -13.54
N ASN G 414 -24.41 18.37 -14.61
CA ASN G 414 -25.26 17.18 -14.67
C ASN G 414 -24.84 16.15 -13.64
N GLN G 415 -23.57 16.15 -13.24
CA GLN G 415 -23.06 15.22 -12.24
C GLN G 415 -23.01 15.86 -10.85
N HIS G 416 -24.19 16.22 -10.35
CA HIS G 416 -24.34 16.88 -9.05
C HIS G 416 -25.22 15.98 -8.18
N ALA G 417 -24.58 15.05 -7.46
CA ALA G 417 -25.33 14.02 -6.74
C ALA G 417 -26.25 14.62 -5.67
N GLU G 418 -25.85 15.73 -5.06
CA GLU G 418 -26.65 16.31 -4.00
C GLU G 418 -27.93 16.92 -4.54
N ALA G 419 -27.85 17.58 -5.70
CA ALA G 419 -29.06 18.09 -6.33
C ALA G 419 -30.02 16.96 -6.68
N TYR G 420 -29.50 15.83 -7.17
CA TYR G 420 -30.34 14.67 -7.43
C TYR G 420 -31.02 14.19 -6.15
N ASN G 421 -30.26 14.09 -5.06
CA ASN G 421 -30.82 13.58 -3.81
C ASN G 421 -31.95 14.49 -3.32
N ASN G 422 -31.71 15.80 -3.31
CA ASN G 422 -32.71 16.71 -2.77
C ASN G 422 -33.93 16.81 -3.70
N LEU G 423 -33.70 16.79 -5.00
CA LEU G 423 -34.81 16.78 -5.95
C LEU G 423 -35.64 15.51 -5.83
N ALA G 424 -34.99 14.38 -5.55
CA ALA G 424 -35.73 13.15 -5.33
C ALA G 424 -36.51 13.19 -4.03
N VAL G 425 -35.97 13.83 -3.01
CA VAL G 425 -36.72 14.00 -1.77
C VAL G 425 -37.98 14.82 -2.02
N LEU G 426 -37.84 15.94 -2.73
CA LEU G 426 -39.02 16.76 -3.02
C LEU G 426 -40.02 16.02 -3.90
N GLU G 427 -39.52 15.25 -4.88
CA GLU G 427 -40.40 14.44 -5.71
C GLU G 427 -41.19 13.45 -4.88
N MET G 428 -40.49 12.66 -4.05
CA MET G 428 -41.16 11.71 -3.18
C MET G 428 -42.14 12.40 -2.26
N ARG G 429 -41.89 13.67 -1.93
CA ARG G 429 -42.87 14.44 -1.17
C ARG G 429 -44.10 14.73 -2.01
N ARG G 430 -43.92 15.01 -3.30
CA ARG G 430 -45.06 15.21 -4.19
C ARG G 430 -45.85 13.93 -4.37
N GLY G 431 -45.16 12.79 -4.46
CA GLY G 431 -45.83 11.51 -4.64
C GLY G 431 -45.22 10.68 -5.74
N HIS G 432 -44.27 11.26 -6.48
CA HIS G 432 -43.66 10.60 -7.63
C HIS G 432 -42.55 9.68 -7.14
N VAL G 433 -42.94 8.45 -6.81
CA VAL G 433 -42.00 7.49 -6.22
C VAL G 433 -40.99 7.02 -7.25
N GLU G 434 -41.41 6.83 -8.50
CA GLU G 434 -40.51 6.31 -9.52
C GLU G 434 -39.46 7.33 -9.92
N GLN G 435 -39.89 8.58 -10.12
CA GLN G 435 -38.95 9.67 -10.34
C GLN G 435 -37.93 9.74 -9.22
N ALA G 436 -38.39 9.67 -7.98
CA ALA G 436 -37.50 9.75 -6.83
C ALA G 436 -36.52 8.58 -6.81
N LYS G 437 -36.99 7.38 -7.13
CA LYS G 437 -36.10 6.22 -7.13
C LYS G 437 -35.03 6.34 -8.19
N ALA G 438 -35.40 6.78 -9.40
CA ALA G 438 -34.41 6.92 -10.45
C ALA G 438 -33.40 8.01 -10.12
N LEU G 439 -33.86 9.11 -9.52
CA LEU G 439 -32.95 10.20 -9.16
C LEU G 439 -32.01 9.77 -8.05
N LEU G 440 -32.51 9.03 -7.06
CA LEU G 440 -31.64 8.54 -6.00
C LEU G 440 -30.65 7.52 -6.50
N GLN G 441 -31.03 6.70 -7.48
CA GLN G 441 -30.08 5.78 -8.08
C GLN G 441 -28.98 6.53 -8.82
N THR G 442 -29.35 7.56 -9.59
CA THR G 442 -28.34 8.36 -10.27
C THR G 442 -27.40 9.02 -9.27
N ALA G 443 -27.94 9.55 -8.17
CA ALA G 443 -27.11 10.17 -7.15
C ALA G 443 -26.15 9.17 -6.53
N SER G 444 -26.66 8.05 -6.04
CA SER G 444 -25.82 7.05 -5.41
C SER G 444 -24.89 6.35 -6.39
N SER G 445 -25.09 6.52 -7.69
CA SER G 445 -24.11 6.07 -8.67
C SER G 445 -23.07 7.14 -8.96
N LEU G 446 -23.42 8.41 -8.78
CA LEU G 446 -22.46 9.48 -9.00
C LEU G 446 -21.54 9.67 -7.81
N ALA G 447 -22.08 9.63 -6.60
CA ALA G 447 -21.29 9.77 -5.38
C ALA G 447 -21.60 8.59 -4.46
N PRO G 448 -20.80 7.52 -4.53
CA PRO G 448 -21.06 6.36 -3.66
C PRO G 448 -20.72 6.63 -2.21
N HIS G 449 -19.84 7.58 -1.93
CA HIS G 449 -19.43 7.96 -0.59
C HIS G 449 -20.48 8.75 0.16
N MET G 450 -21.57 9.14 -0.49
CA MET G 450 -22.61 9.95 0.13
C MET G 450 -23.66 9.03 0.73
N TYR G 451 -23.86 9.12 2.04
CA TYR G 451 -24.79 8.22 2.71
C TYR G 451 -26.25 8.59 2.46
N GLU G 452 -26.53 9.82 2.02
CA GLU G 452 -27.93 10.26 1.97
C GLU G 452 -28.71 9.59 0.85
N PRO G 453 -28.22 9.51 -0.39
CA PRO G 453 -29.01 8.81 -1.41
C PRO G 453 -29.15 7.33 -1.12
N HIS G 454 -28.12 6.70 -0.56
CA HIS G 454 -28.23 5.31 -0.15
C HIS G 454 -29.33 5.12 0.89
N PHE G 455 -29.30 5.94 1.94
CA PHE G 455 -30.31 5.81 2.98
C PHE G 455 -31.70 6.08 2.44
N ASN G 456 -31.85 7.10 1.59
CA ASN G 456 -33.16 7.42 1.05
C ASN G 456 -33.70 6.30 0.17
N PHE G 457 -32.85 5.78 -0.71
CA PHE G 457 -33.27 4.67 -1.56
C PHE G 457 -33.65 3.46 -0.73
N ALA G 458 -32.84 3.13 0.28
CA ALA G 458 -33.17 2.00 1.14
C ALA G 458 -34.49 2.21 1.86
N THR G 459 -34.74 3.44 2.32
CA THR G 459 -35.96 3.71 3.07
C THR G 459 -37.19 3.58 2.18
N ILE G 460 -37.15 4.17 0.98
CA ILE G 460 -38.32 4.11 0.10
C ILE G 460 -38.40 2.79 -0.65
N SER G 461 -37.36 1.96 -0.59
CA SER G 461 -37.49 0.58 -1.06
C SER G 461 -38.16 -0.28 0.00
N ASP G 462 -37.68 -0.21 1.24
CA ASP G 462 -38.32 -0.95 2.33
C ASP G 462 -39.77 -0.53 2.50
N LYS G 463 -40.09 0.73 2.25
CA LYS G 463 -41.48 1.18 2.33
C LYS G 463 -42.37 0.43 1.34
N ILE G 464 -41.80 -0.05 0.24
CA ILE G 464 -42.57 -0.71 -0.81
C ILE G 464 -42.24 -2.20 -0.89
N GLY G 465 -41.56 -2.75 0.11
CA GLY G 465 -41.10 -4.12 0.06
C GLY G 465 -39.66 -4.19 -0.41
N ASP G 466 -39.41 -4.95 -1.48
CA ASP G 466 -38.13 -4.96 -2.19
C ASP G 466 -36.95 -4.98 -1.21
N LEU G 467 -37.03 -5.86 -0.21
CA LEU G 467 -36.03 -5.86 0.85
C LEU G 467 -34.63 -6.19 0.34
N GLN G 468 -34.51 -6.79 -0.85
CA GLN G 468 -33.19 -7.05 -1.40
C GLN G 468 -32.45 -5.75 -1.69
N ARG G 469 -33.06 -4.87 -2.49
CA ARG G 469 -32.43 -3.60 -2.79
C ARG G 469 -32.38 -2.69 -1.56
N SER G 470 -33.38 -2.78 -0.69
CA SER G 470 -33.34 -2.02 0.55
C SER G 470 -32.10 -2.39 1.36
N TYR G 471 -31.80 -3.68 1.49
CA TYR G 471 -30.61 -4.11 2.21
C TYR G 471 -29.33 -3.72 1.46
N ALA G 472 -29.32 -3.91 0.14
CA ALA G 472 -28.14 -3.56 -0.64
C ALA G 472 -27.82 -2.08 -0.54
N ALA G 473 -28.83 -1.24 -0.31
CA ALA G 473 -28.62 0.19 -0.18
C ALA G 473 -28.27 0.59 1.25
N ALA G 474 -28.92 -0.03 2.24
CA ALA G 474 -28.55 0.25 3.63
C ALA G 474 -27.11 -0.14 3.91
N LYS G 475 -26.62 -1.21 3.29
CA LYS G 475 -25.24 -1.61 3.50
C LYS G 475 -24.27 -0.57 2.98
N LYS G 476 -24.56 0.01 1.81
CA LYS G 476 -23.67 1.05 1.27
C LYS G 476 -23.81 2.34 2.05
N SER G 477 -25.00 2.66 2.52
CA SER G 477 -25.18 3.75 3.47
C SER G 477 -24.23 3.60 4.66
N GLU G 478 -24.33 2.46 5.35
CA GLU G 478 -23.47 2.20 6.50
C GLU G 478 -22.00 2.15 6.12
N ALA G 479 -21.68 1.80 4.89
CA ALA G 479 -20.29 1.88 4.44
C ALA G 479 -19.84 3.33 4.35
N ALA G 480 -20.74 4.23 3.96
CA ALA G 480 -20.36 5.62 3.77
C ALA G 480 -20.30 6.38 5.09
N PHE G 481 -21.28 6.19 5.98
CA PHE G 481 -21.33 6.88 7.26
C PHE G 481 -21.78 5.86 8.30
N PRO G 482 -20.83 5.20 8.97
CA PRO G 482 -21.19 4.00 9.74
C PRO G 482 -21.92 4.27 11.04
N ASP G 483 -21.62 5.37 11.71
CA ASP G 483 -22.28 5.67 12.98
C ASP G 483 -23.67 6.24 12.82
N HIS G 484 -24.24 6.19 11.60
CA HIS G 484 -25.60 6.65 11.39
C HIS G 484 -26.58 5.71 12.07
N VAL G 485 -27.48 6.28 12.87
CA VAL G 485 -28.34 5.46 13.71
C VAL G 485 -29.49 4.84 12.91
N ASP G 486 -30.14 5.65 12.07
CA ASP G 486 -31.26 5.15 11.29
C ASP G 486 -30.82 4.00 10.38
N THR G 487 -29.62 4.08 9.83
CA THR G 487 -29.12 2.98 9.01
C THR G 487 -28.96 1.71 9.85
N GLN G 488 -28.51 1.84 11.09
CA GLN G 488 -28.41 0.68 11.96
C GLN G 488 -29.78 0.07 12.22
N HIS G 489 -30.78 0.90 12.52
CA HIS G 489 -32.12 0.37 12.77
C HIS G 489 -32.66 -0.33 11.54
N LEU G 490 -32.45 0.26 10.35
CA LEU G 490 -32.95 -0.35 9.13
C LEU G 490 -32.23 -1.66 8.82
N ILE G 491 -30.91 -1.69 9.02
CA ILE G 491 -30.15 -2.91 8.78
C ILE G 491 -30.59 -4.01 9.71
N LYS G 492 -30.85 -3.69 10.99
CA LYS G 492 -31.31 -4.69 11.92
C LYS G 492 -32.70 -5.20 11.54
N GLN G 493 -33.59 -4.30 11.13
CA GLN G 493 -34.91 -4.72 10.66
C GLN G 493 -34.80 -5.69 9.49
N LEU G 494 -33.99 -5.32 8.49
CA LEU G 494 -33.88 -6.15 7.30
C LEU G 494 -33.22 -7.48 7.59
N GLU G 495 -32.23 -7.50 8.47
CA GLU G 495 -31.61 -8.76 8.84
C GLU G 495 -32.56 -9.65 9.63
N GLN G 496 -33.43 -9.06 10.44
CA GLN G 496 -34.49 -9.84 11.07
C GLN G 496 -35.41 -10.44 10.01
N HIS G 497 -35.78 -9.66 9.01
CA HIS G 497 -36.63 -10.19 7.95
C HIS G 497 -35.95 -11.34 7.21
N PHE G 498 -34.65 -11.21 6.95
CA PHE G 498 -33.92 -12.27 6.27
C PHE G 498 -33.83 -13.55 7.09
N ALA G 499 -34.11 -13.48 8.39
CA ALA G 499 -34.05 -14.65 9.26
C ALA G 499 -35.20 -14.67 10.25
N SER H 2 -15.67 51.15 6.35
CA SER H 2 -14.43 51.88 6.12
C SER H 2 -13.24 51.21 6.78
N LEU H 3 -13.50 50.12 7.49
CA LEU H 3 -12.44 49.42 8.20
C LEU H 3 -11.56 48.68 7.22
N PHE H 4 -10.24 48.85 7.38
CA PHE H 4 -9.23 48.22 6.52
C PHE H 4 -9.27 48.77 5.10
N LYS H 5 -9.43 50.08 4.97
CA LYS H 5 -9.26 50.78 3.70
C LYS H 5 -8.42 52.02 3.91
N ALA H 6 -7.62 52.35 2.92
CA ALA H 6 -6.76 53.53 3.00
C ALA H 6 -7.63 54.74 2.70
N ARG H 7 -8.13 55.38 3.75
CA ARG H 7 -9.01 56.52 3.56
C ARG H 7 -8.22 57.69 3.01
N ASP H 8 -8.81 58.37 2.02
CA ASP H 8 -8.08 59.29 1.19
C ASP H 8 -7.88 60.64 1.86
N TRP H 9 -6.90 61.35 1.35
CA TRP H 9 -6.52 62.68 1.79
C TRP H 9 -6.23 63.42 0.50
N TRP H 10 -5.47 64.52 0.56
CA TRP H 10 -5.01 65.15 -0.67
C TRP H 10 -4.43 64.11 -1.62
N SER H 11 -5.04 63.98 -2.79
CA SER H 11 -4.61 62.99 -3.77
C SER H 11 -4.82 63.55 -5.17
N THR H 12 -3.98 63.09 -6.11
CA THR H 12 -4.05 63.57 -7.49
C THR H 12 -3.37 62.58 -8.40
N VAL H 13 -3.88 62.45 -9.62
CA VAL H 13 -3.18 61.73 -10.68
C VAL H 13 -2.14 62.66 -11.29
N LEU H 14 -0.98 62.10 -11.64
CA LEU H 14 0.18 62.95 -11.87
C LEU H 14 0.71 62.90 -13.29
N GLY H 15 -0.16 63.02 -14.27
CA GLY H 15 0.30 63.28 -15.62
C GLY H 15 -0.61 62.63 -16.65
N ASP H 16 -0.02 62.40 -17.82
CA ASP H 16 -0.71 61.84 -18.98
C ASP H 16 0.12 60.68 -19.49
N LYS H 17 -0.15 59.48 -18.97
CA LYS H 17 0.63 58.28 -19.27
C LYS H 17 2.11 58.50 -18.94
N GLU H 18 2.35 58.73 -17.65
CA GLU H 18 3.68 59.02 -17.13
C GLU H 18 4.37 57.71 -16.76
N GLU H 19 5.50 57.81 -16.07
CA GLU H 19 6.23 56.62 -15.63
C GLU H 19 7.12 57.00 -14.46
N PHE H 20 6.89 56.38 -13.30
CA PHE H 20 7.66 56.65 -12.10
C PHE H 20 8.19 55.34 -11.54
N ASP H 21 9.20 55.45 -10.68
CA ASP H 21 9.83 54.31 -10.05
C ASP H 21 10.07 54.64 -8.59
N GLN H 22 10.83 53.79 -7.91
CA GLN H 22 11.32 54.13 -6.58
C GLN H 22 12.46 55.13 -6.70
N GLY H 23 12.65 55.91 -5.64
CA GLY H 23 13.56 57.03 -5.71
C GLY H 23 12.98 58.26 -6.38
N CYS H 24 11.84 58.12 -7.06
CA CYS H 24 11.11 59.28 -7.53
C CYS H 24 10.42 60.00 -6.39
N LEU H 25 9.56 59.29 -5.67
CA LEU H 25 8.88 59.87 -4.52
C LEU H 25 9.87 60.17 -3.40
N CYS H 26 9.92 61.43 -2.99
CA CYS H 26 10.66 61.85 -1.81
C CYS H 26 9.75 62.76 -0.99
N LEU H 27 10.12 62.94 0.27
CA LEU H 27 9.23 63.63 1.20
C LEU H 27 10.10 64.24 2.30
N ALA H 28 10.33 65.54 2.22
CA ALA H 28 11.17 66.24 3.19
C ALA H 28 10.85 67.73 3.13
N ASP H 29 11.65 68.52 3.85
CA ASP H 29 11.49 69.97 3.88
C ASP H 29 12.46 70.63 2.90
N VAL H 30 12.17 70.41 1.61
CA VAL H 30 13.07 70.89 0.57
C VAL H 30 13.06 72.41 0.50
N ASP H 31 11.98 73.06 0.93
CA ASP H 31 11.90 74.50 0.94
C ASP H 31 12.69 75.13 2.09
N ASN H 32 13.14 74.33 3.05
CA ASN H 32 13.91 74.82 4.20
C ASN H 32 13.11 75.83 5.01
N THR H 33 11.82 75.58 5.17
CA THR H 33 10.99 76.45 5.99
C THR H 33 11.34 76.37 7.46
N GLY H 34 12.00 75.29 7.88
CA GLY H 34 12.37 75.12 9.28
C GLY H 34 11.23 74.78 10.21
N ASN H 35 9.99 74.75 9.71
CA ASN H 35 8.86 74.50 10.59
C ASN H 35 8.79 73.04 11.01
N GLY H 36 8.76 72.12 10.05
CA GLY H 36 8.64 70.70 10.33
C GLY H 36 7.67 69.96 9.45
N GLN H 37 6.87 70.65 8.63
CA GLN H 37 6.02 69.96 7.67
C GLN H 37 6.87 69.35 6.56
N ASP H 38 6.20 68.69 5.63
CA ASP H 38 6.89 67.98 4.56
C ASP H 38 6.25 68.34 3.23
N LYS H 39 7.05 68.22 2.17
CA LYS H 39 6.63 68.60 0.83
C LYS H 39 6.90 67.42 -0.11
N ILE H 40 5.87 67.04 -0.86
CA ILE H 40 5.92 65.83 -1.67
C ILE H 40 6.67 66.13 -2.96
N ILE H 41 7.81 65.51 -3.16
CA ILE H 41 8.62 65.70 -4.35
C ILE H 41 8.52 64.46 -5.22
N VAL H 42 8.31 64.65 -6.51
CA VAL H 42 8.12 63.53 -7.43
C VAL H 42 8.83 63.83 -8.73
N GLY H 43 9.85 63.06 -9.04
CA GLY H 43 10.42 63.06 -10.37
C GLY H 43 9.69 62.07 -11.26
N SER H 44 10.02 62.11 -12.54
CA SER H 44 9.36 61.25 -13.51
C SER H 44 10.38 60.68 -14.48
N PHE H 45 9.96 59.68 -15.24
CA PHE H 45 10.80 59.16 -16.32
C PHE H 45 10.64 59.98 -17.60
N MET H 46 9.99 61.14 -17.51
CA MET H 46 9.90 62.10 -18.60
C MET H 46 10.68 63.37 -18.33
N GLY H 47 10.64 63.86 -17.10
CA GLY H 47 11.39 65.05 -16.74
C GLY H 47 10.63 65.95 -15.79
N TYR H 48 9.36 65.63 -15.53
CA TYR H 48 8.48 66.49 -14.76
C TYR H 48 8.82 66.39 -13.27
N LEU H 49 9.72 67.25 -12.82
CA LEU H 49 9.99 67.42 -11.40
C LEU H 49 8.87 68.24 -10.79
N ARG H 50 7.98 67.59 -10.04
CA ARG H 50 6.84 68.25 -9.44
C ARG H 50 7.00 68.25 -7.92
N ILE H 51 6.91 69.43 -7.32
CA ILE H 51 6.96 69.59 -5.87
C ILE H 51 5.62 70.15 -5.43
N PHE H 52 5.00 69.48 -4.46
CA PHE H 52 3.70 69.83 -3.92
C PHE H 52 3.79 70.10 -2.43
N ASN H 53 2.87 70.93 -1.94
CA ASN H 53 2.65 71.13 -0.52
C ASN H 53 1.16 71.04 -0.26
N PRO H 54 0.64 69.84 -0.03
CA PRO H 54 -0.82 69.67 0.09
C PRO H 54 -1.38 70.43 1.28
N HIS H 55 -2.50 71.11 1.06
CA HIS H 55 -3.20 71.86 2.09
C HIS H 55 -4.69 71.58 2.02
N PRO H 56 -5.12 70.34 2.33
CA PRO H 56 -6.54 69.99 2.24
C PRO H 56 -7.36 70.55 3.38
N ALA H 63 -8.67 68.08 -5.10
CA ALA H 63 -7.50 68.86 -4.71
C ALA H 63 -7.73 70.34 -5.00
N GLN H 64 -6.64 71.11 -4.99
CA GLN H 64 -6.69 72.54 -5.29
C GLN H 64 -5.51 72.87 -6.20
N ALA H 65 -5.28 74.17 -6.39
CA ALA H 65 -4.19 74.63 -7.25
C ALA H 65 -3.04 75.25 -6.48
N GLU H 66 -3.23 75.61 -5.21
CA GLU H 66 -2.13 76.07 -4.38
C GLU H 66 -1.19 74.95 -3.97
N ASP H 67 -1.60 73.70 -4.17
CA ASP H 67 -0.79 72.56 -3.74
C ASP H 67 0.50 72.46 -4.52
N LEU H 68 0.42 72.46 -5.85
CA LEU H 68 1.61 72.29 -6.66
C LEU H 68 2.54 73.50 -6.51
N LEU H 69 3.62 73.33 -5.75
CA LEU H 69 4.65 74.36 -5.69
C LEU H 69 5.24 74.62 -7.06
N LEU H 70 5.64 73.55 -7.75
CA LEU H 70 6.15 73.73 -9.11
C LEU H 70 6.10 72.41 -9.86
N GLU H 71 6.14 72.51 -11.19
CA GLU H 71 6.02 71.38 -12.09
C GLU H 71 7.06 71.48 -13.21
N VAL H 72 8.32 71.70 -12.84
CA VAL H 72 9.34 71.95 -13.86
C VAL H 72 9.49 70.73 -14.76
N HIS H 73 9.93 70.95 -15.99
CA HIS H 73 10.17 69.88 -16.95
C HIS H 73 11.62 69.95 -17.42
N LEU H 74 12.45 69.04 -16.91
CA LEU H 74 13.81 68.90 -17.43
C LEU H 74 13.82 67.94 -18.61
N ARG H 75 14.85 68.06 -19.44
CA ARG H 75 14.85 67.38 -20.73
C ARG H 75 14.85 65.87 -20.57
N ASP H 76 15.78 65.35 -19.78
CA ASP H 76 16.02 63.93 -19.64
C ASP H 76 15.25 63.34 -18.47
N PRO H 77 14.97 62.03 -18.52
CA PRO H 77 14.21 61.40 -17.43
C PRO H 77 14.89 61.53 -16.08
N ILE H 78 14.09 61.45 -15.04
CA ILE H 78 14.53 61.63 -13.67
C ILE H 78 14.51 60.26 -13.00
N LEU H 79 15.70 59.68 -12.77
CA LEU H 79 15.76 58.36 -12.16
C LEU H 79 15.55 58.43 -10.66
N GLN H 80 16.28 59.31 -9.99
CA GLN H 80 16.20 59.37 -8.53
C GLN H 80 16.06 60.80 -8.05
N VAL H 81 15.36 60.97 -6.94
CA VAL H 81 15.18 62.25 -6.28
C VAL H 81 15.53 62.08 -4.81
N GLU H 82 16.36 62.98 -4.28
CA GLU H 82 16.70 62.92 -2.86
C GLU H 82 16.85 64.32 -2.31
N VAL H 83 16.81 64.42 -0.98
CA VAL H 83 16.83 65.69 -0.28
C VAL H 83 17.83 65.60 0.87
N GLY H 84 18.86 66.44 0.82
CA GLY H 84 19.86 66.42 1.87
C GLY H 84 20.90 67.50 1.65
N LYS H 85 21.84 67.56 2.58
CA LYS H 85 22.83 68.62 2.61
C LYS H 85 23.86 68.43 1.51
N PHE H 86 23.46 68.63 0.27
CA PHE H 86 24.28 68.34 -0.90
C PHE H 86 25.15 69.50 -1.34
N VAL H 87 25.40 70.49 -0.47
CA VAL H 87 26.21 71.64 -0.83
C VAL H 87 27.24 71.89 0.26
N SER H 88 28.43 72.34 -0.16
CA SER H 88 29.60 72.37 0.70
C SER H 88 29.36 73.22 1.95
N GLY H 89 29.14 74.51 1.77
CA GLY H 89 29.13 75.43 2.88
C GLY H 89 27.88 75.41 3.73
N THR H 90 26.75 75.68 3.11
CA THR H 90 25.50 75.77 3.86
C THR H 90 25.07 74.40 4.36
N GLU H 91 24.34 74.41 5.48
CA GLU H 91 23.78 73.21 6.08
C GLU H 91 22.29 73.10 5.78
N MET H 92 21.87 73.59 4.62
CA MET H 92 20.47 73.62 4.22
C MET H 92 20.18 72.49 3.25
N LEU H 93 19.03 71.85 3.42
CA LEU H 93 18.65 70.75 2.56
C LEU H 93 18.51 71.23 1.11
N HIS H 94 19.10 70.48 0.20
CA HIS H 94 18.95 70.70 -1.23
C HIS H 94 18.36 69.47 -1.88
N LEU H 95 18.00 69.62 -3.16
CA LEU H 95 17.34 68.59 -3.93
C LEU H 95 18.30 68.06 -4.99
N ALA H 96 18.64 66.79 -4.90
CA ALA H 96 19.49 66.13 -5.89
C ALA H 96 18.63 65.29 -6.80
N VAL H 97 18.85 65.43 -8.10
CA VAL H 97 18.10 64.71 -9.13
C VAL H 97 19.09 63.95 -9.99
N LEU H 98 18.83 62.67 -10.19
CA LEU H 98 19.72 61.79 -10.92
C LEU H 98 19.05 61.30 -12.18
N HIS H 99 19.61 61.68 -13.33
CA HIS H 99 19.30 61.15 -14.65
C HIS H 99 20.43 60.24 -15.09
N SER H 100 20.12 59.39 -16.09
CA SER H 100 21.03 58.36 -16.56
C SER H 100 22.47 58.80 -16.63
N ARG H 101 22.73 59.99 -17.17
CA ARG H 101 24.09 60.48 -17.33
C ARG H 101 24.27 61.87 -16.75
N LYS H 102 23.51 62.22 -15.71
CA LYS H 102 23.66 63.56 -15.15
C LYS H 102 23.23 63.57 -13.70
N LEU H 103 23.99 64.27 -12.88
CA LEU H 103 23.62 64.55 -11.50
C LEU H 103 23.43 66.05 -11.34
N CYS H 104 22.28 66.48 -10.82
CA CYS H 104 22.01 67.90 -10.73
C CYS H 104 21.46 68.22 -9.34
N VAL H 105 22.14 69.10 -8.62
CA VAL H 105 21.71 69.56 -7.31
C VAL H 105 21.18 70.98 -7.46
N TYR H 106 19.90 71.15 -7.14
CA TYR H 106 19.15 72.38 -7.25
C TYR H 106 19.01 73.01 -5.87
N SER H 107 18.19 74.07 -5.79
CA SER H 107 17.84 74.68 -4.51
C SER H 107 16.46 75.30 -4.66
N VAL H 108 15.45 74.62 -4.13
CA VAL H 108 14.07 75.10 -4.25
C VAL H 108 13.88 76.28 -3.31
N SER H 109 13.95 77.49 -3.85
CA SER H 109 13.77 78.70 -3.08
C SER H 109 12.43 79.32 -3.44
N GLY H 110 11.61 79.57 -2.42
CA GLY H 110 10.29 80.15 -2.62
C GLY H 110 10.23 81.55 -2.05
N THR H 111 9.77 82.49 -2.87
CA THR H 111 9.59 83.87 -2.45
C THR H 111 8.11 84.22 -2.50
N LEU H 112 7.65 84.90 -1.46
CA LEU H 112 6.22 85.09 -1.22
C LEU H 112 5.66 86.24 -2.03
N GLY H 113 4.34 86.21 -2.20
CA GLY H 113 3.60 87.32 -2.75
C GLY H 113 2.53 87.78 -1.76
N ASN H 114 1.99 88.98 -2.01
CA ASN H 114 1.04 89.55 -1.08
C ASN H 114 -0.22 88.71 -0.95
N VAL H 115 -0.47 87.81 -1.90
CA VAL H 115 -1.64 86.94 -1.88
C VAL H 115 -1.17 85.51 -2.09
N GLU H 116 -1.88 84.56 -1.44
CA GLU H 116 -1.42 83.17 -1.37
C GLU H 116 -1.24 82.55 -2.75
N HIS H 117 -1.88 83.09 -3.79
CA HIS H 117 -1.64 82.62 -5.15
C HIS H 117 -0.74 83.55 -5.93
N GLY H 118 0.08 84.34 -5.23
CA GLY H 118 1.03 85.21 -5.89
C GLY H 118 2.46 84.88 -5.50
N ASN H 119 2.63 83.89 -4.64
CA ASN H 119 3.95 83.45 -4.22
C ASN H 119 4.52 82.45 -5.21
N GLN H 120 5.78 82.63 -5.56
CA GLN H 120 6.42 81.82 -6.58
C GLN H 120 7.55 80.99 -5.98
N TYR H 121 7.96 79.98 -6.72
CA TYR H 121 9.02 79.07 -6.32
C TYR H 121 9.92 78.81 -7.51
N GLN H 122 11.24 78.86 -7.30
CA GLN H 122 12.19 78.57 -8.37
C GLN H 122 13.21 77.56 -7.90
N ILE H 123 13.57 76.65 -8.80
CA ILE H 123 14.64 75.70 -8.55
C ILE H 123 15.89 76.22 -9.26
N LYS H 124 16.90 76.58 -8.49
CA LYS H 124 18.11 77.18 -9.00
C LYS H 124 19.22 76.14 -9.00
N LEU H 125 19.78 75.87 -10.18
CA LEU H 125 20.80 74.83 -10.31
C LEU H 125 22.04 75.20 -9.53
N MET H 126 22.29 74.49 -8.43
CA MET H 126 23.41 74.79 -7.57
C MET H 126 24.69 74.10 -8.02
N TYR H 127 24.60 72.95 -8.69
CA TYR H 127 25.72 72.42 -9.47
C TYR H 127 25.27 71.18 -10.22
N GLU H 128 26.16 70.68 -11.07
CA GLU H 128 25.87 69.55 -11.93
C GLU H 128 27.16 68.78 -12.18
N HIS H 129 27.04 67.46 -12.22
CA HIS H 129 28.13 66.55 -12.54
C HIS H 129 27.73 65.70 -13.73
N ASN H 130 28.63 65.60 -14.71
CA ASN H 130 28.44 64.72 -15.84
C ASN H 130 28.86 63.31 -15.48
N LEU H 131 28.06 62.34 -15.91
CA LEU H 131 28.30 60.93 -15.60
C LEU H 131 28.79 60.24 -16.86
N GLN H 132 30.02 59.73 -16.83
CA GLN H 132 30.58 58.98 -17.95
C GLN H 132 30.01 57.56 -18.02
N ARG H 133 29.06 57.24 -17.17
CA ARG H 133 28.40 55.93 -17.15
C ARG H 133 26.93 56.14 -16.87
N THR H 134 26.12 55.17 -17.27
CA THR H 134 24.67 55.23 -17.14
C THR H 134 24.26 54.74 -15.75
N ALA H 135 23.77 55.67 -14.92
CA ALA H 135 23.41 55.35 -13.55
C ALA H 135 22.15 54.51 -13.49
N CYS H 136 21.90 53.92 -12.33
CA CYS H 136 20.65 53.22 -12.08
C CYS H 136 19.97 53.69 -10.80
N ASN H 137 20.73 53.96 -9.74
CA ASN H 137 20.19 54.56 -8.53
C ASN H 137 21.35 55.18 -7.76
N MET H 138 21.06 55.62 -6.53
CA MET H 138 22.08 56.26 -5.71
C MET H 138 21.61 56.26 -4.27
N THR H 139 22.56 56.50 -3.37
CA THR H 139 22.27 56.70 -1.96
C THR H 139 23.16 57.83 -1.44
N TYR H 140 22.85 58.29 -0.23
CA TYR H 140 23.54 59.43 0.33
C TYR H 140 23.67 59.25 1.84
N GLY H 141 24.72 59.83 2.40
CA GLY H 141 24.90 59.80 3.83
C GLY H 141 26.15 60.55 4.22
N SER H 142 26.54 60.37 5.48
CA SER H 142 27.76 60.98 6.00
C SER H 142 28.89 59.98 5.86
N PHE H 143 29.40 59.85 4.63
CA PHE H 143 30.42 58.87 4.29
C PHE H 143 31.62 59.01 5.21
N GLY H 144 31.87 58.00 6.03
CA GLY H 144 32.83 58.12 7.11
C GLY H 144 32.14 58.63 8.37
N GLY H 145 32.71 59.66 8.98
CA GLY H 145 32.09 60.26 10.14
C GLY H 145 31.97 61.76 10.00
N VAL H 146 32.03 62.26 8.76
CA VAL H 146 31.97 63.69 8.52
C VAL H 146 30.59 64.22 8.91
N LYS H 147 30.57 65.41 9.50
CA LYS H 147 29.34 66.00 10.00
C LYS H 147 28.86 67.11 9.08
N GLY H 148 27.56 67.38 9.14
CA GLY H 148 26.98 68.45 8.34
C GLY H 148 27.17 68.28 6.86
N ARG H 149 27.25 67.04 6.38
CA ARG H 149 27.41 66.77 4.97
C ARG H 149 26.61 65.52 4.60
N ASP H 150 26.10 65.50 3.37
CA ASP H 150 25.42 64.34 2.82
C ASP H 150 25.99 64.15 1.41
N LEU H 151 27.09 63.42 1.32
CA LEU H 151 27.74 63.12 0.06
C LEU H 151 27.24 61.79 -0.47
N ILE H 152 27.14 61.69 -1.80
CA ILE H 152 26.27 60.71 -2.43
C ILE H 152 27.07 59.74 -3.27
N CYS H 153 26.67 58.48 -3.27
CA CYS H 153 27.28 57.43 -4.07
C CYS H 153 26.25 56.97 -5.10
N ILE H 154 26.63 57.01 -6.37
CA ILE H 154 25.75 56.67 -7.48
C ILE H 154 26.22 55.34 -8.06
N GLN H 155 25.29 54.41 -8.23
CA GLN H 155 25.61 53.09 -8.76
C GLN H 155 25.29 53.08 -10.25
N SER H 156 26.33 52.95 -11.07
CA SER H 156 26.13 52.75 -12.50
C SER H 156 25.44 51.42 -12.74
N VAL H 157 24.81 51.29 -13.92
CA VAL H 157 24.06 50.09 -14.21
C VAL H 157 24.98 48.92 -14.51
N ASP H 158 26.26 49.20 -14.79
CA ASP H 158 27.26 48.16 -15.02
C ASP H 158 28.11 47.91 -13.78
N GLY H 159 27.51 48.03 -12.59
CA GLY H 159 28.20 47.70 -11.36
C GLY H 159 29.41 48.55 -11.05
N MET H 160 29.20 49.83 -10.75
CA MET H 160 30.29 50.72 -10.40
C MET H 160 29.78 51.79 -9.46
N LEU H 161 30.36 51.88 -8.27
CA LEU H 161 29.99 52.91 -7.30
C LEU H 161 30.86 54.13 -7.54
N MET H 162 30.26 55.19 -8.09
CA MET H 162 30.93 56.47 -8.26
C MET H 162 30.52 57.35 -7.09
N VAL H 163 31.46 57.63 -6.20
CA VAL H 163 31.20 58.43 -5.01
C VAL H 163 31.55 59.88 -5.32
N PHE H 164 30.58 60.77 -5.12
CA PHE H 164 30.73 62.21 -5.22
C PHE H 164 30.58 62.80 -3.82
N GLU H 165 31.67 63.31 -3.26
CA GLU H 165 31.49 64.28 -2.21
C GLU H 165 31.04 65.59 -2.82
N GLN H 166 30.02 66.18 -2.19
CA GLN H 166 29.25 67.27 -2.79
C GLN H 166 30.13 68.24 -3.58
N GLU H 167 29.74 68.47 -4.84
CA GLU H 167 30.39 69.37 -5.79
C GLU H 167 31.69 68.83 -6.34
N SER H 168 32.14 67.65 -5.91
CA SER H 168 33.44 67.13 -6.31
C SER H 168 33.36 65.62 -6.50
N TYR H 169 33.58 65.16 -7.73
CA TYR H 169 33.65 63.73 -8.01
C TYR H 169 34.80 63.12 -7.24
N ALA H 170 34.49 62.32 -6.21
CA ALA H 170 35.53 61.78 -5.36
C ALA H 170 36.27 60.65 -6.04
N PHE H 171 35.57 59.55 -6.35
CA PHE H 171 36.22 58.41 -6.98
C PHE H 171 35.16 57.48 -7.54
N GLY H 172 35.58 56.31 -8.02
CA GLY H 172 34.67 55.27 -8.45
C GLY H 172 35.30 53.89 -8.44
N ARG H 173 34.65 52.95 -7.76
CA ARG H 173 35.14 51.58 -7.61
C ARG H 173 34.19 50.60 -8.27
N PHE H 174 34.73 49.66 -9.03
CA PHE H 174 33.94 48.61 -9.62
C PHE H 174 33.54 47.60 -8.57
N LEU H 175 32.25 47.44 -8.33
CA LEU H 175 31.78 46.38 -7.46
C LEU H 175 32.22 45.04 -8.03
N PRO H 176 32.69 44.11 -7.19
CA PRO H 176 33.24 42.85 -7.72
C PRO H 176 32.16 41.79 -7.94
N GLY H 177 32.09 41.27 -9.17
CA GLY H 177 31.18 40.19 -9.45
C GLY H 177 29.71 40.58 -9.42
N SER H 178 29.30 41.42 -10.37
CA SER H 178 27.91 41.84 -10.47
C SER H 178 27.56 42.03 -11.94
N LEU H 179 26.39 41.54 -12.33
CA LEU H 179 25.92 41.68 -13.70
C LEU H 179 24.74 42.63 -13.81
N LEU H 180 23.68 42.37 -13.10
CA LEU H 180 22.61 43.35 -12.99
C LEU H 180 22.88 44.26 -11.81
N PRO H 181 22.25 45.43 -11.78
CA PRO H 181 22.38 46.29 -10.60
C PRO H 181 21.28 46.03 -9.58
N GLY H 182 21.65 46.13 -8.31
CA GLY H 182 20.72 45.85 -7.25
C GLY H 182 20.48 47.05 -6.37
N PRO H 183 19.71 46.86 -5.30
CA PRO H 183 19.42 47.97 -4.40
C PRO H 183 20.62 48.30 -3.53
N LEU H 184 20.84 49.60 -3.33
CA LEU H 184 22.00 50.10 -2.62
C LEU H 184 21.56 50.88 -1.39
N ALA H 185 22.21 50.62 -0.26
CA ALA H 185 21.93 51.33 0.97
C ALA H 185 23.22 51.64 1.68
N TYR H 186 23.15 52.57 2.63
CA TYR H 186 24.33 53.02 3.37
C TYR H 186 24.03 52.97 4.85
N SER H 187 24.85 52.26 5.60
CA SER H 187 24.73 52.17 7.05
C SER H 187 25.76 53.09 7.69
N SER H 188 25.32 53.86 8.67
CA SER H 188 26.20 54.77 9.39
C SER H 188 26.75 54.18 10.67
N ARG H 189 25.99 53.32 11.34
CA ARG H 189 26.50 52.65 12.52
C ARG H 189 27.67 51.73 12.20
N THR H 190 27.83 51.36 10.93
CA THR H 190 28.96 50.54 10.50
C THR H 190 29.72 51.17 9.35
N ASP H 191 29.29 52.34 8.85
CA ASP H 191 30.01 53.08 7.81
C ASP H 191 30.23 52.22 6.57
N SER H 192 29.16 51.55 6.14
CA SER H 192 29.28 50.50 5.14
C SER H 192 28.24 50.66 4.05
N PHE H 193 28.66 50.46 2.80
CA PHE H 193 27.69 50.29 1.73
C PHE H 193 27.17 48.86 1.75
N ILE H 194 25.91 48.69 1.40
CA ILE H 194 25.30 47.37 1.39
C ILE H 194 24.50 47.21 0.11
N THR H 195 24.79 46.15 -0.61
CA THR H 195 24.20 45.84 -1.90
C THR H 195 23.60 44.45 -1.85
N VAL H 196 22.75 44.13 -2.81
CA VAL H 196 22.23 42.77 -2.98
C VAL H 196 22.54 42.38 -4.43
N SER H 197 23.67 41.71 -4.62
CA SER H 197 24.17 41.42 -5.95
C SER H 197 23.28 40.38 -6.65
N SER H 198 23.66 40.03 -7.88
CA SER H 198 22.83 39.17 -8.70
C SER H 198 22.87 37.72 -8.25
N CYS H 199 23.94 37.31 -7.57
CA CYS H 199 24.00 35.95 -7.04
C CYS H 199 23.44 35.87 -5.62
N HIS H 200 22.26 36.48 -5.44
CA HIS H 200 21.50 36.46 -4.20
C HIS H 200 22.34 36.75 -2.97
N GLN H 201 23.45 37.46 -3.10
CA GLN H 201 24.39 37.67 -2.00
C GLN H 201 24.25 39.11 -1.50
N VAL H 202 23.67 39.29 -0.30
CA VAL H 202 23.73 40.61 0.40
C VAL H 202 25.17 40.86 0.82
N GLU H 203 25.81 41.89 0.26
CA GLU H 203 27.25 42.13 0.53
C GLU H 203 27.42 43.49 1.19
N SER H 204 28.17 43.55 2.29
CA SER H 204 28.45 44.84 2.96
C SER H 204 29.95 45.12 2.80
N TYR H 205 30.27 46.27 2.21
CA TYR H 205 31.62 46.76 2.06
C TYR H 205 31.84 47.93 3.00
N LYS H 206 33.06 48.07 3.49
CA LYS H 206 33.42 49.21 4.32
C LYS H 206 33.83 50.38 3.44
N TYR H 207 33.43 51.59 3.85
CA TYR H 207 33.65 52.76 3.00
C TYR H 207 35.14 53.03 2.80
N GLN H 208 35.95 52.86 3.85
CA GLN H 208 37.37 53.14 3.73
C GLN H 208 38.05 52.15 2.79
N VAL H 209 37.62 50.89 2.81
CA VAL H 209 38.18 49.90 1.90
C VAL H 209 37.87 50.26 0.45
N LEU H 210 36.67 50.80 0.22
CA LEU H 210 36.33 51.26 -1.13
C LEU H 210 37.16 52.47 -1.53
N ALA H 211 37.26 53.46 -0.63
CA ALA H 211 38.05 54.65 -0.92
C ALA H 211 39.51 54.31 -1.17
N PHE H 212 40.01 53.24 -0.55
CA PHE H 212 41.42 52.89 -0.69
C PHE H 212 41.70 52.05 -1.92
N ALA H 213 40.73 51.26 -2.37
CA ALA H 213 40.89 50.43 -3.56
C ALA H 213 41.14 51.28 -4.80
N VAL H 234 38.22 42.96 0.37
CA VAL H 234 37.46 44.11 -0.11
C VAL H 234 36.08 44.13 0.52
N VAL H 235 35.41 42.97 0.51
CA VAL H 235 34.04 42.86 1.01
C VAL H 235 34.08 42.55 2.49
N ASP H 236 33.43 43.40 3.30
CA ASP H 236 33.38 43.18 4.74
C ASP H 236 32.67 41.88 5.06
N TRP H 237 31.39 41.79 4.72
CA TRP H 237 30.67 40.53 4.95
C TRP H 237 29.67 40.27 3.84
N THR H 238 29.16 39.04 3.82
CA THR H 238 28.18 38.59 2.83
C THR H 238 27.15 37.72 3.53
N LEU H 239 26.01 37.56 2.87
CA LEU H 239 24.95 36.70 3.39
C LEU H 239 24.12 36.21 2.22
N ASN H 240 24.03 34.90 2.07
CA ASN H 240 23.30 34.30 0.95
C ASN H 240 21.82 34.22 1.30
N ILE H 241 21.13 35.34 1.13
CA ILE H 241 19.68 35.28 1.11
C ILE H 241 19.23 34.53 -0.14
N GLY H 242 18.01 34.01 -0.09
CA GLY H 242 17.62 33.10 -1.15
C GLY H 242 17.17 33.72 -2.45
N GLU H 243 17.18 35.04 -2.58
CA GLU H 243 16.64 35.70 -3.76
C GLU H 243 17.37 37.02 -3.97
N GLN H 244 16.85 37.84 -4.87
CA GLN H 244 17.36 39.16 -5.12
C GLN H 244 16.38 40.20 -4.60
N ALA H 245 16.90 41.35 -4.20
CA ALA H 245 16.14 42.32 -3.42
C ALA H 245 15.63 43.46 -4.29
N ILE H 246 14.39 43.87 -4.03
CA ILE H 246 13.84 45.06 -4.65
C ILE H 246 14.42 46.31 -3.99
N ASP H 247 14.20 46.46 -2.69
CA ASP H 247 14.64 47.61 -1.94
C ASP H 247 15.44 47.16 -0.72
N ILE H 248 16.23 48.08 -0.19
CA ILE H 248 17.01 47.84 1.03
C ILE H 248 17.08 49.13 1.82
N CYS H 249 16.59 49.10 3.06
CA CYS H 249 16.44 50.31 3.87
C CYS H 249 17.16 50.12 5.19
N ILE H 250 18.28 50.81 5.37
CA ILE H 250 19.04 50.78 6.61
C ILE H 250 18.50 51.90 7.48
N VAL H 251 17.62 51.55 8.39
CA VAL H 251 16.83 52.54 9.13
C VAL H 251 17.57 52.93 10.41
N SER H 252 17.68 54.23 10.64
CA SER H 252 18.52 54.75 11.71
C SER H 252 17.83 55.81 12.55
N PHE H 253 16.49 55.87 12.52
CA PHE H 253 15.78 56.70 13.49
C PHE H 253 16.06 56.23 14.90
N ILE H 254 16.27 54.93 15.08
CA ILE H 254 16.60 54.35 16.37
C ILE H 254 18.09 54.01 16.38
N GLN H 255 18.78 54.47 17.43
CA GLN H 255 20.20 54.15 17.61
C GLN H 255 20.42 53.03 18.62
N SER H 256 19.38 52.55 19.28
CA SER H 256 19.53 51.48 20.26
C SER H 256 20.18 50.25 19.63
N ALA H 257 19.76 49.90 18.41
CA ALA H 257 20.37 48.78 17.70
C ALA H 257 20.11 48.99 16.21
N SER H 258 21.18 49.17 15.44
CA SER H 258 21.02 49.31 14.00
C SER H 258 20.63 47.96 13.39
N SER H 259 19.83 48.03 12.34
CA SER H 259 19.35 46.83 11.68
C SER H 259 19.12 47.14 10.21
N VAL H 260 19.56 46.24 9.34
CA VAL H 260 19.47 46.43 7.90
C VAL H 260 18.26 45.66 7.40
N PHE H 261 17.24 46.38 6.95
CA PHE H 261 16.05 45.74 6.40
C PHE H 261 16.25 45.49 4.92
N VAL H 262 15.75 44.34 4.45
CA VAL H 262 15.87 43.94 3.06
C VAL H 262 14.52 43.43 2.59
N LEU H 263 14.05 43.94 1.48
CA LEU H 263 12.83 43.44 0.85
C LEU H 263 13.24 42.61 -0.34
N GLY H 264 13.23 41.30 -0.18
CA GLY H 264 13.51 40.44 -1.30
C GLY H 264 12.32 40.36 -2.22
N GLU H 265 12.55 39.78 -3.39
CA GLU H 265 11.43 39.60 -4.30
C GLU H 265 10.46 38.52 -3.82
N ARG H 266 10.78 37.80 -2.75
CA ARG H 266 9.84 36.87 -2.14
C ARG H 266 9.83 36.90 -0.62
N ASN H 267 10.84 37.46 0.05
CA ASN H 267 10.97 37.35 1.48
C ASN H 267 11.33 38.71 2.06
N PHE H 268 11.04 38.87 3.35
CA PHE H 268 11.35 40.09 4.09
C PHE H 268 12.41 39.73 5.13
N PHE H 269 13.47 40.52 5.20
CA PHE H 269 14.58 40.24 6.10
C PHE H 269 14.87 41.46 6.96
N CYS H 270 15.28 41.21 8.20
CA CYS H 270 15.96 42.20 9.01
C CYS H 270 17.24 41.56 9.53
N LEU H 271 18.38 42.17 9.21
CA LEU H 271 19.68 41.60 9.47
C LEU H 271 20.43 42.42 10.50
N LYS H 272 21.23 41.73 11.31
CA LYS H 272 22.07 42.37 12.29
C LYS H 272 23.18 43.18 11.60
N ASP H 273 24.00 43.83 12.41
CA ASP H 273 25.12 44.60 11.88
C ASP H 273 26.35 43.74 11.65
N ASN H 274 26.40 42.53 12.21
CA ASN H 274 27.51 41.64 11.93
C ASN H 274 27.30 40.84 10.66
N GLY H 275 26.05 40.61 10.27
CA GLY H 275 25.76 39.98 8.99
C GLY H 275 24.64 38.96 8.99
N GLN H 276 24.39 38.34 10.14
CA GLN H 276 23.43 37.25 10.17
C GLN H 276 22.00 37.78 10.32
N ILE H 277 21.05 36.88 10.16
CA ILE H 277 19.64 37.24 10.10
C ILE H 277 19.13 37.48 11.52
N GLN H 278 18.69 38.72 11.79
CA GLN H 278 18.01 38.96 13.05
C GLN H 278 16.63 38.33 13.04
N PHE H 279 15.90 38.49 11.95
CA PHE H 279 14.69 37.70 11.73
C PHE H 279 14.30 37.83 10.27
N MET H 280 13.36 36.98 9.87
CA MET H 280 12.92 36.97 8.48
C MET H 280 11.50 36.43 8.42
N LYS H 281 10.75 36.94 7.47
CA LYS H 281 9.39 36.53 7.23
C LYS H 281 9.27 36.09 5.78
N LYS H 282 8.45 35.08 5.54
CA LYS H 282 8.25 34.52 4.21
C LYS H 282 6.91 35.02 3.70
N LEU H 283 6.94 36.19 3.07
CA LEU H 283 5.73 36.77 2.47
C LEU H 283 5.11 35.79 1.48
N ASP H 284 3.79 35.66 1.55
CA ASP H 284 3.04 34.86 0.59
C ASP H 284 2.45 35.71 -0.52
N TYR H 285 3.03 36.88 -0.77
CA TYR H 285 2.58 37.79 -1.81
C TYR H 285 3.80 38.38 -2.49
N SER H 286 3.57 39.20 -3.51
CA SER H 286 4.67 39.83 -4.23
C SER H 286 4.80 41.27 -3.78
N PRO H 287 5.79 41.59 -2.95
CA PRO H 287 5.93 42.97 -2.48
C PRO H 287 6.48 43.88 -3.56
N SER H 288 6.18 45.16 -3.40
CA SER H 288 6.58 46.20 -4.33
C SER H 288 7.46 47.25 -3.67
N CYS H 289 7.06 47.74 -2.50
CA CYS H 289 7.81 48.74 -1.77
C CYS H 289 7.66 48.47 -0.28
N PHE H 290 8.65 48.88 0.49
CA PHE H 290 8.51 48.78 1.93
C PHE H 290 9.20 49.97 2.58
N LEU H 291 8.80 50.28 3.79
CA LEU H 291 9.38 51.39 4.52
C LEU H 291 9.27 51.15 6.02
N PRO H 292 10.36 50.90 6.71
CA PRO H 292 10.31 50.88 8.17
C PRO H 292 10.31 52.29 8.75
N TYR H 293 9.14 52.74 9.20
CA TYR H 293 9.01 54.04 9.85
C TYR H 293 9.31 53.87 11.34
N CYS H 294 9.00 54.88 12.14
CA CYS H 294 9.39 54.88 13.54
C CYS H 294 8.70 53.75 14.31
N SER H 295 9.40 53.27 15.34
CA SER H 295 8.92 52.19 16.20
C SER H 295 8.19 52.74 17.41
N VAL H 296 7.33 51.90 17.99
CA VAL H 296 6.50 52.29 19.13
C VAL H 296 6.86 51.53 20.39
N SER H 297 7.21 50.25 20.27
CA SER H 297 7.55 49.43 21.42
C SER H 297 9.05 49.52 21.68
N GLU H 298 9.56 48.68 22.58
CA GLU H 298 10.95 48.72 23.01
C GLU H 298 11.72 47.66 22.23
N GLY H 299 12.64 48.09 21.37
CA GLY H 299 13.46 47.20 20.57
C GLY H 299 12.92 46.89 19.19
N THR H 300 11.61 46.72 19.07
CA THR H 300 11.00 46.38 17.79
C THR H 300 11.08 47.57 16.83
N ILE H 301 10.63 47.33 15.59
CA ILE H 301 10.59 48.35 14.55
C ILE H 301 9.35 48.11 13.70
N ASN H 302 8.39 49.04 13.74
CA ASN H 302 7.25 48.98 12.84
C ASN H 302 7.70 49.17 11.41
N THR H 303 7.19 48.34 10.51
CA THR H 303 7.52 48.42 9.10
C THR H 303 6.26 48.33 8.27
N LEU H 304 6.39 48.70 7.00
CA LEU H 304 5.24 48.97 6.14
C LEU H 304 5.57 48.43 4.74
N ILE H 305 4.83 47.42 4.29
CA ILE H 305 5.14 46.76 3.03
C ILE H 305 3.91 46.75 2.13
N GLY H 306 4.08 47.11 0.87
CA GLY H 306 2.98 47.20 -0.08
C GLY H 306 3.02 46.04 -1.06
N ASN H 307 1.85 45.49 -1.36
CA ASN H 307 1.74 44.35 -2.26
C ASN H 307 1.65 44.81 -3.71
N HIS H 308 1.78 43.84 -4.60
CA HIS H 308 1.24 43.97 -5.95
C HIS H 308 -0.23 43.59 -5.99
N ASN H 309 -0.83 43.32 -4.83
CA ASN H 309 -2.26 43.22 -4.65
C ASN H 309 -2.84 44.53 -4.10
N ASN H 310 -2.09 45.62 -4.26
CA ASN H 310 -2.42 46.96 -3.76
C ASN H 310 -3.01 46.92 -2.36
N MET H 311 -2.18 46.46 -1.42
CA MET H 311 -2.53 46.40 -0.02
C MET H 311 -1.29 46.68 0.82
N LEU H 312 -1.44 47.48 1.86
CA LEU H 312 -0.37 47.82 2.78
C LEU H 312 -0.47 46.96 4.03
N HIS H 313 0.67 46.47 4.50
CA HIS H 313 0.79 45.66 5.70
C HIS H 313 1.69 46.39 6.68
N ILE H 314 1.20 46.53 7.92
CA ILE H 314 1.94 47.13 9.03
C ILE H 314 2.37 46.00 9.94
N TYR H 315 3.67 45.86 10.11
CA TYR H 315 4.31 44.67 10.72
C TYR H 315 5.24 45.14 11.83
N GLN H 316 4.97 44.79 13.09
CA GLN H 316 5.95 45.09 14.15
C GLN H 316 6.85 43.86 14.19
N ASP H 317 8.12 44.02 13.89
CA ASP H 317 8.97 42.82 13.75
C ASP H 317 8.37 42.03 12.58
N VAL H 318 7.92 40.80 12.81
CA VAL H 318 7.25 40.02 11.73
C VAL H 318 5.75 39.93 11.98
N THR H 319 5.24 40.48 13.10
CA THR H 319 3.80 40.32 13.43
C THR H 319 2.98 41.35 12.68
N LEU H 320 1.94 40.92 11.97
CA LEU H 320 1.10 41.87 11.20
C LEU H 320 0.24 42.63 12.19
N LYS H 321 0.49 43.92 12.31
CA LYS H 321 -0.26 44.79 13.20
C LYS H 321 -1.44 45.46 12.51
N TRP H 322 -1.42 45.53 11.18
CA TRP H 322 -2.56 46.09 10.45
C TRP H 322 -2.42 45.74 8.98
N ALA H 323 -3.52 45.86 8.26
CA ALA H 323 -3.50 45.63 6.82
C ALA H 323 -4.68 46.38 6.21
N THR H 324 -4.42 47.14 5.16
CA THR H 324 -5.41 48.05 4.61
C THR H 324 -5.28 48.09 3.10
N GLN H 325 -6.40 48.28 2.41
CA GLN H 325 -6.44 48.17 0.95
C GLN H 325 -6.08 49.52 0.32
N LEU H 326 -4.98 49.56 -0.41
CA LEU H 326 -4.61 50.75 -1.15
C LEU H 326 -5.45 50.87 -2.41
N PRO H 327 -5.56 52.08 -2.97
CA PRO H 327 -6.22 52.20 -4.28
C PRO H 327 -5.39 51.65 -5.41
N HIS H 328 -4.08 51.87 -5.38
CA HIS H 328 -3.17 51.51 -6.46
C HIS H 328 -2.01 50.71 -5.90
N VAL H 329 -1.32 50.00 -6.78
CA VAL H 329 -0.14 49.24 -6.40
C VAL H 329 1.01 50.22 -6.21
N PRO H 330 1.44 50.48 -4.97
CA PRO H 330 2.42 51.53 -4.75
C PRO H 330 3.77 51.17 -5.32
N VAL H 331 4.45 52.18 -5.87
CA VAL H 331 5.84 52.04 -6.26
C VAL H 331 6.77 52.71 -5.25
N ALA H 332 6.27 53.68 -4.48
CA ALA H 332 7.02 54.20 -3.35
C ALA H 332 6.04 54.65 -2.28
N VAL H 333 6.33 54.29 -1.04
CA VAL H 333 5.56 54.74 0.12
C VAL H 333 6.47 55.53 1.05
N ARG H 334 5.91 56.58 1.63
CA ARG H 334 6.58 57.34 2.67
C ARG H 334 5.56 57.62 3.78
N VAL H 335 6.06 58.05 4.92
CA VAL H 335 5.22 58.44 6.04
C VAL H 335 5.75 59.76 6.58
N GLY H 336 4.94 60.81 6.47
CA GLY H 336 5.41 62.14 6.81
C GLY H 336 4.34 62.96 7.51
N CYS H 337 4.76 64.12 7.99
CA CYS H 337 3.88 65.09 8.65
C CYS H 337 3.51 66.15 7.64
N LEU H 338 2.24 66.20 7.25
CA LEU H 338 1.76 67.08 6.20
C LEU H 338 0.62 67.93 6.74
N HIS H 339 0.85 69.23 6.85
CA HIS H 339 -0.18 70.20 7.24
C HIS H 339 -0.85 69.78 8.54
N ASP H 340 -0.06 69.79 9.61
CA ASP H 340 -0.57 69.60 10.98
C ASP H 340 -1.22 68.24 11.14
N LEU H 341 -0.52 67.21 10.69
CA LEU H 341 -0.96 65.82 10.88
C LEU H 341 0.24 64.91 10.69
N LYS H 342 0.64 64.21 11.75
CA LYS H 342 1.78 63.32 11.71
C LYS H 342 1.38 61.95 11.19
N GLY H 343 2.35 61.25 10.62
CA GLY H 343 2.15 59.89 10.17
C GLY H 343 1.13 59.71 9.07
N VAL H 344 1.15 60.59 8.07
CA VAL H 344 0.33 60.44 6.87
C VAL H 344 1.09 59.59 5.88
N ILE H 345 0.40 58.60 5.29
CA ILE H 345 1.03 57.70 4.35
C ILE H 345 0.91 58.29 2.96
N VAL H 346 2.01 58.32 2.22
CA VAL H 346 2.09 58.98 0.93
C VAL H 346 2.57 57.93 -0.07
N THR H 347 1.66 57.44 -0.91
CA THR H 347 1.99 56.44 -1.89
C THR H 347 2.05 57.07 -3.29
N LEU H 348 2.89 56.49 -4.13
CA LEU H 348 3.03 56.92 -5.51
C LEU H 348 3.21 55.69 -6.39
N SER H 349 2.39 55.59 -7.42
CA SER H 349 2.47 54.49 -8.37
C SER H 349 3.36 54.87 -9.55
N ASP H 350 3.40 54.01 -10.57
CA ASP H 350 4.10 54.29 -11.80
C ASP H 350 3.18 54.84 -12.88
N ASP H 351 1.86 54.73 -12.69
CA ASP H 351 0.93 55.42 -13.56
C ASP H 351 0.96 56.92 -13.28
N GLY H 352 0.89 57.30 -12.01
CA GLY H 352 0.83 58.69 -11.64
C GLY H 352 -0.02 58.94 -10.42
N HIS H 353 -0.74 57.93 -9.96
CA HIS H 353 -1.57 58.13 -8.78
C HIS H 353 -0.70 58.43 -7.57
N LEU H 354 -0.71 59.68 -7.14
CA LEU H 354 -0.06 60.12 -5.91
C LEU H 354 -1.14 60.39 -4.88
N GLN H 355 -0.98 59.83 -3.69
CA GLN H 355 -2.08 59.90 -2.73
C GLN H 355 -1.56 59.95 -1.31
N CYS H 356 -1.98 60.96 -0.56
CA CYS H 356 -1.87 60.97 0.88
C CYS H 356 -3.09 60.28 1.48
N SER H 357 -2.89 59.62 2.61
CA SER H 357 -3.95 58.81 3.17
C SER H 357 -3.70 58.55 4.64
N TYR H 358 -4.78 58.16 5.31
CA TYR H 358 -4.74 57.65 6.67
C TYR H 358 -5.47 56.31 6.66
N LEU H 359 -5.47 55.63 7.80
CA LEU H 359 -6.07 54.32 7.92
C LEU H 359 -7.49 54.43 8.41
N GLY H 360 -8.39 53.65 7.80
CA GLY H 360 -9.79 53.71 8.16
C GLY H 360 -10.17 52.74 9.26
N THR H 361 -10.66 53.25 10.37
CA THR H 361 -10.96 52.42 11.53
C THR H 361 -12.42 52.49 11.94
N ASP H 362 -13.33 52.37 10.98
CA ASP H 362 -14.76 52.35 11.27
C ASP H 362 -15.35 51.02 10.85
N PRO H 363 -15.64 50.12 11.78
CA PRO H 363 -16.31 48.87 11.41
C PRO H 363 -17.77 49.12 11.07
N SER H 364 -18.03 49.59 9.86
CA SER H 364 -19.39 49.93 9.47
C SER H 364 -20.30 48.73 9.65
N LEU H 365 -21.53 49.01 10.06
CA LEU H 365 -22.51 47.95 10.29
C LEU H 365 -22.84 47.26 8.98
N PHE H 366 -23.20 45.99 9.07
CA PHE H 366 -23.62 45.20 7.93
C PHE H 366 -25.14 45.11 7.98
N GLN H 367 -25.80 46.03 7.26
CA GLN H 367 -27.25 46.10 7.24
C GLN H 367 -27.67 46.60 5.86
N ALA H 368 -28.75 46.02 5.33
CA ALA H 368 -29.29 46.50 4.08
C ALA H 368 -29.77 47.94 4.24
N PRO H 369 -29.61 48.79 3.23
CA PRO H 369 -29.98 50.20 3.40
C PRO H 369 -31.49 50.36 3.52
N LYS H 370 -31.90 51.27 4.40
CA LYS H 370 -33.32 51.52 4.65
C LYS H 370 -33.79 52.70 3.81
N VAL H 371 -33.80 52.48 2.49
CA VAL H 371 -34.23 53.48 1.54
C VAL H 371 -35.73 53.36 1.34
N GLU H 372 -36.37 54.51 1.12
CA GLU H 372 -37.81 54.57 0.86
C GLU H 372 -38.14 54.98 -0.57
N SER H 373 -37.34 55.87 -1.17
CA SER H 373 -37.48 56.16 -2.58
C SER H 373 -37.40 54.88 -3.41
N ARG H 374 -36.30 54.14 -3.26
CA ARG H 374 -36.09 52.90 -4.00
C ARG H 374 -37.06 51.84 -3.49
N GLU H 375 -38.10 51.57 -4.27
CA GLU H 375 -39.05 50.51 -3.98
C GLU H 375 -39.13 49.59 -5.18
N LEU H 376 -39.89 48.52 -5.05
CA LEU H 376 -39.96 47.47 -6.06
C LEU H 376 -41.06 47.82 -7.07
N ASN H 377 -40.66 47.94 -8.34
CA ASN H 377 -41.59 48.24 -9.43
C ASN H 377 -42.40 46.99 -9.73
N TYR H 378 -43.39 46.73 -8.88
CA TYR H 378 -44.10 45.44 -8.90
C TYR H 378 -44.84 45.20 -10.22
N ASP H 379 -45.18 46.24 -10.97
CA ASP H 379 -46.03 46.06 -12.14
C ASP H 379 -45.25 45.49 -13.32
N GLU H 380 -44.13 46.12 -13.68
CA GLU H 380 -43.27 45.59 -14.73
C GLU H 380 -42.77 44.19 -14.38
N LEU H 381 -42.24 44.05 -13.16
CA LEU H 381 -41.72 42.77 -12.71
C LEU H 381 -42.80 41.70 -12.69
N ASP H 382 -44.03 42.07 -12.35
CA ASP H 382 -45.09 41.09 -12.29
C ASP H 382 -45.60 40.71 -13.66
N MET H 383 -45.60 41.65 -14.61
CA MET H 383 -45.89 41.27 -16.00
C MET H 383 -44.89 40.23 -16.49
N GLU H 384 -43.59 40.49 -16.26
CA GLU H 384 -42.59 39.52 -16.71
C GLU H 384 -42.73 38.19 -15.99
N LEU H 385 -43.05 38.22 -14.69
CA LEU H 385 -43.18 36.98 -13.94
C LEU H 385 -44.37 36.17 -14.42
N LYS H 386 -45.48 36.85 -14.76
CA LYS H 386 -46.62 36.13 -15.30
C LYS H 386 -46.32 35.54 -16.66
N GLU H 387 -45.53 36.26 -17.47
CA GLU H 387 -45.09 35.72 -18.75
C GLU H 387 -44.29 34.43 -18.57
N LEU H 388 -43.30 34.47 -17.69
CA LEU H 388 -42.44 33.30 -17.49
C LEU H 388 -43.20 32.15 -16.85
N GLN H 389 -44.06 32.44 -15.87
CA GLN H 389 -44.89 31.40 -15.28
C GLN H 389 -45.86 30.81 -16.29
N LYS H 390 -46.31 31.62 -17.26
CA LYS H 390 -47.13 31.10 -18.34
C LYS H 390 -46.35 30.09 -19.17
N VAL H 391 -45.12 30.45 -19.56
CA VAL H 391 -44.29 29.50 -20.30
C VAL H 391 -44.08 28.21 -19.49
N ILE H 392 -43.91 28.35 -18.18
CA ILE H 392 -43.69 27.19 -17.32
C ILE H 392 -44.91 26.27 -17.36
N LYS H 393 -46.09 26.82 -17.08
CA LYS H 393 -47.29 25.98 -17.07
C LYS H 393 -47.65 25.50 -18.47
N ASN H 394 -47.13 26.14 -19.52
CA ASN H 394 -47.39 25.67 -20.88
C ASN H 394 -46.47 24.52 -21.27
N VAL H 395 -45.26 24.45 -20.71
CA VAL H 395 -44.33 23.41 -21.13
C VAL H 395 -44.86 22.01 -20.82
N ASN H 396 -45.81 21.88 -19.89
CA ASN H 396 -46.32 20.56 -19.53
C ASN H 396 -47.36 20.10 -20.53
N LYS H 397 -48.43 20.88 -20.71
CA LYS H 397 -49.49 20.52 -21.65
C LYS H 397 -49.04 20.71 -23.09
N ASP H 410 -37.78 23.02 -39.94
CA ASP H 410 -37.46 24.18 -40.77
C ASP H 410 -36.15 23.97 -41.52
N LEU H 411 -35.85 22.72 -41.82
CA LEU H 411 -34.77 22.37 -42.75
C LEU H 411 -35.16 21.06 -43.40
N LYS H 412 -35.27 21.06 -44.72
CA LYS H 412 -35.62 19.87 -45.48
C LYS H 412 -34.34 19.18 -45.95
N VAL H 413 -34.22 17.89 -45.64
CA VAL H 413 -33.13 17.05 -46.11
C VAL H 413 -33.71 15.99 -47.03
N SER H 414 -33.09 15.80 -48.19
CA SER H 414 -33.54 14.79 -49.13
C SER H 414 -32.33 14.15 -49.77
N ALA H 415 -32.25 12.83 -49.74
CA ALA H 415 -31.15 12.10 -50.34
C ALA H 415 -31.62 11.45 -51.63
N MET H 416 -30.78 11.51 -52.66
CA MET H 416 -31.06 10.89 -53.95
C MET H 416 -29.94 9.91 -54.28
N VAL H 417 -30.33 8.68 -54.59
CA VAL H 417 -29.39 7.62 -54.95
C VAL H 417 -29.40 7.48 -56.46
N SER H 418 -28.24 7.66 -57.09
CA SER H 418 -28.14 7.52 -58.52
C SER H 418 -28.31 6.07 -58.93
N PRO H 419 -28.85 5.81 -60.12
CA PRO H 419 -28.94 4.43 -60.62
C PRO H 419 -27.66 3.88 -61.21
N ASN H 420 -26.52 4.52 -60.94
CA ASN H 420 -25.22 4.13 -61.49
C ASN H 420 -25.24 4.20 -63.01
N SER H 439 -20.11 0.83 -55.77
CA SER H 439 -19.75 2.20 -55.41
C SER H 439 -20.72 3.21 -56.01
N VAL H 440 -21.91 3.33 -55.44
CA VAL H 440 -22.93 4.20 -55.99
C VAL H 440 -22.83 5.57 -55.32
N THR H 441 -23.09 6.61 -56.10
CA THR H 441 -22.94 7.98 -55.64
C THR H 441 -24.30 8.53 -55.20
N VAL H 442 -24.37 8.96 -53.95
CA VAL H 442 -25.57 9.55 -53.36
C VAL H 442 -25.32 11.04 -53.19
N LYS H 443 -26.40 11.81 -53.34
CA LYS H 443 -26.33 13.25 -53.16
C LYS H 443 -27.42 13.71 -52.21
N VAL H 444 -27.04 14.45 -51.18
CA VAL H 444 -27.98 14.96 -50.18
C VAL H 444 -28.17 16.44 -50.42
N THR H 445 -29.43 16.85 -50.61
CA THR H 445 -29.80 18.25 -50.79
C THR H 445 -30.54 18.70 -49.53
N LEU H 446 -30.03 19.75 -48.90
CA LEU H 446 -30.63 20.29 -47.69
C LEU H 446 -30.88 21.78 -47.86
N LYS H 447 -32.09 22.20 -47.51
CA LYS H 447 -32.52 23.58 -47.72
C LYS H 447 -33.20 24.09 -46.46
N ASN H 448 -33.15 25.41 -46.27
CA ASN H 448 -33.70 26.06 -45.08
C ASN H 448 -34.77 27.08 -45.46
N ARG H 449 -35.30 27.74 -44.43
CA ARG H 449 -36.16 28.90 -44.60
C ARG H 449 -35.79 30.06 -43.69
N VAL H 450 -34.84 29.88 -42.77
CA VAL H 450 -34.32 30.94 -41.93
C VAL H 450 -32.81 30.93 -42.04
N ALA H 451 -32.13 31.79 -41.28
CA ALA H 451 -30.67 31.89 -41.33
C ALA H 451 -30.08 30.96 -40.28
N LEU H 452 -29.98 29.68 -40.65
CA LEU H 452 -29.51 28.67 -39.72
C LEU H 452 -27.98 28.75 -39.60
N GLN H 453 -27.47 28.19 -38.49
CA GLN H 453 -26.07 28.30 -38.17
C GLN H 453 -25.60 27.00 -37.54
N LYS H 454 -24.28 26.80 -37.60
CA LYS H 454 -23.61 25.60 -37.09
C LYS H 454 -24.33 24.32 -37.55
N ILE H 455 -24.31 24.15 -38.86
CA ILE H 455 -24.93 22.99 -39.50
C ILE H 455 -23.89 21.90 -39.67
N LYS H 456 -24.27 20.67 -39.35
CA LYS H 456 -23.38 19.52 -39.53
C LYS H 456 -24.20 18.38 -40.10
N LEU H 457 -23.73 17.79 -41.20
CA LEU H 457 -24.39 16.67 -41.85
C LEU H 457 -23.49 15.46 -41.78
N SER H 458 -24.07 14.31 -41.43
CA SER H 458 -23.29 13.09 -41.27
C SER H 458 -24.12 11.90 -41.73
N ILE H 459 -23.45 10.93 -42.33
CA ILE H 459 -24.11 9.79 -42.96
C ILE H 459 -23.66 8.51 -42.29
N TYR H 460 -24.63 7.62 -42.03
CA TYR H 460 -24.40 6.34 -41.38
C TYR H 460 -25.06 5.27 -42.23
N VAL H 461 -24.28 4.34 -42.77
CA VAL H 461 -24.86 3.33 -43.64
C VAL H 461 -25.03 2.00 -42.92
N GLN H 462 -23.93 1.34 -42.56
CA GLN H 462 -23.89 0.01 -41.95
C GLN H 462 -22.44 -0.32 -41.62
N PRO H 463 -22.18 -1.36 -40.84
CA PRO H 463 -20.80 -1.77 -40.60
C PRO H 463 -20.08 -2.18 -41.88
N PRO H 464 -20.63 -3.13 -42.70
CA PRO H 464 -19.87 -3.57 -43.87
C PRO H 464 -19.72 -2.47 -44.91
N LEU H 465 -20.83 -1.79 -45.21
CA LEU H 465 -20.81 -0.69 -46.17
C LEU H 465 -19.95 0.45 -45.66
N VAL H 466 -19.32 1.17 -46.58
CA VAL H 466 -18.38 2.24 -46.25
C VAL H 466 -18.68 3.42 -47.15
N LEU H 467 -18.48 4.62 -46.60
CA LEU H 467 -18.65 5.88 -47.31
C LEU H 467 -17.30 6.52 -47.57
N THR H 468 -17.22 7.26 -48.67
CA THR H 468 -15.99 8.01 -48.97
C THR H 468 -15.93 9.34 -48.21
N GLY H 469 -17.08 9.92 -47.92
CA GLY H 469 -17.13 11.10 -47.08
C GLY H 469 -18.20 10.94 -46.03
N ASP H 470 -17.88 11.32 -44.80
CA ASP H 470 -18.73 11.04 -43.66
C ASP H 470 -19.34 12.27 -43.01
N GLN H 471 -18.63 13.39 -42.99
CA GLN H 471 -19.12 14.58 -42.31
C GLN H 471 -18.91 15.81 -43.19
N PHE H 472 -19.91 16.69 -43.16
CA PHE H 472 -19.90 17.94 -43.91
C PHE H 472 -20.30 19.06 -42.95
N THR H 473 -19.47 20.10 -42.83
CA THR H 473 -19.77 21.20 -41.86
C THR H 473 -20.14 22.50 -42.58
N PHE H 474 -21.38 22.98 -42.44
CA PHE H 474 -21.76 24.31 -42.99
C PHE H 474 -21.90 25.30 -41.82
N GLU H 475 -20.94 26.22 -41.66
CA GLU H 475 -20.94 27.11 -40.48
C GLU H 475 -22.17 28.03 -40.46
N PHE H 476 -22.50 28.66 -41.59
CA PHE H 476 -23.71 29.50 -41.66
C PHE H 476 -24.28 29.43 -43.08
N MET H 477 -25.59 29.27 -43.21
CA MET H 477 -26.18 29.33 -44.57
C MET H 477 -27.31 30.36 -44.53
N ALA H 478 -27.22 31.40 -45.37
CA ALA H 478 -28.24 32.49 -45.36
C ALA H 478 -29.59 31.94 -45.82
N PRO H 479 -30.75 32.59 -45.44
CA PRO H 479 -32.10 32.02 -45.50
C PRO H 479 -32.47 31.56 -46.89
N GLU H 480 -33.45 30.66 -46.94
CA GLU H 480 -34.01 30.06 -48.17
C GLU H 480 -32.92 29.78 -49.19
N MET H 481 -31.86 29.12 -48.74
CA MET H 481 -30.74 28.73 -49.58
C MET H 481 -30.66 27.20 -49.62
N THR H 482 -29.85 26.70 -50.57
CA THR H 482 -29.73 25.27 -50.79
C THR H 482 -28.27 24.86 -50.73
N ARG H 483 -28.00 23.77 -50.02
CA ARG H 483 -26.70 23.12 -50.04
C ARG H 483 -26.87 21.70 -50.57
N THR H 484 -25.83 21.19 -51.20
CA THR H 484 -25.87 19.87 -51.81
C THR H 484 -24.51 19.22 -51.65
N VAL H 485 -24.47 18.09 -50.95
CA VAL H 485 -23.26 17.32 -50.80
C VAL H 485 -23.38 16.03 -51.61
N GLY H 486 -22.24 15.48 -51.96
CA GLY H 486 -22.22 14.24 -52.71
C GLY H 486 -21.15 13.29 -52.21
N PHE H 487 -21.56 12.09 -51.81
CA PHE H 487 -20.65 11.06 -51.33
C PHE H 487 -20.91 9.79 -52.14
N SER H 488 -20.17 8.74 -51.85
CA SER H 488 -20.33 7.49 -52.57
C SER H 488 -20.11 6.33 -51.62
N VAL H 489 -21.00 5.34 -51.69
CA VAL H 489 -21.02 4.23 -50.75
C VAL H 489 -20.72 2.94 -51.50
N TYR H 490 -19.95 2.07 -50.87
CA TYR H 490 -19.50 0.83 -51.48
C TYR H 490 -19.27 -0.21 -50.40
N LEU H 491 -19.31 -1.48 -50.80
CA LEU H 491 -19.12 -2.55 -49.84
C LEU H 491 -17.63 -2.80 -49.59
N LYS H 492 -17.29 -3.00 -48.33
CA LYS H 492 -15.91 -3.28 -47.91
C LYS H 492 -15.98 -4.37 -46.85
N GLY H 493 -15.65 -5.58 -47.22
CA GLY H 493 -15.74 -6.72 -46.35
C GLY H 493 -16.22 -7.93 -47.10
N SER H 494 -16.72 -8.92 -46.37
CA SER H 494 -17.18 -10.17 -46.97
C SER H 494 -18.65 -10.43 -46.73
N TYR H 495 -19.13 -10.30 -45.50
CA TYR H 495 -20.52 -10.59 -45.22
C TYR H 495 -21.42 -9.50 -45.79
N SER H 496 -22.68 -9.84 -45.95
CA SER H 496 -23.58 -8.84 -46.48
C SER H 496 -24.18 -8.01 -45.35
N PRO H 497 -24.48 -6.74 -45.58
CA PRO H 497 -24.97 -5.89 -44.51
C PRO H 497 -26.38 -6.27 -44.11
N PRO H 498 -26.80 -5.95 -42.88
CA PRO H 498 -28.15 -6.35 -42.46
C PRO H 498 -29.25 -5.62 -43.19
N GLU H 499 -29.01 -4.37 -43.60
CA GLU H 499 -29.97 -3.66 -44.43
C GLU H 499 -29.23 -2.69 -45.32
N LEU H 500 -29.72 -2.54 -46.55
CA LEU H 500 -29.14 -1.61 -47.50
C LEU H 500 -29.64 -0.18 -47.31
N GLU H 501 -30.23 0.12 -46.16
CA GLU H 501 -30.66 1.46 -45.84
C GLU H 501 -29.46 2.35 -45.55
N GLY H 502 -29.72 3.65 -45.48
CA GLY H 502 -28.71 4.60 -45.07
C GLY H 502 -29.38 5.82 -44.50
N ASN H 503 -28.71 6.49 -43.57
CA ASN H 503 -29.30 7.60 -42.84
C ASN H 503 -28.38 8.80 -42.94
N ALA H 504 -28.97 9.97 -43.21
CA ALA H 504 -28.25 11.23 -43.24
C ALA H 504 -28.88 12.16 -42.21
N VAL H 505 -28.12 12.51 -41.19
CA VAL H 505 -28.62 13.28 -40.06
C VAL H 505 -27.91 14.62 -40.06
N VAL H 506 -28.68 15.70 -39.92
CA VAL H 506 -28.15 17.06 -39.88
C VAL H 506 -28.57 17.70 -38.57
N SER H 507 -27.66 18.47 -38.00
CA SER H 507 -27.85 19.13 -36.72
C SER H 507 -27.43 20.58 -36.86
N TYR H 508 -28.32 21.49 -36.48
CA TYR H 508 -28.09 22.91 -36.63
C TYR H 508 -28.58 23.62 -35.37
N SER H 509 -28.48 24.95 -35.38
CA SER H 509 -28.88 25.77 -34.25
C SER H 509 -29.74 26.91 -34.75
N ARG H 510 -30.91 27.08 -34.13
CA ARG H 510 -31.85 28.12 -34.51
C ARG H 510 -31.64 29.33 -33.62
N PRO H 511 -31.20 30.47 -34.15
CA PRO H 511 -30.94 31.65 -33.31
C PRO H 511 -32.25 32.25 -32.81
N THR H 512 -32.36 32.39 -31.48
CA THR H 512 -33.60 32.85 -30.88
C THR H 512 -33.36 34.07 -30.00
N GLU H 513 -34.39 34.47 -29.25
CA GLU H 513 -34.31 35.66 -28.41
C GLU H 513 -33.76 35.37 -27.02
N ARG H 514 -34.09 34.20 -26.45
CA ARG H 514 -33.55 33.84 -25.15
C ARG H 514 -32.06 33.56 -25.24
N ASN H 515 -31.64 32.78 -26.25
CA ASN H 515 -30.25 32.36 -26.39
C ASN H 515 -29.76 32.79 -27.77
N PRO H 516 -28.74 33.65 -27.86
CA PRO H 516 -28.23 34.05 -29.18
C PRO H 516 -27.43 32.97 -29.87
N ASP H 517 -27.07 31.89 -29.16
CA ASP H 517 -26.45 30.74 -29.80
C ASP H 517 -27.48 29.74 -30.31
N GLY H 518 -28.76 29.99 -30.07
CA GLY H 518 -29.81 29.22 -30.70
C GLY H 518 -30.09 27.87 -30.07
N ILE H 519 -31.34 27.43 -30.17
CA ILE H 519 -31.69 26.08 -29.72
C ILE H 519 -31.03 25.08 -30.65
N PRO H 520 -30.50 23.96 -30.14
CA PRO H 520 -30.02 22.92 -31.06
C PRO H 520 -31.17 22.08 -31.59
N ARG H 521 -31.20 21.81 -32.89
CA ARG H 521 -32.23 21.01 -33.53
C ARG H 521 -31.57 20.02 -34.46
N VAL H 522 -32.26 18.91 -34.72
CA VAL H 522 -31.73 17.80 -35.52
C VAL H 522 -32.84 17.23 -36.38
N SER H 523 -32.53 16.99 -37.65
CA SER H 523 -33.47 16.34 -38.56
C SER H 523 -32.73 15.34 -39.44
N GLN H 524 -33.43 14.28 -39.84
CA GLN H 524 -32.78 13.17 -40.51
C GLN H 524 -33.59 12.71 -41.72
N CYS H 525 -32.90 12.11 -42.68
CA CYS H 525 -33.54 11.53 -43.86
C CYS H 525 -32.95 10.15 -44.12
N LYS H 526 -33.73 9.31 -44.78
CA LYS H 526 -33.31 7.95 -45.09
C LYS H 526 -33.24 7.76 -46.61
N PHE H 527 -32.26 6.98 -47.05
CA PHE H 527 -32.18 6.55 -48.44
C PHE H 527 -32.00 5.05 -48.49
N ARG H 528 -32.23 4.47 -49.66
CA ARG H 528 -32.22 3.02 -49.83
C ARG H 528 -31.26 2.68 -50.97
N LEU H 529 -30.15 2.01 -50.64
CA LEU H 529 -29.14 1.71 -51.63
C LEU H 529 -29.61 0.59 -52.56
N PRO H 530 -29.07 0.53 -53.78
CA PRO H 530 -29.52 -0.49 -54.72
C PRO H 530 -28.94 -1.86 -54.39
N LEU H 531 -29.75 -2.89 -54.61
CA LEU H 531 -29.31 -4.26 -54.34
C LEU H 531 -28.07 -4.62 -55.16
N LYS H 532 -27.91 -4.04 -56.34
CA LYS H 532 -26.80 -4.37 -57.22
C LYS H 532 -25.49 -3.74 -56.75
N LEU H 533 -25.43 -3.23 -55.53
CA LEU H 533 -24.15 -2.80 -54.96
C LEU H 533 -23.42 -3.98 -54.34
N VAL H 534 -24.14 -4.83 -53.62
CA VAL H 534 -23.55 -5.93 -52.88
C VAL H 534 -23.99 -7.28 -53.42
N CYS H 535 -24.35 -7.35 -54.70
CA CYS H 535 -24.86 -8.59 -55.27
C CYS H 535 -24.59 -8.62 -56.77
N LEU H 536 -24.66 -9.81 -57.32
CA LEU H 536 -24.55 -10.06 -58.76
C LEU H 536 -25.32 -11.33 -59.06
N PRO H 537 -25.69 -11.56 -60.32
CA PRO H 537 -26.35 -12.82 -60.65
C PRO H 537 -25.36 -13.97 -60.69
N GLY H 538 -25.86 -15.15 -60.37
CA GLY H 538 -25.03 -16.34 -60.35
C GLY H 538 -25.77 -17.59 -60.79
N GLN H 539 -25.16 -18.74 -60.60
CA GLN H 539 -25.81 -19.99 -61.00
C GLN H 539 -26.80 -20.41 -59.93
N PRO H 540 -28.07 -20.59 -60.28
CA PRO H 540 -29.08 -20.96 -59.27
C PRO H 540 -28.93 -22.42 -58.87
N SER H 541 -28.67 -22.64 -57.58
CA SER H 541 -28.64 -23.99 -57.04
C SER H 541 -30.05 -24.59 -57.04
N LYS H 542 -30.15 -25.86 -56.65
CA LYS H 542 -31.43 -26.55 -56.68
C LYS H 542 -31.91 -26.96 -55.29
N THR H 543 -31.06 -27.63 -54.51
CA THR H 543 -31.43 -28.07 -53.17
C THR H 543 -30.47 -27.44 -52.18
N ALA H 544 -30.93 -26.43 -51.47
CA ALA H 544 -30.15 -25.76 -50.43
C ALA H 544 -30.63 -26.23 -49.06
N SER H 545 -29.84 -25.91 -48.03
CA SER H 545 -30.12 -26.43 -46.70
C SER H 545 -31.32 -25.73 -46.07
N HIS H 546 -31.34 -24.40 -46.11
CA HIS H 546 -32.40 -23.61 -45.52
C HIS H 546 -33.31 -23.04 -46.60
N LYS H 547 -34.60 -22.99 -46.32
CA LYS H 547 -35.58 -22.54 -47.28
C LYS H 547 -36.77 -21.92 -46.56
N LEU H 548 -37.41 -20.95 -47.21
CA LEU H 548 -38.67 -20.40 -46.73
C LEU H 548 -39.52 -19.99 -47.93
N THR H 549 -40.83 -20.22 -47.81
CA THR H 549 -41.77 -20.06 -48.92
C THR H 549 -42.75 -18.95 -48.57
N ILE H 550 -42.82 -17.93 -49.42
CA ILE H 550 -43.76 -16.83 -49.25
C ILE H 550 -44.87 -16.99 -50.28
N ASP H 551 -46.09 -17.21 -49.80
CA ASP H 551 -47.25 -17.38 -50.66
C ASP H 551 -48.02 -16.07 -50.79
N THR H 552 -48.44 -15.77 -52.02
CA THR H 552 -49.14 -14.54 -52.33
C THR H 552 -50.49 -14.86 -52.96
N ASN H 553 -51.43 -13.93 -52.87
CA ASN H 553 -52.74 -14.08 -53.50
C ASN H 553 -52.83 -13.30 -54.81
N LYS H 554 -51.97 -13.67 -55.76
CA LYS H 554 -52.03 -13.09 -57.10
C LYS H 554 -51.49 -14.12 -58.08
N SER H 555 -51.21 -13.67 -59.31
CA SER H 555 -50.56 -14.58 -60.24
C SER H 555 -49.05 -14.55 -60.03
N PRO H 556 -48.40 -15.72 -60.03
CA PRO H 556 -46.94 -15.75 -59.90
C PRO H 556 -46.26 -14.95 -61.00
N VAL H 557 -45.49 -13.96 -60.60
CA VAL H 557 -44.91 -12.98 -61.52
C VAL H 557 -43.56 -13.49 -62.03
N SER H 558 -43.21 -13.07 -63.23
CA SER H 558 -41.94 -13.46 -63.83
C SER H 558 -40.79 -12.79 -63.08
N LEU H 559 -39.78 -13.59 -62.73
CA LEU H 559 -38.64 -13.07 -61.99
C LEU H 559 -37.81 -12.09 -62.82
N LEU H 560 -37.83 -12.20 -64.14
CA LEU H 560 -37.09 -11.27 -64.97
C LEU H 560 -37.69 -9.87 -64.95
N SER H 561 -38.92 -9.72 -64.46
CA SER H 561 -39.51 -8.39 -64.33
C SER H 561 -38.99 -7.68 -63.09
N LEU H 562 -39.05 -8.34 -61.93
CA LEU H 562 -38.65 -7.71 -60.68
C LEU H 562 -37.17 -7.38 -60.68
N PHE H 563 -36.33 -8.35 -61.03
CA PHE H 563 -34.87 -8.18 -61.06
C PHE H 563 -34.38 -8.16 -62.50
N PRO H 564 -34.34 -7.00 -63.15
CA PRO H 564 -33.93 -6.96 -64.57
C PRO H 564 -32.43 -6.85 -64.77
N GLY H 565 -31.67 -6.57 -63.72
CA GLY H 565 -30.23 -6.51 -63.84
C GLY H 565 -29.59 -7.77 -63.28
N PHE H 566 -30.39 -8.81 -63.14
CA PHE H 566 -29.97 -10.08 -62.57
C PHE H 566 -30.28 -11.21 -63.53
N ALA H 567 -30.02 -10.99 -64.82
CA ALA H 567 -30.29 -11.98 -65.85
C ALA H 567 -29.11 -12.10 -66.82
N VAL H 575 -34.81 -16.30 -67.55
CA VAL H 575 -34.48 -16.95 -66.29
C VAL H 575 -35.57 -16.67 -65.25
N ASN H 576 -36.52 -17.61 -65.14
CA ASN H 576 -37.58 -17.52 -64.14
C ASN H 576 -37.28 -18.37 -62.91
N VAL H 577 -36.03 -18.80 -62.75
CA VAL H 577 -35.52 -19.36 -61.51
C VAL H 577 -34.13 -18.75 -61.32
N MET H 578 -34.03 -17.77 -60.43
CA MET H 578 -32.89 -16.87 -60.41
C MET H 578 -31.92 -17.23 -59.29
N GLY H 579 -30.67 -16.81 -59.46
CA GLY H 579 -29.64 -17.07 -58.49
C GLY H 579 -28.78 -15.85 -58.25
N PHE H 580 -28.41 -15.61 -57.00
CA PHE H 580 -27.71 -14.41 -56.60
C PHE H 580 -26.45 -14.80 -55.83
N ARG H 581 -25.33 -14.16 -56.16
CA ARG H 581 -24.10 -14.30 -55.41
C ARG H 581 -23.69 -12.93 -54.89
N PHE H 582 -23.40 -12.86 -53.61
CA PHE H 582 -23.06 -11.59 -52.98
C PHE H 582 -21.56 -11.42 -52.90
N LEU H 583 -21.11 -10.17 -52.95
CA LEU H 583 -19.70 -9.91 -52.74
C LEU H 583 -19.28 -10.44 -51.38
N GLY H 584 -18.47 -11.49 -51.39
CA GLY H 584 -18.15 -12.26 -50.21
C GLY H 584 -18.36 -13.76 -50.37
N GLY H 585 -19.27 -14.18 -51.25
CA GLY H 585 -19.41 -15.58 -51.59
C GLY H 585 -20.79 -16.17 -51.37
N SER H 586 -21.62 -15.57 -50.51
CA SER H 586 -22.91 -16.16 -50.21
C SER H 586 -23.77 -16.25 -51.46
N GLN H 587 -24.61 -17.28 -51.50
CA GLN H 587 -25.42 -17.57 -52.69
C GLN H 587 -26.84 -17.92 -52.27
N VAL H 588 -27.80 -17.29 -52.95
CA VAL H 588 -29.22 -17.46 -52.66
C VAL H 588 -29.94 -17.82 -53.95
N THR H 589 -31.02 -18.60 -53.82
CA THR H 589 -31.81 -19.04 -54.96
C THR H 589 -33.26 -18.62 -54.78
N LEU H 590 -33.84 -18.10 -55.87
CA LEU H 590 -35.22 -17.64 -55.89
C LEU H 590 -36.00 -18.44 -56.93
N LEU H 591 -36.99 -19.19 -56.47
CA LEU H 591 -37.81 -20.04 -57.33
C LEU H 591 -39.22 -19.50 -57.39
N ALA H 592 -39.65 -19.10 -58.59
CA ALA H 592 -41.05 -18.82 -58.79
C ALA H 592 -41.82 -20.12 -59.01
N SER H 593 -42.81 -20.35 -58.16
CA SER H 593 -43.63 -21.55 -58.27
C SER H 593 -44.61 -21.39 -59.42
N LYS H 594 -44.65 -22.40 -60.29
CA LYS H 594 -45.45 -22.33 -61.50
C LYS H 594 -46.88 -22.79 -61.32
N THR H 595 -47.14 -23.73 -60.42
CA THR H 595 -48.50 -24.19 -60.16
C THR H 595 -49.17 -23.42 -59.03
N SER H 596 -48.43 -23.04 -58.00
CA SER H 596 -48.97 -22.23 -56.93
C SER H 596 -48.65 -20.76 -57.19
N GLN H 597 -49.19 -19.88 -56.36
CA GLN H 597 -48.94 -18.45 -56.48
C GLN H 597 -47.71 -18.01 -55.69
N ARG H 598 -47.04 -18.94 -55.02
CA ARG H 598 -46.00 -18.60 -54.07
C ARG H 598 -44.64 -18.47 -54.75
N TYR H 599 -43.67 -17.99 -53.97
CA TYR H 599 -42.26 -18.02 -54.33
C TYR H 599 -41.50 -18.69 -53.19
N ARG H 600 -40.31 -19.18 -53.50
CA ARG H 600 -39.48 -19.86 -52.51
C ARG H 600 -38.08 -19.30 -52.57
N ILE H 601 -37.48 -19.08 -51.40
CA ILE H 601 -36.12 -18.57 -51.31
C ILE H 601 -35.32 -19.58 -50.49
N GLN H 602 -34.12 -19.92 -50.99
CA GLN H 602 -33.31 -20.92 -50.31
C GLN H 602 -31.85 -20.53 -50.34
N SER H 603 -31.11 -21.05 -49.37
CA SER H 603 -29.67 -20.87 -49.23
C SER H 603 -29.19 -21.71 -48.06
N GLU H 604 -27.89 -22.00 -48.04
CA GLU H 604 -27.29 -22.80 -46.99
C GLU H 604 -27.13 -22.04 -45.68
N GLN H 605 -27.38 -20.73 -45.67
CA GLN H 605 -27.25 -19.91 -44.48
C GLN H 605 -28.56 -19.16 -44.25
N PHE H 606 -29.09 -19.25 -43.04
CA PHE H 606 -30.37 -18.64 -42.73
C PHE H 606 -30.31 -17.11 -42.76
N GLU H 607 -29.11 -16.52 -42.69
CA GLU H 607 -29.03 -15.07 -42.67
C GLU H 607 -29.20 -14.48 -44.08
N ASP H 608 -28.66 -15.18 -45.08
CA ASP H 608 -28.58 -14.63 -46.46
C ASP H 608 -29.95 -14.61 -47.10
N LEU H 609 -30.91 -15.33 -46.51
CA LEU H 609 -32.31 -15.32 -47.01
C LEU H 609 -32.91 -13.93 -46.84
N TRP H 610 -32.55 -13.19 -45.79
CA TRP H 610 -33.23 -11.90 -45.49
C TRP H 610 -33.10 -10.85 -46.61
N LEU H 611 -31.91 -10.61 -47.15
CA LEU H 611 -31.82 -9.50 -48.14
C LEU H 611 -32.69 -9.79 -49.35
N ILE H 612 -32.60 -11.00 -49.90
CA ILE H 612 -33.41 -11.38 -51.09
C ILE H 612 -34.90 -11.40 -50.72
N THR H 613 -35.25 -11.93 -49.56
CA THR H 613 -36.68 -12.02 -49.16
C THR H 613 -37.23 -10.60 -49.05
N ASN H 614 -36.45 -9.68 -48.51
CA ASN H 614 -36.88 -8.27 -48.39
C ASN H 614 -37.10 -7.71 -49.80
N GLU H 615 -36.15 -7.96 -50.71
CA GLU H 615 -36.24 -7.35 -52.02
C GLU H 615 -37.36 -7.97 -52.85
N LEU H 616 -37.56 -9.29 -52.72
CA LEU H 616 -38.73 -9.91 -53.32
C LEU H 616 -40.00 -9.17 -52.91
N ILE H 617 -40.19 -9.00 -51.60
CA ILE H 617 -41.43 -8.40 -51.12
C ILE H 617 -41.55 -6.96 -51.58
N ILE H 618 -40.49 -6.17 -51.43
CA ILE H 618 -40.53 -4.76 -51.79
C ILE H 618 -40.85 -4.59 -53.27
N ARG H 619 -40.14 -5.33 -54.13
CA ARG H 619 -40.33 -5.15 -55.56
C ARG H 619 -41.64 -5.75 -56.04
N LEU H 620 -42.15 -6.77 -55.36
CA LEU H 620 -43.51 -7.24 -55.65
C LEU H 620 -44.52 -6.14 -55.38
N GLN H 621 -44.43 -5.49 -54.22
CA GLN H 621 -45.33 -4.38 -53.92
C GLN H 621 -45.22 -3.30 -55.00
N GLU H 622 -43.98 -2.93 -55.35
CA GLU H 622 -43.79 -1.86 -56.31
C GLU H 622 -44.35 -2.24 -57.68
N TYR H 623 -44.13 -3.47 -58.12
CA TYR H 623 -44.65 -3.90 -59.42
C TYR H 623 -46.17 -3.90 -59.43
N PHE H 624 -46.79 -4.41 -58.37
CA PHE H 624 -48.24 -4.49 -58.36
C PHE H 624 -48.89 -3.12 -58.17
N GLU H 625 -48.17 -2.15 -57.60
CA GLU H 625 -48.73 -0.80 -57.57
C GLU H 625 -48.50 -0.07 -58.88
N LYS H 626 -47.37 -0.32 -59.55
CA LYS H 626 -47.15 0.27 -60.87
C LYS H 626 -48.20 -0.23 -61.87
N GLN H 627 -48.45 -1.54 -61.88
CA GLN H 627 -49.48 -2.09 -62.76
C GLN H 627 -50.83 -1.43 -62.49
N GLY H 628 -51.26 -1.43 -61.23
CA GLY H 628 -52.52 -0.82 -60.87
C GLY H 628 -53.33 -1.70 -59.93
N ILE H 629 -52.86 -2.92 -59.71
CA ILE H 629 -53.52 -3.84 -58.79
C ILE H 629 -53.33 -3.34 -57.36
N LYS H 630 -54.36 -3.53 -56.54
CA LYS H 630 -54.31 -3.14 -55.13
C LYS H 630 -54.25 -4.33 -54.19
N ASP H 631 -55.15 -5.30 -54.37
CA ASP H 631 -55.17 -6.48 -53.50
C ASP H 631 -53.88 -7.28 -53.64
N PHE H 632 -53.19 -7.48 -52.51
CA PHE H 632 -51.94 -8.23 -52.51
C PHE H 632 -51.51 -8.58 -51.09
N THR H 633 -51.17 -9.85 -50.86
CA THR H 633 -50.68 -10.30 -49.56
C THR H 633 -49.45 -11.19 -49.75
N CYS H 634 -48.78 -11.46 -48.64
CA CYS H 634 -47.59 -12.30 -48.57
C CYS H 634 -47.69 -13.27 -47.41
N SER H 635 -48.83 -13.97 -47.34
CA SER H 635 -49.30 -14.65 -46.13
C SER H 635 -48.23 -15.43 -45.36
N PHE H 636 -47.45 -16.26 -46.05
CA PHE H 636 -46.45 -17.13 -45.42
C PHE H 636 -47.11 -18.03 -44.37
N SER H 637 -47.93 -18.94 -44.85
CA SER H 637 -48.37 -20.03 -43.99
C SER H 637 -47.17 -20.86 -43.55
N GLY H 638 -47.36 -21.63 -42.48
CA GLY H 638 -46.32 -22.50 -41.96
C GLY H 638 -45.98 -22.14 -40.52
N SER H 639 -44.69 -22.24 -40.20
CA SER H 639 -44.20 -21.99 -38.86
C SER H 639 -42.94 -21.14 -38.93
N VAL H 640 -42.83 -20.18 -38.02
CA VAL H 640 -41.62 -19.34 -37.98
C VAL H 640 -40.44 -20.21 -37.59
N PRO H 641 -39.26 -20.06 -38.23
CA PRO H 641 -38.19 -21.04 -38.03
C PRO H 641 -37.83 -21.38 -36.59
N LEU H 642 -37.39 -20.38 -35.83
CA LEU H 642 -37.13 -20.54 -34.39
C LEU H 642 -36.17 -21.67 -34.06
N GLU H 643 -35.55 -22.26 -35.05
CA GLU H 643 -34.58 -23.31 -34.80
C GLU H 643 -33.26 -23.06 -35.52
N GLU H 644 -33.31 -22.53 -36.73
CA GLU H 644 -32.12 -22.00 -37.37
C GLU H 644 -31.83 -20.58 -36.94
N TYR H 645 -32.77 -19.95 -36.23
CA TYR H 645 -32.52 -18.66 -35.60
C TYR H 645 -31.71 -18.83 -34.32
N PHE H 646 -32.15 -19.72 -33.44
CA PHE H 646 -31.48 -19.94 -32.16
C PHE H 646 -30.02 -20.35 -32.33
N GLU H 647 -29.65 -20.92 -33.47
CA GLU H 647 -28.26 -21.31 -33.67
C GLU H 647 -27.36 -20.08 -33.75
N LEU H 648 -27.83 -19.02 -34.40
CA LEU H 648 -27.05 -17.80 -34.47
C LEU H 648 -26.98 -17.11 -33.11
N ILE H 649 -28.07 -17.17 -32.33
CA ILE H 649 -28.05 -16.61 -30.98
C ILE H 649 -27.04 -17.35 -30.12
N ASP H 650 -27.01 -18.69 -30.22
CA ASP H 650 -26.06 -19.46 -29.43
C ASP H 650 -24.63 -19.19 -29.86
N HIS H 651 -24.40 -19.07 -31.18
CA HIS H 651 -23.07 -18.71 -31.66
C HIS H 651 -22.62 -17.36 -31.11
N HIS H 652 -23.51 -16.37 -31.16
CA HIS H 652 -23.19 -15.05 -30.63
C HIS H 652 -22.85 -15.11 -29.15
N PHE H 653 -23.66 -15.83 -28.37
CA PHE H 653 -23.43 -15.89 -26.94
C PHE H 653 -22.15 -16.66 -26.61
N GLU H 654 -21.82 -17.68 -27.39
CA GLU H 654 -20.54 -18.37 -27.19
C GLU H 654 -19.38 -17.41 -27.42
N LEU H 655 -19.45 -16.59 -28.47
CA LEU H 655 -18.40 -15.61 -28.70
C LEU H 655 -18.30 -14.61 -27.54
N ARG H 656 -19.45 -14.18 -27.02
CA ARG H 656 -19.44 -13.27 -25.88
C ARG H 656 -18.76 -13.89 -24.67
N ILE H 657 -19.09 -15.15 -24.37
CA ILE H 657 -18.51 -15.81 -23.21
C ILE H 657 -17.01 -16.01 -23.39
N ASN H 658 -16.59 -16.37 -24.60
CA ASN H 658 -15.16 -16.47 -24.88
C ASN H 658 -14.46 -15.14 -24.64
N GLY H 659 -15.08 -14.04 -25.07
CA GLY H 659 -14.48 -12.74 -24.85
C GLY H 659 -14.34 -12.40 -23.38
N GLU H 660 -15.36 -12.75 -22.58
CA GLU H 660 -15.28 -12.48 -21.15
C GLU H 660 -14.17 -13.31 -20.49
N LYS H 661 -14.05 -14.58 -20.90
CA LYS H 661 -12.99 -15.42 -20.36
C LYS H 661 -11.61 -14.86 -20.71
N LEU H 662 -11.43 -14.45 -21.97
CA LEU H 662 -10.16 -13.88 -22.39
C LEU H 662 -9.86 -12.58 -21.64
N GLU H 663 -10.89 -11.79 -21.36
CA GLU H 663 -10.69 -10.56 -20.61
C GLU H 663 -10.25 -10.85 -19.19
N GLU H 664 -10.79 -11.89 -18.56
CA GLU H 664 -10.32 -12.26 -17.23
C GLU H 664 -8.87 -12.76 -17.26
N LEU H 665 -8.53 -13.58 -18.27
CA LEU H 665 -7.16 -14.02 -18.41
C LEU H 665 -6.20 -12.85 -18.57
N LEU H 666 -6.60 -11.86 -19.37
CA LEU H 666 -5.76 -10.69 -19.58
C LEU H 666 -5.64 -9.85 -18.32
N SER H 667 -6.73 -9.76 -17.54
CA SER H 667 -6.66 -9.11 -16.23
C SER H 667 -5.59 -9.75 -15.36
N GLU H 668 -5.59 -11.08 -15.27
CA GLU H 668 -4.62 -11.77 -14.45
C GLU H 668 -3.19 -11.54 -14.95
N ARG H 669 -2.99 -11.64 -16.28
CA ARG H 669 -1.66 -11.42 -16.83
C ARG H 669 -1.17 -10.01 -16.57
N ALA H 670 -2.07 -9.02 -16.65
CA ALA H 670 -1.66 -7.64 -16.41
C ALA H 670 -1.30 -7.42 -14.95
N VAL H 671 -2.06 -8.01 -14.03
CA VAL H 671 -1.73 -7.88 -12.61
C VAL H 671 -0.36 -8.49 -12.34
N GLN H 672 -0.09 -9.66 -12.90
CA GLN H 672 1.21 -10.31 -12.69
C GLN H 672 2.34 -9.47 -13.26
N PHE H 673 2.17 -8.96 -14.48
CA PHE H 673 3.16 -8.10 -15.08
C PHE H 673 3.43 -6.88 -14.21
N ARG H 674 2.37 -6.30 -13.64
CA ARG H 674 2.54 -5.13 -12.77
C ARG H 674 3.35 -5.46 -11.53
N ALA H 675 3.06 -6.60 -10.91
CA ALA H 675 3.82 -7.01 -9.72
C ALA H 675 5.30 -7.19 -10.04
N ILE H 676 5.59 -7.89 -11.13
CA ILE H 676 6.99 -8.13 -11.48
C ILE H 676 7.68 -6.81 -11.83
N GLN H 677 6.98 -5.92 -12.53
CA GLN H 677 7.57 -4.64 -12.90
C GLN H 677 7.86 -3.80 -11.67
N ARG H 678 7.00 -3.87 -10.66
CA ARG H 678 7.25 -3.12 -9.44
C ARG H 678 8.43 -3.70 -8.68
N ARG H 679 8.58 -5.03 -8.68
CA ARG H 679 9.78 -5.63 -8.11
C ARG H 679 11.04 -5.10 -8.80
N LEU H 680 11.03 -5.11 -10.13
CA LEU H 680 12.18 -4.60 -10.87
C LEU H 680 12.43 -3.13 -10.57
N LEU H 681 11.37 -2.35 -10.38
CA LEU H 681 11.52 -0.93 -10.06
C LEU H 681 12.21 -0.74 -8.72
N THR H 682 11.70 -1.42 -7.69
CA THR H 682 12.35 -1.36 -6.37
C THR H 682 13.80 -1.81 -6.46
N ARG H 683 14.10 -2.79 -7.32
CA ARG H 683 15.49 -3.17 -7.54
C ARG H 683 16.28 -2.02 -8.15
N PHE H 684 15.66 -1.27 -9.06
CA PHE H 684 16.36 -0.16 -9.71
C PHE H 684 16.61 0.98 -8.75
N LYS H 685 15.75 1.14 -7.74
CA LYS H 685 15.93 2.24 -6.78
C LYS H 685 17.10 1.98 -5.84
N ASP H 686 17.37 0.71 -5.52
CA ASP H 686 18.44 0.37 -4.59
C ASP H 686 19.80 0.70 -5.23
N LYS H 687 20.71 1.23 -4.42
CA LYS H 687 22.01 1.63 -4.94
C LYS H 687 22.94 0.43 -5.13
N THR H 688 22.83 -0.58 -4.29
CA THR H 688 23.78 -1.68 -4.32
C THR H 688 23.43 -2.66 -5.44
N PRO H 689 24.42 -3.34 -6.02
CA PRO H 689 24.13 -4.34 -7.05
C PRO H 689 23.37 -5.52 -6.47
N ALA H 690 22.63 -6.21 -7.34
CA ALA H 690 21.84 -7.38 -6.95
C ALA H 690 21.45 -8.15 -8.19
N PRO H 691 21.66 -9.47 -8.22
CA PRO H 691 21.29 -10.25 -9.41
C PRO H 691 19.77 -10.30 -9.58
N LEU H 692 19.32 -10.13 -10.82
CA LEU H 692 17.89 -10.07 -11.08
C LEU H 692 17.45 -10.77 -12.36
N GLN H 693 18.35 -11.45 -13.07
CA GLN H 693 18.01 -12.00 -14.39
C GLN H 693 16.79 -12.91 -14.32
N HIS H 694 16.62 -13.63 -13.22
CA HIS H 694 15.37 -14.35 -12.97
C HIS H 694 14.16 -13.44 -13.16
N LEU H 695 14.22 -12.23 -12.63
CA LEU H 695 13.06 -11.35 -12.65
C LEU H 695 12.75 -10.87 -14.06
N ASP H 696 13.77 -10.45 -14.81
CA ASP H 696 13.48 -9.94 -16.15
C ASP H 696 13.11 -11.06 -17.11
N THR H 697 13.63 -12.27 -16.90
CA THR H 697 13.16 -13.38 -17.71
C THR H 697 11.79 -13.90 -17.29
N LEU H 698 11.31 -13.54 -16.10
CA LEU H 698 9.88 -13.73 -15.84
C LEU H 698 9.04 -12.66 -16.51
N LEU H 699 9.55 -11.42 -16.51
CA LEU H 699 8.84 -10.31 -17.13
C LEU H 699 8.65 -10.53 -18.62
N ASP H 700 9.68 -11.03 -19.30
CA ASP H 700 9.58 -11.25 -20.75
C ASP H 700 8.49 -12.28 -21.07
N GLY H 701 8.44 -13.37 -20.31
CA GLY H 701 7.40 -14.36 -20.52
C GLY H 701 6.01 -13.80 -20.27
N THR H 702 5.83 -13.09 -19.14
CA THR H 702 4.54 -12.50 -18.86
C THR H 702 4.13 -11.52 -19.95
N TYR H 703 5.09 -10.78 -20.51
CA TYR H 703 4.77 -9.80 -21.53
C TYR H 703 4.38 -10.47 -22.84
N LYS H 704 5.08 -11.54 -23.23
CA LYS H 704 4.68 -12.24 -24.43
C LYS H 704 3.30 -12.87 -24.27
N GLN H 705 2.97 -13.32 -23.06
CA GLN H 705 1.63 -13.82 -22.82
C GLN H 705 0.59 -12.70 -22.90
N VAL H 706 0.95 -11.51 -22.43
CA VAL H 706 0.06 -10.36 -22.53
C VAL H 706 -0.21 -10.01 -23.99
N ILE H 707 0.84 -10.03 -24.81
CA ILE H 707 0.67 -9.73 -26.24
C ILE H 707 -0.23 -10.78 -26.89
N ALA H 708 0.01 -12.06 -26.59
CA ALA H 708 -0.83 -13.12 -27.12
C ALA H 708 -2.29 -12.90 -26.75
N LEU H 709 -2.56 -12.62 -25.48
CA LEU H 709 -3.94 -12.45 -25.03
C LEU H 709 -4.59 -11.22 -25.64
N ALA H 710 -3.81 -10.15 -25.86
CA ALA H 710 -4.37 -8.97 -26.51
C ALA H 710 -4.78 -9.27 -27.94
N ASP H 711 -3.91 -9.97 -28.68
CA ASP H 711 -4.27 -10.33 -30.05
C ASP H 711 -5.49 -11.26 -30.07
N ALA H 712 -5.58 -12.16 -29.09
CA ALA H 712 -6.72 -13.06 -29.03
C ALA H 712 -8.01 -12.30 -28.74
N VAL H 713 -7.95 -11.29 -27.88
CA VAL H 713 -9.14 -10.50 -27.59
C VAL H 713 -9.55 -9.69 -28.82
N GLU H 714 -8.58 -9.18 -29.57
CA GLU H 714 -8.92 -8.49 -30.82
C GLU H 714 -9.62 -9.44 -31.80
N GLU H 715 -9.06 -10.64 -31.97
CA GLU H 715 -9.69 -11.62 -32.85
C GLU H 715 -11.12 -11.93 -32.42
N ASN H 716 -11.32 -12.14 -31.11
CA ASN H 716 -12.66 -12.45 -30.63
C ASN H 716 -13.61 -11.28 -30.82
N GLN H 717 -13.11 -10.05 -30.69
CA GLN H 717 -13.97 -8.88 -30.92
C GLN H 717 -14.43 -8.84 -32.37
N ASP H 718 -13.52 -9.09 -33.31
CA ASP H 718 -13.91 -9.09 -34.71
C ASP H 718 -14.89 -10.22 -35.03
N ASN H 719 -14.61 -11.42 -34.52
CA ASN H 719 -15.53 -12.54 -34.74
C ASN H 719 -16.90 -12.24 -34.17
N LEU H 720 -16.94 -11.64 -32.97
CA LEU H 720 -18.22 -11.30 -32.35
C LEU H 720 -18.95 -10.26 -33.17
N PHE H 721 -18.23 -9.30 -33.75
CA PHE H 721 -18.90 -8.29 -34.56
C PHE H 721 -19.51 -8.91 -35.81
N GLN H 722 -18.78 -9.80 -36.48
CA GLN H 722 -19.36 -10.47 -37.64
C GLN H 722 -20.58 -11.30 -37.25
N SER H 723 -20.50 -12.00 -36.11
CA SER H 723 -21.64 -12.77 -35.65
C SER H 723 -22.84 -11.88 -35.36
N PHE H 724 -22.58 -10.69 -34.81
CA PHE H 724 -23.67 -9.75 -34.54
C PHE H 724 -24.30 -9.26 -35.83
N THR H 725 -23.48 -8.98 -36.85
CA THR H 725 -24.05 -8.50 -38.11
C THR H 725 -24.86 -9.59 -38.81
N ARG H 726 -24.47 -10.86 -38.69
CA ARG H 726 -25.28 -11.92 -39.25
C ARG H 726 -26.57 -12.12 -38.45
N LEU H 727 -26.48 -11.99 -37.13
CA LEU H 727 -27.66 -12.12 -36.29
C LEU H 727 -28.66 -11.00 -36.55
N LYS H 728 -28.18 -9.80 -36.88
CA LYS H 728 -29.08 -8.71 -37.24
C LYS H 728 -29.96 -9.10 -38.42
N SER H 729 -29.35 -9.66 -39.47
CA SER H 729 -30.13 -10.09 -40.63
C SER H 729 -31.07 -11.22 -40.27
N ALA H 730 -30.60 -12.18 -39.47
CA ALA H 730 -31.48 -13.26 -39.01
C ALA H 730 -32.72 -12.70 -38.32
N THR H 731 -32.54 -11.77 -37.38
CA THR H 731 -33.69 -11.27 -36.64
C THR H 731 -34.56 -10.36 -37.49
N HIS H 732 -33.96 -9.65 -38.45
CA HIS H 732 -34.76 -8.94 -39.45
C HIS H 732 -35.73 -9.90 -40.11
N LEU H 733 -35.21 -11.01 -40.64
CA LEU H 733 -36.04 -11.96 -41.34
C LEU H 733 -37.08 -12.58 -40.42
N VAL H 734 -36.70 -12.86 -39.18
CA VAL H 734 -37.64 -13.47 -38.24
C VAL H 734 -38.80 -12.52 -37.93
N ILE H 735 -38.51 -11.23 -37.75
CA ILE H 735 -39.58 -10.26 -37.52
C ILE H 735 -40.46 -10.16 -38.75
N LEU H 736 -39.86 -10.16 -39.94
CA LEU H 736 -40.65 -10.13 -41.17
C LEU H 736 -41.60 -11.32 -41.23
N LEU H 737 -41.11 -12.51 -40.91
CA LEU H 737 -41.95 -13.70 -40.99
C LEU H 737 -43.03 -13.70 -39.92
N ILE H 738 -42.73 -13.17 -38.73
CA ILE H 738 -43.75 -13.11 -37.69
C ILE H 738 -44.81 -12.09 -38.04
N GLY H 739 -44.43 -11.02 -38.75
CA GLY H 739 -45.41 -10.05 -39.17
C GLY H 739 -46.28 -10.54 -40.31
N LEU H 740 -45.71 -11.33 -41.22
CA LEU H 740 -46.52 -11.95 -42.26
C LEU H 740 -47.38 -13.08 -41.71
N TRP H 741 -46.93 -13.72 -40.63
CA TRP H 741 -47.58 -14.93 -40.13
C TRP H 741 -48.79 -14.63 -39.25
N GLN H 742 -48.83 -13.44 -38.66
CA GLN H 742 -49.94 -13.05 -37.79
C GLN H 742 -50.62 -11.77 -38.25
N LYS H 743 -50.33 -11.32 -39.47
CA LYS H 743 -50.92 -10.10 -40.03
C LYS H 743 -50.74 -8.92 -39.08
N LEU H 744 -49.48 -8.57 -38.85
CA LEU H 744 -49.14 -7.51 -37.92
C LEU H 744 -49.20 -6.15 -38.60
N SER H 745 -49.82 -5.18 -37.92
CA SER H 745 -49.89 -3.81 -38.43
C SER H 745 -48.51 -3.17 -38.41
N ALA H 746 -48.45 -1.92 -38.88
CA ALA H 746 -47.16 -1.23 -38.94
C ALA H 746 -46.63 -0.91 -37.55
N ASP H 747 -47.52 -0.51 -36.63
CA ASP H 747 -47.09 -0.22 -35.27
C ASP H 747 -46.66 -1.49 -34.54
N GLN H 748 -47.41 -2.57 -34.72
CA GLN H 748 -47.03 -3.84 -34.12
C GLN H 748 -45.75 -4.39 -34.73
N ILE H 749 -45.39 -3.94 -35.93
CA ILE H 749 -44.10 -4.30 -36.51
C ILE H 749 -43.00 -3.42 -35.94
N ALA H 750 -43.31 -2.15 -35.67
CA ALA H 750 -42.30 -1.27 -35.09
C ALA H 750 -41.96 -1.66 -33.66
N ILE H 751 -42.94 -2.15 -32.90
CA ILE H 751 -42.65 -2.63 -31.55
C ILE H 751 -41.69 -3.81 -31.61
N LEU H 752 -41.91 -4.74 -32.54
CA LEU H 752 -41.00 -5.86 -32.72
C LEU H 752 -39.62 -5.38 -33.14
N GLU H 753 -39.56 -4.45 -34.10
CA GLU H 753 -38.30 -3.92 -34.58
C GLU H 753 -37.55 -3.17 -33.50
N ALA H 754 -38.24 -2.65 -32.50
CA ALA H 754 -37.58 -2.00 -31.38
C ALA H 754 -37.14 -2.98 -30.31
N ALA H 755 -37.90 -4.06 -30.10
CA ALA H 755 -37.54 -5.01 -29.06
C ALA H 755 -36.43 -5.95 -29.52
N PHE H 756 -36.47 -6.38 -30.77
CA PHE H 756 -35.57 -7.41 -31.26
C PHE H 756 -34.31 -6.88 -31.93
N LEU H 757 -34.26 -5.59 -32.26
CA LEU H 757 -33.14 -4.99 -32.99
C LEU H 757 -32.54 -3.84 -32.20
N PRO H 758 -32.11 -4.10 -30.96
CA PRO H 758 -31.81 -2.98 -30.05
C PRO H 758 -30.64 -2.09 -30.45
N LEU H 759 -29.44 -2.65 -30.61
CA LEU H 759 -28.24 -1.83 -30.66
C LEU H 759 -27.35 -2.25 -31.83
N GLN H 760 -26.30 -1.45 -32.05
CA GLN H 760 -25.48 -1.55 -33.24
C GLN H 760 -24.33 -2.55 -33.10
N GLN H 761 -23.74 -2.65 -31.91
CA GLN H 761 -22.71 -3.62 -31.65
C GLN H 761 -22.68 -3.90 -30.15
N ASP H 762 -22.02 -4.98 -29.78
CA ASP H 762 -21.94 -5.36 -28.38
C ASP H 762 -20.83 -4.56 -27.69
N THR H 763 -21.12 -4.12 -26.47
CA THR H 763 -20.18 -3.39 -25.64
C THR H 763 -19.98 -4.14 -24.33
N GLN H 764 -18.95 -3.74 -23.59
CA GLN H 764 -18.63 -4.53 -22.41
C GLN H 764 -19.58 -4.29 -21.25
N GLU H 765 -20.68 -3.56 -21.43
CA GLU H 765 -21.66 -3.41 -20.36
C GLU H 765 -23.06 -3.72 -20.88
N LEU H 766 -23.31 -3.44 -22.16
CA LEU H 766 -24.57 -3.76 -22.80
C LEU H 766 -24.32 -4.64 -24.01
N GLY H 767 -25.14 -5.68 -24.15
CA GLY H 767 -25.05 -6.55 -25.29
C GLY H 767 -26.41 -6.82 -25.90
N TRP H 768 -26.52 -7.81 -26.76
CA TRP H 768 -27.77 -8.03 -27.48
C TRP H 768 -28.76 -8.83 -26.65
N GLU H 769 -28.31 -9.94 -26.06
CA GLU H 769 -29.24 -10.86 -25.41
C GLU H 769 -29.92 -10.21 -24.21
N GLU H 770 -29.16 -9.46 -23.41
CA GLU H 770 -29.74 -8.82 -22.23
C GLU H 770 -30.85 -7.86 -22.62
N THR H 771 -30.58 -7.00 -23.60
CA THR H 771 -31.56 -6.01 -24.03
C THR H 771 -32.80 -6.66 -24.61
N VAL H 772 -32.60 -7.59 -25.55
CA VAL H 772 -33.76 -8.20 -26.19
C VAL H 772 -34.56 -9.02 -25.18
N ASP H 773 -33.89 -9.60 -24.18
CA ASP H 773 -34.60 -10.40 -23.21
C ASP H 773 -35.39 -9.53 -22.24
N ALA H 774 -34.81 -8.40 -21.83
CA ALA H 774 -35.55 -7.46 -20.99
C ALA H 774 -36.78 -6.94 -21.72
N ALA H 775 -36.61 -6.56 -22.99
CA ALA H 775 -37.73 -6.02 -23.75
C ALA H 775 -38.82 -7.07 -23.95
N LEU H 776 -38.43 -8.30 -24.29
CA LEU H 776 -39.41 -9.35 -24.49
C LEU H 776 -40.11 -9.70 -23.19
N SER H 777 -39.37 -9.73 -22.08
CA SER H 777 -40.01 -9.99 -20.80
C SER H 777 -41.03 -8.92 -20.47
N HIS H 778 -40.70 -7.65 -20.71
CA HIS H 778 -41.67 -6.59 -20.43
C HIS H 778 -42.90 -6.72 -21.31
N LEU H 779 -42.71 -7.03 -22.60
CA LEU H 779 -43.86 -7.14 -23.49
C LEU H 779 -44.74 -8.33 -23.11
N LEU H 780 -44.13 -9.48 -22.82
CA LEU H 780 -44.89 -10.64 -22.35
C LEU H 780 -45.59 -10.36 -21.04
N LYS H 781 -44.96 -9.55 -20.18
CA LYS H 781 -45.45 -9.34 -18.83
C LYS H 781 -46.64 -8.37 -18.81
N THR H 782 -46.61 -7.34 -19.63
CA THR H 782 -47.64 -6.32 -19.61
C THR H 782 -48.54 -6.35 -20.84
N CYS H 783 -48.40 -7.34 -21.70
CA CYS H 783 -49.27 -7.42 -22.87
C CYS H 783 -49.95 -8.77 -23.03
N LEU H 784 -49.24 -9.86 -22.76
CA LEU H 784 -49.73 -11.20 -23.06
C LEU H 784 -50.06 -12.01 -21.80
N SER H 785 -49.16 -12.03 -20.83
CA SER H 785 -49.35 -12.86 -19.65
C SER H 785 -50.46 -12.30 -18.75
N LYS H 786 -51.13 -13.20 -18.03
CA LYS H 786 -52.18 -12.84 -17.09
C LYS H 786 -51.85 -13.24 -15.67
N SER H 787 -51.39 -14.47 -15.46
CA SER H 787 -51.03 -14.92 -14.11
C SER H 787 -49.89 -14.08 -13.56
N SER H 788 -49.87 -13.92 -12.24
CA SER H 788 -48.87 -13.09 -11.57
C SER H 788 -47.66 -13.88 -11.12
N LYS H 789 -47.85 -15.13 -10.72
CA LYS H 789 -46.71 -15.98 -10.36
C LYS H 789 -45.74 -16.12 -11.53
N GLU H 790 -46.27 -16.29 -12.74
CA GLU H 790 -45.40 -16.32 -13.92
C GLU H 790 -44.79 -14.95 -14.19
N GLN H 791 -45.58 -13.89 -14.05
CA GLN H 791 -45.07 -12.54 -14.26
C GLN H 791 -43.93 -12.20 -13.30
N ALA H 792 -43.84 -12.87 -12.16
CA ALA H 792 -42.79 -12.57 -11.19
C ALA H 792 -41.65 -13.57 -11.17
N LEU H 793 -41.90 -14.82 -11.53
CA LEU H 793 -40.86 -15.85 -11.45
C LEU H 793 -40.11 -16.00 -12.77
N ASN H 794 -40.83 -16.35 -13.84
CA ASN H 794 -40.17 -16.58 -15.12
C ASN H 794 -39.85 -15.27 -15.83
N LEU H 795 -40.82 -14.37 -15.90
CA LEU H 795 -40.70 -13.13 -16.67
C LEU H 795 -40.01 -12.08 -15.80
N ASN H 796 -38.69 -12.02 -15.89
CA ASN H 796 -37.89 -11.08 -15.13
C ASN H 796 -36.95 -10.33 -16.06
N SER H 797 -36.87 -9.02 -15.88
CA SER H 797 -36.04 -8.15 -16.72
C SER H 797 -34.80 -7.74 -15.95
N GLN H 798 -33.63 -8.15 -16.44
CA GLN H 798 -32.35 -7.74 -15.90
C GLN H 798 -31.41 -7.42 -17.05
N LEU H 799 -30.39 -6.63 -16.75
CA LEU H 799 -29.48 -6.09 -17.76
C LEU H 799 -28.03 -6.42 -17.42
N GLY H 800 -27.77 -7.67 -17.07
CA GLY H 800 -26.41 -8.15 -16.96
C GLY H 800 -26.20 -9.34 -17.87
N ILE H 801 -24.95 -9.62 -18.24
CA ILE H 801 -24.63 -10.74 -19.12
C ILE H 801 -25.20 -12.01 -18.52
N PRO H 802 -25.96 -12.79 -19.29
CA PRO H 802 -26.61 -13.98 -18.74
C PRO H 802 -25.61 -15.10 -18.53
N LYS H 803 -26.10 -16.21 -18.00
CA LYS H 803 -25.30 -17.40 -17.85
C LYS H 803 -25.51 -18.40 -18.98
N ASP H 804 -26.64 -18.33 -19.67
CA ASP H 804 -26.96 -19.16 -20.81
C ASP H 804 -28.15 -18.54 -21.52
N THR H 805 -28.30 -18.86 -22.80
CA THR H 805 -29.37 -18.30 -23.61
C THR H 805 -30.70 -19.00 -23.42
N SER H 806 -30.84 -19.79 -22.34
CA SER H 806 -32.05 -20.58 -22.17
C SER H 806 -33.28 -19.71 -21.99
N GLN H 807 -33.17 -18.65 -21.19
CA GLN H 807 -34.32 -17.80 -20.93
C GLN H 807 -34.72 -17.00 -22.17
N LEU H 808 -33.73 -16.49 -22.91
CA LEU H 808 -34.03 -15.76 -24.14
C LEU H 808 -34.80 -16.63 -25.13
N LYS H 809 -34.37 -17.88 -25.30
CA LYS H 809 -35.03 -18.78 -26.24
C LYS H 809 -36.41 -19.18 -25.73
N LYS H 810 -36.53 -19.45 -24.43
CA LYS H 810 -37.83 -19.73 -23.85
C LYS H 810 -38.80 -18.59 -24.12
N HIS H 811 -38.33 -17.35 -23.96
CA HIS H 811 -39.22 -16.20 -24.14
C HIS H 811 -39.53 -15.93 -25.60
N ILE H 812 -38.59 -16.19 -26.51
CA ILE H 812 -38.90 -16.01 -27.92
C ILE H 812 -39.94 -17.03 -28.38
N THR H 813 -39.79 -18.29 -27.97
CA THR H 813 -40.80 -19.29 -28.32
C THR H 813 -42.14 -18.97 -27.69
N LEU H 814 -42.14 -18.56 -26.42
CA LEU H 814 -43.39 -18.20 -25.75
C LEU H 814 -44.04 -17.00 -26.43
N PHE H 815 -43.23 -16.04 -26.88
CA PHE H 815 -43.76 -14.89 -27.58
C PHE H 815 -44.43 -15.30 -28.89
N CYS H 816 -43.74 -16.16 -29.66
CA CYS H 816 -44.33 -16.65 -30.90
C CYS H 816 -45.66 -17.37 -30.65
N ASP H 817 -45.68 -18.28 -29.68
CA ASP H 817 -46.88 -19.10 -29.49
C ASP H 817 -48.03 -18.28 -28.93
N ARG H 818 -47.75 -17.31 -28.05
CA ARG H 818 -48.83 -16.47 -27.54
C ARG H 818 -49.28 -15.41 -28.54
N LEU H 819 -48.45 -15.07 -29.53
CA LEU H 819 -48.97 -14.35 -30.68
C LEU H 819 -49.90 -15.25 -31.49
N ALA H 820 -49.55 -16.52 -31.62
CA ALA H 820 -50.39 -17.45 -32.37
C ALA H 820 -51.74 -17.66 -31.71
N LYS H 821 -51.83 -17.43 -30.40
CA LYS H 821 -53.07 -17.68 -29.66
C LYS H 821 -53.95 -16.44 -29.54
N GLY H 822 -53.82 -15.47 -30.44
CA GLY H 822 -54.69 -14.31 -30.46
C GLY H 822 -54.15 -13.08 -29.76
N GLY H 823 -53.12 -13.23 -28.93
CA GLY H 823 -52.57 -12.07 -28.24
C GLY H 823 -52.02 -11.04 -29.20
N ARG H 824 -52.16 -9.78 -28.83
CA ARG H 824 -51.68 -8.67 -29.63
C ARG H 824 -50.84 -7.74 -28.77
N LEU H 825 -49.99 -6.96 -29.44
CA LEU H 825 -48.99 -6.15 -28.76
C LEU H 825 -49.53 -4.76 -28.45
N CYS H 826 -49.17 -4.25 -27.28
CA CYS H 826 -49.43 -2.86 -26.89
C CYS H 826 -48.19 -2.30 -26.20
N LEU H 827 -48.31 -1.12 -25.61
CA LEU H 827 -47.19 -0.52 -24.90
C LEU H 827 -47.46 -0.37 -23.41
N SER H 828 -48.54 0.29 -23.02
CA SER H 828 -48.86 0.49 -21.62
C SER H 828 -50.07 -0.35 -21.21
CA CA I . 24.61 -20.87 35.60
CA CA J . 37.21 -0.13 30.51
#